data_4B0J
#
_entry.id   4B0J
#
_cell.length_a   109.753
_cell.length_b   108.170
_cell.length_c   201.766
_cell.angle_alpha   90.00
_cell.angle_beta   103.22
_cell.angle_gamma   90.00
#
_symmetry.space_group_name_H-M   'P 1 21 1'
#
loop_
_entity.id
_entity.type
_entity.pdbx_description
1 polymer '3-HYDROXYDECANOYL-[ACYL-CARRIER-PROTEIN] DEHYDRATASE'
2 non-polymer (5-thiophen-2-ylisoxazol-3-yl)methanol
3 water water
#
_entity_poly.entity_id   1
_entity_poly.type   'polypeptide(L)'
_entity_poly.pdbx_seq_one_letter_code
;MTKQHAFTREDLLRCSRGELFGPGNAQLPAPNMLMIDRIVHISDVGGKYGKGELVAELDINPDLWFFACHFEGDPVMPGC
LGLDAMWQLVGFYLGWQGNPGRGRALGSGEVKFFGQVLPTAKKVTYNIHIKRTINRSLVLAIADGTVSVDGREIYSAEGL
RVGLFTSTDSF
;
_entity_poly.pdbx_strand_id   A,B,C,D,E,F,G,H,I,J,K,L,M,N,O,P,Q,R,S,T
#
# COMPACT_ATOMS: atom_id res chain seq x y z
N THR A 2 -59.51 53.03 31.40
CA THR A 2 -60.39 51.97 30.85
C THR A 2 -61.83 52.40 31.10
N LYS A 3 -62.03 53.43 31.93
CA LYS A 3 -63.38 53.88 32.28
C LYS A 3 -63.89 55.01 31.38
N GLN A 4 -63.03 56.01 31.12
CA GLN A 4 -63.40 57.12 30.25
C GLN A 4 -63.16 56.75 28.76
N HIS A 5 -64.17 56.96 27.92
CA HIS A 5 -64.14 56.50 26.54
C HIS A 5 -64.08 57.58 25.52
N ALA A 6 -64.03 58.83 25.95
CA ALA A 6 -63.85 59.95 25.01
C ALA A 6 -63.03 61.05 25.69
N PHE A 7 -62.25 61.81 24.91
CA PHE A 7 -61.36 62.85 25.44
C PHE A 7 -61.42 64.11 24.59
N THR A 8 -61.65 65.25 25.27
CA THR A 8 -61.70 66.55 24.60
C THR A 8 -60.29 67.04 24.35
N ARG A 9 -60.17 68.13 23.59
CA ARG A 9 -58.87 68.74 23.36
C ARG A 9 -58.18 69.15 24.67
N GLU A 10 -58.95 69.70 25.60
CA GLU A 10 -58.39 70.09 26.90
C GLU A 10 -57.81 68.88 27.63
N ASP A 11 -58.48 67.73 27.54
CA ASP A 11 -57.95 66.51 28.13
C ASP A 11 -56.61 66.17 27.48
N LEU A 12 -56.53 66.28 26.15
CA LEU A 12 -55.31 65.95 25.44
C LEU A 12 -54.19 66.93 25.77
N LEU A 13 -54.54 68.21 25.94
CA LEU A 13 -53.55 69.21 26.39
C LEU A 13 -53.06 68.88 27.80
N ARG A 14 -54.00 68.52 28.68
CA ARG A 14 -53.66 68.07 30.02
C ARG A 14 -52.70 66.87 29.95
N CYS A 15 -53.00 65.90 29.09
CA CYS A 15 -52.13 64.75 28.86
C CYS A 15 -50.74 65.18 28.46
N SER A 16 -50.63 66.17 27.57
CA SER A 16 -49.33 66.65 27.10
C SER A 16 -48.49 67.32 28.20
N ARG A 17 -49.16 67.86 29.22
CA ARG A 17 -48.45 68.44 30.37
C ARG A 17 -48.06 67.39 31.42
N GLY A 18 -48.42 66.13 31.20
CA GLY A 18 -48.12 65.06 32.16
C GLY A 18 -49.15 64.94 33.27
N GLU A 19 -50.31 65.59 33.09
CA GLU A 19 -51.30 65.72 34.13
C GLU A 19 -52.52 64.83 33.97
N LEU A 20 -52.56 64.02 32.90
CA LEU A 20 -53.64 63.05 32.78
C LEU A 20 -53.21 61.73 33.40
N PHE A 21 -52.02 61.24 33.03
CA PHE A 21 -51.54 59.94 33.50
C PHE A 21 -50.50 60.06 34.60
N GLY A 22 -50.00 61.27 34.83
CA GLY A 22 -49.12 61.55 35.97
C GLY A 22 -47.63 61.47 35.64
N PRO A 23 -46.77 61.77 36.63
CA PRO A 23 -45.31 61.81 36.47
C PRO A 23 -44.73 60.53 35.92
N GLY A 24 -43.84 60.64 34.96
CA GLY A 24 -43.17 59.47 34.37
C GLY A 24 -44.04 58.61 33.48
N ASN A 25 -45.27 59.06 33.19
CA ASN A 25 -46.18 58.29 32.38
C ASN A 25 -46.45 58.93 31.02
N ALA A 26 -47.21 58.23 30.17
CA ALA A 26 -47.37 58.65 28.79
C ALA A 26 -47.79 60.11 28.65
N GLN A 27 -47.13 60.82 27.73
CA GLN A 27 -47.52 62.17 27.34
C GLN A 27 -47.76 62.23 25.83
N LEU A 28 -48.85 62.87 25.42
CA LEU A 28 -48.99 63.28 24.04
C LEU A 28 -48.04 64.43 23.83
N PRO A 29 -47.63 64.69 22.58
CA PRO A 29 -46.91 65.93 22.32
C PRO A 29 -47.83 67.12 22.48
N ALA A 30 -47.26 68.29 22.77
CA ALA A 30 -48.00 69.55 22.80
C ALA A 30 -48.00 70.13 21.39
N PRO A 31 -48.78 71.19 21.16
CA PRO A 31 -48.69 71.83 19.86
C PRO A 31 -47.29 72.41 19.71
N ASN A 32 -46.71 72.42 18.51
CA ASN A 32 -47.38 72.08 17.26
C ASN A 32 -47.18 70.64 16.75
N MET A 33 -46.66 69.73 17.58
CA MET A 33 -46.48 68.35 17.16
C MET A 33 -47.73 67.51 17.41
N LEU A 34 -48.60 67.99 18.30
CA LEU A 34 -49.85 67.29 18.58
C LEU A 34 -50.71 67.26 17.32
N MET A 35 -51.05 66.06 16.84
CA MET A 35 -51.84 65.93 15.61
C MET A 35 -53.26 65.43 15.86
N ILE A 36 -53.73 65.60 17.09
CA ILE A 36 -55.02 65.15 17.50
C ILE A 36 -55.80 66.29 18.19
N ASP A 37 -57.05 66.51 17.79
CA ASP A 37 -57.91 67.50 18.47
C ASP A 37 -58.74 66.83 19.53
N ARG A 38 -59.21 65.62 19.25
CA ARG A 38 -60.03 64.90 20.21
C ARG A 38 -60.04 63.40 19.93
N ILE A 39 -60.23 62.61 20.97
CA ILE A 39 -60.47 61.18 20.85
C ILE A 39 -61.97 60.96 21.02
N VAL A 40 -62.64 60.63 19.93
CA VAL A 40 -64.09 60.46 19.91
C VAL A 40 -64.50 59.15 20.56
N HIS A 41 -63.67 58.14 20.44
CA HIS A 41 -63.93 56.85 21.04
C HIS A 41 -62.67 56.07 21.27
N ILE A 42 -62.58 55.45 22.43
CA ILE A 42 -61.48 54.57 22.76
C ILE A 42 -62.05 53.41 23.58
N SER A 43 -61.63 52.20 23.25
CA SER A 43 -62.14 50.99 23.87
C SER A 43 -61.10 49.88 23.82
N ASP A 44 -61.14 48.97 24.81
CA ASP A 44 -60.25 47.82 24.81
C ASP A 44 -60.92 46.59 24.20
N VAL A 45 -62.12 46.76 23.64
CA VAL A 45 -62.75 45.71 22.81
C VAL A 45 -63.06 46.24 21.42
N GLY A 46 -63.50 45.36 20.52
CA GLY A 46 -63.75 45.72 19.15
C GLY A 46 -62.45 45.93 18.38
N GLY A 47 -62.54 46.64 17.25
CA GLY A 47 -61.39 46.82 16.36
C GLY A 47 -61.18 45.57 15.55
N LYS A 48 -60.33 45.62 14.52
CA LYS A 48 -60.30 44.52 13.55
C LYS A 48 -59.66 43.25 14.10
N TYR A 49 -58.97 43.34 15.22
CA TYR A 49 -58.46 42.15 15.90
C TYR A 49 -59.24 41.78 17.17
N GLY A 50 -60.27 42.56 17.50
CA GLY A 50 -61.04 42.35 18.72
C GLY A 50 -60.26 42.63 20.00
N LYS A 51 -59.22 43.46 19.91
CA LYS A 51 -58.40 43.79 21.09
C LYS A 51 -58.34 45.28 21.36
N GLY A 52 -59.34 46.01 20.87
CA GLY A 52 -59.44 47.44 21.12
C GLY A 52 -59.28 48.28 19.86
N GLU A 53 -59.75 49.53 19.95
CA GLU A 53 -59.64 50.49 18.89
C GLU A 53 -59.86 51.92 19.38
N LEU A 54 -59.36 52.87 18.59
CA LEU A 54 -59.61 54.28 18.82
C LEU A 54 -60.12 54.91 17.54
N VAL A 55 -61.01 55.89 17.71
CA VAL A 55 -61.35 56.81 16.64
C VAL A 55 -61.03 58.20 17.17
N ALA A 56 -60.27 58.96 16.40
CA ALA A 56 -59.83 60.30 16.79
C ALA A 56 -59.97 61.23 15.60
N GLU A 57 -59.95 62.53 15.89
CA GLU A 57 -60.16 63.54 14.88
C GLU A 57 -59.15 64.68 14.99
N LEU A 58 -58.81 65.28 13.85
CA LEU A 58 -58.09 66.56 13.78
C LEU A 58 -58.85 67.50 12.84
N ASP A 59 -59.28 68.65 13.34
CA ASP A 59 -59.95 69.63 12.50
C ASP A 59 -58.91 70.32 11.61
N ILE A 60 -59.28 70.52 10.36
CA ILE A 60 -58.41 71.18 9.38
C ILE A 60 -58.95 72.59 9.12
N ASN A 61 -58.02 73.55 9.06
CA ASN A 61 -58.30 74.85 8.56
C ASN A 61 -57.07 75.34 7.78
N PRO A 62 -57.23 76.34 6.91
CA PRO A 62 -56.11 76.72 6.03
C PRO A 62 -54.88 77.33 6.72
N ASP A 63 -54.99 77.64 8.01
CA ASP A 63 -53.91 78.33 8.71
C ASP A 63 -53.01 77.41 9.53
N LEU A 64 -53.32 76.13 9.55
CA LEU A 64 -52.44 75.16 10.23
C LEU A 64 -51.02 75.34 9.70
N TRP A 65 -50.06 75.37 10.62
CA TRP A 65 -48.71 75.83 10.33
C TRP A 65 -48.03 75.09 9.23
N PHE A 66 -48.32 73.79 9.10
CA PHE A 66 -47.61 72.96 8.13
C PHE A 66 -47.99 73.24 6.68
N PHE A 67 -49.13 73.86 6.44
CA PHE A 67 -49.52 74.18 5.04
C PHE A 67 -48.62 75.20 4.37
N ALA A 68 -48.21 76.25 5.10
CA ALA A 68 -47.39 77.31 4.51
C ALA A 68 -46.00 76.80 4.07
N CYS A 69 -45.43 75.84 4.78
CA CYS A 69 -44.05 75.41 4.53
C CYS A 69 -43.93 74.04 3.82
N HIS A 70 -45.06 73.35 3.66
CA HIS A 70 -45.07 72.02 3.05
C HIS A 70 -46.20 71.91 2.06
N PHE A 71 -46.03 72.42 0.83
CA PHE A 71 -44.86 73.16 0.34
C PHE A 71 -45.29 74.56 -0.09
N GLU A 72 -44.34 75.48 -0.17
CA GLU A 72 -44.64 76.83 -0.62
C GLU A 72 -45.31 76.78 -2.00
N GLY A 73 -46.50 77.36 -2.11
CA GLY A 73 -47.27 77.36 -3.35
C GLY A 73 -47.94 76.04 -3.69
N ASP A 74 -47.89 75.08 -2.78
CA ASP A 74 -48.42 73.72 -3.02
C ASP A 74 -48.70 73.05 -1.67
N PRO A 75 -49.68 73.57 -0.92
CA PRO A 75 -49.91 73.12 0.44
C PRO A 75 -50.55 71.72 0.51
N VAL A 76 -49.98 70.86 1.35
CA VAL A 76 -50.53 69.53 1.60
C VAL A 76 -50.01 69.00 2.95
N MET A 77 -50.89 68.40 3.76
CA MET A 77 -50.45 67.95 5.08
C MET A 77 -49.37 66.92 4.88
N PRO A 78 -48.26 67.07 5.63
CA PRO A 78 -47.23 66.03 5.57
C PRO A 78 -47.77 64.68 6.07
N GLY A 79 -47.60 63.65 5.26
CA GLY A 79 -47.97 62.29 5.64
C GLY A 79 -47.26 61.83 6.90
N CYS A 80 -46.02 62.26 7.07
CA CYS A 80 -45.32 61.92 8.32
C CYS A 80 -46.10 62.40 9.58
N LEU A 81 -46.85 63.50 9.49
CA LEU A 81 -47.60 63.97 10.66
C LEU A 81 -48.89 63.18 10.87
N GLY A 82 -49.53 62.76 9.79
CA GLY A 82 -50.64 61.82 9.87
C GLY A 82 -50.19 60.50 10.47
N LEU A 83 -49.03 60.02 10.03
CA LEU A 83 -48.44 58.81 10.58
C LEU A 83 -48.16 59.03 12.07
N ASP A 84 -47.59 60.17 12.44
CA ASP A 84 -47.29 60.41 13.85
C ASP A 84 -48.56 60.45 14.72
N ALA A 85 -49.64 61.01 14.18
CA ALA A 85 -50.92 61.01 14.89
C ALA A 85 -51.29 59.58 15.32
N MET A 86 -51.03 58.61 14.44
CA MET A 86 -51.26 57.21 14.78
C MET A 86 -50.35 56.71 15.92
N TRP A 87 -49.06 57.01 15.87
CA TRP A 87 -48.14 56.68 16.99
C TRP A 87 -48.52 57.40 18.28
N GLN A 88 -48.95 58.65 18.18
CA GLN A 88 -49.44 59.37 19.33
C GLN A 88 -50.62 58.63 19.96
N LEU A 89 -51.58 58.23 19.13
CA LEU A 89 -52.75 57.53 19.61
C LEU A 89 -52.42 56.16 20.25
N VAL A 90 -51.47 55.43 19.68
CA VAL A 90 -51.10 54.15 20.25
C VAL A 90 -50.42 54.35 21.60
N GLY A 91 -49.56 55.33 21.71
CA GLY A 91 -48.94 55.67 22.99
C GLY A 91 -50.00 56.04 24.01
N PHE A 92 -50.97 56.85 23.61
CA PHE A 92 -52.04 57.24 24.51
C PHE A 92 -52.80 56.01 25.02
N TYR A 93 -53.10 55.08 24.10
CA TYR A 93 -53.78 53.84 24.48
C TYR A 93 -53.03 53.10 25.59
N LEU A 94 -51.72 52.96 25.45
CA LEU A 94 -50.92 52.27 26.46
C LEU A 94 -51.10 52.94 27.82
N GLY A 95 -51.07 54.27 27.84
CA GLY A 95 -51.25 55.04 29.08
C GLY A 95 -52.63 54.83 29.63
N TRP A 96 -53.62 54.88 28.74
CA TRP A 96 -55.02 54.74 29.11
C TRP A 96 -55.29 53.39 29.73
N GLN A 97 -54.56 52.37 29.26
CA GLN A 97 -54.66 51.02 29.82
C GLN A 97 -54.12 50.90 31.24
N GLY A 98 -53.35 51.89 31.68
CA GLY A 98 -52.79 51.91 33.03
C GLY A 98 -51.35 51.41 33.11
N ASN A 99 -50.64 51.40 31.99
CA ASN A 99 -49.22 51.08 32.00
C ASN A 99 -48.40 52.31 32.39
N PRO A 100 -47.37 52.12 33.22
CA PRO A 100 -46.46 53.21 33.53
C PRO A 100 -45.39 53.39 32.45
N GLY A 101 -44.78 54.58 32.40
CA GLY A 101 -43.66 54.83 31.51
C GLY A 101 -43.94 55.86 30.43
N ARG A 102 -42.87 56.42 29.88
CA ARG A 102 -42.98 57.44 28.83
C ARG A 102 -42.88 56.79 27.44
N GLY A 103 -43.59 57.37 26.49
CA GLY A 103 -43.74 56.80 25.14
C GLY A 103 -42.61 57.11 24.18
N ARG A 104 -42.26 56.12 23.38
CA ARG A 104 -41.39 56.29 22.22
C ARG A 104 -41.95 55.44 21.09
N ALA A 105 -42.17 56.07 19.94
CA ALA A 105 -42.47 55.36 18.74
C ALA A 105 -41.32 54.38 18.43
N LEU A 106 -41.65 53.13 18.11
CA LEU A 106 -40.61 52.12 17.76
C LEU A 106 -40.53 51.83 16.27
N GLY A 107 -41.61 52.13 15.55
CA GLY A 107 -41.60 52.12 14.09
C GLY A 107 -42.88 51.56 13.51
N SER A 108 -42.76 50.95 12.35
CA SER A 108 -43.92 50.48 11.64
C SER A 108 -43.58 49.41 10.66
N GLY A 109 -44.60 48.62 10.35
CA GLY A 109 -44.50 47.56 9.33
C GLY A 109 -44.52 48.05 7.90
N GLU A 110 -45.66 48.55 7.43
CA GLU A 110 -45.77 49.14 6.11
C GLU A 110 -46.58 50.42 6.22
N VAL A 111 -46.09 51.48 5.60
CA VAL A 111 -46.81 52.75 5.58
C VAL A 111 -47.14 53.07 4.12
N LYS A 112 -48.36 53.52 3.88
CA LYS A 112 -48.80 53.92 2.52
C LYS A 112 -49.51 55.29 2.60
N PHE A 113 -49.14 56.21 1.72
CA PHE A 113 -49.85 57.45 1.52
C PHE A 113 -50.38 57.39 0.09
N PHE A 114 -51.69 57.57 -0.07
CA PHE A 114 -52.32 57.49 -1.36
C PHE A 114 -53.45 58.50 -1.53
N GLY A 115 -53.31 59.64 -0.87
CA GLY A 115 -54.32 60.70 -0.90
C GLY A 115 -53.85 61.91 -0.15
N GLN A 116 -54.51 63.04 -0.38
CA GLN A 116 -54.06 64.35 0.12
C GLN A 116 -54.99 64.95 1.13
N VAL A 117 -54.43 65.59 2.15
CA VAL A 117 -55.19 66.56 2.97
C VAL A 117 -54.83 67.96 2.51
N LEU A 118 -55.76 68.60 1.82
CA LEU A 118 -55.56 69.97 1.35
C LEU A 118 -56.07 70.96 2.40
N PRO A 119 -55.66 72.23 2.30
CA PRO A 119 -56.14 73.22 3.30
C PRO A 119 -57.64 73.52 3.25
N THR A 120 -58.32 73.07 2.20
CA THR A 120 -59.77 73.24 2.07
C THR A 120 -60.54 72.12 2.78
N ALA A 121 -59.84 71.11 3.26
CA ALA A 121 -60.48 70.00 3.97
C ALA A 121 -61.06 70.47 5.31
N LYS A 122 -62.01 69.70 5.84
CA LYS A 122 -62.67 70.07 7.09
C LYS A 122 -62.18 69.24 8.27
N LYS A 123 -62.08 67.92 8.09
CA LYS A 123 -61.80 67.04 9.21
C LYS A 123 -61.06 65.75 8.83
N VAL A 124 -59.94 65.50 9.51
CA VAL A 124 -59.22 64.23 9.41
C VAL A 124 -59.63 63.30 10.55
N THR A 125 -59.91 62.04 10.22
CA THR A 125 -60.32 61.06 11.21
C THR A 125 -59.30 59.91 11.21
N TYR A 126 -58.84 59.54 12.40
CA TYR A 126 -57.94 58.44 12.55
C TYR A 126 -58.67 57.22 13.12
N ASN A 127 -58.40 56.03 12.57
CA ASN A 127 -58.87 54.77 13.13
C ASN A 127 -57.65 53.94 13.49
N ILE A 128 -57.60 53.45 14.74
CA ILE A 128 -56.49 52.63 15.21
C ILE A 128 -57.04 51.30 15.69
N HIS A 129 -56.43 50.22 15.25
CA HIS A 129 -56.85 48.88 15.65
C HIS A 129 -55.73 48.25 16.41
N ILE A 130 -55.93 48.04 17.70
CA ILE A 130 -54.93 47.41 18.55
C ILE A 130 -54.81 45.92 18.16
N LYS A 131 -53.58 45.51 17.87
CA LYS A 131 -53.31 44.14 17.44
C LYS A 131 -52.77 43.28 18.56
N ARG A 132 -51.98 43.87 19.44
CA ARG A 132 -51.32 43.12 20.51
C ARG A 132 -50.68 44.09 21.50
N THR A 133 -50.76 43.78 22.78
CA THR A 133 -50.00 44.50 23.80
C THR A 133 -49.17 43.53 24.60
N ILE A 134 -47.95 43.95 24.93
CA ILE A 134 -47.08 43.21 25.84
C ILE A 134 -46.85 44.01 27.12
N LEU A 138 -40.34 44.72 28.58
CA LEU A 138 -40.81 46.04 28.19
C LEU A 138 -42.31 46.04 27.91
N VAL A 139 -42.89 47.23 27.95
CA VAL A 139 -44.27 47.44 27.57
C VAL A 139 -44.34 47.99 26.14
N LEU A 140 -45.10 47.34 25.27
CA LEU A 140 -45.34 47.88 23.94
C LEU A 140 -46.65 47.48 23.32
N ALA A 141 -47.07 48.23 22.33
CA ALA A 141 -48.29 47.95 21.60
C ALA A 141 -48.00 47.85 20.12
N ILE A 142 -48.68 46.92 19.45
CA ILE A 142 -48.64 46.80 18.01
C ILE A 142 -50.05 47.11 17.55
N ALA A 143 -50.17 47.90 16.48
CA ALA A 143 -51.46 48.29 15.96
C ALA A 143 -51.44 48.51 14.44
N ASP A 144 -52.62 48.52 13.84
CA ASP A 144 -52.80 48.99 12.44
C ASP A 144 -53.61 50.28 12.50
N GLY A 145 -53.42 51.15 11.50
CA GLY A 145 -54.12 52.40 11.47
C GLY A 145 -54.43 52.89 10.07
N THR A 146 -55.48 53.69 9.98
CA THR A 146 -55.84 54.38 8.75
C THR A 146 -56.18 55.84 9.05
N VAL A 147 -55.80 56.73 8.15
CA VAL A 147 -56.16 58.15 8.24
C VAL A 147 -57.09 58.46 7.10
N SER A 148 -58.14 59.22 7.39
CA SER A 148 -59.16 59.61 6.40
C SER A 148 -59.40 61.10 6.48
N VAL A 149 -59.81 61.69 5.36
CA VAL A 149 -60.15 63.09 5.34
C VAL A 149 -61.51 63.27 4.69
N ASP A 150 -62.44 63.90 5.42
CA ASP A 150 -63.81 64.09 4.96
C ASP A 150 -64.42 62.83 4.28
N GLY A 151 -64.22 61.67 4.88
CA GLY A 151 -64.78 60.42 4.41
C GLY A 151 -63.88 59.58 3.53
N ARG A 152 -62.81 60.17 3.00
CA ARG A 152 -61.93 59.48 2.04
C ARG A 152 -60.68 58.95 2.72
N GLU A 153 -60.45 57.64 2.58
CA GLU A 153 -59.24 57.02 3.11
C GLU A 153 -58.03 57.50 2.32
N ILE A 154 -56.96 57.87 3.03
CA ILE A 154 -55.79 58.41 2.35
C ILE A 154 -54.42 57.83 2.80
N TYR A 155 -54.28 57.50 4.08
CA TYR A 155 -53.05 56.86 4.58
C TYR A 155 -53.38 55.55 5.30
N SER A 156 -52.43 54.63 5.30
CA SER A 156 -52.50 53.45 6.15
C SER A 156 -51.13 53.07 6.71
N ALA A 157 -51.12 52.45 7.87
CA ALA A 157 -49.93 51.90 8.49
C ALA A 157 -50.26 50.53 9.07
N GLU A 158 -49.44 49.53 8.79
CA GLU A 158 -49.57 48.18 9.39
C GLU A 158 -48.44 47.94 10.39
N GLY A 159 -48.76 47.44 11.58
CA GLY A 159 -47.76 47.10 12.54
C GLY A 159 -47.05 48.31 13.15
N LEU A 160 -47.81 49.38 13.41
CA LEU A 160 -47.34 50.47 14.24
C LEU A 160 -46.89 49.88 15.56
N ARG A 161 -45.73 50.30 16.03
CA ARG A 161 -45.21 49.88 17.34
C ARG A 161 -44.89 51.09 18.21
N VAL A 162 -45.31 51.05 19.46
CA VAL A 162 -44.98 52.07 20.43
C VAL A 162 -44.63 51.39 21.75
N GLY A 163 -43.61 51.91 22.42
CA GLY A 163 -43.14 51.32 23.67
C GLY A 163 -43.22 52.33 24.80
N LEU A 164 -43.31 51.83 26.04
CA LEU A 164 -43.20 52.67 27.22
C LEU A 164 -41.92 52.36 27.96
N PHE A 165 -41.24 53.43 28.40
CA PHE A 165 -39.96 53.34 29.12
C PHE A 165 -40.07 54.06 30.46
N THR A 166 -39.72 53.38 31.54
CA THR A 166 -39.58 54.01 32.84
C THR A 166 -38.22 54.71 32.96
N SER A 167 -37.32 54.44 32.02
CA SER A 167 -36.00 55.06 31.97
C SER A 167 -35.60 55.31 30.51
N THR A 168 -35.17 56.53 30.21
CA THR A 168 -34.60 56.87 28.91
C THR A 168 -33.27 57.63 29.02
N ASP A 169 -32.69 57.71 30.22
CA ASP A 169 -31.46 58.50 30.46
C ASP A 169 -30.19 57.64 30.54
N SER A 170 -30.32 56.33 30.25
CA SER A 170 -29.20 55.39 30.42
C SER A 170 -28.93 54.55 29.18
N PHE A 171 -29.16 55.10 28.00
CA PHE A 171 -28.87 54.40 26.73
C PHE A 171 -27.35 54.38 26.45
N THR B 2 -27.35 66.42 -11.77
CA THR B 2 -26.33 65.34 -11.87
C THR B 2 -24.89 65.90 -11.82
N LYS B 3 -24.76 67.22 -11.97
CA LYS B 3 -23.44 67.84 -12.03
C LYS B 3 -22.99 68.37 -10.66
N GLN B 4 -23.89 69.02 -9.93
CA GLN B 4 -23.57 69.51 -8.58
C GLN B 4 -23.76 68.41 -7.53
N HIS B 5 -22.74 68.21 -6.68
CA HIS B 5 -22.71 67.06 -5.76
C HIS B 5 -22.80 67.43 -4.32
N ALA B 6 -22.90 68.72 -4.01
CA ALA B 6 -23.12 69.18 -2.61
C ALA B 6 -24.02 70.43 -2.62
N PHE B 7 -24.82 70.58 -1.57
CA PHE B 7 -25.77 71.68 -1.49
C PHE B 7 -25.76 72.30 -0.10
N THR B 8 -25.61 73.62 -0.05
CA THR B 8 -25.63 74.36 1.20
C THR B 8 -27.06 74.56 1.66
N ARG B 9 -27.24 75.07 2.88
CA ARG B 9 -28.57 75.40 3.37
C ARG B 9 -29.29 76.41 2.46
N GLU B 10 -28.56 77.41 1.96
CA GLU B 10 -29.16 78.39 1.06
C GLU B 10 -29.69 77.74 -0.22
N ASP B 11 -28.95 76.76 -0.73
CA ASP B 11 -29.43 75.99 -1.90
C ASP B 11 -30.73 75.28 -1.55
N LEU B 12 -30.81 74.71 -0.36
CA LEU B 12 -32.00 73.98 0.04
C LEU B 12 -33.17 74.92 0.27
N LEU B 13 -32.91 76.09 0.84
CA LEU B 13 -33.95 77.12 0.97
C LEU B 13 -34.42 77.57 -0.42
N ARG B 14 -33.48 77.76 -1.34
CA ARG B 14 -33.81 78.07 -2.71
C ARG B 14 -34.70 76.98 -3.31
N CYS B 15 -34.34 75.72 -3.07
CA CYS B 15 -35.14 74.58 -3.52
C CYS B 15 -36.56 74.64 -2.99
N SER B 16 -36.70 75.02 -1.71
CA SER B 16 -38.02 75.10 -1.08
C SER B 16 -38.91 76.20 -1.68
N ARG B 17 -38.29 77.23 -2.25
CA ARG B 17 -39.04 78.29 -2.92
C ARG B 17 -39.38 77.93 -4.37
N GLY B 18 -38.96 76.75 -4.85
CA GLY B 18 -39.21 76.33 -6.22
C GLY B 18 -38.19 76.87 -7.20
N GLU B 19 -37.07 77.38 -6.68
CA GLU B 19 -36.08 78.14 -7.49
C GLU B 19 -34.82 77.35 -7.81
N LEU B 20 -34.71 76.11 -7.33
CA LEU B 20 -33.58 75.28 -7.69
C LEU B 20 -33.94 74.42 -8.94
N PHE B 21 -35.10 73.75 -8.90
CA PHE B 21 -35.53 72.92 -10.02
C PHE B 21 -36.60 73.55 -10.91
N GLY B 22 -37.16 74.67 -10.47
CA GLY B 22 -38.09 75.46 -11.28
C GLY B 22 -39.55 75.19 -11.00
N PRO B 23 -40.44 76.02 -11.59
CA PRO B 23 -41.90 75.82 -11.49
C PRO B 23 -42.40 74.41 -11.76
N GLY B 24 -43.29 73.93 -10.90
CA GLY B 24 -43.91 72.62 -11.08
C GLY B 24 -42.99 71.44 -10.79
N ASN B 25 -41.78 71.72 -10.28
CA ASN B 25 -40.82 70.68 -10.02
C ASN B 25 -40.54 70.53 -8.53
N ALA B 26 -39.77 69.51 -8.18
CA ALA B 26 -39.61 69.10 -6.79
C ALA B 26 -39.23 70.26 -5.88
N GLN B 27 -39.89 70.32 -4.72
CA GLN B 27 -39.57 71.30 -3.68
C GLN B 27 -39.30 70.56 -2.40
N LEU B 28 -38.24 70.94 -1.70
CA LEU B 28 -38.12 70.60 -0.31
C LEU B 28 -39.16 71.41 0.48
N PRO B 29 -39.56 70.93 1.66
CA PRO B 29 -40.34 71.80 2.53
C PRO B 29 -39.50 72.98 3.01
N ALA B 30 -40.14 74.09 3.36
CA ALA B 30 -39.46 75.17 4.04
C ALA B 30 -39.46 74.92 5.56
N PRO B 31 -38.71 75.73 6.32
CA PRO B 31 -38.85 75.59 7.76
C PRO B 31 -40.30 75.88 8.16
N ASN B 32 -40.86 75.21 9.17
CA ASN B 32 -40.14 74.33 10.09
C ASN B 32 -40.25 72.86 9.77
N MET B 33 -40.73 72.50 8.57
CA MET B 33 -40.84 71.09 8.20
C MET B 33 -39.54 70.59 7.57
N LEU B 34 -38.72 71.51 7.06
CA LEU B 34 -37.43 71.14 6.47
C LEU B 34 -36.54 70.50 7.54
N MET B 35 -36.10 69.26 7.31
CA MET B 35 -35.30 68.55 8.31
C MET B 35 -33.87 68.34 7.88
N ILE B 36 -33.43 69.15 6.91
CA ILE B 36 -32.08 69.06 6.35
C ILE B 36 -31.41 70.42 6.38
N ASP B 37 -30.17 70.47 6.86
CA ASP B 37 -29.40 71.72 6.83
C ASP B 37 -28.56 71.76 5.58
N ARG B 38 -28.04 70.60 5.17
CA ARG B 38 -27.18 70.56 3.99
C ARG B 38 -27.08 69.15 3.45
N ILE B 39 -26.82 69.04 2.14
CA ILE B 39 -26.51 67.78 1.49
C ILE B 39 -25.01 67.79 1.26
N VAL B 40 -24.31 66.96 2.02
CA VAL B 40 -22.85 66.88 1.96
C VAL B 40 -22.38 66.14 0.72
N HIS B 41 -23.17 65.16 0.27
CA HIS B 41 -22.84 64.39 -0.92
C HIS B 41 -24.06 63.79 -1.55
N ILE B 42 -24.15 63.88 -2.87
CA ILE B 42 -25.22 63.25 -3.63
C ILE B 42 -24.60 62.75 -4.93
N SER B 43 -24.94 61.51 -5.29
CA SER B 43 -24.36 60.86 -6.46
C SER B 43 -25.35 59.86 -7.02
N ASP B 44 -25.28 59.62 -8.34
CA ASP B 44 -26.09 58.59 -8.97
C ASP B 44 -25.35 57.27 -9.12
N VAL B 45 -24.15 57.19 -8.55
CA VAL B 45 -23.44 55.90 -8.39
C VAL B 45 -23.12 55.64 -6.91
N GLY B 46 -22.62 54.44 -6.61
CA GLY B 46 -22.39 54.01 -5.24
C GLY B 46 -23.69 53.74 -4.50
N GLY B 47 -23.63 53.73 -3.16
CA GLY B 47 -24.75 53.33 -2.33
C GLY B 47 -24.86 51.82 -2.29
N LYS B 48 -25.70 51.27 -1.41
CA LYS B 48 -25.68 49.82 -1.20
C LYS B 48 -26.22 49.02 -2.35
N TYR B 49 -26.95 49.66 -3.27
CA TYR B 49 -27.42 48.97 -4.49
C TYR B 49 -26.68 49.40 -5.74
N GLY B 50 -25.69 50.28 -5.58
CA GLY B 50 -24.92 50.78 -6.71
C GLY B 50 -25.73 51.65 -7.66
N LYS B 51 -26.81 52.25 -7.16
CA LYS B 51 -27.65 53.09 -8.00
C LYS B 51 -27.78 54.52 -7.47
N GLY B 52 -26.83 54.92 -6.63
CA GLY B 52 -26.83 56.27 -6.07
C GLY B 52 -27.02 56.32 -4.57
N GLU B 53 -26.62 57.43 -3.98
CA GLU B 53 -26.74 57.66 -2.55
C GLU B 53 -26.61 59.14 -2.20
N LEU B 54 -27.15 59.50 -1.03
CA LEU B 54 -26.99 60.82 -0.47
C LEU B 54 -26.48 60.69 0.94
N VAL B 55 -25.64 61.66 1.34
CA VAL B 55 -25.33 61.89 2.75
C VAL B 55 -25.72 63.32 3.03
N ALA B 56 -26.51 63.51 4.09
CA ALA B 56 -27.04 64.80 4.43
C ALA B 56 -26.95 65.00 5.93
N GLU B 57 -27.04 66.26 6.38
CA GLU B 57 -26.88 66.59 7.80
C GLU B 57 -27.95 67.56 8.28
N LEU B 58 -28.29 67.44 9.57
CA LEU B 58 -29.08 68.44 10.29
C LEU B 58 -28.33 68.76 11.60
N ASP B 59 -27.98 70.02 11.79
CA ASP B 59 -27.37 70.46 13.06
C ASP B 59 -28.41 70.53 14.15
N ILE B 60 -28.05 70.03 15.32
CA ILE B 60 -28.94 70.03 16.46
C ILE B 60 -28.48 71.11 17.43
N ASN B 61 -29.44 71.83 18.00
CA ASN B 61 -29.20 72.66 19.16
C ASN B 61 -30.45 72.59 20.04
N PRO B 62 -30.35 73.02 21.31
CA PRO B 62 -31.47 72.79 22.24
C PRO B 62 -32.76 73.60 21.93
N ASP B 63 -32.69 74.56 21.01
CA ASP B 63 -33.80 75.47 20.77
C ASP B 63 -34.66 75.09 19.57
N LEU B 64 -34.29 74.01 18.87
CA LEU B 64 -35.10 73.54 17.77
C LEU B 64 -36.52 73.34 18.29
N TRP B 65 -37.49 73.82 17.51
CA TRP B 65 -38.87 73.96 17.96
C TRP B 65 -39.51 72.70 18.51
N PHE B 66 -39.16 71.55 17.93
CA PHE B 66 -39.81 70.30 18.31
C PHE B 66 -39.43 69.80 19.72
N PHE B 67 -38.32 70.26 20.28
CA PHE B 67 -37.92 69.79 21.60
C PHE B 67 -38.85 70.24 22.70
N ALA B 68 -39.31 71.49 22.63
CA ALA B 68 -40.16 72.03 23.68
C ALA B 68 -41.53 71.32 23.77
N CYS B 69 -42.06 70.85 22.65
CA CYS B 69 -43.41 70.27 22.62
C CYS B 69 -43.45 68.75 22.50
N HIS B 70 -42.29 68.13 22.29
CA HIS B 70 -42.21 66.67 22.08
C HIS B 70 -41.06 66.11 22.89
N PHE B 71 -41.23 65.88 24.20
CA PHE B 71 -42.43 66.17 24.99
C PHE B 71 -42.07 67.13 26.10
N GLU B 72 -43.07 67.83 26.64
CA GLU B 72 -42.84 68.76 27.74
C GLU B 72 -42.15 68.02 28.88
N GLY B 73 -40.98 68.51 29.29
CA GLY B 73 -40.20 67.90 30.37
C GLY B 73 -39.44 66.67 29.98
N ASP B 74 -39.46 66.32 28.69
CA ASP B 74 -38.86 65.08 28.18
C ASP B 74 -38.59 65.26 26.68
N PRO B 75 -37.64 66.13 26.34
CA PRO B 75 -37.39 66.48 24.95
C PRO B 75 -36.68 65.37 24.17
N VAL B 76 -37.20 65.08 22.98
CA VAL B 76 -36.61 64.11 22.08
C VAL B 76 -37.11 64.35 20.65
N MET B 77 -36.22 64.33 19.66
CA MET B 77 -36.65 64.58 18.29
C MET B 77 -37.68 63.54 17.88
N PRO B 78 -38.81 64.00 17.31
CA PRO B 78 -39.78 63.04 16.79
C PRO B 78 -39.22 62.20 15.65
N GLY B 79 -39.33 60.90 15.78
CA GLY B 79 -38.86 59.97 14.76
C GLY B 79 -39.55 60.21 13.44
N CYS B 80 -40.81 60.62 13.50
CA CYS B 80 -41.53 60.94 12.26
C CYS B 80 -40.81 62.04 11.46
N LEU B 81 -40.15 62.99 12.12
CA LEU B 81 -39.42 64.03 11.40
C LEU B 81 -38.08 63.51 10.81
N GLY B 82 -37.42 62.61 11.52
CA GLY B 82 -36.24 61.93 10.97
C GLY B 82 -36.62 61.11 9.76
N LEU B 83 -37.74 60.42 9.87
CA LEU B 83 -38.28 59.65 8.76
C LEU B 83 -38.60 60.60 7.59
N ASP B 84 -39.25 61.74 7.87
CA ASP B 84 -39.55 62.68 6.79
C ASP B 84 -38.32 63.24 6.10
N ALA B 85 -37.26 63.47 6.87
CA ALA B 85 -35.97 63.87 6.30
C ALA B 85 -35.58 62.96 5.16
N MET B 86 -35.79 61.67 5.37
CA MET B 86 -35.44 60.67 4.37
C MET B 86 -36.33 60.80 3.13
N TRP B 87 -37.63 60.95 3.33
CA TRP B 87 -38.54 61.23 2.19
C TRP B 87 -38.17 62.52 1.48
N GLN B 88 -37.82 63.56 2.25
CA GLN B 88 -37.40 64.82 1.66
C GLN B 88 -36.20 64.62 0.75
N LEU B 89 -35.21 63.88 1.25
CA LEU B 89 -34.01 63.58 0.48
C LEU B 89 -34.28 62.74 -0.77
N VAL B 90 -35.18 61.76 -0.68
CA VAL B 90 -35.51 60.97 -1.85
C VAL B 90 -36.21 61.81 -2.92
N GLY B 91 -37.13 62.67 -2.49
CA GLY B 91 -37.78 63.62 -3.41
C GLY B 91 -36.77 64.53 -4.06
N PHE B 92 -35.82 65.05 -3.28
CA PHE B 92 -34.78 65.89 -3.83
C PHE B 92 -34.01 65.17 -4.91
N TYR B 93 -33.65 63.91 -4.63
CA TYR B 93 -32.89 63.11 -5.59
C TYR B 93 -33.61 63.02 -6.93
N LEU B 94 -34.91 62.75 -6.90
CA LEU B 94 -35.70 62.69 -8.12
C LEU B 94 -35.60 64.00 -8.91
N GLY B 95 -35.69 65.13 -8.21
CA GLY B 95 -35.55 66.45 -8.85
C GLY B 95 -34.15 66.68 -9.39
N TRP B 96 -33.16 66.31 -8.60
CA TRP B 96 -31.76 66.41 -8.99
C TRP B 96 -31.44 65.60 -10.22
N GLN B 97 -32.10 64.47 -10.39
CA GLN B 97 -31.95 63.62 -11.59
C GLN B 97 -32.52 64.26 -12.85
N GLY B 98 -33.35 65.29 -12.70
CA GLY B 98 -33.92 66.01 -13.84
C GLY B 98 -35.34 65.61 -14.19
N ASN B 99 -36.03 64.94 -13.27
CA ASN B 99 -37.43 64.58 -13.48
C ASN B 99 -38.32 65.77 -13.18
N PRO B 100 -39.36 66.00 -14.00
CA PRO B 100 -40.35 67.03 -13.72
C PRO B 100 -41.41 66.56 -12.75
N GLY B 101 -42.08 67.50 -12.09
CA GLY B 101 -43.19 67.18 -11.20
C GLY B 101 -42.94 67.52 -9.73
N ARG B 102 -44.03 67.63 -8.97
CA ARG B 102 -43.95 67.92 -7.55
C ARG B 102 -43.98 66.61 -6.73
N GLY B 103 -43.29 66.63 -5.60
CA GLY B 103 -43.11 65.46 -4.75
C GLY B 103 -44.27 65.16 -3.81
N ARG B 104 -44.54 63.87 -3.67
CA ARG B 104 -45.40 63.35 -2.59
C ARG B 104 -44.77 62.06 -2.07
N ALA B 105 -44.58 61.98 -0.75
CA ALA B 105 -44.18 60.73 -0.12
C ALA B 105 -45.27 59.69 -0.40
N LEU B 106 -44.87 58.48 -0.79
CA LEU B 106 -45.84 57.40 -1.04
C LEU B 106 -45.89 56.39 0.09
N GLY B 107 -44.82 56.31 0.87
CA GLY B 107 -44.80 55.50 2.09
C GLY B 107 -43.48 54.79 2.32
N SER B 108 -43.54 53.65 2.97
CA SER B 108 -42.36 52.94 3.31
C SER B 108 -42.62 51.48 3.54
N GLY B 109 -41.56 50.69 3.39
CA GLY B 109 -41.57 49.30 3.71
C GLY B 109 -41.59 49.16 5.21
N GLU B 110 -40.45 49.16 5.88
CA GLU B 110 -40.36 48.96 7.32
C GLU B 110 -39.62 50.16 7.94
N VAL B 111 -40.16 50.73 9.01
CA VAL B 111 -39.50 51.80 9.72
C VAL B 111 -39.18 51.31 11.13
N LYS B 112 -37.97 51.63 11.62
CA LYS B 112 -37.55 51.29 12.99
C LYS B 112 -36.90 52.51 13.65
N PHE B 113 -37.32 52.78 14.88
CA PHE B 113 -36.67 53.78 15.73
C PHE B 113 -36.10 53.01 16.92
N PHE B 114 -34.80 53.16 17.18
CA PHE B 114 -34.13 52.41 18.22
C PHE B 114 -33.06 53.24 18.92
N GLY B 115 -33.27 54.55 18.96
CA GLY B 115 -32.32 55.47 19.57
C GLY B 115 -32.88 56.88 19.57
N GLN B 116 -32.29 57.75 20.38
CA GLN B 116 -32.81 59.08 20.65
C GLN B 116 -31.90 60.19 20.12
N VAL B 117 -32.52 61.27 19.62
CA VAL B 117 -31.83 62.54 19.44
C VAL B 117 -32.25 63.47 20.56
N LEU B 118 -31.33 63.71 21.49
CA LEU B 118 -31.60 64.59 22.63
C LEU B 118 -31.13 66.00 22.28
N PRO B 119 -31.62 67.00 23.03
CA PRO B 119 -31.22 68.38 22.71
C PRO B 119 -29.73 68.69 22.95
N THR B 120 -29.02 67.79 23.60
CA THR B 120 -27.58 67.94 23.81
C THR B 120 -26.78 67.41 22.63
N ALA B 121 -27.44 66.78 21.67
CA ALA B 121 -26.74 66.24 20.48
C ALA B 121 -26.20 67.37 19.60
N LYS B 122 -25.22 67.07 18.78
CA LYS B 122 -24.61 68.06 17.92
C LYS B 122 -25.09 67.97 16.47
N LYS B 123 -25.11 66.76 15.91
CA LYS B 123 -25.36 66.61 14.48
C LYS B 123 -26.04 65.27 14.11
N VAL B 124 -27.16 65.36 13.40
CA VAL B 124 -27.79 64.20 12.78
C VAL B 124 -27.30 64.05 11.36
N THR B 125 -26.97 62.81 10.98
CA THR B 125 -26.55 62.53 9.61
C THR B 125 -27.52 61.53 8.98
N TYR B 126 -27.95 61.82 7.77
CA TYR B 126 -28.81 60.93 7.02
C TYR B 126 -27.99 60.24 5.92
N ASN B 127 -28.18 58.93 5.77
CA ASN B 127 -27.66 58.20 4.60
C ASN B 127 -28.87 57.65 3.83
N ILE B 128 -28.91 57.89 2.52
CA ILE B 128 -29.97 57.37 1.65
C ILE B 128 -29.36 56.53 0.54
N HIS B 129 -29.90 55.33 0.32
CA HIS B 129 -29.40 54.43 -0.72
C HIS B 129 -30.48 54.18 -1.71
N ILE B 130 -30.27 54.69 -2.91
CA ILE B 130 -31.25 54.60 -3.95
C ILE B 130 -31.31 53.15 -4.43
N LYS B 131 -32.52 52.59 -4.42
CA LYS B 131 -32.71 51.20 -4.79
C LYS B 131 -33.22 51.04 -6.21
N ARG B 132 -34.08 51.96 -6.63
CA ARG B 132 -34.69 51.87 -7.94
C ARG B 132 -35.38 53.17 -8.27
N THR B 133 -35.31 53.58 -9.54
CA THR B 133 -36.12 54.70 -10.03
C THR B 133 -36.92 54.27 -11.23
N ILE B 134 -38.16 54.74 -11.31
CA ILE B 134 -39.00 54.55 -12.49
C ILE B 134 -39.25 55.92 -13.14
N ASN B 135 -38.96 56.03 -14.43
CA ASN B 135 -39.21 57.28 -15.23
C ASN B 135 -40.32 57.11 -16.28
N ARG B 136 -41.01 55.95 -16.31
CA ARG B 136 -41.83 55.59 -17.49
C ARG B 136 -43.28 56.07 -17.48
N SER B 137 -44.06 55.63 -16.49
CA SER B 137 -45.47 56.02 -16.42
C SER B 137 -45.65 57.14 -15.41
N LEU B 138 -45.75 56.81 -14.11
CA LEU B 138 -45.46 57.79 -13.07
C LEU B 138 -43.96 57.75 -12.81
N VAL B 139 -43.45 58.81 -12.20
CA VAL B 139 -42.09 58.89 -11.75
C VAL B 139 -42.02 58.61 -10.25
N LEU B 140 -41.19 57.63 -9.85
CA LEU B 140 -40.99 57.37 -8.44
C LEU B 140 -39.63 56.78 -8.11
N ALA B 141 -39.23 56.92 -6.85
CA ALA B 141 -37.99 56.38 -6.36
C ALA B 141 -38.26 55.48 -5.17
N ILE B 142 -37.50 54.39 -5.09
CA ILE B 142 -37.50 53.52 -3.94
C ILE B 142 -36.12 53.61 -3.35
N ALA B 143 -36.03 53.67 -2.04
CA ALA B 143 -34.74 53.78 -1.36
C ALA B 143 -34.77 53.19 0.03
N ASP B 144 -33.58 52.93 0.56
CA ASP B 144 -33.40 52.61 1.99
C ASP B 144 -32.67 53.77 2.64
N GLY B 145 -32.87 53.95 3.94
CA GLY B 145 -32.24 55.03 4.66
C GLY B 145 -31.96 54.73 6.11
N THR B 146 -30.97 55.43 6.65
CA THR B 146 -30.62 55.38 8.07
C THR B 146 -30.38 56.77 8.57
N VAL B 147 -30.81 57.02 9.80
CA VAL B 147 -30.51 58.28 10.48
C VAL B 147 -29.56 57.98 11.61
N SER B 148 -28.55 58.83 11.77
CA SER B 148 -27.56 58.70 12.83
C SER B 148 -27.42 60.01 13.58
N VAL B 149 -27.02 59.93 14.85
CA VAL B 149 -26.72 61.12 15.62
C VAL B 149 -25.36 60.98 16.28
N ASP B 150 -24.47 61.94 16.00
CA ASP B 150 -23.11 61.93 16.52
C ASP B 150 -22.42 60.56 16.42
N GLY B 151 -22.57 59.90 15.29
CA GLY B 151 -21.95 58.61 15.03
C GLY B 151 -22.81 57.39 15.32
N ARG B 152 -23.89 57.54 16.09
CA ARG B 152 -24.71 56.40 16.52
C ARG B 152 -25.97 56.24 15.66
N GLU B 153 -26.14 55.06 15.07
CA GLU B 153 -27.32 54.76 14.26
C GLU B 153 -28.53 54.65 15.14
N ILE B 154 -29.62 55.29 14.74
CA ILE B 154 -30.80 55.34 15.58
C ILE B 154 -32.12 55.01 14.89
N TYR B 155 -32.26 55.41 13.63
CA TYR B 155 -33.46 55.07 12.85
C TYR B 155 -33.10 54.40 11.54
N SER B 156 -34.02 53.58 11.04
CA SER B 156 -33.87 53.01 9.70
C SER B 156 -35.23 52.90 9.01
N ALA B 157 -35.21 53.00 7.69
CA ALA B 157 -36.40 52.81 6.86
C ALA B 157 -36.02 51.99 5.63
N GLU B 158 -36.75 50.90 5.34
CA GLU B 158 -36.56 50.10 4.12
C GLU B 158 -37.68 50.39 3.13
N GLY B 159 -37.34 50.61 1.86
CA GLY B 159 -38.37 50.78 0.83
C GLY B 159 -39.13 52.09 0.93
N LEU B 160 -38.44 53.17 1.28
CA LEU B 160 -38.99 54.52 1.19
C LEU B 160 -39.40 54.77 -0.24
N ARG B 161 -40.59 55.31 -0.43
CA ARG B 161 -41.12 55.58 -1.78
C ARG B 161 -41.54 57.02 -1.87
N VAL B 162 -41.11 57.68 -2.95
CA VAL B 162 -41.52 59.04 -3.23
C VAL B 162 -41.87 59.13 -4.71
N GLY B 163 -42.93 59.86 -5.02
CA GLY B 163 -43.39 60.00 -6.42
C GLY B 163 -43.43 61.47 -6.84
N LEU B 164 -43.35 61.69 -8.16
CA LEU B 164 -43.48 63.04 -8.70
C LEU B 164 -44.75 63.10 -9.52
N PHE B 165 -45.49 64.20 -9.33
CA PHE B 165 -46.77 64.43 -10.01
C PHE B 165 -46.75 65.76 -10.75
N THR B 166 -47.10 65.72 -12.04
CA THR B 166 -47.25 66.94 -12.83
C THR B 166 -48.65 67.53 -12.63
N SER B 167 -49.53 66.75 -11.99
CA SER B 167 -50.87 67.18 -11.64
C SER B 167 -51.28 66.60 -10.26
N THR B 168 -51.78 67.46 -9.39
CA THR B 168 -52.33 67.02 -8.11
C THR B 168 -53.70 67.64 -7.82
N ASP B 169 -54.30 68.31 -8.80
CA ASP B 169 -55.57 69.02 -8.61
C ASP B 169 -56.79 68.25 -9.15
N SER B 170 -56.58 67.03 -9.60
CA SER B 170 -57.64 66.26 -10.27
C SER B 170 -57.85 64.87 -9.69
N PHE B 171 -57.61 64.73 -8.38
CA PHE B 171 -57.86 63.44 -7.68
C PHE B 171 -59.37 63.18 -7.51
N THR C 2 25.05 -6.84 28.96
CA THR C 2 24.12 -7.88 28.44
C THR C 2 22.67 -7.45 28.66
N LYS C 3 22.46 -6.44 29.50
CA LYS C 3 21.11 -6.00 29.85
C LYS C 3 20.62 -4.86 28.95
N GLN C 4 21.46 -3.86 28.70
CA GLN C 4 21.09 -2.74 27.83
C GLN C 4 21.35 -3.10 26.36
N HIS C 5 20.35 -2.89 25.51
CA HIS C 5 20.39 -3.36 24.13
C HIS C 5 20.49 -2.28 23.11
N ALA C 6 20.55 -1.03 23.55
CA ALA C 6 20.69 0.11 22.63
C ALA C 6 21.49 1.21 23.29
N PHE C 7 22.26 1.96 22.50
CA PHE C 7 23.13 3.00 23.03
C PHE C 7 23.07 4.26 22.19
N THR C 8 22.85 5.39 22.85
CA THR C 8 22.80 6.69 22.19
C THR C 8 24.21 7.19 21.96
N ARG C 9 24.34 8.29 21.22
CA ARG C 9 25.64 8.89 20.99
C ARG C 9 26.32 9.30 22.30
N GLU C 10 25.54 9.84 23.22
CA GLU C 10 26.10 10.22 24.52
C GLU C 10 26.68 9.02 25.24
N ASP C 11 26.01 7.86 25.14
CA ASP C 11 26.54 6.64 25.74
C ASP C 11 27.88 6.28 25.10
N LEU C 12 27.96 6.42 23.78
CA LEU C 12 29.19 6.09 23.08
C LEU C 12 30.31 7.09 23.40
N LEU C 13 29.97 8.37 23.56
CA LEU C 13 30.94 9.37 24.02
C LEU C 13 31.41 9.04 25.44
N ARG C 14 30.48 8.67 26.30
CA ARG C 14 30.80 8.22 27.64
C ARG C 14 31.78 7.04 27.58
N CYS C 15 31.49 6.07 26.71
CA CYS C 15 32.35 4.91 26.51
C CYS C 15 33.75 5.31 26.09
N SER C 16 33.86 6.32 25.22
CA SER C 16 35.17 6.82 24.76
C SER C 16 35.98 7.49 25.86
N ARG C 17 35.31 8.04 26.87
CA ARG C 17 36.02 8.62 28.02
C ARG C 17 36.41 7.56 29.09
N GLY C 18 36.06 6.30 28.87
CA GLY C 18 36.35 5.22 29.82
C GLY C 18 35.31 5.10 30.92
N GLU C 19 34.15 5.75 30.73
CA GLU C 19 33.14 5.89 31.77
C GLU C 19 31.94 4.98 31.60
N LEU C 20 31.90 4.17 30.56
CA LEU C 20 30.83 3.21 30.41
C LEU C 20 31.24 1.88 31.03
N PHE C 21 32.43 1.40 30.67
CA PHE C 21 32.92 0.10 31.16
C PHE C 21 33.97 0.23 32.27
N GLY C 22 34.45 1.45 32.51
CA GLY C 22 35.34 1.73 33.63
C GLY C 22 36.82 1.66 33.32
N PRO C 23 37.68 1.96 34.32
CA PRO C 23 39.13 2.02 34.15
C PRO C 23 39.72 0.73 33.62
N GLY C 24 40.63 0.84 32.65
CA GLY C 24 41.30 -0.32 32.07
C GLY C 24 40.43 -1.19 31.18
N ASN C 25 39.21 -0.73 30.88
CA ASN C 25 38.28 -1.51 30.08
C ASN C 25 37.99 -0.87 28.73
N ALA C 26 37.27 -1.58 27.88
CA ALA C 26 37.13 -1.17 26.47
C ALA C 26 36.70 0.29 26.32
N GLN C 27 37.35 0.99 25.40
CA GLN C 27 36.96 2.33 25.03
C GLN C 27 36.74 2.39 23.52
N LEU C 28 35.64 3.02 23.11
CA LEU C 28 35.51 3.43 21.72
C LEU C 28 36.46 4.60 21.50
N PRO C 29 36.87 4.86 20.26
CA PRO C 29 37.61 6.08 19.99
C PRO C 29 36.69 7.28 20.15
N ALA C 30 37.26 8.44 20.44
CA ALA C 30 36.52 9.70 20.46
C ALA C 30 36.51 10.28 19.06
N PRO C 31 35.73 11.34 18.85
CA PRO C 31 35.84 11.99 17.56
C PRO C 31 37.25 12.55 17.41
N ASN C 32 37.83 12.55 16.22
CA ASN C 32 37.15 12.23 14.96
C ASN C 32 37.37 10.81 14.44
N MET C 33 37.88 9.90 15.26
CA MET C 33 38.06 8.52 14.84
C MET C 33 36.81 7.67 15.08
N LEU C 34 35.93 8.14 15.96
CA LEU C 34 34.68 7.44 16.25
C LEU C 34 33.82 7.41 15.00
N MET C 35 33.47 6.22 14.51
CA MET C 35 32.71 6.09 13.27
C MET C 35 31.28 5.60 13.51
N ILE C 36 30.80 5.74 14.74
CA ILE C 36 29.48 5.30 15.15
C ILE C 36 28.73 6.44 15.82
N ASP C 37 27.49 6.68 15.40
CA ASP C 37 26.62 7.66 16.09
C ASP C 37 25.77 6.99 17.15
N ARG C 38 25.32 5.76 16.87
CA ARG C 38 24.50 5.04 17.82
C ARG C 38 24.48 3.54 17.53
N ILE C 39 24.27 2.75 18.58
CA ILE C 39 24.07 1.31 18.45
C ILE C 39 22.57 1.07 18.62
N VAL C 40 21.90 0.72 17.53
CA VAL C 40 20.45 0.58 17.50
C VAL C 40 20.04 -0.71 18.14
N HIS C 41 20.89 -1.73 18.02
CA HIS C 41 20.62 -3.02 18.62
C HIS C 41 21.88 -3.80 18.85
N ILE C 42 21.97 -4.41 20.03
CA ILE C 42 23.07 -5.29 20.36
C ILE C 42 22.49 -6.45 21.16
N SER C 43 22.90 -7.67 20.82
CA SER C 43 22.40 -8.88 21.46
C SER C 43 23.45 -9.98 21.42
N ASP C 44 23.40 -10.89 22.40
CA ASP C 44 24.29 -12.04 22.41
C ASP C 44 23.64 -13.28 21.80
N VAL C 45 22.44 -13.12 21.24
CA VAL C 45 21.83 -14.16 20.40
C VAL C 45 21.52 -13.62 19.01
N GLY C 46 21.08 -14.50 18.12
CA GLY C 46 20.85 -14.15 16.74
C GLY C 46 22.15 -13.90 15.99
N GLY C 47 22.07 -13.20 14.86
CA GLY C 47 23.21 -13.04 13.97
C GLY C 47 23.41 -14.29 13.13
N LYS C 48 24.28 -14.23 12.12
CA LYS C 48 24.33 -15.34 11.16
C LYS C 48 24.96 -16.61 11.72
N TYR C 49 25.66 -16.51 12.85
CA TYR C 49 26.17 -17.71 13.53
C TYR C 49 25.40 -18.07 14.79
N GLY C 50 24.34 -17.31 15.10
CA GLY C 50 23.58 -17.53 16.32
C GLY C 50 24.35 -17.25 17.61
N LYS C 51 25.39 -16.41 17.53
CA LYS C 51 26.19 -16.08 18.71
C LYS C 51 26.24 -14.58 18.99
N GLY C 52 25.25 -13.83 18.48
CA GLY C 52 25.15 -12.41 18.74
C GLY C 52 25.32 -11.57 17.49
N GLU C 53 24.82 -10.34 17.56
CA GLU C 53 24.93 -9.38 16.49
C GLU C 53 24.71 -7.95 16.97
N LEU C 54 25.21 -7.00 16.19
CA LEU C 54 24.95 -5.58 16.43
C LEU C 54 24.42 -4.97 15.14
N VAL C 55 23.51 -4.01 15.29
CA VAL C 55 23.19 -3.08 14.24
C VAL C 55 23.53 -1.69 14.77
N ALA C 56 24.30 -0.92 13.99
CA ALA C 56 24.73 0.41 14.39
C ALA C 56 24.60 1.37 13.22
N GLU C 57 24.60 2.67 13.52
CA GLU C 57 24.40 3.68 12.50
C GLU C 57 25.39 4.84 12.62
N LEU C 58 25.72 5.43 11.47
CA LEU C 58 26.47 6.71 11.40
C LEU C 58 25.71 7.64 10.46
N ASP C 59 25.28 8.79 10.97
CA ASP C 59 24.63 9.79 10.13
C ASP C 59 25.65 10.47 9.25
N ILE C 60 25.30 10.67 7.99
CA ILE C 60 26.17 11.33 7.01
C ILE C 60 25.63 12.74 6.76
N ASN C 61 26.54 13.71 6.72
CA ASN C 61 26.26 15.03 6.21
C ASN C 61 27.49 15.51 5.44
N PRO C 62 27.33 16.52 4.58
CA PRO C 62 28.46 16.89 3.70
C PRO C 62 29.69 17.48 4.40
N ASP C 63 29.58 17.79 5.69
CA ASP C 63 30.64 18.49 6.40
C ASP C 63 31.54 17.58 7.23
N LEU C 64 31.24 16.28 7.24
CA LEU C 64 32.10 15.32 7.92
C LEU C 64 33.52 15.49 7.40
N TRP C 65 34.47 15.54 8.33
CA TRP C 65 35.83 16.01 8.04
C TRP C 65 36.52 15.27 6.93
N PHE C 66 36.24 13.96 6.79
CA PHE C 66 36.97 13.13 5.82
C PHE C 66 36.59 13.40 4.37
N PHE C 67 35.44 14.03 4.12
CA PHE C 67 35.06 14.35 2.75
C PHE C 67 35.97 15.39 2.08
N ALA C 68 36.38 16.43 2.82
CA ALA C 68 37.19 17.52 2.25
C ALA C 68 38.60 17.04 1.83
N CYS C 69 39.16 16.06 2.54
CA CYS C 69 40.53 15.63 2.26
C CYS C 69 40.65 14.27 1.53
N HIS C 70 39.53 13.57 1.35
CA HIS C 70 39.52 12.24 0.75
C HIS C 70 38.40 12.13 -0.24
N PHE C 71 38.55 12.64 -1.46
CA PHE C 71 39.73 13.38 -1.94
C PHE C 71 39.30 14.77 -2.37
N GLU C 72 40.24 15.70 -2.43
CA GLU C 72 39.96 17.06 -2.90
C GLU C 72 39.30 17.00 -4.29
N GLY C 73 38.10 17.59 -4.39
CA GLY C 73 37.35 17.59 -5.64
C GLY C 73 36.66 16.28 -5.98
N ASP C 74 36.72 15.31 -5.06
CA ASP C 74 36.19 13.95 -5.33
C ASP C 74 35.92 13.29 -3.97
N PRO C 75 34.94 13.81 -3.24
CA PRO C 75 34.70 13.32 -1.87
C PRO C 75 34.09 11.91 -1.82
N VAL C 76 34.64 11.05 -0.98
CA VAL C 76 34.11 9.73 -0.73
C VAL C 76 34.60 9.21 0.63
N MET C 77 33.72 8.62 1.44
CA MET C 77 34.14 8.14 2.76
C MET C 77 35.24 7.11 2.58
N PRO C 78 36.34 7.25 3.32
CA PRO C 78 37.38 6.21 3.27
C PRO C 78 36.87 4.85 3.77
N GLY C 79 37.04 3.83 2.96
CA GLY C 79 36.64 2.49 3.34
C GLY C 79 37.34 2.03 4.61
N CYS C 80 38.58 2.47 4.80
CA CYS C 80 39.29 2.12 6.03
C CYS C 80 38.51 2.57 7.27
N LEU C 81 37.78 3.68 7.19
CA LEU C 81 37.01 4.15 8.35
C LEU C 81 35.73 3.32 8.56
N GLY C 82 35.12 2.88 7.47
CA GLY C 82 33.99 1.98 7.55
C GLY C 82 34.44 0.67 8.16
N LEU C 83 35.59 0.19 7.71
CA LEU C 83 36.19 -1.00 8.25
C LEU C 83 36.44 -0.79 9.75
N ASP C 84 37.02 0.36 10.13
CA ASP C 84 37.31 0.59 11.56
C ASP C 84 36.04 0.63 12.41
N ALA C 85 34.96 1.16 11.85
CA ALA C 85 33.67 1.11 12.52
C ALA C 85 33.34 -0.29 13.00
N MET C 86 33.62 -1.27 12.13
CA MET C 86 33.35 -2.65 12.44
C MET C 86 34.24 -3.17 13.56
N TRP C 87 35.54 -2.86 13.53
CA TRP C 87 36.43 -3.17 14.66
C TRP C 87 36.01 -2.47 15.94
N GLN C 88 35.60 -1.20 15.83
CA GLN C 88 35.11 -0.47 16.98
C GLN C 88 33.94 -1.21 17.61
N LEU C 89 32.99 -1.63 16.78
CA LEU C 89 31.82 -2.33 17.27
C LEU C 89 32.17 -3.67 17.91
N VAL C 90 33.11 -4.40 17.33
CA VAL C 90 33.48 -5.70 17.89
C VAL C 90 34.15 -5.51 19.26
N GLY C 91 35.00 -4.52 19.37
CA GLY C 91 35.60 -4.17 20.65
C GLY C 91 34.55 -3.79 21.68
N PHE C 92 33.57 -2.98 21.27
CA PHE C 92 32.48 -2.61 22.17
C PHE C 92 31.73 -3.84 22.67
N TYR C 93 31.45 -4.77 21.77
CA TYR C 93 30.76 -6.00 22.13
C TYR C 93 31.50 -6.73 23.26
N LEU C 94 32.81 -6.88 23.12
CA LEU C 94 33.61 -7.57 24.13
C LEU C 94 33.45 -6.91 25.48
N GLY C 95 33.48 -5.57 25.49
CA GLY C 95 33.27 -4.81 26.72
C GLY C 95 31.87 -5.01 27.28
N TRP C 96 30.90 -4.96 26.40
CA TRP C 96 29.50 -5.11 26.76
C TRP C 96 29.23 -6.47 27.36
N GLN C 97 29.96 -7.49 26.89
CA GLN C 97 29.85 -8.84 27.44
C GLN C 97 30.38 -8.95 28.88
N GLY C 98 31.15 -7.95 29.32
CA GLY C 98 31.69 -7.93 30.68
C GLY C 98 33.13 -8.42 30.78
N ASN C 99 33.85 -8.42 29.67
CA ASN C 99 35.28 -8.74 29.68
C ASN C 99 36.09 -7.52 30.07
N PRO C 100 37.11 -7.70 30.91
CA PRO C 100 38.03 -6.62 31.23
C PRO C 100 39.09 -6.43 30.14
N GLY C 101 39.69 -5.24 30.10
CA GLY C 101 40.84 -4.98 29.22
C GLY C 101 40.56 -3.94 28.17
N ARG C 102 41.63 -3.38 27.62
CA ARG C 102 41.53 -2.38 26.56
C ARG C 102 41.62 -3.05 25.17
N GLY C 103 40.91 -2.48 24.21
CA GLY C 103 40.79 -3.04 22.86
C GLY C 103 41.95 -2.72 21.92
N ARG C 104 42.32 -3.71 21.12
CA ARG C 104 43.17 -3.54 19.97
C ARG C 104 42.62 -4.38 18.83
N ALA C 105 42.41 -3.75 17.67
CA ALA C 105 42.08 -4.47 16.46
C ALA C 105 43.23 -5.44 16.14
N LEU C 106 42.92 -6.69 15.81
CA LEU C 106 43.96 -7.70 15.50
C LEU C 106 44.04 -7.98 13.99
N GLY C 107 42.98 -7.69 13.28
CA GLY C 107 43.01 -7.71 11.82
C GLY C 107 41.74 -8.24 11.21
N SER C 108 41.87 -8.84 10.04
CA SER C 108 40.70 -9.34 9.35
C SER C 108 41.05 -10.41 8.35
N GLY C 109 40.05 -11.22 8.03
CA GLY C 109 40.15 -12.27 7.02
C GLY C 109 40.14 -11.79 5.58
N GLU C 110 39.00 -11.30 5.11
CA GLU C 110 38.90 -10.68 3.80
C GLU C 110 38.09 -9.39 3.90
N VAL C 111 38.58 -8.32 3.30
CA VAL C 111 37.85 -7.08 3.26
C VAL C 111 37.54 -6.74 1.81
N LYS C 112 36.32 -6.27 1.56
CA LYS C 112 35.88 -5.87 0.20
C LYS C 112 35.18 -4.51 0.29
N PHE C 113 35.56 -3.60 -0.58
CA PHE C 113 34.82 -2.36 -0.79
C PHE C 113 34.30 -2.41 -2.23
N PHE C 114 33.00 -2.22 -2.40
CA PHE C 114 32.37 -2.32 -3.71
C PHE C 114 31.24 -1.32 -3.88
N GLY C 115 31.37 -0.17 -3.21
CA GLY C 115 30.34 0.88 -3.26
C GLY C 115 30.81 2.10 -2.50
N GLN C 116 30.14 3.23 -2.73
CA GLN C 116 30.57 4.53 -2.22
C GLN C 116 29.63 5.13 -1.22
N VAL C 117 30.19 5.80 -0.20
CA VAL C 117 29.43 6.73 0.62
C VAL C 117 29.79 8.15 0.17
N LEU C 118 28.84 8.79 -0.50
CA LEU C 118 29.04 10.15 -0.99
C LEU C 118 28.52 11.14 0.06
N PRO C 119 28.93 12.41 -0.03
CA PRO C 119 28.45 13.39 0.96
C PRO C 119 26.94 13.70 0.90
N THR C 120 26.27 13.24 -0.15
CA THR C 120 24.82 13.39 -0.28
C THR C 120 24.05 12.27 0.41
N ALA C 121 24.77 11.27 0.91
CA ALA C 121 24.13 10.15 1.61
C ALA C 121 23.52 10.63 2.92
N LYS C 122 22.58 9.85 3.43
CA LYS C 122 21.92 10.20 4.70
C LYS C 122 22.43 9.38 5.87
N LYS C 123 22.54 8.05 5.70
CA LYS C 123 22.80 7.17 6.82
C LYS C 123 23.54 5.87 6.47
N VAL C 124 24.67 5.64 7.13
CA VAL C 124 25.39 4.39 7.03
C VAL C 124 24.94 3.45 8.15
N THR C 125 24.68 2.18 7.81
CA THR C 125 24.29 1.18 8.80
C THR C 125 25.31 0.06 8.82
N TYR C 126 25.74 -0.31 10.02
CA TYR C 126 26.66 -1.41 10.19
C TYR C 126 25.91 -2.62 10.72
N ASN C 127 26.20 -3.80 10.16
CA ASN C 127 25.73 -5.07 10.74
C ASN C 127 26.96 -5.90 11.12
N ILE C 128 26.98 -6.39 12.35
CA ILE C 128 28.10 -7.21 12.83
C ILE C 128 27.53 -8.55 13.30
N HIS C 129 28.15 -9.65 12.86
CA HIS C 129 27.75 -10.98 13.27
C HIS C 129 28.87 -11.61 14.03
N ILE C 130 28.65 -11.82 15.32
CA ILE C 130 29.64 -12.44 16.17
C ILE C 130 29.79 -13.91 15.80
N LYS C 131 31.02 -14.32 15.51
CA LYS C 131 31.30 -15.69 15.08
C LYS C 131 31.82 -16.56 16.22
N ARG C 132 32.63 -15.96 17.09
CA ARG C 132 33.25 -16.70 18.18
C ARG C 132 33.87 -15.71 19.17
N THR C 133 33.79 -16.03 20.45
CA THR C 133 34.54 -15.32 21.46
C THR C 133 35.38 -16.29 22.28
N ILE C 134 36.59 -15.86 22.63
CA ILE C 134 37.45 -16.61 23.54
C ILE C 134 37.62 -15.78 24.82
N ASN C 135 37.35 -16.40 25.98
CA ASN C 135 37.56 -15.77 27.31
C ASN C 135 38.66 -16.50 28.09
N LEU C 138 44.17 -15.10 26.30
CA LEU C 138 43.73 -13.76 25.91
C LEU C 138 42.23 -13.77 25.60
N VAL C 139 41.64 -12.58 25.64
CA VAL C 139 40.25 -12.37 25.29
C VAL C 139 40.16 -11.79 23.88
N LEU C 140 39.41 -12.45 23.00
CA LEU C 140 39.21 -11.92 21.66
C LEU C 140 37.87 -12.32 21.05
N ALA C 141 37.46 -11.55 20.04
CA ALA C 141 36.24 -11.87 19.28
C ALA C 141 36.58 -11.99 17.81
N ILE C 142 35.91 -12.92 17.14
CA ILE C 142 35.95 -13.05 15.70
C ILE C 142 34.55 -12.76 15.20
N ALA C 143 34.44 -11.97 14.14
CA ALA C 143 33.12 -11.57 13.62
C ALA C 143 33.18 -11.29 12.11
N ASP C 144 32.00 -11.30 11.49
CA ASP C 144 31.84 -10.85 10.11
C ASP C 144 31.03 -9.57 10.16
N GLY C 145 31.21 -8.71 9.15
CA GLY C 145 30.49 -7.45 9.11
C GLY C 145 30.18 -6.97 7.71
N THR C 146 29.13 -6.16 7.60
CA THR C 146 28.79 -5.45 6.37
C THR C 146 28.45 -4.00 6.68
N VAL C 147 28.86 -3.10 5.80
CA VAL C 147 28.49 -1.68 5.88
C VAL C 147 27.52 -1.42 4.74
N SER C 148 26.46 -0.68 5.03
CA SER C 148 25.46 -0.27 4.04
C SER C 148 25.22 1.23 4.11
N VAL C 149 24.81 1.82 2.99
CA VAL C 149 24.46 3.21 2.96
C VAL C 149 23.10 3.37 2.30
N ASP C 150 22.17 3.99 3.02
CA ASP C 150 20.80 4.20 2.56
C ASP C 150 20.20 2.95 1.89
N GLY C 151 20.42 1.78 2.50
CA GLY C 151 19.88 0.53 2.01
C GLY C 151 20.78 -0.30 1.13
N ARG C 152 21.84 0.31 0.59
CA ARG C 152 22.73 -0.38 -0.36
C ARG C 152 23.99 -0.91 0.33
N GLU C 153 24.24 -2.21 0.19
CA GLU C 153 25.44 -2.83 0.73
C GLU C 153 26.65 -2.36 -0.04
N ILE C 154 27.70 -1.97 0.66
CA ILE C 154 28.89 -1.41 -0.01
C ILE C 154 30.25 -1.99 0.45
N TYR C 155 30.39 -2.31 1.73
CA TYR C 155 31.59 -2.96 2.23
C TYR C 155 31.26 -4.28 2.94
N SER C 156 32.22 -5.21 2.94
CA SER C 156 32.14 -6.39 3.79
C SER C 156 33.51 -6.77 4.36
N ALA C 157 33.50 -7.40 5.52
CA ALA C 157 34.71 -7.94 6.15
C ALA C 157 34.41 -9.29 6.77
N GLU C 158 35.22 -10.31 6.46
CA GLU C 158 35.08 -11.65 7.06
C GLU C 158 36.21 -11.87 8.08
N GLY C 159 35.87 -12.38 9.26
CA GLY C 159 36.89 -12.74 10.23
C GLY C 159 37.58 -11.54 10.85
N LEU C 160 36.82 -10.48 11.12
CA LEU C 160 37.28 -9.37 11.94
C LEU C 160 37.71 -9.94 13.25
N ARG C 161 38.88 -9.50 13.75
CA ARG C 161 39.38 -9.92 15.05
C ARG C 161 39.69 -8.72 15.90
N VAL C 162 39.27 -8.76 17.16
CA VAL C 162 39.60 -7.74 18.13
C VAL C 162 39.95 -8.42 19.45
N GLY C 163 40.96 -7.91 20.13
CA GLY C 163 41.41 -8.49 21.39
C GLY C 163 41.34 -7.50 22.52
N LEU C 164 41.26 -8.00 23.77
CA LEU C 164 41.34 -7.15 24.95
C LEU C 164 42.61 -7.45 25.73
N PHE C 165 43.30 -6.38 26.15
CA PHE C 165 44.57 -6.48 26.86
C PHE C 165 44.47 -5.74 28.19
N THR C 166 44.82 -6.43 29.28
CA THR C 166 44.93 -5.78 30.58
C THR C 166 46.28 -5.07 30.71
N SER C 167 47.19 -5.35 29.77
CA SER C 167 48.52 -4.73 29.74
C SER C 167 48.94 -4.48 28.28
N THR C 168 49.37 -3.27 27.98
CA THR C 168 49.92 -2.92 26.67
C THR C 168 51.27 -2.18 26.79
N ASP C 169 51.84 -2.11 27.98
CA ASP C 169 53.06 -1.32 28.22
C ASP C 169 54.32 -2.17 28.31
N SER C 170 54.19 -3.48 28.04
CA SER C 170 55.31 -4.42 28.20
C SER C 170 55.58 -5.29 26.97
N PHE C 171 55.34 -4.73 25.79
CA PHE C 171 55.66 -5.41 24.52
C PHE C 171 57.16 -5.38 24.28
N THR D 2 57.35 6.63 -14.02
CA THR D 2 58.36 5.54 -14.12
C THR D 2 59.79 6.11 -14.06
N LYS D 3 59.92 7.43 -14.22
CA LYS D 3 61.24 8.06 -14.25
C LYS D 3 61.68 8.58 -12.88
N GLN D 4 60.77 9.24 -12.15
CA GLN D 4 61.09 9.73 -10.79
C GLN D 4 60.88 8.63 -9.74
N HIS D 5 61.88 8.41 -8.90
CA HIS D 5 61.91 7.26 -7.99
C HIS D 5 61.77 7.62 -6.54
N ALA D 6 61.65 8.90 -6.24
CA ALA D 6 61.46 9.37 -4.87
C ALA D 6 60.59 10.61 -4.86
N PHE D 7 59.79 10.77 -3.81
CA PHE D 7 58.84 11.87 -3.72
C PHE D 7 58.85 12.50 -2.33
N THR D 8 59.01 13.82 -2.27
CA THR D 8 58.99 14.56 -1.03
C THR D 8 57.55 14.75 -0.57
N ARG D 9 57.37 15.27 0.64
CA ARG D 9 56.03 15.60 1.13
C ARG D 9 55.32 16.61 0.23
N GLU D 10 56.04 17.62 -0.25
CA GLU D 10 55.44 18.60 -1.16
C GLU D 10 54.92 17.93 -2.45
N ASP D 11 55.67 16.95 -2.97
CA ASP D 11 55.19 16.19 -4.12
C ASP D 11 53.87 15.48 -3.78
N LEU D 12 53.81 14.89 -2.60
CA LEU D 12 52.62 14.16 -2.20
C LEU D 12 51.45 15.10 -1.97
N LEU D 13 51.71 16.28 -1.41
CA LEU D 13 50.66 17.31 -1.30
C LEU D 13 50.18 17.75 -2.67
N ARG D 14 51.12 17.96 -3.58
CA ARG D 14 50.80 18.28 -4.98
C ARG D 14 49.92 17.19 -5.58
N CYS D 15 50.28 15.92 -5.35
CA CYS D 15 49.48 14.78 -5.79
C CYS D 15 48.05 14.85 -5.25
N SER D 16 47.91 15.23 -3.97
CA SER D 16 46.59 15.29 -3.34
C SER D 16 45.70 16.38 -3.93
N ARG D 17 46.32 17.41 -4.50
CA ARG D 17 45.57 18.48 -5.17
C ARG D 17 45.21 18.12 -6.62
N GLY D 18 45.64 16.95 -7.09
CA GLY D 18 45.41 16.53 -8.48
C GLY D 18 46.44 17.07 -9.45
N GLU D 19 47.55 17.58 -8.94
CA GLU D 19 48.52 18.33 -9.75
C GLU D 19 49.78 17.54 -10.07
N LEU D 20 49.89 16.31 -9.60
CA LEU D 20 51.03 15.47 -9.96
C LEU D 20 50.68 14.64 -11.20
N PHE D 21 49.52 13.98 -11.17
CA PHE D 21 49.09 13.12 -12.28
C PHE D 21 48.01 13.75 -13.15
N GLY D 22 47.44 14.88 -12.72
CA GLY D 22 46.52 15.67 -13.53
C GLY D 22 45.06 15.38 -13.28
N PRO D 23 44.18 16.18 -13.90
CA PRO D 23 42.73 16.00 -13.79
C PRO D 23 42.23 14.58 -14.06
N GLY D 24 41.34 14.11 -13.20
CA GLY D 24 40.71 12.79 -13.37
C GLY D 24 41.64 11.62 -13.07
N ASN D 25 42.83 11.89 -12.55
CA ASN D 25 43.81 10.85 -12.28
C ASN D 25 44.07 10.70 -10.80
N ALA D 26 44.86 9.69 -10.45
CA ALA D 26 45.03 9.29 -9.06
C ALA D 26 45.40 10.47 -8.15
N GLN D 27 44.74 10.53 -6.99
CA GLN D 27 45.05 11.51 -5.95
C GLN D 27 45.32 10.75 -4.66
N LEU D 28 46.38 11.12 -3.96
CA LEU D 28 46.51 10.78 -2.56
C LEU D 28 45.48 11.59 -1.79
N PRO D 29 45.07 11.11 -0.59
CA PRO D 29 44.28 11.98 0.27
C PRO D 29 45.12 13.13 0.76
N ALA D 30 44.47 14.24 1.11
CA ALA D 30 45.15 15.33 1.78
C ALA D 30 45.16 15.08 3.29
N PRO D 31 45.92 15.89 4.05
CA PRO D 31 45.75 15.75 5.50
C PRO D 31 44.30 16.08 5.90
N ASN D 32 43.75 15.41 6.92
CA ASN D 32 44.46 14.53 7.83
C ASN D 32 44.33 13.03 7.51
N MET D 33 43.85 12.67 6.32
CA MET D 33 43.76 11.26 5.92
C MET D 33 45.06 10.75 5.29
N LEU D 34 45.89 11.66 4.80
CA LEU D 34 47.19 11.30 4.21
C LEU D 34 48.06 10.66 5.29
N MET D 35 48.48 9.42 5.07
CA MET D 35 49.29 8.72 6.06
C MET D 35 50.74 8.53 5.66
N ILE D 36 51.19 9.34 4.70
CA ILE D 36 52.54 9.25 4.12
C ILE D 36 53.20 10.61 4.15
N ASP D 37 54.43 10.67 4.64
CA ASP D 37 55.20 11.91 4.61
C ASP D 37 56.04 11.95 3.34
N ARG D 38 56.58 10.81 2.94
CA ARG D 38 57.44 10.76 1.77
C ARG D 38 57.55 9.33 1.22
N ILE D 39 57.80 9.23 -0.10
CA ILE D 39 58.11 7.97 -0.73
C ILE D 39 59.61 7.98 -0.96
N VAL D 40 60.31 7.15 -0.20
CA VAL D 40 61.78 7.06 -0.24
C VAL D 40 62.24 6.32 -1.50
N HIS D 41 61.44 5.36 -1.95
CA HIS D 41 61.76 4.61 -3.15
C HIS D 41 60.53 4.00 -3.78
N ILE D 42 60.45 4.11 -5.10
CA ILE D 42 59.40 3.48 -5.88
C ILE D 42 60.03 2.96 -7.17
N SER D 43 59.70 1.73 -7.54
CA SER D 43 60.27 1.07 -8.71
C SER D 43 59.29 0.07 -9.28
N ASP D 44 59.37 -0.19 -10.58
CA ASP D 44 58.55 -1.22 -11.22
C ASP D 44 59.29 -2.55 -11.35
N VAL D 45 60.49 -2.62 -10.78
CA VAL D 45 61.21 -3.92 -10.64
C VAL D 45 61.51 -4.18 -9.16
N GLY D 46 62.00 -5.38 -8.86
CA GLY D 46 62.24 -5.81 -7.49
C GLY D 46 60.93 -6.08 -6.75
N GLY D 47 61.01 -6.08 -5.42
CA GLY D 47 59.87 -6.48 -4.59
C GLY D 47 59.76 -7.99 -4.56
N LYS D 48 58.92 -8.53 -3.68
CA LYS D 48 58.96 -9.98 -3.47
C LYS D 48 58.42 -10.80 -4.64
N TYR D 49 57.69 -10.15 -5.55
CA TYR D 49 57.21 -10.83 -6.76
C TYR D 49 57.95 -10.40 -8.01
N GLY D 50 58.94 -9.53 -7.86
CA GLY D 50 59.72 -9.03 -8.98
C GLY D 50 58.91 -8.16 -9.93
N LYS D 51 57.83 -7.56 -9.43
CA LYS D 51 56.98 -6.71 -10.26
C LYS D 51 56.85 -5.29 -9.71
N GLY D 52 57.80 -4.89 -8.87
CA GLY D 52 57.81 -3.54 -8.33
C GLY D 52 57.61 -3.50 -6.84
N GLU D 53 58.01 -2.37 -6.25
CA GLU D 53 57.87 -2.15 -4.81
C GLU D 53 57.99 -0.66 -4.46
N LEU D 54 57.47 -0.31 -3.30
CA LEU D 54 57.64 1.01 -2.73
C LEU D 54 58.17 0.86 -1.31
N VAL D 55 59.00 1.83 -0.90
CA VAL D 55 59.29 2.08 0.50
C VAL D 55 58.88 3.52 0.78
N ALA D 56 58.09 3.71 1.84
CA ALA D 56 57.59 5.03 2.21
C ALA D 56 57.68 5.20 3.71
N GLU D 57 57.58 6.45 4.16
CA GLU D 57 57.74 6.79 5.57
C GLU D 57 56.67 7.76 6.06
N LEU D 58 56.31 7.64 7.34
CA LEU D 58 55.52 8.63 8.06
C LEU D 58 56.25 8.95 9.38
N ASP D 59 56.61 10.21 9.57
CA ASP D 59 57.22 10.64 10.82
C ASP D 59 56.17 10.69 11.91
N ILE D 60 56.53 10.21 13.10
CA ILE D 60 55.64 10.20 14.24
C ILE D 60 56.10 11.27 15.23
N ASN D 61 55.13 11.98 15.78
CA ASN D 61 55.36 12.84 16.93
C ASN D 61 54.11 12.75 17.81
N PRO D 62 54.21 13.17 19.09
CA PRO D 62 53.08 12.96 20.00
C PRO D 62 51.80 13.76 19.69
N ASP D 63 51.88 14.73 18.77
CA ASP D 63 50.75 15.63 18.51
C ASP D 63 49.91 15.25 17.31
N LEU D 64 50.27 14.18 16.62
CA LEU D 64 49.47 13.69 15.52
C LEU D 64 48.03 13.49 16.02
N TRP D 65 47.08 13.97 15.24
CA TRP D 65 45.69 14.12 15.69
C TRP D 65 45.06 12.85 16.23
N PHE D 66 45.42 11.70 15.65
CA PHE D 66 44.77 10.44 16.03
C PHE D 66 45.15 9.92 17.43
N PHE D 67 46.26 10.38 17.99
CA PHE D 67 46.65 9.94 19.33
C PHE D 67 45.70 10.42 20.42
N ALA D 68 45.23 11.66 20.35
CA ALA D 68 44.35 12.21 21.38
C ALA D 68 42.99 11.51 21.46
N CYS D 69 42.48 11.03 20.34
CA CYS D 69 41.13 10.44 20.31
C CYS D 69 41.10 8.91 20.20
N HIS D 70 42.26 8.29 20.02
CA HIS D 70 42.35 6.84 19.81
C HIS D 70 43.49 6.29 20.61
N PHE D 71 43.32 6.06 21.92
CA PHE D 71 42.11 6.35 22.70
C PHE D 71 42.47 7.32 23.80
N GLU D 72 41.46 8.03 24.33
CA GLU D 72 41.69 8.95 25.44
C GLU D 72 42.38 8.19 26.58
N GLY D 73 43.55 8.69 26.99
CA GLY D 73 44.32 8.08 28.08
C GLY D 73 45.10 6.84 27.69
N ASP D 74 45.08 6.51 26.40
CA ASP D 74 45.68 5.25 25.91
C ASP D 74 45.97 5.42 24.42
N PRO D 75 46.89 6.32 24.08
CA PRO D 75 47.16 6.64 22.69
C PRO D 75 47.87 5.51 21.90
N VAL D 76 47.34 5.19 20.72
CA VAL D 76 47.94 4.22 19.80
C VAL D 76 47.45 4.49 18.37
N MET D 77 48.34 4.47 17.39
CA MET D 77 47.92 4.75 16.02
C MET D 77 46.89 3.72 15.60
N PRO D 78 45.78 4.18 15.02
CA PRO D 78 44.80 3.20 14.51
C PRO D 78 45.39 2.35 13.39
N GLY D 79 45.29 1.05 13.52
CA GLY D 79 45.74 0.13 12.50
C GLY D 79 45.04 0.37 11.17
N CYS D 80 43.76 0.77 11.21
CA CYS D 80 43.06 1.10 9.99
C CYS D 80 43.78 2.19 9.18
N LEU D 81 44.46 3.13 9.85
CA LEU D 81 45.18 4.17 9.12
C LEU D 81 46.50 3.65 8.52
N GLY D 82 47.16 2.75 9.22
CA GLY D 82 48.35 2.10 8.69
C GLY D 82 47.97 1.28 7.48
N LEU D 83 46.83 0.58 7.59
CA LEU D 83 46.29 -0.17 6.48
C LEU D 83 45.96 0.76 5.32
N ASP D 84 45.33 1.90 5.60
CA ASP D 84 45.04 2.86 4.52
C ASP D 84 46.29 3.41 3.84
N ALA D 85 47.35 3.62 4.61
CA ALA D 85 48.64 4.06 4.05
C ALA D 85 49.04 3.13 2.91
N MET D 86 48.83 1.84 3.13
CA MET D 86 49.17 0.83 2.10
C MET D 86 48.28 0.94 0.86
N TRP D 87 46.97 1.11 1.04
CA TRP D 87 46.07 1.40 -0.09
C TRP D 87 46.44 2.69 -0.79
N GLN D 88 46.79 3.72 -0.02
CA GLN D 88 47.20 4.99 -0.61
C GLN D 88 48.39 4.78 -1.52
N LEU D 89 49.38 4.02 -1.02
CA LEU D 89 50.60 3.75 -1.78
C LEU D 89 50.33 2.92 -3.04
N VAL D 90 49.43 1.94 -2.96
CA VAL D 90 49.10 1.12 -4.12
C VAL D 90 48.39 1.97 -5.19
N GLY D 91 47.48 2.84 -4.75
CA GLY D 91 46.85 3.80 -5.68
C GLY D 91 47.86 4.73 -6.33
N PHE D 92 48.80 5.24 -5.54
CA PHE D 92 49.84 6.09 -6.07
C PHE D 92 50.63 5.37 -7.15
N TYR D 93 50.98 4.11 -6.89
CA TYR D 93 51.74 3.32 -7.84
C TYR D 93 51.02 3.25 -9.19
N LEU D 94 49.72 2.98 -9.17
CA LEU D 94 48.94 2.91 -10.39
C LEU D 94 49.06 4.21 -11.18
N GLY D 95 48.96 5.33 -10.48
CA GLY D 95 49.10 6.65 -11.11
C GLY D 95 50.50 6.91 -11.66
N TRP D 96 51.48 6.54 -10.86
CA TRP D 96 52.88 6.64 -11.24
C TRP D 96 53.19 5.83 -12.48
N GLN D 97 52.53 4.68 -12.64
CA GLN D 97 52.69 3.84 -13.84
C GLN D 97 52.14 4.48 -15.12
N GLY D 98 51.31 5.51 -14.97
CA GLY D 98 50.73 6.21 -16.11
C GLY D 98 49.32 5.79 -16.46
N ASN D 99 48.62 5.14 -15.54
CA ASN D 99 47.23 4.78 -15.75
C ASN D 99 46.33 5.97 -15.46
N PRO D 100 45.29 6.19 -16.28
CA PRO D 100 44.30 7.22 -16.01
C PRO D 100 43.24 6.73 -15.02
N GLY D 101 42.57 7.68 -14.36
CA GLY D 101 41.45 7.37 -13.48
C GLY D 101 41.71 7.69 -12.00
N ARG D 102 40.60 7.81 -11.25
CA ARG D 102 40.68 8.10 -9.82
C ARG D 102 40.64 6.80 -8.99
N GLY D 103 41.32 6.82 -7.85
CA GLY D 103 41.51 5.64 -7.03
C GLY D 103 40.37 5.33 -6.08
N ARG D 104 40.10 4.04 -5.93
CA ARG D 104 39.24 3.52 -4.88
C ARG D 104 39.85 2.23 -4.35
N ALA D 105 40.04 2.15 -3.04
CA ALA D 105 40.44 0.90 -2.41
C ALA D 105 39.36 -0.13 -2.71
N LEU D 106 39.76 -1.34 -3.10
CA LEU D 106 38.79 -2.42 -3.34
C LEU D 106 38.74 -3.42 -2.18
N GLY D 107 39.79 -3.46 -1.38
CA GLY D 107 39.82 -4.30 -0.19
C GLY D 107 41.14 -5.02 0.03
N SER D 108 41.07 -6.17 0.67
CA SER D 108 42.27 -6.89 1.03
C SER D 108 42.02 -8.34 1.28
N GLY D 109 43.07 -9.12 1.12
CA GLY D 109 43.06 -10.53 1.41
C GLY D 109 43.03 -10.68 2.91
N GLU D 110 44.18 -10.68 3.58
CA GLU D 110 44.28 -10.89 5.02
C GLU D 110 45.01 -9.71 5.64
N VAL D 111 44.47 -9.17 6.73
CA VAL D 111 45.12 -8.08 7.44
C VAL D 111 45.43 -8.55 8.84
N LYS D 112 46.63 -8.23 9.32
CA LYS D 112 47.07 -8.56 10.68
C LYS D 112 47.69 -7.33 11.36
N PHE D 113 47.25 -7.05 12.59
CA PHE D 113 47.91 -6.07 13.44
C PHE D 113 48.48 -6.84 14.64
N PHE D 114 49.78 -6.69 14.88
CA PHE D 114 50.45 -7.43 15.94
C PHE D 114 51.54 -6.59 16.61
N GLY D 115 51.34 -5.27 16.65
CA GLY D 115 52.29 -4.37 17.28
C GLY D 115 51.71 -2.96 17.27
N GLN D 116 52.28 -2.10 18.11
CA GLN D 116 51.76 -0.76 18.38
C GLN D 116 52.66 0.35 17.87
N VAL D 117 52.03 1.42 17.36
CA VAL D 117 52.73 2.69 17.19
C VAL D 117 52.30 3.62 18.31
N LEU D 118 53.22 3.85 19.24
CA LEU D 118 52.95 4.74 20.37
C LEU D 118 53.42 6.17 20.03
N PRO D 119 52.94 7.18 20.78
CA PRO D 119 53.34 8.56 20.47
C PRO D 119 54.81 8.87 20.72
N THR D 120 55.53 7.96 21.38
CA THR D 120 56.97 8.10 21.59
C THR D 120 57.79 7.55 20.41
N ALA D 121 57.12 6.93 19.43
CA ALA D 121 57.81 6.41 18.24
C ALA D 121 58.35 7.54 17.36
N LYS D 122 59.34 7.24 16.54
CA LYS D 122 59.97 8.24 15.68
C LYS D 122 59.51 8.15 14.24
N LYS D 123 59.49 6.94 13.67
CA LYS D 123 59.23 6.79 12.24
C LYS D 123 58.57 5.46 11.86
N VAL D 124 57.44 5.55 11.16
CA VAL D 124 56.79 4.38 10.57
C VAL D 124 57.24 4.22 9.11
N THR D 125 57.60 3.00 8.72
CA THR D 125 58.06 2.70 7.36
C THR D 125 57.12 1.69 6.72
N TYR D 126 56.68 1.99 5.51
CA TYR D 126 55.79 1.11 4.75
C TYR D 126 56.60 0.42 3.66
N ASN D 127 56.41 -0.88 3.51
CA ASN D 127 56.94 -1.62 2.35
C ASN D 127 55.77 -2.18 1.57
N ILE D 128 55.74 -1.92 0.27
CA ILE D 128 54.68 -2.44 -0.59
C ILE D 128 55.30 -3.29 -1.69
N HIS D 129 54.77 -4.49 -1.90
CA HIS D 129 55.23 -5.38 -2.96
C HIS D 129 54.13 -5.57 -3.96
N ILE D 130 54.33 -5.04 -5.16
CA ILE D 130 53.37 -5.18 -6.23
C ILE D 130 53.32 -6.64 -6.70
N LYS D 131 52.12 -7.22 -6.69
CA LYS D 131 51.92 -8.62 -7.06
C LYS D 131 51.42 -8.77 -8.49
N ARG D 132 50.57 -7.85 -8.92
CA ARG D 132 49.95 -7.93 -10.22
C ARG D 132 49.26 -6.61 -10.56
N THR D 133 49.34 -6.19 -11.82
CA THR D 133 48.52 -5.09 -12.32
C THR D 133 47.73 -5.53 -13.52
N ILE D 134 46.48 -5.06 -13.59
CA ILE D 134 45.64 -5.27 -14.78
C ILE D 134 45.38 -3.92 -15.42
N ASN D 135 45.64 -3.83 -16.72
CA ASN D 135 45.37 -2.65 -17.54
C ASN D 135 44.24 -2.79 -18.56
N ARG D 136 43.56 -3.94 -18.57
CA ARG D 136 42.74 -4.33 -19.73
C ARG D 136 41.28 -3.85 -19.70
N SER D 137 40.49 -4.29 -18.72
CA SER D 137 39.05 -3.91 -18.63
C SER D 137 38.93 -2.73 -17.64
N LEU D 138 38.86 -3.04 -16.34
CA LEU D 138 39.16 -2.04 -15.32
C LEU D 138 40.66 -2.08 -15.09
N VAL D 139 41.17 -1.02 -14.48
CA VAL D 139 42.55 -0.94 -14.05
C VAL D 139 42.62 -1.22 -12.54
N LEU D 140 43.44 -2.19 -12.13
CA LEU D 140 43.64 -2.44 -10.71
C LEU D 140 45.01 -3.03 -10.40
N ALA D 141 45.41 -2.87 -9.14
CA ALA D 141 46.65 -3.41 -8.66
C ALA D 141 46.40 -4.32 -7.46
N ILE D 142 47.13 -5.43 -7.39
CA ILE D 142 47.12 -6.30 -6.25
C ILE D 142 48.51 -6.23 -5.65
N ALA D 143 48.60 -6.15 -4.33
CA ALA D 143 49.88 -6.05 -3.64
C ALA D 143 49.84 -6.67 -2.24
N ASP D 144 51.03 -6.92 -1.70
CA ASP D 144 51.21 -7.23 -0.28
C ASP D 144 51.96 -6.06 0.37
N GLY D 145 51.76 -5.89 1.67
CA GLY D 145 52.39 -4.80 2.39
C GLY D 145 52.67 -5.10 3.84
N THR D 146 53.66 -4.41 4.37
CA THR D 146 53.98 -4.46 5.79
C THR D 146 54.22 -3.04 6.31
N VAL D 147 53.79 -2.78 7.53
CA VAL D 147 54.06 -1.52 8.22
C VAL D 147 55.02 -1.83 9.36
N SER D 148 56.02 -0.97 9.53
CA SER D 148 57.02 -1.12 10.60
C SER D 148 57.17 0.20 11.34
N VAL D 149 57.54 0.13 12.61
CA VAL D 149 57.83 1.31 13.40
C VAL D 149 59.21 1.16 14.04
N ASP D 150 60.10 2.12 13.75
CA ASP D 150 61.47 2.10 14.29
C ASP D 150 62.14 0.73 14.22
N GLY D 151 61.99 0.06 13.07
CA GLY D 151 62.63 -1.21 12.81
C GLY D 151 61.79 -2.46 13.10
N ARG D 152 60.68 -2.30 13.84
CA ARG D 152 59.85 -3.43 14.27
C ARG D 152 58.62 -3.59 13.41
N GLU D 153 58.44 -4.78 12.83
CA GLU D 153 57.28 -5.06 12.00
C GLU D 153 56.07 -5.18 12.88
N ILE D 154 54.97 -4.56 12.47
CA ILE D 154 53.77 -4.52 13.32
C ILE D 154 52.46 -4.84 12.62
N TYR D 155 52.30 -4.41 11.36
CA TYR D 155 51.11 -4.75 10.57
C TYR D 155 51.49 -5.43 9.27
N SER D 156 50.60 -6.26 8.76
CA SER D 156 50.74 -6.82 7.42
C SER D 156 49.39 -6.94 6.73
N ALA D 157 49.40 -6.85 5.41
CA ALA D 157 48.21 -7.03 4.57
C ALA D 157 48.58 -7.81 3.32
N GLU D 158 47.85 -8.88 3.03
CA GLU D 158 48.07 -9.71 1.83
C GLU D 158 46.93 -9.41 0.83
N GLY D 159 47.29 -9.20 -0.45
CA GLY D 159 46.27 -9.05 -1.48
C GLY D 159 45.50 -7.74 -1.37
N LEU D 160 46.19 -6.66 -1.01
CA LEU D 160 45.65 -5.32 -1.10
C LEU D 160 45.23 -5.12 -2.54
N ARG D 161 44.03 -4.59 -2.73
CA ARG D 161 43.51 -4.27 -4.06
C ARG D 161 43.13 -2.79 -4.14
N VAL D 162 43.54 -2.13 -5.22
CA VAL D 162 43.11 -0.76 -5.51
C VAL D 162 42.77 -0.67 -6.99
N GLY D 163 41.69 0.05 -7.32
CA GLY D 163 41.25 0.20 -8.69
C GLY D 163 41.23 1.65 -9.12
N LEU D 164 41.32 1.88 -10.43
CA LEU D 164 41.17 3.22 -10.98
C LEU D 164 39.90 3.29 -11.81
N PHE D 165 39.16 4.38 -11.62
CA PHE D 165 37.89 4.61 -12.30
C PHE D 165 37.89 5.93 -13.03
N THR D 166 37.55 5.90 -14.32
CA THR D 166 37.40 7.11 -15.11
C THR D 166 35.99 7.69 -14.92
N SER D 167 35.13 6.90 -14.29
CA SER D 167 33.78 7.33 -13.94
C SER D 167 33.37 6.75 -12.58
N THR D 168 32.86 7.61 -11.70
CA THR D 168 32.31 7.17 -10.41
C THR D 168 30.96 7.80 -10.12
N ASP D 169 30.36 8.48 -11.10
CA ASP D 169 29.10 9.20 -10.89
C ASP D 169 27.87 8.45 -11.45
N SER D 170 28.08 7.21 -11.92
CA SER D 170 27.01 6.45 -12.58
C SER D 170 26.83 5.04 -12.01
N PHE D 171 27.06 4.88 -10.70
CA PHE D 171 26.79 3.61 -10.01
C PHE D 171 25.27 3.42 -9.81
N THR E 2 -20.11 45.85 32.34
CA THR E 2 -21.48 46.46 32.28
C THR E 2 -21.50 47.86 32.91
N LYS E 3 -20.44 48.20 33.66
CA LYS E 3 -20.38 49.48 34.38
C LYS E 3 -19.67 50.57 33.56
N GLN E 4 -18.54 50.25 32.96
CA GLN E 4 -17.81 51.21 32.12
C GLN E 4 -18.36 51.24 30.67
N HIS E 5 -18.66 52.43 30.16
CA HIS E 5 -19.40 52.58 28.91
C HIS E 5 -18.59 53.16 27.81
N ALA E 6 -17.32 53.46 28.06
CA ALA E 6 -16.42 53.98 27.03
C ALA E 6 -15.01 53.47 27.30
N PHE E 7 -14.24 53.26 26.24
CA PHE E 7 -12.87 52.72 26.36
C PHE E 7 -11.90 53.48 25.45
N THR E 8 -10.80 53.95 26.04
CA THR E 8 -9.74 54.61 25.29
C THR E 8 -8.88 53.59 24.55
N ARG E 9 -7.97 54.06 23.70
CA ARG E 9 -7.03 53.17 23.02
C ARG E 9 -6.15 52.40 24.00
N GLU E 10 -5.71 53.04 25.07
CA GLU E 10 -4.93 52.34 26.09
C GLU E 10 -5.71 51.21 26.75
N ASP E 11 -7.01 51.41 26.97
CA ASP E 11 -7.86 50.33 27.48
C ASP E 11 -7.88 49.18 26.48
N LEU E 12 -7.99 49.49 25.19
CA LEU E 12 -8.07 48.45 24.17
C LEU E 12 -6.73 47.73 24.04
N LEU E 13 -5.63 48.45 24.17
CA LEU E 13 -4.31 47.81 24.19
C LEU E 13 -4.17 46.90 25.42
N ARG E 14 -4.63 47.38 26.56
CA ARG E 14 -4.67 46.59 27.77
C ARG E 14 -5.49 45.29 27.54
N CYS E 15 -6.66 45.44 26.90
CA CYS E 15 -7.50 44.32 26.54
C CYS E 15 -6.75 43.30 25.67
N SER E 16 -5.97 43.80 24.71
CA SER E 16 -5.20 42.92 23.80
C SER E 16 -4.09 42.15 24.51
N ARG E 17 -3.60 42.68 25.63
CA ARG E 17 -2.60 41.95 26.45
C ARG E 17 -3.24 40.94 27.42
N GLY E 18 -4.57 40.85 27.45
CA GLY E 18 -5.29 39.96 28.37
C GLY E 18 -5.51 40.57 29.75
N GLU E 19 -5.31 41.88 29.86
CA GLU E 19 -5.28 42.57 31.14
C GLU E 19 -6.54 43.37 31.45
N LEU E 20 -7.50 43.41 30.54
CA LEU E 20 -8.79 44.06 30.84
C LEU E 20 -9.79 43.06 31.40
N PHE E 21 -9.93 41.89 30.76
CA PHE E 21 -10.86 40.86 31.22
C PHE E 21 -10.20 39.69 31.94
N GLY E 22 -8.87 39.63 31.89
CA GLY E 22 -8.12 38.64 32.66
C GLY E 22 -7.78 37.37 31.91
N PRO E 23 -6.99 36.49 32.55
CA PRO E 23 -6.52 35.23 31.93
C PRO E 23 -7.63 34.37 31.37
N GLY E 24 -7.42 33.86 30.16
CA GLY E 24 -8.39 32.96 29.53
C GLY E 24 -9.67 33.65 29.08
N ASN E 25 -9.71 34.98 29.13
CA ASN E 25 -10.88 35.73 28.70
C ASN E 25 -10.63 36.55 27.42
N ALA E 26 -11.68 37.15 26.90
CA ALA E 26 -11.64 37.80 25.58
C ALA E 26 -10.47 38.78 25.43
N GLN E 27 -9.80 38.69 24.29
CA GLN E 27 -8.74 39.63 23.92
C GLN E 27 -9.07 40.24 22.58
N LEU E 28 -8.94 41.56 22.46
CA LEU E 28 -8.85 42.19 21.14
C LEU E 28 -7.50 41.82 20.53
N PRO E 29 -7.38 41.89 19.19
CA PRO E 29 -6.06 41.72 18.60
C PRO E 29 -5.21 42.92 18.93
N ALA E 30 -3.89 42.75 18.92
CA ALA E 30 -2.97 43.91 19.03
C ALA E 30 -2.71 44.46 17.63
N PRO E 31 -2.05 45.60 17.56
CA PRO E 31 -1.68 46.06 16.24
C PRO E 31 -0.75 45.04 15.60
N ASN E 32 -0.80 44.85 14.29
CA ASN E 32 -1.57 45.67 13.35
C ASN E 32 -2.93 45.10 12.93
N MET E 33 -3.42 44.07 13.63
CA MET E 33 -4.73 43.49 13.32
C MET E 33 -5.85 44.26 14.03
N LEU E 34 -5.52 45.00 15.10
CA LEU E 34 -6.50 45.78 15.83
C LEU E 34 -7.06 46.87 14.91
N MET E 35 -8.36 46.87 14.71
CA MET E 35 -8.96 47.84 13.79
C MET E 35 -9.81 48.91 14.51
N ILE E 36 -9.57 49.06 15.80
CA ILE E 36 -10.34 49.97 16.67
C ILE E 36 -9.38 50.87 17.41
N ASP E 37 -9.64 52.17 17.40
CA ASP E 37 -8.87 53.12 18.22
C ASP E 37 -9.54 53.34 19.56
N ARG E 38 -10.87 53.38 19.57
CA ARG E 38 -11.61 53.60 20.81
C ARG E 38 -13.05 53.13 20.69
N ILE E 39 -13.64 52.77 21.83
CA ILE E 39 -15.07 52.48 21.91
C ILE E 39 -15.72 53.69 22.57
N VAL E 40 -16.49 54.45 21.79
CA VAL E 40 -17.11 55.69 22.23
C VAL E 40 -18.33 55.42 23.10
N HIS E 41 -19.02 54.32 22.81
CA HIS E 41 -20.18 53.92 23.61
C HIS E 41 -20.41 52.44 23.52
N ILE E 42 -20.70 51.84 24.67
CA ILE E 42 -21.10 50.43 24.71
C ILE E 42 -22.19 50.31 25.79
N SER E 43 -23.25 49.57 25.47
CA SER E 43 -24.41 49.43 26.35
C SER E 43 -25.08 48.09 26.09
N ASP E 44 -25.75 47.56 27.12
CA ASP E 44 -26.54 46.34 26.97
C ASP E 44 -28.01 46.63 26.75
N VAL E 45 -28.36 47.91 26.59
CA VAL E 45 -29.70 48.29 26.11
C VAL E 45 -29.58 49.11 24.83
N GLY E 46 -30.72 49.40 24.20
CA GLY E 46 -30.76 50.12 22.94
C GLY E 46 -30.29 49.24 21.79
N GLY E 47 -29.91 49.87 20.69
CA GLY E 47 -29.57 49.13 19.47
C GLY E 47 -30.82 48.72 18.75
N LYS E 48 -30.71 48.23 17.52
CA LYS E 48 -31.92 48.03 16.70
C LYS E 48 -32.79 46.87 17.17
N TYR E 49 -32.23 46.00 18.00
CA TYR E 49 -33.02 44.91 18.61
C TYR E 49 -33.31 45.12 20.07
N GLY E 50 -32.87 46.25 20.62
CA GLY E 50 -33.10 46.56 22.04
C GLY E 50 -32.31 45.66 22.98
N LYS E 51 -31.23 45.06 22.49
CA LYS E 51 -30.43 44.15 23.29
C LYS E 51 -28.96 44.58 23.40
N GLY E 52 -28.70 45.86 23.18
CA GLY E 52 -27.37 46.41 23.29
C GLY E 52 -26.81 46.89 21.96
N GLU E 53 -25.80 47.76 22.06
CA GLU E 53 -25.10 48.28 20.91
C GLU E 53 -23.74 48.88 21.28
N LEU E 54 -22.87 49.00 20.29
CA LEU E 54 -21.60 49.67 20.43
C LEU E 54 -21.48 50.71 19.33
N VAL E 55 -20.84 51.83 19.66
CA VAL E 55 -20.29 52.75 18.68
C VAL E 55 -18.78 52.84 18.94
N ALA E 56 -18.00 52.63 17.89
CA ALA E 56 -16.53 52.62 17.99
C ALA E 56 -15.94 53.39 16.83
N GLU E 57 -14.67 53.78 16.95
CA GLU E 57 -14.01 54.59 15.96
C GLU E 57 -12.60 54.09 15.64
N LEU E 58 -12.17 54.32 14.40
CA LEU E 58 -10.78 54.14 13.97
C LEU E 58 -10.36 55.39 13.21
N ASP E 59 -9.34 56.07 13.70
CA ASP E 59 -8.81 57.26 13.01
C ASP E 59 -8.03 56.82 11.78
N ILE E 60 -8.23 57.54 10.67
CA ILE E 60 -7.55 57.27 9.42
C ILE E 60 -6.49 58.33 9.18
N ASN E 61 -5.31 57.89 8.74
CA ASN E 61 -4.30 58.78 8.21
C ASN E 61 -3.62 58.05 7.06
N PRO E 62 -2.91 58.78 6.18
CA PRO E 62 -2.38 58.13 4.97
C PRO E 62 -1.29 57.08 5.18
N ASP E 63 -0.77 56.96 6.41
CA ASP E 63 0.37 56.08 6.69
C ASP E 63 0.00 54.75 7.31
N LEU E 64 -1.29 54.53 7.54
CA LEU E 64 -1.76 53.22 8.00
C LEU E 64 -1.25 52.15 7.04
N TRP E 65 -0.72 51.08 7.61
CA TRP E 65 0.09 50.08 6.88
C TRP E 65 -0.62 49.49 5.68
N PHE E 66 -1.94 49.30 5.78
CA PHE E 66 -2.67 48.61 4.73
C PHE E 66 -2.83 49.42 3.43
N PHE E 67 -2.67 50.74 3.50
CA PHE E 67 -2.80 51.56 2.28
C PHE E 67 -1.68 51.31 1.25
N ALA E 68 -0.46 51.13 1.71
CA ALA E 68 0.67 50.92 0.81
C ALA E 68 0.59 49.60 0.01
N CYS E 69 0.02 48.57 0.61
CA CYS E 69 0.00 47.24 -0.03
C CYS E 69 -1.37 46.80 -0.58
N HIS E 70 -2.41 47.60 -0.34
CA HIS E 70 -3.75 47.28 -0.77
C HIS E 70 -4.42 48.50 -1.35
N PHE E 71 -4.16 48.87 -2.61
CA PHE E 71 -3.20 48.20 -3.51
C PHE E 71 -2.13 49.20 -3.92
N GLU E 72 -0.98 48.70 -4.38
CA GLU E 72 0.08 49.58 -4.87
C GLU E 72 -0.46 50.51 -5.96
N GLY E 73 -0.34 51.81 -5.75
CA GLY E 73 -0.82 52.81 -6.69
C GLY E 73 -2.33 53.03 -6.66
N ASP E 74 -3.02 52.39 -5.72
CA ASP E 74 -4.48 52.45 -5.65
C ASP E 74 -4.90 52.11 -4.21
N PRO E 75 -4.57 52.99 -3.26
CA PRO E 75 -4.82 52.68 -1.86
C PRO E 75 -6.31 52.72 -1.46
N VAL E 76 -6.75 51.68 -0.74
CA VAL E 76 -8.11 51.61 -0.20
C VAL E 76 -8.14 50.63 0.98
N MET E 77 -8.80 50.98 2.07
CA MET E 77 -8.84 50.08 3.22
C MET E 77 -9.48 48.78 2.82
N PRO E 78 -8.83 47.65 3.16
CA PRO E 78 -9.47 46.35 2.88
C PRO E 78 -10.78 46.18 3.64
N GLY E 79 -11.85 45.85 2.92
CA GLY E 79 -13.13 45.61 3.54
C GLY E 79 -13.06 44.49 4.57
N CYS E 80 -12.22 43.49 4.31
CA CYS E 80 -12.07 42.42 5.25
C CYS E 80 -11.63 42.93 6.63
N LEU E 81 -10.86 44.00 6.68
CA LEU E 81 -10.44 44.55 7.98
C LEU E 81 -11.57 45.32 8.66
N GLY E 82 -12.40 46.01 7.87
CA GLY E 82 -13.58 46.68 8.40
C GLY E 82 -14.52 45.63 8.97
N LEU E 83 -14.67 44.54 8.23
CA LEU E 83 -15.48 43.42 8.67
C LEU E 83 -14.91 42.85 9.97
N ASP E 84 -13.59 42.68 10.03
CA ASP E 84 -12.98 42.16 11.26
C ASP E 84 -13.16 43.08 12.46
N ALA E 85 -13.12 44.39 12.23
CA ALA E 85 -13.44 45.38 13.30
C ALA E 85 -14.75 45.04 13.97
N MET E 86 -15.74 44.65 13.17
CA MET E 86 -17.04 44.27 13.69
C MET E 86 -16.98 43.00 14.54
N TRP E 87 -16.27 41.98 14.07
CA TRP E 87 -16.07 40.75 14.87
C TRP E 87 -15.29 41.05 16.12
N GLN E 88 -14.29 41.91 16.01
CA GLN E 88 -13.52 42.32 17.19
C GLN E 88 -14.45 42.94 18.24
N LEU E 89 -15.32 43.84 17.79
CA LEU E 89 -16.24 44.53 18.69
C LEU E 89 -17.26 43.56 19.31
N VAL E 90 -17.75 42.60 18.54
CA VAL E 90 -18.71 41.63 19.08
C VAL E 90 -18.03 40.75 20.14
N GLY E 91 -16.80 40.31 19.88
CA GLY E 91 -16.03 39.57 20.88
C GLY E 91 -15.79 40.40 22.14
N PHE E 92 -15.44 41.68 21.97
CA PHE E 92 -15.28 42.59 23.12
C PHE E 92 -16.55 42.67 23.95
N TYR E 93 -17.69 42.78 23.28
CA TYR E 93 -18.99 42.85 23.97
C TYR E 93 -19.21 41.63 24.87
N LEU E 94 -18.95 40.45 24.34
CA LEU E 94 -19.10 39.21 25.12
C LEU E 94 -18.26 39.27 26.38
N GLY E 95 -17.03 39.74 26.24
CA GLY E 95 -16.14 39.88 27.41
C GLY E 95 -16.62 40.92 28.39
N TRP E 96 -17.05 42.03 27.86
CA TRP E 96 -17.60 43.14 28.65
C TRP E 96 -18.81 42.72 29.44
N GLN E 97 -19.60 41.81 28.89
CA GLN E 97 -20.76 41.25 29.60
C GLN E 97 -20.39 40.37 30.79
N GLY E 98 -19.15 39.93 30.85
CA GLY E 98 -18.66 39.08 31.95
C GLY E 98 -18.63 37.59 31.63
N ASN E 99 -18.65 37.24 30.35
CA ASN E 99 -18.54 35.84 29.94
C ASN E 99 -17.08 35.44 29.92
N PRO E 100 -16.78 34.21 30.37
CA PRO E 100 -15.41 33.70 30.31
C PRO E 100 -15.12 33.09 28.96
N GLY E 101 -13.85 33.02 28.62
CA GLY E 101 -13.41 32.36 27.40
C GLY E 101 -12.75 33.28 26.38
N ARG E 102 -11.99 32.68 25.47
CA ARG E 102 -11.32 33.42 24.41
C ARG E 102 -12.18 33.45 23.14
N GLY E 103 -12.07 34.54 22.39
CA GLY E 103 -12.90 34.79 21.21
C GLY E 103 -12.43 34.14 19.91
N ARG E 104 -13.40 33.67 19.14
CA ARG E 104 -13.20 33.23 17.77
C ARG E 104 -14.39 33.70 16.95
N ALA E 105 -14.12 34.41 15.87
CA ALA E 105 -15.12 34.77 14.89
C ALA E 105 -15.73 33.45 14.33
N LEU E 106 -17.05 33.36 14.26
CA LEU E 106 -17.72 32.13 13.71
C LEU E 106 -18.26 32.36 12.29
N GLY E 107 -18.47 33.62 11.92
CA GLY E 107 -18.77 33.97 10.56
C GLY E 107 -19.81 35.07 10.46
N SER E 108 -20.59 35.04 9.37
CA SER E 108 -21.54 36.07 9.14
C SER E 108 -22.63 35.63 8.20
N GLY E 109 -23.74 36.34 8.29
CA GLY E 109 -24.89 36.11 7.42
C GLY E 109 -24.75 36.67 6.02
N GLU E 110 -24.76 37.99 5.89
CA GLU E 110 -24.50 38.66 4.63
C GLU E 110 -23.56 39.83 4.86
N VAL E 111 -22.53 39.95 4.04
CA VAL E 111 -21.59 41.06 4.10
C VAL E 111 -21.69 41.82 2.78
N LYS E 112 -21.72 43.15 2.87
CA LYS E 112 -21.76 44.02 1.71
C LYS E 112 -20.71 45.13 1.86
N PHE E 113 -19.93 45.36 0.81
CA PHE E 113 -19.06 46.53 0.71
C PHE E 113 -19.59 47.37 -0.47
N PHE E 114 -19.86 48.64 -0.21
CA PHE E 114 -20.45 49.51 -1.22
C PHE E 114 -19.90 50.94 -1.10
N GLY E 115 -18.67 51.07 -0.65
CA GLY E 115 -18.04 52.37 -0.49
C GLY E 115 -16.58 52.19 -0.05
N GLN E 116 -15.78 53.25 -0.21
CA GLN E 116 -14.35 53.21 -0.01
C GLN E 116 -13.89 54.01 1.20
N VAL E 117 -12.88 53.50 1.91
CA VAL E 117 -12.10 54.31 2.82
C VAL E 117 -10.78 54.62 2.12
N LEU E 118 -10.63 55.88 1.70
CA LEU E 118 -9.40 56.34 1.06
C LEU E 118 -8.43 56.89 2.11
N PRO E 119 -7.13 56.99 1.78
CA PRO E 119 -6.18 57.57 2.75
C PRO E 119 -6.39 59.04 3.12
N THR E 120 -7.25 59.74 2.39
CA THR E 120 -7.61 61.13 2.71
C THR E 120 -8.75 61.21 3.72
N ALA E 121 -9.34 60.06 4.08
CA ALA E 121 -10.43 60.02 5.06
C ALA E 121 -9.90 60.39 6.46
N LYS E 122 -10.81 60.82 7.33
CA LYS E 122 -10.43 61.22 8.69
C LYS E 122 -10.78 60.17 9.74
N LYS E 123 -12.00 59.63 9.69
CA LYS E 123 -12.49 58.76 10.76
C LYS E 123 -13.52 57.73 10.32
N VAL E 124 -13.24 56.46 10.61
CA VAL E 124 -14.20 55.35 10.39
C VAL E 124 -14.95 55.09 11.70
N THR E 125 -16.26 54.97 11.61
CA THR E 125 -17.11 54.71 12.77
C THR E 125 -17.83 53.40 12.59
N TYR E 126 -17.79 52.55 13.62
CA TYR E 126 -18.48 51.26 13.59
C TYR E 126 -19.73 51.35 14.47
N ASN E 127 -20.85 50.83 13.97
CA ASN E 127 -22.06 50.63 14.79
C ASN E 127 -22.34 49.15 14.84
N ILE E 128 -22.52 48.62 16.06
CA ILE E 128 -22.83 47.21 16.24
C ILE E 128 -24.15 47.07 17.00
N HIS E 129 -25.05 46.23 16.50
CA HIS E 129 -26.35 46.01 17.15
C HIS E 129 -26.43 44.59 17.58
N ILE E 130 -26.43 44.39 18.90
CA ILE E 130 -26.50 43.04 19.44
C ILE E 130 -27.90 42.47 19.18
N LYS E 131 -27.94 41.30 18.56
CA LYS E 131 -29.21 40.63 18.21
C LYS E 131 -29.61 39.55 19.19
N ARG E 132 -28.62 38.83 19.70
CA ARG E 132 -28.86 37.73 20.59
C ARG E 132 -27.56 37.29 21.23
N THR E 133 -27.61 36.93 22.50
CA THR E 133 -26.50 36.25 23.15
C THR E 133 -26.96 34.92 23.77
N ILE E 134 -26.13 33.90 23.64
CA ILE E 134 -26.36 32.62 24.31
C ILE E 134 -25.27 32.42 25.37
N ASN E 135 -25.68 32.14 26.60
CA ASN E 135 -24.75 31.81 27.69
C ASN E 135 -24.93 30.37 28.20
N LEU E 138 -22.30 26.43 24.58
CA LEU E 138 -21.28 27.40 24.23
C LEU E 138 -21.82 28.82 24.44
N VAL E 139 -20.89 29.77 24.52
CA VAL E 139 -21.21 31.17 24.59
C VAL E 139 -21.00 31.81 23.22
N LEU E 140 -22.03 32.49 22.71
CA LEU E 140 -21.88 33.23 21.46
C LEU E 140 -22.80 34.41 21.35
N ALA E 141 -22.42 35.34 20.47
CA ALA E 141 -23.25 36.50 20.19
C ALA E 141 -23.55 36.55 18.70
N ILE E 142 -24.75 36.99 18.38
CA ILE E 142 -25.15 37.31 17.02
C ILE E 142 -25.41 38.82 17.00
N ALA E 143 -24.96 39.48 15.94
CA ALA E 143 -25.13 40.92 15.81
C ALA E 143 -25.18 41.35 14.35
N ASP E 144 -25.65 42.58 14.15
CA ASP E 144 -25.59 43.25 12.85
C ASP E 144 -24.65 44.43 13.02
N GLY E 145 -24.03 44.85 11.92
CA GLY E 145 -23.08 45.94 11.98
C GLY E 145 -23.01 46.76 10.71
N THR E 146 -22.62 48.03 10.86
CA THR E 146 -22.34 48.91 9.75
C THR E 146 -21.03 49.65 9.99
N VAL E 147 -20.25 49.85 8.93
CA VAL E 147 -19.06 50.69 8.98
C VAL E 147 -19.38 51.94 8.19
N SER E 148 -18.94 53.08 8.72
CA SER E 148 -19.08 54.36 8.06
C SER E 148 -17.75 55.09 8.03
N VAL E 149 -17.58 55.94 7.04
CA VAL E 149 -16.40 56.81 6.96
C VAL E 149 -16.84 58.27 6.79
N ASP E 150 -16.41 59.12 7.72
CA ASP E 150 -16.77 60.55 7.69
C ASP E 150 -18.26 60.80 7.37
N GLY E 151 -19.13 60.02 7.99
CA GLY E 151 -20.58 60.18 7.87
C GLY E 151 -21.26 59.27 6.87
N ARG E 152 -20.46 58.68 5.95
CA ARG E 152 -21.02 57.91 4.84
C ARG E 152 -20.95 56.43 5.12
N GLU E 153 -22.10 55.77 5.05
CA GLU E 153 -22.17 54.32 5.24
C GLU E 153 -21.50 53.62 4.08
N ILE E 154 -20.67 52.64 4.37
CA ILE E 154 -19.92 51.97 3.29
C ILE E 154 -19.90 50.44 3.34
N TYR E 155 -19.88 49.86 4.55
CA TYR E 155 -20.01 48.39 4.69
C TYR E 155 -21.19 48.03 5.59
N SER E 156 -21.72 46.83 5.40
CA SER E 156 -22.68 46.24 6.34
C SER E 156 -22.48 44.72 6.47
N ALA E 157 -22.81 44.19 7.65
CA ALA E 157 -22.80 42.76 7.90
C ALA E 157 -24.02 42.37 8.74
N GLU E 158 -24.75 41.34 8.31
CA GLU E 158 -25.94 40.83 9.04
C GLU E 158 -25.58 39.49 9.65
N GLY E 159 -25.90 39.30 10.92
CA GLY E 159 -25.71 38.01 11.54
C GLY E 159 -24.25 37.68 11.77
N LEU E 160 -23.46 38.68 12.16
CA LEU E 160 -22.12 38.44 12.67
C LEU E 160 -22.23 37.50 13.84
N ARG E 161 -21.37 36.49 13.89
CA ARG E 161 -21.34 35.53 14.98
C ARG E 161 -19.93 35.47 15.57
N VAL E 162 -19.86 35.49 16.89
CA VAL E 162 -18.60 35.32 17.61
C VAL E 162 -18.85 34.42 18.79
N GLY E 163 -17.92 33.51 19.04
CA GLY E 163 -18.04 32.57 20.15
C GLY E 163 -16.90 32.70 21.14
N LEU E 164 -17.14 32.27 22.38
CA LEU E 164 -16.10 32.22 23.40
C LEU E 164 -15.83 30.78 23.76
N PHE E 165 -14.53 30.45 23.85
CA PHE E 165 -14.07 29.09 24.15
C PHE E 165 -13.14 29.10 25.36
N THR E 166 -13.44 28.25 26.33
CA THR E 166 -12.56 28.06 27.48
C THR E 166 -11.46 27.06 27.13
N SER E 167 -11.63 26.40 25.98
CA SER E 167 -10.64 25.45 25.47
C SER E 167 -10.58 25.56 23.94
N THR E 168 -9.36 25.70 23.42
CA THR E 168 -9.13 25.65 21.97
C THR E 168 -7.98 24.72 21.60
N ASP E 169 -7.48 23.92 22.55
CA ASP E 169 -6.31 23.05 22.31
C ASP E 169 -6.68 21.58 22.08
N SER E 170 -7.98 21.28 22.00
CA SER E 170 -8.47 19.90 21.89
C SER E 170 -9.44 19.68 20.73
N PHE E 171 -9.23 20.41 19.62
CA PHE E 171 -10.00 20.18 18.39
C PHE E 171 -9.54 18.90 17.69
N THR F 2 -6.31 33.13 -19.78
CA THR F 2 -7.00 31.84 -20.05
C THR F 2 -6.00 30.77 -20.51
N LYS F 3 -4.77 31.18 -20.83
CA LYS F 3 -3.77 30.25 -21.35
C LYS F 3 -2.87 29.69 -20.24
N GLN F 4 -2.42 30.54 -19.32
CA GLN F 4 -1.58 30.07 -18.21
C GLN F 4 -2.45 29.57 -17.05
N HIS F 5 -2.15 28.39 -16.54
CA HIS F 5 -3.01 27.70 -15.57
C HIS F 5 -2.43 27.57 -14.20
N ALA F 6 -1.23 28.08 -14.00
CA ALA F 6 -0.59 28.06 -12.69
C ALA F 6 0.26 29.32 -12.54
N PHE F 7 0.39 29.82 -11.30
CA PHE F 7 1.14 31.04 -11.02
C PHE F 7 2.01 30.90 -9.77
N THR F 8 3.29 31.23 -9.91
CA THR F 8 4.23 31.17 -8.79
C THR F 8 4.04 32.40 -7.93
N ARG F 9 4.71 32.43 -6.77
CA ARG F 9 4.69 33.62 -5.93
C ARG F 9 5.21 34.87 -6.66
N GLU F 10 6.27 34.71 -7.45
CA GLU F 10 6.80 35.85 -8.21
C GLU F 10 5.79 36.40 -9.19
N ASP F 11 5.00 35.52 -9.81
CA ASP F 11 3.91 35.97 -10.67
C ASP F 11 2.90 36.79 -9.87
N LEU F 12 2.57 36.33 -8.67
CA LEU F 12 1.60 37.02 -7.84
C LEU F 12 2.15 38.36 -7.33
N LEU F 13 3.44 38.40 -7.02
CA LEU F 13 4.08 39.68 -6.67
C LEU F 13 4.04 40.62 -7.86
N ARG F 14 4.34 40.08 -9.04
CA ARG F 14 4.28 40.87 -10.27
C ARG F 14 2.86 41.43 -10.44
N CYS F 15 1.86 40.58 -10.23
CA CYS F 15 0.46 41.00 -10.28
C CYS F 15 0.17 42.14 -9.33
N SER F 16 0.72 42.08 -8.12
CA SER F 16 0.51 43.12 -7.10
C SER F 16 1.14 44.48 -7.48
N ARG F 17 2.17 44.45 -8.31
CA ARG F 17 2.76 45.68 -8.81
C ARG F 17 2.03 46.27 -10.03
N GLY F 18 1.00 45.58 -10.51
CA GLY F 18 0.26 46.01 -11.70
C GLY F 18 0.90 45.55 -13.01
N GLU F 19 1.83 44.60 -12.91
CA GLU F 19 2.67 44.19 -14.04
C GLU F 19 2.28 42.87 -14.67
N LEU F 20 1.27 42.22 -14.13
CA LEU F 20 0.79 41.01 -14.78
C LEU F 20 -0.33 41.36 -15.77
N PHE F 21 -1.32 42.13 -15.32
CA PHE F 21 -2.48 42.45 -16.14
C PHE F 21 -2.43 43.88 -16.71
N GLY F 22 -1.48 44.67 -16.22
CA GLY F 22 -1.22 45.99 -16.77
C GLY F 22 -1.94 47.14 -16.07
N PRO F 23 -1.66 48.37 -16.49
CA PRO F 23 -2.23 49.59 -15.89
C PRO F 23 -3.75 49.58 -15.84
N GLY F 24 -4.30 49.98 -14.70
CA GLY F 24 -5.74 50.07 -14.53
C GLY F 24 -6.44 48.73 -14.41
N ASN F 25 -5.69 47.63 -14.32
CA ASN F 25 -6.28 46.30 -14.29
C ASN F 25 -6.03 45.61 -12.95
N ALA F 26 -6.63 44.44 -12.77
CA ALA F 26 -6.68 43.79 -11.45
C ALA F 26 -5.29 43.66 -10.80
N GLN F 27 -5.22 43.99 -9.51
CA GLN F 27 -4.01 43.81 -8.72
C GLN F 27 -4.33 42.99 -7.50
N LEU F 28 -3.52 42.00 -7.22
CA LEU F 28 -3.54 41.36 -5.92
C LEU F 28 -2.94 42.37 -4.93
N PRO F 29 -3.27 42.23 -3.63
CA PRO F 29 -2.55 43.04 -2.65
C PRO F 29 -1.12 42.59 -2.55
N ALA F 30 -0.22 43.48 -2.13
CA ALA F 30 1.15 43.11 -1.81
C ALA F 30 1.22 42.62 -0.36
N PRO F 31 2.36 42.02 0.03
CA PRO F 31 2.48 41.74 1.46
C PRO F 31 2.41 43.04 2.25
N ASN F 32 1.82 43.03 3.45
CA ASN F 32 1.40 41.84 4.17
C ASN F 32 -0.09 41.48 4.05
N MET F 33 -0.82 42.09 3.10
CA MET F 33 -2.24 41.75 2.90
C MET F 33 -2.41 40.58 1.95
N LEU F 34 -1.39 40.31 1.14
CA LEU F 34 -1.46 39.17 0.20
C LEU F 34 -1.55 37.88 0.98
N MET F 35 -2.60 37.10 0.75
CA MET F 35 -2.81 35.86 1.52
C MET F 35 -2.62 34.59 0.69
N ILE F 36 -1.90 34.75 -0.44
CA ILE F 36 -1.69 33.66 -1.39
C ILE F 36 -0.19 33.55 -1.69
N ASP F 37 0.35 32.36 -1.64
CA ASP F 37 1.72 32.13 -2.04
C ASP F 37 1.78 31.70 -3.49
N ARG F 38 0.81 30.91 -3.92
CA ARG F 38 0.79 30.43 -5.30
C ARG F 38 -0.60 29.94 -5.71
N ILE F 39 -0.89 30.03 -7.00
CA ILE F 39 -2.08 29.46 -7.59
C ILE F 39 -1.67 28.18 -8.29
N VAL F 40 -2.05 27.06 -7.72
CA VAL F 40 -1.66 25.73 -8.20
C VAL F 40 -2.45 25.35 -9.45
N HIS F 41 -3.69 25.82 -9.53
CA HIS F 41 -4.52 25.56 -10.68
C HIS F 41 -5.62 26.59 -10.84
N ILE F 42 -5.81 27.03 -12.07
CA ILE F 42 -6.90 27.95 -12.39
C ILE F 42 -7.42 27.56 -13.77
N SER F 43 -8.75 27.52 -13.89
CA SER F 43 -9.41 27.06 -15.11
C SER F 43 -10.77 27.71 -15.24
N ASP F 44 -11.24 27.90 -16.47
CA ASP F 44 -12.57 28.41 -16.70
C ASP F 44 -13.60 27.29 -16.90
N VAL F 45 -13.17 26.03 -16.74
CA VAL F 45 -14.11 24.90 -16.68
C VAL F 45 -13.97 24.16 -15.37
N GLY F 46 -14.85 23.19 -15.14
CA GLY F 46 -14.89 22.45 -13.88
C GLY F 46 -15.43 23.29 -12.76
N GLY F 47 -15.13 22.89 -11.53
CA GLY F 47 -15.68 23.55 -10.35
C GLY F 47 -17.09 23.07 -10.11
N LYS F 48 -17.68 23.40 -8.95
CA LYS F 48 -18.96 22.79 -8.62
C LYS F 48 -20.13 23.29 -9.49
N TYR F 49 -19.95 24.41 -10.19
CA TYR F 49 -20.98 24.89 -11.12
C TYR F 49 -20.62 24.68 -12.58
N GLY F 50 -19.46 24.06 -12.83
CA GLY F 50 -18.96 23.88 -14.18
C GLY F 50 -18.59 25.17 -14.91
N LYS F 51 -18.28 26.23 -14.15
CA LYS F 51 -17.95 27.52 -14.76
C LYS F 51 -16.59 28.03 -14.33
N GLY F 52 -15.74 27.12 -13.89
CA GLY F 52 -14.37 27.45 -13.50
C GLY F 52 -14.09 27.25 -12.04
N GLU F 53 -12.80 27.14 -11.72
CA GLU F 53 -12.34 26.99 -10.34
C GLU F 53 -10.86 27.33 -10.21
N LEU F 54 -10.47 27.65 -8.97
CA LEU F 54 -9.07 27.86 -8.62
C LEU F 54 -8.74 26.98 -7.43
N VAL F 55 -7.50 26.49 -7.42
CA VAL F 55 -6.90 25.93 -6.21
C VAL F 55 -5.66 26.76 -5.95
N ALA F 56 -5.53 27.27 -4.73
CA ALA F 56 -4.40 28.12 -4.35
C ALA F 56 -3.90 27.72 -2.98
N GLU F 57 -2.69 28.14 -2.65
CA GLU F 57 -2.04 27.73 -1.41
C GLU F 57 -1.39 28.91 -0.70
N LEU F 58 -1.33 28.83 0.62
CA LEU F 58 -0.52 29.72 1.45
C LEU F 58 0.28 28.84 2.42
N ASP F 59 1.61 28.94 2.36
CA ASP F 59 2.45 28.23 3.33
C ASP F 59 2.38 28.91 4.68
N ILE F 60 2.29 28.11 5.74
CA ILE F 60 2.23 28.61 7.09
C ILE F 60 3.59 28.33 7.76
N ASN F 61 4.06 29.31 8.51
CA ASN F 61 5.16 29.13 9.43
C ASN F 61 4.87 29.98 10.67
N PRO F 62 5.55 29.70 11.79
CA PRO F 62 5.18 30.40 13.04
C PRO F 62 5.46 31.92 13.07
N ASP F 63 6.19 32.44 12.08
CA ASP F 63 6.63 33.84 12.09
C ASP F 63 5.75 34.78 11.28
N LEU F 64 4.72 34.23 10.62
CA LEU F 64 3.78 35.07 9.88
C LEU F 64 3.24 36.13 10.84
N TRP F 65 3.21 37.38 10.36
CA TRP F 65 3.00 38.55 11.21
C TRP F 65 1.75 38.51 12.05
N PHE F 66 0.68 37.92 11.53
CA PHE F 66 -0.62 37.93 12.22
C PHE F 66 -0.70 37.05 13.44
N PHE F 67 0.20 36.07 13.57
CA PHE F 67 0.21 35.22 14.75
C PHE F 67 0.57 35.95 16.04
N ALA F 68 1.56 36.83 16.00
CA ALA F 68 2.00 37.55 17.21
C ALA F 68 0.91 38.49 17.80
N CYS F 69 0.08 39.06 16.94
CA CYS F 69 -0.90 40.07 17.39
C CYS F 69 -2.36 39.56 17.47
N HIS F 70 -2.60 38.35 16.97
CA HIS F 70 -3.96 37.79 16.89
C HIS F 70 -3.97 36.36 17.34
N PHE F 71 -3.95 36.09 18.65
CA PHE F 71 -3.89 37.08 19.73
C PHE F 71 -2.65 36.82 20.58
N GLU F 72 -2.21 37.84 21.32
CA GLU F 72 -1.06 37.69 22.20
C GLU F 72 -1.29 36.52 23.15
N GLY F 73 -0.37 35.55 23.13
CA GLY F 73 -0.47 34.35 23.96
C GLY F 73 -1.47 33.31 23.46
N ASP F 74 -2.05 33.54 22.29
CA ASP F 74 -3.10 32.67 21.76
C ASP F 74 -3.15 32.87 20.23
N PRO F 75 -2.09 32.46 19.54
CA PRO F 75 -1.99 32.69 18.09
C PRO F 75 -2.96 31.85 17.25
N VAL F 76 -3.67 32.51 16.33
CA VAL F 76 -4.57 31.85 15.38
C VAL F 76 -4.77 32.75 14.17
N MET F 77 -4.71 32.19 12.96
CA MET F 77 -4.87 33.03 11.76
C MET F 77 -6.25 33.68 11.80
N PRO F 78 -6.30 35.00 11.58
CA PRO F 78 -7.61 35.64 11.48
C PRO F 78 -8.44 35.12 10.30
N GLY F 79 -9.66 34.70 10.60
CA GLY F 79 -10.56 34.21 9.57
C GLY F 79 -10.83 35.27 8.52
N CYS F 80 -10.85 36.53 8.92
CA CYS F 80 -11.03 37.60 7.95
C CYS F 80 -9.94 37.59 6.85
N LEU F 81 -8.73 37.15 7.18
CA LEU F 81 -7.68 37.06 6.17
C LEU F 81 -7.85 35.84 5.25
N GLY F 82 -8.35 34.73 5.79
CA GLY F 82 -8.68 33.58 4.96
C GLY F 82 -9.82 33.92 4.02
N LEU F 83 -10.80 34.64 4.54
CA LEU F 83 -11.91 35.15 3.74
C LEU F 83 -11.37 36.09 2.65
N ASP F 84 -10.46 37.00 3.00
CA ASP F 84 -9.87 37.90 1.98
C ASP F 84 -9.10 37.18 0.90
N ALA F 85 -8.40 36.12 1.26
CA ALA F 85 -7.72 35.28 0.28
C ALA F 85 -8.68 34.86 -0.82
N MET F 86 -9.90 34.49 -0.43
CA MET F 86 -10.93 34.11 -1.40
C MET F 86 -11.33 35.27 -2.31
N TRP F 87 -11.58 36.46 -1.74
CA TRP F 87 -11.84 37.65 -2.54
C TRP F 87 -10.66 38.00 -3.44
N GLN F 88 -9.46 37.87 -2.93
CA GLN F 88 -8.26 38.09 -3.74
C GLN F 88 -8.25 37.16 -4.94
N LEU F 89 -8.53 35.89 -4.72
CA LEU F 89 -8.56 34.92 -5.79
C LEU F 89 -9.67 35.19 -6.83
N VAL F 90 -10.85 35.60 -6.37
CA VAL F 90 -11.96 35.88 -7.29
C VAL F 90 -11.63 37.10 -8.15
N GLY F 91 -11.02 38.11 -7.54
CA GLY F 91 -10.52 39.27 -8.31
C GLY F 91 -9.46 38.88 -9.33
N PHE F 92 -8.54 38.03 -8.94
CA PHE F 92 -7.52 37.57 -9.86
C PHE F 92 -8.16 36.87 -11.05
N TYR F 93 -9.16 36.02 -10.78
CA TYR F 93 -9.84 35.29 -11.83
C TYR F 93 -10.42 36.25 -12.88
N LEU F 94 -11.09 37.31 -12.43
CA LEU F 94 -11.66 38.29 -13.34
C LEU F 94 -10.58 38.90 -14.24
N GLY F 95 -9.42 39.22 -13.67
CA GLY F 95 -8.30 39.74 -14.44
C GLY F 95 -7.75 38.70 -15.42
N TRP F 96 -7.61 37.49 -14.94
CA TRP F 96 -7.11 36.40 -15.75
C TRP F 96 -7.99 36.14 -16.93
N GLN F 97 -9.30 36.36 -16.76
CA GLN F 97 -10.26 36.18 -17.86
C GLN F 97 -10.11 37.23 -18.95
N GLY F 98 -9.39 38.32 -18.65
CA GLY F 98 -9.14 39.37 -19.63
C GLY F 98 -10.04 40.57 -19.48
N ASN F 99 -10.70 40.71 -18.33
CA ASN F 99 -11.50 41.89 -18.08
C ASN F 99 -10.63 43.04 -17.62
N PRO F 100 -10.92 44.25 -18.09
CA PRO F 100 -10.24 45.44 -17.58
C PRO F 100 -10.83 45.94 -16.26
N GLY F 101 -10.06 46.73 -15.53
CA GLY F 101 -10.53 47.41 -14.32
C GLY F 101 -9.83 46.93 -13.06
N ARG F 102 -9.93 47.74 -12.02
CA ARG F 102 -9.36 47.41 -10.72
C ARG F 102 -10.42 46.73 -9.83
N GLY F 103 -9.95 45.83 -8.98
CA GLY F 103 -10.80 45.04 -8.10
C GLY F 103 -11.27 45.71 -6.82
N ARG F 104 -12.53 45.43 -6.47
CA ARG F 104 -13.06 45.74 -5.16
C ARG F 104 -13.93 44.57 -4.74
N ALA F 105 -13.67 44.04 -3.54
CA ALA F 105 -14.55 43.09 -2.92
C ALA F 105 -15.92 43.74 -2.75
N LEU F 106 -16.99 43.03 -3.10
CA LEU F 106 -18.36 43.58 -2.93
C LEU F 106 -19.09 42.95 -1.74
N GLY F 107 -18.66 41.77 -1.34
CA GLY F 107 -19.16 41.14 -0.12
C GLY F 107 -19.33 39.65 -0.23
N SER F 108 -20.28 39.13 0.52
CA SER F 108 -20.50 37.70 0.52
C SER F 108 -21.89 37.35 0.97
N GLY F 109 -22.30 36.15 0.58
CA GLY F 109 -23.55 35.57 1.02
C GLY F 109 -23.39 35.15 2.45
N GLU F 110 -22.88 33.95 2.72
CA GLU F 110 -22.74 33.42 4.08
C GLU F 110 -21.29 33.02 4.32
N VAL F 111 -20.73 33.43 5.45
CA VAL F 111 -19.36 33.07 5.80
C VAL F 111 -19.42 32.25 7.10
N LYS F 112 -18.63 31.17 7.14
CA LYS F 112 -18.53 30.31 8.31
C LYS F 112 -17.07 30.03 8.61
N PHE F 113 -16.69 30.20 9.88
CA PHE F 113 -15.40 29.76 10.39
C PHE F 113 -15.67 28.67 11.43
N PHE F 114 -15.06 27.50 11.24
CA PHE F 114 -15.32 26.36 12.09
C PHE F 114 -14.09 25.51 12.32
N GLY F 115 -12.93 26.16 12.29
CA GLY F 115 -11.65 25.48 12.48
C GLY F 115 -10.52 26.50 12.50
N GLN F 116 -9.37 26.08 13.01
CA GLN F 116 -8.24 26.98 13.30
C GLN F 116 -7.03 26.71 12.44
N VAL F 117 -6.37 27.78 12.04
CA VAL F 117 -5.00 27.67 11.52
C VAL F 117 -4.05 28.11 12.64
N LEU F 118 -3.35 27.14 13.21
CA LEU F 118 -2.37 27.42 14.26
C LEU F 118 -0.99 27.62 13.65
N PRO F 119 -0.07 28.25 14.39
CA PRO F 119 1.29 28.45 13.84
C PRO F 119 2.10 27.17 13.57
N THR F 120 1.62 26.02 14.07
CA THR F 120 2.26 24.72 13.80
C THR F 120 1.76 24.09 12.49
N ALA F 121 0.76 24.70 11.84
CA ALA F 121 0.27 24.20 10.55
C ALA F 121 1.32 24.36 9.46
N LYS F 122 1.16 23.59 8.38
CA LYS F 122 2.12 23.63 7.28
C LYS F 122 1.59 24.39 6.07
N LYS F 123 0.35 24.12 5.66
CA LYS F 123 -0.17 24.65 4.41
C LYS F 123 -1.69 24.85 4.39
N VAL F 124 -2.12 26.07 4.08
CA VAL F 124 -3.52 26.37 3.82
C VAL F 124 -3.82 26.29 2.33
N THR F 125 -4.92 25.63 1.97
CA THR F 125 -5.32 25.47 0.57
C THR F 125 -6.69 26.09 0.36
N TYR F 126 -6.81 26.90 -0.68
CA TYR F 126 -8.06 27.56 -1.00
C TYR F 126 -8.65 26.89 -2.22
N ASN F 127 -9.95 26.61 -2.18
CA ASN F 127 -10.70 26.16 -3.36
C ASN F 127 -11.76 27.21 -3.67
N ILE F 128 -11.80 27.67 -4.92
CA ILE F 128 -12.80 28.64 -5.34
C ILE F 128 -13.60 28.03 -6.47
N HIS F 129 -14.92 28.15 -6.38
CA HIS F 129 -15.80 27.68 -7.44
C HIS F 129 -16.54 28.86 -8.03
N ILE F 130 -16.22 29.18 -9.28
CA ILE F 130 -16.89 30.28 -9.98
C ILE F 130 -18.35 29.91 -10.26
N LYS F 131 -19.26 30.77 -9.83
CA LYS F 131 -20.70 30.51 -9.97
C LYS F 131 -21.30 31.27 -11.15
N ARG F 132 -20.79 32.47 -11.40
CA ARG F 132 -21.33 33.32 -12.44
C ARG F 132 -20.39 34.52 -12.65
N THR F 133 -20.22 34.93 -13.91
CA THR F 133 -19.55 36.18 -14.21
C THR F 133 -20.45 37.05 -15.07
N ILE F 134 -20.45 38.35 -14.80
CA ILE F 134 -21.15 39.32 -15.62
C ILE F 134 -20.14 40.22 -16.29
N ASN F 135 -20.24 40.35 -17.62
CA ASN F 135 -19.40 41.23 -18.41
C ASN F 135 -20.07 42.50 -18.98
N ARG F 136 -21.32 42.76 -18.58
CA ARG F 136 -22.15 43.84 -19.11
C ARG F 136 -22.45 44.93 -18.08
N LEU F 138 -21.55 46.73 -15.23
CA LEU F 138 -20.33 46.46 -14.46
C LEU F 138 -19.85 45.03 -14.67
N VAL F 139 -18.58 44.80 -14.36
CA VAL F 139 -17.97 43.50 -14.41
C VAL F 139 -17.88 42.93 -13.00
N LEU F 140 -18.43 41.75 -12.77
CA LEU F 140 -18.34 41.11 -11.47
C LEU F 140 -18.36 39.59 -11.52
N ALA F 141 -17.85 38.96 -10.48
CA ALA F 141 -17.88 37.50 -10.33
C ALA F 141 -18.59 37.15 -9.05
N ILE F 142 -19.36 36.07 -9.09
CA ILE F 142 -19.94 35.45 -7.90
C ILE F 142 -19.31 34.06 -7.79
N ALA F 143 -18.93 33.67 -6.58
CA ALA F 143 -18.26 32.40 -6.37
C ALA F 143 -18.49 31.86 -4.96
N ASP F 144 -18.24 30.58 -4.80
CA ASP F 144 -18.21 29.95 -3.49
C ASP F 144 -16.78 29.57 -3.22
N GLY F 145 -16.41 29.49 -1.95
CA GLY F 145 -15.06 29.12 -1.58
C GLY F 145 -14.97 28.35 -0.27
N THR F 146 -13.91 27.55 -0.16
CA THR F 146 -13.56 26.86 1.09
C THR F 146 -12.08 27.03 1.36
N VAL F 147 -11.72 27.19 2.63
CA VAL F 147 -10.34 27.23 3.06
C VAL F 147 -10.09 25.97 3.86
N SER F 148 -8.94 25.34 3.62
CA SER F 148 -8.53 24.12 4.33
C SER F 148 -7.12 24.28 4.85
N VAL F 149 -6.81 23.58 5.94
CA VAL F 149 -5.46 23.56 6.48
C VAL F 149 -5.01 22.12 6.67
N ASP F 150 -3.91 21.75 6.03
CA ASP F 150 -3.35 20.41 6.10
C ASP F 150 -4.42 19.32 5.96
N GLY F 151 -5.33 19.52 5.01
CA GLY F 151 -6.37 18.53 4.69
C GLY F 151 -7.73 18.76 5.36
N ARG F 152 -7.77 19.58 6.38
CA ARG F 152 -8.99 19.80 7.15
C ARG F 152 -9.71 21.07 6.73
N GLU F 153 -10.99 20.93 6.37
CA GLU F 153 -11.80 22.10 5.99
C GLU F 153 -12.07 22.93 7.22
N ILE F 154 -11.92 24.24 7.10
CA ILE F 154 -12.09 25.10 8.28
C ILE F 154 -12.92 26.38 8.08
N TYR F 155 -12.85 27.00 6.90
CA TYR F 155 -13.73 28.12 6.56
C TYR F 155 -14.53 27.86 5.26
N SER F 156 -15.69 28.50 5.15
CA SER F 156 -16.45 28.51 3.89
C SER F 156 -17.12 29.83 3.68
N ALA F 157 -17.32 30.19 2.41
CA ALA F 157 -18.03 31.40 2.01
C ALA F 157 -18.89 31.11 0.80
N GLU F 158 -20.17 31.46 0.86
CA GLU F 158 -21.11 31.29 -0.27
C GLU F 158 -21.43 32.65 -0.87
N GLY F 159 -21.38 32.74 -2.18
CA GLY F 159 -21.73 33.98 -2.86
C GLY F 159 -20.75 35.11 -2.65
N LEU F 160 -19.46 34.80 -2.64
CA LEU F 160 -18.40 35.82 -2.71
C LEU F 160 -18.63 36.63 -3.96
N ARG F 161 -18.56 37.95 -3.82
CA ARG F 161 -18.73 38.87 -4.95
C ARG F 161 -17.52 39.78 -5.04
N VAL F 162 -17.00 39.94 -6.25
CA VAL F 162 -15.92 40.89 -6.53
C VAL F 162 -16.25 41.61 -7.82
N GLY F 163 -16.00 42.91 -7.85
CA GLY F 163 -16.27 43.72 -9.05
C GLY F 163 -15.01 44.35 -9.60
N LEU F 164 -15.02 44.70 -10.89
CA LEU F 164 -13.93 45.47 -11.50
C LEU F 164 -14.45 46.86 -11.90
N PHE F 165 -13.66 47.88 -11.59
CA PHE F 165 -14.00 49.28 -11.84
C PHE F 165 -12.90 49.94 -12.67
N THR F 166 -13.29 50.56 -13.78
CA THR F 166 -12.39 51.36 -14.57
C THR F 166 -12.28 52.77 -13.98
N SER F 167 -13.16 53.09 -13.04
CA SER F 167 -13.13 54.37 -12.33
C SER F 167 -13.51 54.17 -10.85
N THR F 168 -12.71 54.72 -9.95
CA THR F 168 -13.03 54.73 -8.53
C THR F 168 -12.83 56.11 -7.90
N ASP F 169 -12.63 57.14 -8.72
CA ASP F 169 -12.33 58.48 -8.20
C ASP F 169 -13.54 59.44 -8.25
N SER F 170 -14.71 58.91 -8.63
CA SER F 170 -15.90 59.74 -8.84
C SER F 170 -17.12 59.26 -8.08
N PHE F 171 -16.91 58.66 -6.92
CA PHE F 171 -18.02 58.24 -6.03
C PHE F 171 -18.69 59.46 -5.34
N THR G 2 64.48 -14.04 30.08
CA THR G 2 63.12 -13.42 30.03
C THR G 2 63.10 -12.02 30.65
N LYS G 3 64.14 -11.68 31.41
CA LYS G 3 64.17 -10.41 32.14
C LYS G 3 64.88 -9.30 31.34
N GLN G 4 66.02 -9.63 30.72
CA GLN G 4 66.75 -8.66 29.90
C GLN G 4 66.19 -8.63 28.47
N HIS G 5 65.89 -7.44 27.96
CA HIS G 5 65.18 -7.28 26.69
C HIS G 5 65.99 -6.70 25.59
N ALA G 6 67.25 -6.39 25.85
CA ALA G 6 68.15 -5.85 24.83
C ALA G 6 69.57 -6.34 25.10
N PHE G 7 70.35 -6.54 24.04
CA PHE G 7 71.70 -7.08 24.16
C PHE G 7 72.68 -6.34 23.26
N THR G 8 73.78 -5.88 23.85
CA THR G 8 74.83 -5.20 23.11
C THR G 8 75.70 -6.21 22.38
N ARG G 9 76.61 -5.74 21.53
CA ARG G 9 77.54 -6.63 20.85
C ARG G 9 78.40 -7.41 21.83
N GLU G 10 78.85 -6.76 22.89
CA GLU G 10 79.65 -7.46 23.93
C GLU G 10 78.87 -8.59 24.58
N ASP G 11 77.57 -8.39 24.81
CA ASP G 11 76.72 -9.49 25.29
C ASP G 11 76.71 -10.64 24.29
N LEU G 12 76.60 -10.32 23.00
CA LEU G 12 76.53 -11.36 21.98
C LEU G 12 77.86 -12.08 21.84
N LEU G 13 78.97 -11.34 21.97
CA LEU G 13 80.30 -11.98 22.00
C LEU G 13 80.43 -12.89 23.23
N ARG G 14 79.95 -12.41 24.37
CA ARG G 14 79.91 -13.22 25.58
C ARG G 14 79.11 -14.49 25.34
N CYS G 15 77.94 -14.36 24.70
CA CYS G 15 77.11 -15.50 24.33
C CYS G 15 77.88 -16.50 23.47
N SER G 16 78.67 -16.00 22.52
CA SER G 16 79.44 -16.87 21.61
C SER G 16 80.53 -17.66 22.33
N ARG G 17 81.02 -17.13 23.44
CA ARG G 17 82.02 -17.84 24.26
C ARG G 17 81.38 -18.84 25.24
N GLY G 18 80.05 -18.93 25.25
CA GLY G 18 79.33 -19.83 26.17
C GLY G 18 79.08 -19.23 27.55
N GLU G 19 79.27 -17.92 27.65
CA GLU G 19 79.31 -17.23 28.95
C GLU G 19 78.06 -16.43 29.26
N LEU G 20 77.10 -16.40 28.34
CA LEU G 20 75.81 -15.77 28.63
C LEU G 20 74.82 -16.78 29.21
N PHE G 21 74.68 -17.93 28.55
CA PHE G 21 73.75 -18.98 28.99
C PHE G 21 74.42 -20.15 29.72
N GLY G 22 75.74 -20.21 29.66
CA GLY G 22 76.51 -21.19 30.42
C GLY G 22 76.86 -22.46 29.66
N PRO G 23 77.65 -23.35 30.29
CA PRO G 23 78.13 -24.58 29.68
C PRO G 23 77.01 -25.45 29.12
N GLY G 24 77.22 -25.96 27.91
CA GLY G 24 76.25 -26.86 27.28
C GLY G 24 74.97 -26.18 26.82
N ASN G 25 74.93 -24.85 26.87
CA ASN G 25 73.76 -24.12 26.45
C ASN G 25 74.01 -23.27 25.18
N ALA G 26 72.96 -22.66 24.66
CA ALA G 26 73.00 -22.00 23.35
C ALA G 26 74.17 -21.04 23.20
N GLN G 27 74.84 -21.12 22.05
CA GLN G 27 75.88 -20.18 21.70
C GLN G 27 75.55 -19.57 20.35
N LEU G 28 75.70 -18.26 20.24
CA LEU G 28 75.79 -17.63 18.94
C LEU G 28 77.14 -18.01 18.32
N PRO G 29 77.25 -17.98 16.99
CA PRO G 29 78.58 -18.09 16.40
C PRO G 29 79.42 -16.87 16.72
N ALA G 30 80.74 -17.02 16.70
CA ALA G 30 81.64 -15.89 16.83
C ALA G 30 81.89 -15.32 15.44
N PRO G 31 82.52 -14.14 15.37
CA PRO G 31 82.94 -13.69 14.05
C PRO G 31 83.88 -14.72 13.42
N ASN G 32 83.84 -14.91 12.10
CA ASN G 32 83.07 -14.08 11.15
C ASN G 32 81.73 -14.66 10.74
N MET G 33 81.22 -15.68 11.45
CA MET G 33 79.91 -16.26 11.13
C MET G 33 78.78 -15.52 11.85
N LEU G 34 79.11 -14.80 12.92
CA LEU G 34 78.13 -13.99 13.63
C LEU G 34 77.57 -12.92 12.72
N MET G 35 76.26 -12.92 12.51
CA MET G 35 75.65 -11.95 11.59
C MET G 35 74.79 -10.91 12.31
N ILE G 36 75.03 -10.75 13.61
CA ILE G 36 74.28 -9.84 14.46
C ILE G 36 75.24 -8.94 15.20
N ASP G 37 74.97 -7.63 15.20
CA ASP G 37 75.73 -6.68 16.02
C ASP G 37 75.05 -6.47 17.36
N ARG G 38 73.72 -6.44 17.37
CA ARG G 38 72.98 -6.21 18.61
C ARG G 38 71.54 -6.67 18.49
N ILE G 39 70.95 -7.03 19.63
CA ILE G 39 69.53 -7.32 19.70
C ILE G 39 68.88 -6.12 20.36
N VAL G 40 68.12 -5.37 19.57
CA VAL G 40 67.49 -4.12 20.02
C VAL G 40 66.27 -4.41 20.88
N HIS G 41 65.58 -5.53 20.60
CA HIS G 41 64.42 -5.93 21.39
C HIS G 41 64.17 -7.41 21.30
N ILE G 42 63.88 -8.01 22.43
CA ILE G 42 63.47 -9.40 22.48
C ILE G 42 62.39 -9.54 23.55
N SER G 43 61.34 -10.26 23.22
CA SER G 43 60.19 -10.43 24.09
C SER G 43 59.49 -11.77 23.84
N ASP G 44 58.84 -12.30 24.87
CA ASP G 44 58.06 -13.52 24.71
C ASP G 44 56.58 -13.24 24.49
N VAL G 45 56.22 -11.96 24.33
CA VAL G 45 54.90 -11.58 23.85
C VAL G 45 55.01 -10.74 22.58
N GLY G 46 53.87 -10.45 21.97
CA GLY G 46 53.83 -9.74 20.69
C GLY G 46 54.29 -10.62 19.55
N GLY G 47 54.67 -9.99 18.44
CA GLY G 47 55.02 -10.72 17.21
C GLY G 47 53.77 -11.16 16.49
N LYS G 48 53.89 -11.65 15.26
CA LYS G 48 52.69 -11.82 14.46
C LYS G 48 51.83 -12.98 14.93
N TYR G 49 52.38 -13.86 15.76
CA TYR G 49 51.59 -14.95 16.34
C TYR G 49 51.32 -14.76 17.82
N GLY G 50 51.75 -13.62 18.38
CA GLY G 50 51.52 -13.30 19.78
C GLY G 50 52.30 -14.22 20.72
N LYS G 51 53.38 -14.82 20.23
CA LYS G 51 54.18 -15.73 21.05
C LYS G 51 55.63 -15.28 21.16
N GLY G 52 55.88 -13.99 20.93
CA GLY G 52 57.22 -13.45 21.04
C GLY G 52 57.79 -12.95 19.72
N GLU G 53 58.80 -12.09 19.82
CA GLU G 53 59.50 -11.57 18.67
C GLU G 53 60.86 -10.98 19.05
N LEU G 54 61.73 -10.87 18.06
CA LEU G 54 62.99 -10.17 18.21
C LEU G 54 63.11 -9.13 17.11
N VAL G 55 63.75 -8.01 17.45
CA VAL G 55 64.31 -7.08 16.46
C VAL G 55 65.80 -7.02 16.71
N ALA G 56 66.60 -7.22 15.67
CA ALA G 56 68.05 -7.23 15.78
C ALA G 56 68.68 -6.49 14.60
N GLU G 57 69.94 -6.10 14.72
CA GLU G 57 70.59 -5.24 13.74
C GLU G 57 72.00 -5.74 13.42
N LEU G 58 72.43 -5.50 12.18
CA LEU G 58 73.83 -5.68 11.76
C LEU G 58 74.25 -4.42 11.00
N ASP G 59 75.27 -3.74 11.51
CA ASP G 59 75.79 -2.54 10.82
C ASP G 59 76.56 -2.98 9.59
N ILE G 60 76.37 -2.25 8.50
CA ILE G 60 77.06 -2.53 7.26
C ILE G 60 78.12 -1.48 7.03
N ASN G 61 79.29 -1.91 6.59
CA ASN G 61 80.31 -1.00 6.06
C ASN G 61 80.99 -1.73 4.89
N PRO G 62 81.70 -0.99 4.03
CA PRO G 62 82.25 -1.63 2.81
C PRO G 62 83.36 -2.68 3.02
N ASP G 63 83.87 -2.81 4.24
CA ASP G 63 85.00 -3.70 4.52
C ASP G 63 84.63 -5.05 5.12
N LEU G 64 83.33 -5.28 5.35
CA LEU G 64 82.86 -6.57 5.81
C LEU G 64 83.38 -7.64 4.86
N TRP G 65 83.91 -8.72 5.42
CA TRP G 65 84.72 -9.70 4.68
C TRP G 65 84.02 -10.29 3.50
N PHE G 66 82.71 -10.49 3.59
CA PHE G 66 81.98 -11.18 2.52
C PHE G 66 81.81 -10.36 1.23
N PHE G 67 81.95 -9.04 1.30
CA PHE G 67 81.83 -8.22 0.10
C PHE G 67 82.94 -8.47 -0.93
N ALA G 68 84.17 -8.64 -0.48
CA ALA G 68 85.31 -8.81 -1.40
C ALA G 68 85.21 -10.11 -2.19
N CYS G 69 84.65 -11.16 -1.60
CA CYS G 69 84.64 -12.50 -2.23
C CYS G 69 83.28 -12.93 -2.81
N HIS G 70 82.24 -12.14 -2.55
CA HIS G 70 80.89 -12.46 -2.98
C HIS G 70 80.22 -11.23 -3.54
N PHE G 71 80.50 -10.87 -4.80
CA PHE G 71 81.44 -11.52 -5.71
C PHE G 71 82.51 -10.52 -6.12
N GLU G 72 83.66 -11.00 -6.57
CA GLU G 72 84.71 -10.12 -7.07
C GLU G 72 84.17 -9.19 -8.15
N GLY G 73 84.30 -7.89 -7.93
CA GLY G 73 83.81 -6.88 -8.86
C GLY G 73 82.30 -6.65 -8.82
N ASP G 74 81.61 -7.30 -7.88
CA ASP G 74 80.15 -7.27 -7.81
C ASP G 74 79.71 -7.61 -6.39
N PRO G 75 80.01 -6.73 -5.44
CA PRO G 75 79.79 -7.05 -4.03
C PRO G 75 78.32 -7.03 -3.62
N VAL G 76 77.88 -8.06 -2.90
CA VAL G 76 76.53 -8.15 -2.37
C VAL G 76 76.49 -9.15 -1.22
N MET G 77 75.84 -8.79 -0.12
CA MET G 77 75.80 -9.69 1.03
C MET G 77 75.15 -11.01 0.62
N PRO G 78 75.79 -12.14 0.97
CA PRO G 78 75.16 -13.44 0.67
C PRO G 78 73.87 -13.63 1.44
N GLY G 79 72.81 -13.97 0.72
CA GLY G 79 71.51 -14.19 1.33
C GLY G 79 71.59 -15.29 2.35
N CYS G 80 72.44 -16.30 2.09
CA CYS G 80 72.58 -17.37 3.05
C CYS G 80 73.01 -16.85 4.43
N LEU G 81 73.78 -15.76 4.48
CA LEU G 81 74.21 -15.22 5.77
C LEU G 81 73.08 -14.43 6.46
N GLY G 82 72.27 -13.73 5.67
CA GLY G 82 71.06 -13.09 6.20
C GLY G 82 70.10 -14.14 6.76
N LEU G 83 69.95 -15.24 6.01
CA LEU G 83 69.15 -16.38 6.45
C LEU G 83 69.73 -16.95 7.74
N ASP G 84 71.04 -17.12 7.81
CA ASP G 84 71.67 -17.64 9.05
C ASP G 84 71.49 -16.70 10.26
N ALA G 85 71.53 -15.40 10.03
CA ALA G 85 71.22 -14.43 11.08
C ALA G 85 69.88 -14.77 11.76
N MET G 86 68.90 -15.15 10.95
CA MET G 86 67.60 -15.52 11.48
C MET G 86 67.67 -16.79 12.32
N TRP G 87 68.37 -17.81 11.83
CA TRP G 87 68.58 -19.04 12.63
C TRP G 87 69.34 -18.74 13.90
N GLN G 88 70.35 -17.89 13.79
CA GLN G 88 71.10 -17.48 14.98
C GLN G 88 70.17 -16.87 16.03
N LEU G 89 69.30 -15.96 15.58
CA LEU G 89 68.37 -15.28 16.48
C LEU G 89 67.34 -16.23 17.10
N VAL G 90 66.86 -17.19 16.31
CA VAL G 90 65.93 -18.16 16.85
C VAL G 90 66.59 -19.05 17.91
N GLY G 91 67.82 -19.48 17.65
CA GLY G 91 68.60 -20.23 18.65
C GLY G 91 68.81 -19.41 19.90
N PHE G 92 69.17 -18.14 19.75
CA PHE G 92 69.34 -17.25 20.88
C PHE G 92 68.05 -17.19 21.73
N TYR G 93 66.91 -17.06 21.05
CA TYR G 93 65.62 -17.00 21.74
C TYR G 93 65.39 -18.22 22.63
N LEU G 94 65.66 -19.41 22.10
CA LEU G 94 65.51 -20.65 22.87
C LEU G 94 66.36 -20.60 24.13
N GLY G 95 67.59 -20.11 24.00
CA GLY G 95 68.48 -19.98 25.17
C GLY G 95 68.00 -18.93 26.15
N TRP G 96 67.55 -17.81 25.62
CA TRP G 96 67.01 -16.71 26.41
C TRP G 96 65.78 -17.13 27.20
N GLN G 97 64.99 -18.04 26.64
CA GLN G 97 63.84 -18.62 27.34
C GLN G 97 64.20 -19.52 28.52
N GLY G 98 65.47 -19.95 28.59
CA GLY G 98 65.94 -20.79 29.69
C GLY G 98 65.99 -22.27 29.37
N ASN G 99 65.97 -22.62 28.09
CA ASN G 99 66.09 -24.02 27.68
C ASN G 99 67.55 -24.41 27.67
N PRO G 100 67.85 -25.63 28.13
CA PRO G 100 69.24 -26.14 28.07
C PRO G 100 69.54 -26.74 26.71
N GLY G 101 70.81 -26.81 26.36
CA GLY G 101 71.25 -27.48 25.14
C GLY G 101 71.89 -26.56 24.13
N ARG G 102 72.64 -27.16 23.21
CA ARG G 102 73.33 -26.41 22.16
C ARG G 102 72.49 -26.39 20.88
N GLY G 103 72.60 -25.29 20.14
CA GLY G 103 71.77 -25.04 18.97
C GLY G 103 72.23 -25.69 17.68
N ARG G 104 71.26 -26.15 16.90
CA ARG G 104 71.47 -26.57 15.53
C ARG G 104 70.28 -26.09 14.72
N ALA G 105 70.55 -25.39 13.64
CA ALA G 105 69.53 -25.06 12.66
C ALA G 105 68.94 -26.36 12.09
N LEU G 106 67.62 -26.45 12.01
CA LEU G 106 66.95 -27.67 11.47
C LEU G 106 66.42 -27.45 10.05
N GLY G 107 66.21 -26.20 9.69
CA GLY G 107 65.90 -25.84 8.32
C GLY G 107 64.84 -24.76 8.23
N SER G 108 64.06 -24.80 7.16
CA SER G 108 63.12 -23.76 6.91
C SER G 108 62.03 -24.19 5.98
N GLY G 109 60.91 -23.50 6.08
CA GLY G 109 59.78 -23.71 5.22
C GLY G 109 60.15 -23.12 3.88
N GLU G 110 59.93 -21.82 3.67
CA GLU G 110 60.16 -21.16 2.38
C GLU G 110 61.08 -19.99 2.60
N VAL G 111 62.12 -19.87 1.77
CA VAL G 111 63.02 -18.75 1.84
C VAL G 111 62.93 -17.97 0.54
N LYS G 112 62.93 -16.65 0.64
CA LYS G 112 62.89 -15.76 -0.54
C LYS G 112 63.91 -14.65 -0.37
N PHE G 113 64.70 -14.42 -1.43
CA PHE G 113 65.59 -13.25 -1.50
C PHE G 113 65.09 -12.43 -2.68
N PHE G 114 64.81 -11.14 -2.44
CA PHE G 114 64.22 -10.28 -3.45
C PHE G 114 64.75 -8.85 -3.35
N GLY G 115 65.99 -8.73 -2.88
CA GLY G 115 66.61 -7.41 -2.69
C GLY G 115 68.05 -7.60 -2.26
N GLN G 116 68.85 -6.53 -2.39
CA GLN G 116 70.30 -6.57 -2.19
C GLN G 116 70.75 -5.76 -0.99
N VAL G 117 71.74 -6.28 -0.27
CA VAL G 117 72.54 -5.48 0.65
C VAL G 117 73.85 -5.15 -0.04
N LEU G 118 74.00 -3.90 -0.46
CA LEU G 118 75.23 -3.42 -1.11
C LEU G 118 76.19 -2.84 -0.05
N PRO G 119 77.49 -2.71 -0.41
CA PRO G 119 78.43 -2.19 0.59
C PRO G 119 78.24 -0.72 0.97
N THR G 120 77.39 -0.01 0.23
CA THR G 120 77.03 1.37 0.56
C THR G 120 75.86 1.44 1.56
N ALA G 121 75.26 0.29 1.89
CA ALA G 121 74.19 0.24 2.88
C ALA G 121 74.70 0.59 4.29
N LYS G 122 73.79 1.03 5.16
CA LYS G 122 74.17 1.44 6.52
C LYS G 122 73.83 0.39 7.56
N LYS G 123 72.61 -0.16 7.49
CA LYS G 123 72.13 -1.04 8.57
C LYS G 123 71.09 -2.07 8.12
N VAL G 124 71.38 -3.35 8.39
CA VAL G 124 70.41 -4.42 8.20
C VAL G 124 69.64 -4.63 9.51
N THR G 125 68.32 -4.78 9.40
CA THR G 125 67.48 -5.07 10.56
C THR G 125 66.76 -6.40 10.37
N TYR G 126 66.78 -7.24 11.40
CA TYR G 126 66.11 -8.53 11.37
C TYR G 126 64.87 -8.47 12.25
N ASN G 127 63.75 -9.00 11.75
CA ASN G 127 62.55 -9.22 12.56
C ASN G 127 62.28 -10.69 12.61
N ILE G 128 62.09 -11.22 13.81
CA ILE G 128 61.78 -12.63 14.00
C ILE G 128 60.47 -12.76 14.77
N HIS G 129 59.57 -13.61 14.26
CA HIS G 129 58.27 -13.85 14.91
C HIS G 129 58.20 -15.27 15.33
N ILE G 130 58.19 -15.48 16.64
CA ILE G 130 58.11 -16.81 17.19
C ILE G 130 56.73 -17.37 16.94
N LYS G 131 56.68 -18.55 16.30
CA LYS G 131 55.42 -19.19 15.96
C LYS G 131 55.03 -20.29 16.95
N ARG G 132 56.02 -21.00 17.45
CA ARG G 132 55.76 -22.13 18.33
C ARG G 132 57.07 -22.59 18.97
N THR G 133 57.02 -22.97 20.24
CA THR G 133 58.14 -23.64 20.88
C THR G 133 57.68 -24.96 21.50
N ILE G 134 58.52 -25.99 21.38
CA ILE G 134 58.29 -27.27 22.03
C ILE G 134 59.35 -27.49 23.09
N VAL G 139 63.75 -30.09 22.26
CA VAL G 139 63.44 -28.66 22.31
C VAL G 139 63.65 -28.02 20.95
N LEU G 140 62.63 -27.36 20.44
CA LEU G 140 62.77 -26.61 19.19
C LEU G 140 61.86 -25.42 19.09
N ALA G 141 62.23 -24.51 18.21
CA ALA G 141 61.42 -23.33 17.92
C ALA G 141 61.11 -23.28 16.45
N ILE G 142 59.90 -22.83 16.13
CA ILE G 142 59.50 -22.52 14.78
C ILE G 142 59.23 -21.02 14.74
N ALA G 143 59.71 -20.35 13.70
CA ALA G 143 59.52 -18.89 13.54
C ALA G 143 59.46 -18.47 12.09
N ASP G 144 58.97 -17.25 11.88
CA ASP G 144 59.05 -16.57 10.61
C ASP G 144 59.97 -15.40 10.79
N GLY G 145 60.62 -14.99 9.70
CA GLY G 145 61.56 -13.88 9.77
C GLY G 145 61.65 -13.06 8.48
N THR G 146 62.05 -11.81 8.64
CA THR G 146 62.30 -10.91 7.51
C THR G 146 63.58 -10.15 7.76
N VAL G 147 64.35 -9.95 6.70
CA VAL G 147 65.56 -9.13 6.75
C VAL G 147 65.28 -7.87 5.95
N SER G 148 65.68 -6.72 6.50
CA SER G 148 65.51 -5.43 5.85
C SER G 148 66.83 -4.68 5.85
N VAL G 149 67.02 -3.82 4.84
CA VAL G 149 68.20 -2.96 4.78
C VAL G 149 67.76 -1.51 4.59
N ASP G 150 68.18 -0.65 5.51
CA ASP G 150 67.82 0.77 5.49
C ASP G 150 66.34 1.02 5.18
N GLY G 151 65.46 0.25 5.81
CA GLY G 151 64.02 0.39 5.66
C GLY G 151 63.35 -0.51 4.62
N ARG G 152 64.13 -1.11 3.72
CA ARG G 152 63.59 -1.89 2.61
C ARG G 152 63.65 -3.37 2.90
N GLU G 153 62.50 -4.04 2.83
CA GLU G 153 62.44 -5.49 3.02
C GLU G 153 63.11 -6.18 1.86
N ILE G 154 63.95 -7.16 2.14
CA ILE G 154 64.70 -7.83 1.07
C ILE G 154 64.70 -9.36 1.12
N TYR G 155 64.71 -9.95 2.31
CA TYR G 155 64.61 -11.40 2.46
C TYR G 155 63.44 -11.77 3.37
N SER G 156 62.91 -12.98 3.18
CA SER G 156 61.97 -13.57 4.10
C SER G 156 62.18 -15.08 4.23
N ALA G 157 61.84 -15.61 5.40
CA ALA G 157 61.84 -17.06 5.66
C ALA G 157 60.61 -17.43 6.48
N GLU G 158 59.88 -18.46 6.03
CA GLU G 158 58.73 -18.98 6.78
C GLU G 158 59.10 -20.31 7.39
N GLY G 159 58.76 -20.52 8.66
CA GLY G 159 58.96 -21.82 9.27
C GLY G 159 60.41 -22.15 9.50
N LEU G 160 61.20 -21.16 9.91
CA LEU G 160 62.54 -21.38 10.42
C LEU G 160 62.44 -22.31 11.61
N ARG G 161 63.30 -23.33 11.64
CA ARG G 161 63.33 -24.29 12.73
C ARG G 161 64.73 -24.37 13.32
N VAL G 162 64.81 -24.34 14.66
CA VAL G 162 66.07 -24.51 15.36
C VAL G 162 65.83 -25.40 16.55
N GLY G 163 66.76 -26.30 16.80
CA GLY G 163 66.62 -27.26 17.90
C GLY G 163 67.76 -27.14 18.90
N LEU G 164 67.52 -27.58 20.12
CA LEU G 164 68.56 -27.63 21.14
C LEU G 164 68.85 -29.06 21.49
N PHE G 165 70.15 -29.39 21.59
CA PHE G 165 70.61 -30.74 21.88
C PHE G 165 71.53 -30.74 23.08
N THR G 166 71.23 -31.58 24.06
CA THR G 166 72.10 -31.78 25.21
C THR G 166 73.20 -32.78 24.87
N SER G 167 73.05 -33.45 23.73
CA SER G 167 74.04 -34.37 23.22
C SER G 167 74.12 -34.27 21.69
N THR G 168 75.34 -34.12 21.16
CA THR G 168 75.59 -34.17 19.73
C THR G 168 76.75 -35.09 19.37
N ASP G 169 77.24 -35.89 20.32
CA ASP G 169 78.41 -36.76 20.09
C ASP G 169 78.07 -38.23 19.86
N SER G 170 76.77 -38.53 19.76
CA SER G 170 76.31 -39.93 19.67
C SER G 170 75.36 -40.17 18.50
N PHE G 171 75.55 -39.45 17.40
CA PHE G 171 74.78 -39.67 16.16
C PHE G 171 75.26 -40.94 15.45
N THR H 2 78.35 -26.55 -22.02
CA THR H 2 77.68 -27.85 -22.30
C THR H 2 78.69 -28.91 -22.76
N LYS H 3 79.91 -28.49 -23.09
CA LYS H 3 80.93 -29.40 -23.62
C LYS H 3 81.84 -29.96 -22.52
N GLN H 4 82.29 -29.11 -21.60
CA GLN H 4 83.13 -29.58 -20.47
C GLN H 4 82.24 -30.10 -19.32
N HIS H 5 82.55 -31.30 -18.83
CA HIS H 5 81.70 -31.98 -17.85
C HIS H 5 82.29 -32.12 -16.47
N ALA H 6 83.49 -31.59 -16.28
CA ALA H 6 84.13 -31.60 -14.97
C ALA H 6 84.99 -30.34 -14.80
N PHE H 7 85.11 -29.86 -13.57
CA PHE H 7 85.85 -28.63 -13.29
C PHE H 7 86.71 -28.78 -12.05
N THR H 8 87.99 -28.45 -12.18
CA THR H 8 88.92 -28.47 -11.06
C THR H 8 88.75 -27.23 -10.22
N ARG H 9 89.42 -27.20 -9.06
CA ARG H 9 89.38 -26.02 -8.20
C ARG H 9 89.88 -24.77 -8.93
N GLU H 10 90.94 -24.91 -9.73
CA GLU H 10 91.47 -23.77 -10.49
C GLU H 10 90.44 -23.23 -11.47
N ASP H 11 89.67 -24.11 -12.09
CA ASP H 11 88.58 -23.67 -12.95
C ASP H 11 87.56 -22.85 -12.13
N LEU H 12 87.24 -23.32 -10.92
CA LEU H 12 86.26 -22.63 -10.10
C LEU H 12 86.79 -21.29 -9.60
N LEU H 13 88.08 -21.24 -9.28
CA LEU H 13 88.71 -19.97 -8.92
C LEU H 13 88.68 -19.01 -10.12
N ARG H 14 88.98 -19.54 -11.30
CA ARG H 14 88.90 -18.77 -12.53
C ARG H 14 87.48 -18.21 -12.71
N CYS H 15 86.48 -19.06 -12.48
CA CYS H 15 85.07 -18.66 -12.53
C CYS H 15 84.79 -17.51 -11.58
N SER H 16 85.34 -17.58 -10.38
CA SER H 16 85.12 -16.54 -9.35
C SER H 16 85.73 -15.19 -9.74
N ARG H 17 86.76 -15.21 -10.56
CA ARG H 17 87.35 -13.96 -11.05
C ARG H 17 86.60 -13.37 -12.25
N GLY H 18 85.56 -14.07 -12.73
CA GLY H 18 84.83 -13.66 -13.93
C GLY H 18 85.47 -14.10 -15.24
N GLU H 19 86.43 -15.04 -15.15
CA GLU H 19 87.25 -15.44 -16.29
C GLU H 19 86.87 -16.78 -16.92
N LEU H 20 85.86 -17.45 -16.40
CA LEU H 20 85.38 -18.66 -17.04
C LEU H 20 84.25 -18.31 -18.01
N PHE H 21 83.27 -17.55 -17.55
CA PHE H 21 82.10 -17.22 -18.37
C PHE H 21 82.15 -15.80 -18.93
N GLY H 22 83.09 -15.00 -18.45
CA GLY H 22 83.36 -13.67 -19.01
C GLY H 22 82.64 -12.54 -18.30
N PRO H 23 82.90 -11.30 -18.72
CA PRO H 23 82.33 -10.10 -18.12
C PRO H 23 80.81 -10.10 -18.06
N GLY H 24 80.26 -9.70 -16.92
CA GLY H 24 78.81 -9.63 -16.74
C GLY H 24 78.11 -10.97 -16.64
N ASN H 25 78.89 -12.05 -16.56
CA ASN H 25 78.30 -13.39 -16.50
C ASN H 25 78.54 -14.08 -15.16
N ALA H 26 77.95 -15.25 -14.98
CA ALA H 26 77.94 -15.89 -13.67
C ALA H 26 79.32 -15.98 -13.05
N GLN H 27 79.39 -15.67 -11.76
CA GLN H 27 80.60 -15.86 -10.96
C GLN H 27 80.27 -16.71 -9.74
N LEU H 28 81.11 -17.70 -9.46
CA LEU H 28 81.10 -18.34 -8.14
C LEU H 28 81.68 -17.32 -7.16
N PRO H 29 81.34 -17.45 -5.86
CA PRO H 29 82.07 -16.67 -4.89
C PRO H 29 83.52 -17.12 -4.81
N ALA H 30 84.39 -16.24 -4.37
CA ALA H 30 85.77 -16.61 -4.07
C ALA H 30 85.84 -17.08 -2.61
N PRO H 31 86.98 -17.66 -2.20
CA PRO H 31 87.11 -17.95 -0.78
C PRO H 31 87.02 -16.65 0.02
N ASN H 32 86.45 -16.66 1.22
CA ASN H 32 86.03 -17.84 1.93
C ASN H 32 84.53 -18.21 1.82
N MET H 33 83.80 -17.61 0.88
CA MET H 33 82.39 -17.95 0.67
C MET H 33 82.22 -19.12 -0.29
N LEU H 34 83.23 -19.39 -1.11
CA LEU H 34 83.19 -20.54 -2.02
C LEU H 34 83.10 -21.82 -1.23
N MET H 35 82.07 -22.60 -1.46
CA MET H 35 81.88 -23.84 -0.71
C MET H 35 82.06 -25.11 -1.56
N ILE H 36 82.78 -24.95 -2.69
CA ILE H 36 83.01 -26.04 -3.65
C ILE H 36 84.48 -26.14 -3.97
N ASP H 37 85.03 -27.34 -3.91
CA ASP H 37 86.41 -27.55 -4.30
C ASP H 37 86.47 -27.98 -5.75
N ARG H 38 85.51 -28.78 -6.19
CA ARG H 38 85.49 -29.25 -7.57
C ARG H 38 84.11 -29.72 -7.97
N ILE H 39 83.82 -29.63 -9.27
CA ILE H 39 82.62 -30.23 -9.85
C ILE H 39 83.07 -31.51 -10.54
N VAL H 40 82.69 -32.64 -9.98
CA VAL H 40 83.08 -33.95 -10.47
C VAL H 40 82.28 -34.34 -11.72
N HIS H 41 81.04 -33.89 -11.79
CA HIS H 41 80.21 -34.15 -12.97
C HIS H 41 79.11 -33.14 -13.11
N ILE H 42 78.90 -32.68 -14.34
CA ILE H 42 77.82 -31.76 -14.65
C ILE H 42 77.29 -32.14 -16.04
N SER H 43 75.97 -32.20 -16.16
CA SER H 43 75.31 -32.65 -17.36
C SER H 43 73.94 -32.00 -17.49
N ASP H 44 73.48 -31.82 -18.72
CA ASP H 44 72.13 -31.31 -18.95
C ASP H 44 71.11 -32.44 -19.16
N VAL H 45 71.54 -33.69 -19.00
CA VAL H 45 70.61 -34.83 -18.95
C VAL H 45 70.77 -35.58 -17.64
N GLY H 46 69.89 -36.56 -17.41
CA GLY H 46 69.87 -37.31 -16.15
C GLY H 46 69.34 -36.46 -15.01
N GLY H 47 69.64 -36.86 -13.77
CA GLY H 47 69.09 -36.21 -12.60
C GLY H 47 67.68 -36.71 -12.36
N LYS H 48 67.09 -36.39 -11.21
CA LYS H 48 65.81 -37.00 -10.88
C LYS H 48 64.64 -36.51 -11.74
N TYR H 49 64.79 -35.39 -12.43
CA TYR H 49 63.76 -34.92 -13.35
C TYR H 49 64.12 -35.12 -14.81
N GLY H 50 65.28 -35.72 -15.06
CA GLY H 50 65.78 -35.91 -16.43
C GLY H 50 66.15 -34.62 -17.16
N LYS H 51 66.45 -33.56 -16.40
CA LYS H 51 66.77 -32.26 -17.00
C LYS H 51 68.13 -31.74 -16.57
N GLY H 52 68.98 -32.65 -16.13
CA GLY H 52 70.35 -32.29 -15.75
C GLY H 52 70.63 -32.51 -14.28
N GLU H 53 71.93 -32.62 -13.97
CA GLU H 53 72.39 -32.76 -12.60
C GLU H 53 73.86 -32.42 -12.45
N LEU H 54 74.25 -32.10 -11.22
CA LEU H 54 75.65 -31.90 -10.88
C LEU H 54 76.00 -32.76 -9.68
N VAL H 55 77.24 -33.22 -9.66
CA VAL H 55 77.84 -33.78 -8.47
C VAL H 55 79.07 -32.97 -8.22
N ALA H 56 79.22 -32.51 -7.00
CA ALA H 56 80.34 -31.64 -6.63
C ALA H 56 80.85 -32.03 -5.25
N GLU H 57 82.05 -31.59 -4.91
CA GLU H 57 82.70 -31.98 -3.67
C GLU H 57 83.34 -30.78 -2.96
N LEU H 58 83.38 -30.85 -1.63
CA LEU H 58 84.20 -29.95 -0.80
C LEU H 58 85.00 -30.82 0.18
N ASP H 59 86.32 -30.70 0.13
CA ASP H 59 87.18 -31.43 1.07
C ASP H 59 87.09 -30.75 2.43
N ILE H 60 87.00 -31.56 3.48
CA ILE H 60 86.96 -31.07 4.85
C ILE H 60 88.31 -31.33 5.52
N ASN H 61 88.77 -30.35 6.27
CA ASN H 61 89.88 -30.53 7.20
C ASN H 61 89.58 -29.70 8.43
N PRO H 62 90.26 -29.98 9.55
CA PRO H 62 89.89 -29.28 10.80
C PRO H 62 90.16 -27.77 10.85
N ASP H 63 90.87 -27.22 9.86
CA ASP H 63 91.30 -25.82 9.89
C ASP H 63 90.42 -24.89 9.07
N LEU H 64 89.41 -25.43 8.42
CA LEU H 64 88.46 -24.60 7.69
C LEU H 64 87.93 -23.55 8.64
N TRP H 65 87.89 -22.31 8.16
CA TRP H 65 87.66 -21.14 9.02
C TRP H 65 86.40 -21.22 9.86
N PHE H 66 85.34 -21.82 9.32
CA PHE H 66 84.03 -21.80 10.01
C PHE H 66 83.96 -22.69 11.24
N PHE H 67 84.87 -23.64 11.37
CA PHE H 67 84.88 -24.52 12.54
C PHE H 67 85.23 -23.80 13.84
N ALA H 68 86.20 -22.90 13.80
CA ALA H 68 86.64 -22.19 14.99
C ALA H 68 85.55 -21.27 15.58
N CYS H 69 84.70 -20.69 14.73
CA CYS H 69 83.71 -19.70 15.20
C CYS H 69 82.25 -20.23 15.27
N HIS H 70 82.02 -21.44 14.77
CA HIS H 70 80.67 -22.00 14.68
C HIS H 70 80.70 -23.44 15.12
N PHE H 71 80.71 -23.72 16.43
CA PHE H 71 80.75 -22.73 17.53
C PHE H 71 81.99 -22.97 18.36
N GLU H 72 82.42 -21.95 19.10
CA GLU H 72 83.57 -22.11 19.98
C GLU H 72 83.34 -23.29 20.92
N GLY H 73 84.27 -24.25 20.89
CA GLY H 73 84.18 -25.44 21.73
C GLY H 73 83.18 -26.49 21.23
N ASP H 74 82.61 -26.26 20.05
CA ASP H 74 81.57 -27.14 19.52
C ASP H 74 81.52 -26.95 18.01
N PRO H 75 82.59 -27.37 17.31
CA PRO H 75 82.67 -27.09 15.87
C PRO H 75 81.71 -27.93 15.02
N VAL H 76 81.01 -27.27 14.10
CA VAL H 76 80.13 -27.95 13.13
C VAL H 76 79.92 -27.02 11.92
N MET H 77 80.00 -27.57 10.71
CA MET H 77 79.82 -26.74 9.51
C MET H 77 78.43 -26.10 9.56
N PRO H 78 78.36 -24.77 9.34
CA PRO H 78 77.06 -24.15 9.25
C PRO H 78 76.25 -24.69 8.08
N GLY H 79 75.02 -25.12 8.37
CA GLY H 79 74.12 -25.61 7.32
C GLY H 79 73.84 -24.55 6.27
N CYS H 80 73.80 -23.29 6.68
CA CYS H 80 73.64 -22.22 5.71
C CYS H 80 74.72 -22.23 4.61
N LEU H 81 75.95 -22.66 4.94
CA LEU H 81 77.00 -22.72 3.94
C LEU H 81 76.87 -23.94 3.02
N GLY H 82 76.37 -25.06 3.56
CA GLY H 82 76.03 -26.20 2.72
C GLY H 82 74.90 -25.85 1.77
N LEU H 83 73.91 -25.12 2.30
CA LEU H 83 72.81 -24.66 1.50
C LEU H 83 73.35 -23.74 0.42
N ASP H 84 74.25 -22.82 0.77
CA ASP H 84 74.80 -21.89 -0.24
C ASP H 84 75.58 -22.59 -1.33
N ALA H 85 76.28 -23.66 -0.98
CA ALA H 85 76.96 -24.49 -1.96
C ALA H 85 76.00 -24.91 -3.07
N MET H 86 74.79 -25.27 -2.67
CA MET H 86 73.77 -25.68 -3.63
C MET H 86 73.35 -24.50 -4.54
N TRP H 87 73.12 -23.31 -3.97
CA TRP H 87 72.84 -22.13 -4.76
C TRP H 87 73.99 -21.78 -5.67
N GLN H 88 75.20 -21.92 -5.16
CA GLN H 88 76.39 -21.66 -5.97
C GLN H 88 76.39 -22.57 -7.19
N LEU H 89 76.14 -23.86 -6.95
CA LEU H 89 76.12 -24.84 -8.04
C LEU H 89 75.01 -24.57 -9.05
N VAL H 90 73.83 -24.16 -8.60
CA VAL H 90 72.72 -23.87 -9.51
C VAL H 90 73.04 -22.65 -10.37
N GLY H 91 73.63 -21.63 -9.77
CA GLY H 91 74.11 -20.46 -10.52
C GLY H 91 75.16 -20.84 -11.55
N PHE H 92 76.09 -21.70 -11.15
CA PHE H 92 77.12 -22.16 -12.09
C PHE H 92 76.48 -22.86 -13.29
N TYR H 93 75.49 -23.70 -13.03
CA TYR H 93 74.82 -24.44 -14.08
C TYR H 93 74.24 -23.48 -15.12
N LEU H 94 73.57 -22.43 -14.67
CA LEU H 94 72.98 -21.44 -15.57
C LEU H 94 74.04 -20.83 -16.48
N GLY H 95 75.19 -20.50 -15.91
CA GLY H 95 76.32 -19.97 -16.68
C GLY H 95 76.89 -20.98 -17.65
N TRP H 96 77.04 -22.20 -17.17
CA TRP H 96 77.54 -23.31 -17.98
C TRP H 96 76.64 -23.59 -19.17
N GLN H 97 75.34 -23.39 -19.00
CA GLN H 97 74.37 -23.55 -20.09
C GLN H 97 74.52 -22.49 -21.19
N GLY H 98 75.23 -21.39 -20.89
CA GLY H 98 75.47 -20.33 -21.85
C GLY H 98 74.57 -19.12 -21.69
N ASN H 99 73.92 -18.99 -20.53
CA ASN H 99 73.07 -17.83 -20.27
C ASN H 99 73.95 -16.67 -19.81
N PRO H 100 73.65 -15.45 -20.29
CA PRO H 100 74.33 -14.26 -19.80
C PRO H 100 73.74 -13.76 -18.50
N GLY H 101 74.52 -12.98 -17.75
CA GLY H 101 74.03 -12.34 -16.53
C GLY H 101 74.71 -12.83 -15.26
N ARG H 102 74.62 -12.01 -14.22
CA ARG H 102 75.21 -12.33 -12.92
C ARG H 102 74.16 -13.00 -12.02
N GLY H 103 74.64 -13.90 -11.16
CA GLY H 103 73.80 -14.71 -10.31
C GLY H 103 73.33 -14.06 -9.01
N ARG H 104 72.07 -14.34 -8.68
CA ARG H 104 71.53 -14.04 -7.37
C ARG H 104 70.67 -15.22 -6.96
N ALA H 105 70.95 -15.76 -5.76
CA ALA H 105 70.06 -16.71 -5.14
C ALA H 105 68.69 -16.07 -4.97
N LEU H 106 67.62 -16.77 -5.34
CA LEU H 106 66.25 -16.24 -5.14
C LEU H 106 65.55 -16.86 -3.94
N GLY H 107 65.99 -18.04 -3.54
CA GLY H 107 65.50 -18.68 -2.33
C GLY H 107 65.31 -20.17 -2.47
N SER H 108 64.36 -20.72 -1.72
CA SER H 108 64.15 -22.13 -1.71
C SER H 108 62.76 -22.50 -1.25
N GLY H 109 62.37 -23.71 -1.62
CA GLY H 109 61.11 -24.32 -1.18
C GLY H 109 61.09 -24.84 0.26
N GLU H 110 61.81 -25.92 0.52
CA GLU H 110 61.96 -26.46 1.86
C GLU H 110 63.43 -26.84 2.09
N VAL H 111 63.98 -26.43 3.22
CA VAL H 111 65.33 -26.81 3.58
C VAL H 111 65.27 -27.64 4.85
N LYS H 112 66.07 -28.70 4.90
CA LYS H 112 66.17 -29.57 6.07
C LYS H 112 67.64 -29.85 6.37
N PHE H 113 68.01 -29.70 7.65
CA PHE H 113 69.31 -30.12 8.14
C PHE H 113 69.03 -31.21 9.17
N PHE H 114 69.66 -32.37 8.99
CA PHE H 114 69.41 -33.50 9.85
C PHE H 114 70.67 -34.34 10.08
N GLY H 115 71.82 -33.68 10.06
CA GLY H 115 73.10 -34.33 10.23
C GLY H 115 74.21 -33.31 10.29
N GLN H 116 75.37 -33.72 10.79
CA GLN H 116 76.49 -32.82 11.06
C GLN H 116 77.71 -33.08 10.17
N VAL H 117 78.38 -32.00 9.77
CA VAL H 117 79.74 -32.09 9.25
C VAL H 117 80.71 -31.64 10.36
N LEU H 118 81.42 -32.61 10.94
CA LEU H 118 82.38 -32.34 12.00
C LEU H 118 83.76 -32.13 11.39
N PRO H 119 84.68 -31.51 12.15
CA PRO H 119 86.01 -31.27 11.59
C PRO H 119 86.83 -32.54 11.32
N THR H 120 86.37 -33.69 11.81
CA THR H 120 87.02 -34.98 11.54
C THR H 120 86.54 -35.60 10.22
N ALA H 121 85.55 -34.99 9.57
CA ALA H 121 85.06 -35.48 8.29
C ALA H 121 86.11 -35.31 7.20
N LYS H 122 85.96 -36.08 6.12
CA LYS H 122 86.91 -36.03 5.03
C LYS H 122 86.36 -35.28 3.82
N LYS H 123 85.12 -35.56 3.41
CA LYS H 123 84.60 -35.03 2.16
C LYS H 123 83.07 -34.85 2.13
N VAL H 124 82.63 -33.63 1.82
CA VAL H 124 81.21 -33.33 1.57
C VAL H 124 80.93 -33.43 0.08
N THR H 125 79.84 -34.10 -0.29
CA THR H 125 79.45 -34.26 -1.70
C THR H 125 78.07 -33.65 -1.89
N TYR H 126 77.94 -32.84 -2.93
CA TYR H 126 76.68 -32.20 -3.26
C TYR H 126 76.09 -32.88 -4.48
N ASN H 127 74.80 -33.15 -4.44
CA ASN H 127 74.04 -33.58 -5.61
C ASN H 127 72.99 -32.54 -5.90
N ILE H 128 72.92 -32.09 -7.15
CA ILE H 128 71.93 -31.14 -7.57
C ILE H 128 71.12 -31.73 -8.72
N HIS H 129 69.80 -31.63 -8.63
CA HIS H 129 68.91 -32.11 -9.70
C HIS H 129 68.16 -30.94 -10.28
N ILE H 130 68.46 -30.61 -11.54
CA ILE H 130 67.81 -29.51 -12.22
C ILE H 130 66.35 -29.89 -12.49
N LYS H 131 65.43 -29.03 -12.06
CA LYS H 131 64.00 -29.30 -12.20
C LYS H 131 63.39 -28.53 -13.37
N ARG H 132 63.88 -27.33 -13.61
CA ARG H 132 63.33 -26.48 -14.65
C ARG H 132 64.25 -25.29 -14.87
N THR H 133 64.41 -24.89 -16.11
CA THR H 133 65.08 -23.63 -16.43
C THR H 133 64.19 -22.77 -17.30
N ILE H 134 64.19 -21.46 -17.03
CA ILE H 134 63.51 -20.50 -17.88
C ILE H 134 64.55 -19.61 -18.55
N LEU H 138 63.00 -13.16 -17.42
CA LEU H 138 64.23 -13.36 -16.66
C LEU H 138 64.74 -14.78 -16.91
N VAL H 139 66.01 -14.98 -16.60
CA VAL H 139 66.62 -16.29 -16.63
C VAL H 139 66.71 -16.86 -15.19
N LEU H 140 66.15 -18.05 -14.98
CA LEU H 140 66.26 -18.69 -13.68
C LEU H 140 66.23 -20.20 -13.74
N ALA H 141 66.75 -20.83 -12.69
CA ALA H 141 66.73 -22.28 -12.57
C ALA H 141 66.08 -22.66 -11.26
N ILE H 142 65.31 -23.74 -11.30
CA ILE H 142 64.75 -24.36 -10.13
C ILE H 142 65.40 -25.73 -10.02
N ALA H 143 65.78 -26.13 -8.82
CA ALA H 143 66.45 -27.41 -8.61
C ALA H 143 66.20 -27.96 -7.20
N ASP H 144 66.46 -29.26 -7.03
CA ASP H 144 66.49 -29.88 -5.73
C ASP H 144 67.94 -30.26 -5.46
N GLY H 145 68.30 -30.35 -4.18
CA GLY H 145 69.67 -30.68 -3.81
C GLY H 145 69.79 -31.43 -2.49
N THR H 146 70.86 -32.21 -2.38
CA THR H 146 71.19 -32.91 -1.14
C THR H 146 72.68 -32.77 -0.88
N VAL H 147 73.02 -32.61 0.38
CA VAL H 147 74.39 -32.57 0.80
C VAL H 147 74.66 -33.84 1.60
N SER H 148 75.81 -34.46 1.34
CA SER H 148 76.24 -35.65 2.05
C SER H 148 77.67 -35.49 2.58
N VAL H 149 77.98 -36.18 3.68
CA VAL H 149 79.34 -36.18 4.21
C VAL H 149 79.81 -37.63 4.42
N ASP H 150 80.93 -37.97 3.79
CA ASP H 150 81.47 -39.31 3.84
C ASP H 150 80.39 -40.42 3.69
N GLY H 151 79.49 -40.23 2.73
CA GLY H 151 78.46 -41.24 2.41
C GLY H 151 77.10 -41.03 3.08
N ARG H 152 77.05 -40.18 4.11
CA ARG H 152 75.82 -39.98 4.87
C ARG H 152 75.08 -38.72 4.46
N GLU H 153 73.81 -38.88 4.08
CA GLU H 153 72.99 -37.70 3.71
C GLU H 153 72.69 -36.88 4.94
N ILE H 154 72.83 -35.57 4.85
CA ILE H 154 72.66 -34.71 6.02
C ILE H 154 71.79 -33.47 5.80
N TYR H 155 71.84 -32.87 4.63
CA TYR H 155 70.98 -31.73 4.30
C TYR H 155 70.20 -31.98 3.02
N SER H 156 69.05 -31.35 2.90
CA SER H 156 68.28 -31.34 1.65
C SER H 156 67.61 -29.98 1.45
N ALA H 157 67.42 -29.61 0.18
CA ALA H 157 66.68 -28.42 -0.21
C ALA H 157 65.81 -28.75 -1.42
N GLU H 158 64.52 -28.40 -1.36
CA GLU H 158 63.60 -28.56 -2.49
C GLU H 158 63.30 -27.20 -3.09
N GLY H 159 63.35 -27.09 -4.42
CA GLY H 159 62.96 -25.87 -5.09
C GLY H 159 63.92 -24.71 -4.89
N LEU H 160 65.23 -25.02 -4.89
CA LEU H 160 66.27 -23.99 -4.94
C LEU H 160 66.04 -23.17 -6.18
N ARG H 161 66.11 -21.86 -6.04
CA ARG H 161 65.92 -20.94 -7.17
C ARG H 161 67.11 -20.00 -7.27
N VAL H 162 67.61 -19.83 -8.49
CA VAL H 162 68.67 -18.89 -8.77
C VAL H 162 68.35 -18.18 -10.07
N GLY H 163 68.61 -16.88 -10.12
CA GLY H 163 68.33 -16.09 -11.28
C GLY H 163 69.58 -15.40 -11.81
N LEU H 164 69.56 -15.05 -13.11
CA LEU H 164 70.64 -14.29 -13.72
C LEU H 164 70.11 -12.91 -14.10
N PHE H 165 70.90 -11.89 -13.80
CA PHE H 165 70.56 -10.50 -14.06
C PHE H 165 71.65 -9.83 -14.89
N THR H 166 71.25 -9.21 -15.99
CA THR H 166 72.16 -8.41 -16.78
C THR H 166 72.26 -6.99 -16.19
N SER H 167 71.38 -6.68 -15.24
CA SER H 167 71.39 -5.40 -14.53
C SER H 167 71.01 -5.61 -13.06
N THR H 168 71.81 -5.07 -12.16
CA THR H 168 71.49 -5.06 -10.74
C THR H 168 71.68 -3.69 -10.10
N ASP H 169 71.89 -2.65 -10.92
CA ASP H 169 72.17 -1.30 -10.40
C ASP H 169 70.96 -0.35 -10.46
N SER H 170 69.79 -0.88 -10.83
CA SER H 170 68.59 -0.06 -11.04
C SER H 170 67.37 -0.54 -10.27
N PHE H 171 67.58 -1.13 -9.09
CA PHE H 171 66.48 -1.57 -8.22
C PHE H 171 65.86 -0.35 -7.54
N THR I 2 -77.78 19.18 20.08
CA THR I 2 -76.94 18.02 19.65
C THR I 2 -77.84 16.80 19.43
N LYS I 3 -79.08 16.87 19.91
CA LYS I 3 -80.00 15.74 19.84
C LYS I 3 -80.89 15.78 18.61
N GLN I 4 -81.45 16.96 18.30
CA GLN I 4 -82.28 17.11 17.10
C GLN I 4 -81.40 17.37 15.86
N HIS I 5 -81.65 16.61 14.78
CA HIS I 5 -80.78 16.61 13.61
C HIS I 5 -81.40 17.17 12.37
N ALA I 6 -82.66 17.60 12.45
CA ALA I 6 -83.34 18.29 11.32
C ALA I 6 -84.27 19.36 11.85
N PHE I 7 -84.46 20.41 11.07
CA PHE I 7 -85.28 21.54 11.49
C PHE I 7 -86.16 22.03 10.35
N THR I 8 -87.46 22.12 10.61
CA THR I 8 -88.42 22.61 9.64
C THR I 8 -88.34 24.13 9.57
N ARG I 9 -89.03 24.72 8.60
CA ARG I 9 -89.13 26.17 8.52
C ARG I 9 -89.72 26.81 9.78
N GLU I 10 -90.76 26.19 10.36
CA GLU I 10 -91.33 26.68 11.61
C GLU I 10 -90.30 26.70 12.75
N ASP I 11 -89.45 25.67 12.82
CA ASP I 11 -88.35 25.68 13.80
C ASP I 11 -87.43 26.88 13.56
N LEU I 12 -87.13 27.16 12.30
CA LEU I 12 -86.24 28.26 11.97
C LEU I 12 -86.88 29.61 12.24
N LEU I 13 -88.18 29.73 11.98
CA LEU I 13 -88.93 30.92 12.37
C LEU I 13 -88.92 31.08 13.90
N ARG I 14 -89.12 29.98 14.61
CA ARG I 14 -89.05 29.99 16.06
C ARG I 14 -87.67 30.46 16.53
N CYS I 15 -86.63 29.96 15.88
CA CYS I 15 -85.25 30.38 16.16
C CYS I 15 -85.07 31.88 15.98
N SER I 16 -85.68 32.43 14.93
CA SER I 16 -85.56 33.86 14.63
C SER I 16 -86.25 34.74 15.67
N ARG I 17 -87.26 34.20 16.36
CA ARG I 17 -87.93 34.94 17.43
C ARG I 17 -87.20 34.81 18.77
N GLY I 18 -86.10 34.06 18.81
CA GLY I 18 -85.35 33.85 20.04
C GLY I 18 -85.90 32.73 20.90
N GLU I 19 -86.77 31.91 20.30
CA GLU I 19 -87.54 30.91 21.06
C GLU I 19 -87.02 29.49 20.90
N LEU I 20 -85.98 29.27 20.10
CA LEU I 20 -85.40 27.93 19.97
C LEU I 20 -84.26 27.79 20.96
N PHE I 21 -83.35 28.77 21.01
CA PHE I 21 -82.20 28.73 21.91
C PHE I 21 -82.32 29.63 23.12
N GLY I 22 -83.35 30.48 23.15
CA GLY I 22 -83.70 31.27 24.32
C GLY I 22 -83.11 32.67 24.31
N PRO I 23 -83.51 33.48 25.31
CA PRO I 23 -83.03 34.87 25.44
C PRO I 23 -81.52 35.01 25.44
N GLY I 24 -81.03 35.99 24.69
CA GLY I 24 -79.59 36.28 24.63
C GLY I 24 -78.77 35.25 23.85
N ASN I 25 -79.45 34.30 23.19
CA ASN I 25 -78.76 33.26 22.45
C ASN I 25 -79.00 33.38 20.94
N ALA I 26 -78.32 32.54 20.16
CA ALA I 26 -78.28 32.68 18.71
C ALA I 26 -79.67 32.80 18.09
N GLN I 27 -79.82 33.75 17.18
CA GLN I 27 -81.05 33.91 16.40
C GLN I 27 -80.70 33.88 14.92
N LEU I 28 -81.46 33.13 14.14
CA LEU I 28 -81.45 33.32 12.70
C LEU I 28 -82.15 34.64 12.39
N PRO I 29 -81.86 35.25 11.23
CA PRO I 29 -82.66 36.40 10.82
C PRO I 29 -84.07 35.95 10.50
N ALA I 30 -85.03 36.86 10.60
CA ALA I 30 -86.37 36.60 10.11
C ALA I 30 -86.45 36.95 8.62
N PRO I 31 -87.56 36.57 7.96
CA PRO I 31 -87.72 37.07 6.60
C PRO I 31 -87.74 38.61 6.61
N ASN I 32 -87.21 39.27 5.58
CA ASN I 32 -86.74 38.67 4.34
C ASN I 32 -85.22 38.43 4.27
N MET I 33 -84.50 38.52 5.40
CA MET I 33 -83.07 38.24 5.41
C MET I 33 -82.78 36.73 5.60
N LEU I 34 -83.74 35.99 6.15
CA LEU I 34 -83.59 34.54 6.32
C LEU I 34 -83.43 33.87 4.96
N MET I 35 -82.32 33.17 4.75
CA MET I 35 -82.07 32.56 3.45
C MET I 35 -82.14 31.03 3.48
N ILE I 36 -82.82 30.51 4.50
CA ILE I 36 -82.93 29.06 4.75
C ILE I 36 -84.39 28.70 4.94
N ASP I 37 -84.85 27.67 4.24
CA ASP I 37 -86.21 27.16 4.44
C ASP I 37 -86.20 26.03 5.44
N ARG I 38 -85.16 25.21 5.41
CA ARG I 38 -85.07 24.08 6.32
C ARG I 38 -83.64 23.57 6.44
N ILE I 39 -83.33 22.98 7.59
CA ILE I 39 -82.05 22.27 7.78
C ILE I 39 -82.38 20.80 7.70
N VAL I 40 -81.95 20.17 6.60
CA VAL I 40 -82.22 18.74 6.32
C VAL I 40 -81.37 17.83 7.20
N HIS I 41 -80.16 18.29 7.52
CA HIS I 41 -79.25 17.53 8.37
C HIS I 41 -78.26 18.39 9.06
N ILE I 42 -78.05 18.14 10.34
CA ILE I 42 -77.02 18.82 11.13
C ILE I 42 -76.43 17.81 12.08
N SER I 43 -75.09 17.80 12.16
CA SER I 43 -74.36 16.82 12.96
C SER I 43 -73.04 17.40 13.43
N ASP I 44 -72.56 16.94 14.58
CA ASP I 44 -71.24 17.36 15.06
C ASP I 44 -70.13 16.36 14.68
N VAL I 45 -70.48 15.34 13.88
CA VAL I 45 -69.49 14.47 13.25
C VAL I 45 -69.63 14.53 11.72
N GLY I 46 -68.69 13.89 11.02
CA GLY I 46 -68.63 13.97 9.56
C GLY I 46 -68.22 15.34 9.06
N GLY I 47 -68.52 15.62 7.80
CA GLY I 47 -68.03 16.85 7.15
C GLY I 47 -66.57 16.68 6.73
N LYS I 48 -66.04 17.60 5.92
CA LYS I 48 -64.73 17.36 5.32
C LYS I 48 -63.58 17.44 6.31
N TYR I 49 -63.82 18.00 7.49
CA TYR I 49 -62.78 17.97 8.55
C TYR I 49 -63.09 17.01 9.68
N GLY I 50 -64.20 16.28 9.56
CA GLY I 50 -64.64 15.35 10.61
C GLY I 50 -65.06 16.03 11.90
N LYS I 51 -65.45 17.31 11.81
CA LYS I 51 -65.88 18.05 13.00
C LYS I 51 -67.29 18.60 12.89
N GLY I 52 -68.09 17.99 12.02
CA GLY I 52 -69.49 18.37 11.87
C GLY I 52 -69.80 18.95 10.50
N GLU I 53 -71.09 18.93 10.15
CA GLU I 53 -71.58 19.49 8.91
C GLU I 53 -73.08 19.74 8.96
N LEU I 54 -73.54 20.61 8.07
CA LEU I 54 -74.95 20.86 7.87
C LEU I 54 -75.26 20.72 6.38
N VAL I 55 -76.44 20.22 6.09
CA VAL I 55 -77.04 20.35 4.77
C VAL I 55 -78.35 21.09 4.97
N ALA I 56 -78.54 22.17 4.21
CA ALA I 56 -79.75 23.01 4.34
C ALA I 56 -80.28 23.37 2.96
N GLU I 57 -81.53 23.79 2.89
CA GLU I 57 -82.18 24.07 1.61
C GLU I 57 -82.93 25.41 1.65
N LEU I 58 -83.00 26.06 0.48
CA LEU I 58 -83.91 27.19 0.24
C LEU I 58 -84.68 26.90 -1.05
N ASP I 59 -86.00 26.85 -0.97
CA ASP I 59 -86.83 26.68 -2.16
C ASP I 59 -86.85 27.97 -2.95
N ILE I 60 -86.73 27.84 -4.27
CA ILE I 60 -86.77 28.98 -5.17
C ILE I 60 -88.10 29.00 -5.90
N ASN I 61 -88.66 30.19 -6.03
CA ASN I 61 -89.78 30.42 -6.93
C ASN I 61 -89.60 31.83 -7.52
N PRO I 62 -90.28 32.13 -8.62
CA PRO I 62 -89.99 33.41 -9.29
C PRO I 62 -90.36 34.69 -8.52
N ASP I 63 -91.09 34.56 -7.43
CA ASP I 63 -91.63 35.73 -6.72
C ASP I 63 -90.82 36.13 -5.50
N LEU I 64 -89.74 35.41 -5.21
CA LEU I 64 -88.84 35.80 -4.16
C LEU I 64 -88.38 37.24 -4.40
N TRP I 65 -88.43 38.03 -3.34
CA TRP I 65 -88.34 39.50 -3.44
C TRP I 65 -87.11 40.00 -4.14
N PHE I 66 -85.99 39.30 -3.98
CA PHE I 66 -84.72 39.78 -4.54
C PHE I 66 -84.62 39.68 -6.07
N PHE I 67 -85.45 38.86 -6.71
CA PHE I 67 -85.42 38.76 -8.16
C PHE I 67 -85.86 40.02 -8.89
N ALA I 68 -86.90 40.68 -8.39
CA ALA I 68 -87.42 41.88 -9.05
C ALA I 68 -86.42 43.04 -9.04
N CYS I 69 -85.62 43.15 -7.99
CA CYS I 69 -84.73 44.32 -7.83
C CYS I 69 -83.25 44.04 -8.13
N HIS I 70 -82.90 42.77 -8.36
CA HIS I 70 -81.52 42.36 -8.57
C HIS I 70 -81.43 41.39 -9.71
N PHE I 71 -81.45 41.85 -10.96
CA PHE I 71 -81.59 43.24 -11.36
C PHE I 71 -82.85 43.39 -12.22
N GLU I 72 -83.38 44.60 -12.32
CA GLU I 72 -84.53 44.86 -13.17
C GLU I 72 -84.25 44.39 -14.58
N GLY I 73 -85.10 43.49 -15.08
CA GLY I 73 -84.95 42.91 -16.42
C GLY I 73 -83.87 41.84 -16.56
N ASP I 74 -83.26 41.48 -15.44
CA ASP I 74 -82.14 40.52 -15.43
C ASP I 74 -82.06 39.87 -14.03
N PRO I 75 -83.05 39.08 -13.67
CA PRO I 75 -83.12 38.52 -12.32
C PRO I 75 -82.09 37.43 -12.02
N VAL I 76 -81.43 37.55 -10.88
CA VAL I 76 -80.47 36.57 -10.42
C VAL I 76 -80.29 36.72 -8.89
N MET I 77 -80.27 35.60 -8.17
CA MET I 77 -80.11 35.69 -6.71
C MET I 77 -78.79 36.36 -6.37
N PRO I 78 -78.81 37.36 -5.46
CA PRO I 78 -77.54 37.99 -5.04
C PRO I 78 -76.65 37.02 -4.30
N GLY I 79 -75.42 36.90 -4.77
CA GLY I 79 -74.46 35.99 -4.16
C GLY I 79 -74.26 36.34 -2.71
N CYS I 80 -74.33 37.64 -2.38
CA CYS I 80 -74.19 38.04 -0.99
C CYS I 80 -75.23 37.35 -0.09
N LEU I 81 -76.42 37.05 -0.61
CA LEU I 81 -77.43 36.37 0.19
C LEU I 81 -77.15 34.87 0.34
N GLY I 82 -76.59 34.25 -0.70
CA GLY I 82 -76.14 32.86 -0.61
C GLY I 82 -75.00 32.75 0.37
N LEU I 83 -74.09 33.72 0.31
CA LEU I 83 -73.01 33.82 1.28
C LEU I 83 -73.56 34.00 2.69
N ASP I 84 -74.54 34.90 2.87
CA ASP I 84 -75.15 35.07 4.20
C ASP I 84 -75.85 33.83 4.74
N ALA I 85 -76.48 33.07 3.85
CA ALA I 85 -77.06 31.78 4.24
C ALA I 85 -76.03 30.94 4.98
N MET I 86 -74.81 30.94 4.48
CA MET I 86 -73.73 30.14 5.07
C MET I 86 -73.35 30.67 6.45
N TRP I 87 -73.22 31.98 6.59
CA TRP I 87 -73.03 32.60 7.94
C TRP I 87 -74.20 32.33 8.87
N GLN I 88 -75.42 32.41 8.36
CA GLN I 88 -76.60 32.07 9.15
C GLN I 88 -76.48 30.65 9.70
N LEU I 89 -76.13 29.71 8.82
CA LEU I 89 -76.01 28.29 9.20
C LEU I 89 -74.88 28.06 10.21
N VAL I 90 -73.75 28.75 10.07
CA VAL I 90 -72.63 28.59 11.02
C VAL I 90 -73.02 29.14 12.38
N GLY I 91 -73.72 30.28 12.40
CA GLY I 91 -74.26 30.80 13.64
C GLY I 91 -75.23 29.84 14.30
N PHE I 92 -76.12 29.27 13.51
CA PHE I 92 -77.09 28.31 14.02
C PHE I 92 -76.38 27.13 14.66
N TYR I 93 -75.32 26.66 14.03
CA TYR I 93 -74.55 25.53 14.55
C TYR I 93 -74.00 25.83 15.93
N LEU I 94 -73.42 27.02 16.11
CA LEU I 94 -72.89 27.42 17.40
C LEU I 94 -73.98 27.37 18.48
N GLY I 95 -75.18 27.87 18.14
CA GLY I 95 -76.32 27.81 19.07
C GLY I 95 -76.77 26.38 19.35
N TRP I 96 -76.82 25.59 18.31
CA TRP I 96 -77.20 24.20 18.40
C TRP I 96 -76.26 23.42 19.27
N GLN I 97 -74.99 23.78 19.26
CA GLN I 97 -73.97 23.15 20.12
C GLN I 97 -74.15 23.47 21.60
N GLY I 98 -74.96 24.49 21.90
CA GLY I 98 -75.25 24.86 23.29
C GLY I 98 -74.43 26.03 23.81
N ASN I 99 -73.83 26.80 22.92
CA ASN I 99 -73.11 28.01 23.31
C ASN I 99 -74.06 29.16 23.53
N PRO I 100 -73.85 29.95 24.59
CA PRO I 100 -74.62 31.15 24.82
C PRO I 100 -74.12 32.34 24.03
N GLY I 101 -75.00 33.33 23.81
CA GLY I 101 -74.62 34.53 23.12
C GLY I 101 -75.32 34.75 21.77
N ARG I 102 -75.31 36.00 21.32
CA ARG I 102 -75.90 36.36 20.02
C ARG I 102 -74.85 36.36 18.91
N GLY I 103 -75.28 36.01 17.70
CA GLY I 103 -74.40 35.86 16.55
C GLY I 103 -74.04 37.14 15.83
N ARG I 104 -72.77 37.19 15.39
CA ARG I 104 -72.31 38.18 14.44
C ARG I 104 -71.37 37.47 13.46
N ALA I 105 -71.63 37.62 12.17
CA ALA I 105 -70.69 37.19 11.14
C ALA I 105 -69.37 37.94 11.36
N LEU I 106 -68.24 37.25 11.30
CA LEU I 106 -66.93 37.88 11.45
C LEU I 106 -66.21 38.05 10.10
N GLY I 107 -66.60 37.25 9.13
CA GLY I 107 -66.08 37.39 7.79
C GLY I 107 -65.78 36.07 7.11
N SER I 108 -64.82 36.10 6.19
CA SER I 108 -64.50 34.91 5.43
C SER I 108 -63.11 34.95 4.86
N GLY I 109 -62.59 33.76 4.58
CA GLY I 109 -61.34 33.59 3.94
C GLY I 109 -61.51 33.97 2.48
N GLU I 110 -61.94 33.07 1.62
CA GLU I 110 -62.08 33.33 0.19
C GLU I 110 -63.52 33.01 -0.24
N VAL I 111 -64.13 33.92 -1.00
CA VAL I 111 -65.48 33.70 -1.51
C VAL I 111 -65.42 33.69 -3.03
N LYS I 112 -66.12 32.73 -3.65
CA LYS I 112 -66.19 32.61 -5.11
C LYS I 112 -67.64 32.40 -5.56
N PHE I 113 -68.06 33.18 -6.54
CA PHE I 113 -69.35 32.99 -7.20
C PHE I 113 -69.01 32.64 -8.64
N PHE I 114 -69.54 31.52 -9.11
CA PHE I 114 -69.22 31.02 -10.44
C PHE I 114 -70.42 30.33 -11.10
N GLY I 115 -71.61 30.76 -10.74
CA GLY I 115 -72.84 30.21 -11.25
C GLY I 115 -74.03 31.03 -10.77
N GLN I 116 -75.17 30.85 -11.42
CA GLN I 116 -76.37 31.67 -11.21
C GLN I 116 -77.52 30.88 -10.60
N VAL I 117 -78.26 31.53 -9.70
CA VAL I 117 -79.60 31.08 -9.36
C VAL I 117 -80.62 31.96 -10.09
N LEU I 118 -81.27 31.39 -11.10
CA LEU I 118 -82.30 32.08 -11.85
C LEU I 118 -83.68 31.81 -11.25
N PRO I 119 -84.67 32.63 -11.60
CA PRO I 119 -86.01 32.45 -11.00
C PRO I 119 -86.72 31.19 -11.45
N THR I 120 -86.20 30.52 -12.46
CA THR I 120 -86.72 29.23 -12.93
C THR I 120 -86.14 28.06 -12.12
N ALA I 121 -85.18 28.31 -11.22
CA ALA I 121 -84.60 27.24 -10.37
C ALA I 121 -85.61 26.73 -9.38
N LYS I 122 -85.39 25.51 -8.90
CA LYS I 122 -86.33 24.89 -7.96
C LYS I 122 -85.81 24.93 -6.52
N LYS I 123 -84.55 24.58 -6.32
CA LYS I 123 -84.03 24.41 -4.96
C LYS I 123 -82.51 24.67 -4.81
N VAL I 124 -82.16 25.56 -3.90
CA VAL I 124 -80.77 25.78 -3.50
C VAL I 124 -80.44 24.92 -2.29
N THR I 125 -79.29 24.25 -2.34
CA THR I 125 -78.82 23.44 -1.23
C THR I 125 -77.50 23.98 -0.72
N TYR I 126 -77.40 24.10 0.59
CA TYR I 126 -76.18 24.58 1.23
C TYR I 126 -75.51 23.39 1.90
N ASN I 127 -74.20 23.29 1.75
CA ASN I 127 -73.37 22.36 2.53
C ASN I 127 -72.39 23.15 3.35
N ILE I 128 -72.34 22.89 4.66
CA ILE I 128 -71.41 23.56 5.55
C ILE I 128 -70.53 22.52 6.22
N HIS I 129 -69.22 22.77 6.21
CA HIS I 129 -68.27 21.88 6.86
C HIS I 129 -67.64 22.65 7.98
N ILE I 130 -67.91 22.22 9.21
CA ILE I 130 -67.29 22.82 10.39
C ILE I 130 -65.80 22.47 10.44
N LYS I 131 -64.97 23.50 10.54
CA LYS I 131 -63.51 23.32 10.56
C LYS I 131 -62.95 23.37 11.96
N ARG I 132 -63.53 24.22 12.80
CA ARG I 132 -63.00 24.45 14.13
C ARG I 132 -64.00 25.27 14.94
N THR I 133 -64.14 24.95 16.21
CA THR I 133 -64.86 25.81 17.15
C THR I 133 -63.98 26.16 18.35
N ILE I 134 -64.07 27.41 18.80
CA ILE I 134 -63.42 27.87 20.01
C ILE I 134 -64.49 28.20 21.04
N ASN I 135 -64.36 27.63 22.23
CA ASN I 135 -65.29 27.90 23.34
C ASN I 135 -64.65 28.59 24.54
N ARG I 136 -63.39 28.98 24.41
CA ARG I 136 -62.61 29.28 25.61
C ARG I 136 -62.89 30.67 26.11
N LEU I 138 -63.53 34.46 23.52
CA LEU I 138 -64.76 34.48 22.72
C LEU I 138 -65.14 33.09 22.19
N VAL I 139 -66.40 32.96 21.80
CA VAL I 139 -66.92 31.77 21.14
C VAL I 139 -67.02 32.04 19.63
N LEU I 140 -66.38 31.20 18.82
CA LEU I 140 -66.49 31.33 17.39
C LEU I 140 -66.33 30.03 16.63
N ALA I 141 -66.85 30.01 15.41
CA ALA I 141 -66.77 28.86 14.57
C ALA I 141 -66.13 29.23 13.23
N ILE I 142 -65.29 28.35 12.71
CA ILE I 142 -64.70 28.49 11.40
C ILE I 142 -65.22 27.35 10.57
N ALA I 143 -65.61 27.63 9.32
CA ALA I 143 -66.19 26.62 8.44
C ALA I 143 -65.95 26.93 6.98
N ASP I 144 -66.13 25.90 6.15
CA ASP I 144 -66.15 26.04 4.70
C ASP I 144 -67.54 25.74 4.24
N GLY I 145 -67.94 26.32 3.11
CA GLY I 145 -69.27 26.11 2.60
C GLY I 145 -69.36 26.15 1.09
N THR I 146 -70.36 25.47 0.57
CA THR I 146 -70.71 25.53 -0.85
C THR I 146 -72.21 25.68 -1.02
N VAL I 147 -72.59 26.47 -2.01
CA VAL I 147 -74.00 26.64 -2.36
C VAL I 147 -74.19 25.96 -3.71
N SER I 148 -75.28 25.21 -3.84
CA SER I 148 -75.64 24.53 -5.09
C SER I 148 -77.08 24.83 -5.46
N VAL I 149 -77.38 24.82 -6.76
CA VAL I 149 -78.75 24.98 -7.24
C VAL I 149 -79.10 23.85 -8.19
N ASP I 150 -80.17 23.10 -7.85
CA ASP I 150 -80.61 21.94 -8.63
C ASP I 150 -79.45 21.03 -9.08
N GLY I 151 -78.54 20.73 -8.15
CA GLY I 151 -77.44 19.80 -8.39
C GLY I 151 -76.13 20.46 -8.80
N ARG I 152 -76.18 21.73 -9.23
CA ARG I 152 -74.98 22.40 -9.76
C ARG I 152 -74.34 23.31 -8.71
N GLU I 153 -73.05 23.08 -8.45
CA GLU I 153 -72.30 23.93 -7.53
C GLU I 153 -72.09 25.30 -8.14
N ILE I 154 -72.32 26.34 -7.35
CA ILE I 154 -72.25 27.71 -7.88
C ILE I 154 -71.47 28.72 -7.03
N TYR I 155 -71.55 28.61 -5.70
CA TYR I 155 -70.77 29.44 -4.82
C TYR I 155 -69.92 28.61 -3.87
N SER I 156 -68.81 29.18 -3.42
CA SER I 156 -68.02 28.59 -2.35
C SER I 156 -67.42 29.67 -1.44
N ALA I 157 -67.21 29.30 -0.17
CA ALA I 157 -66.59 30.15 0.81
C ALA I 157 -65.67 29.33 1.69
N GLU I 158 -64.40 29.74 1.82
CA GLU I 158 -63.44 29.10 2.72
C GLU I 158 -63.24 29.97 3.95
N GLY I 159 -63.26 29.36 5.13
CA GLY I 159 -62.93 30.07 6.36
C GLY I 159 -63.99 31.06 6.79
N LEU I 160 -65.26 30.70 6.61
CA LEU I 160 -66.38 31.44 7.17
C LEU I 160 -66.14 31.49 8.65
N ARG I 161 -66.32 32.68 9.23
CA ARG I 161 -66.19 32.87 10.66
C ARG I 161 -67.47 33.49 11.21
N VAL I 162 -67.97 32.95 12.33
CA VAL I 162 -69.09 33.53 13.05
C VAL I 162 -68.77 33.49 14.55
N GLY I 163 -69.11 34.55 15.26
CA GLY I 163 -68.83 34.63 16.70
C GLY I 163 -70.11 34.82 17.50
N LEU I 164 -70.07 34.42 18.77
CA LEU I 164 -71.18 34.67 19.70
C LEU I 164 -70.74 35.68 20.76
N PHE I 165 -71.62 36.64 21.03
CA PHE I 165 -71.37 37.70 21.99
C PHE I 165 -72.47 37.72 23.04
N THR I 166 -72.08 37.68 24.31
CA THR I 166 -73.00 37.87 25.41
C THR I 166 -73.24 39.36 25.68
N SER I 167 -72.42 40.20 25.06
CA SER I 167 -72.57 41.65 25.13
C SER I 167 -72.23 42.29 23.78
N THR I 168 -73.11 43.15 23.29
CA THR I 168 -72.83 43.94 22.09
C THR I 168 -73.17 45.44 22.28
N ASP I 169 -73.44 45.85 23.52
CA ASP I 169 -73.82 47.24 23.79
C ASP I 169 -72.66 48.11 24.35
N SER I 170 -71.45 47.56 24.41
CA SER I 170 -70.32 48.23 25.05
C SER I 170 -69.08 48.31 24.17
N PHE I 171 -69.28 48.42 22.86
CA PHE I 171 -68.17 48.62 21.91
C PHE I 171 -67.65 50.05 22.00
N THR J 2 -66.24 58.54 -17.25
CA THR J 2 -64.93 59.10 -16.82
C THR J 2 -65.00 60.61 -16.60
N LYS J 3 -66.10 61.23 -17.06
CA LYS J 3 -66.23 62.69 -16.99
C LYS J 3 -66.99 63.13 -15.73
N GLN J 4 -68.10 62.46 -15.42
CA GLN J 4 -68.89 62.80 -14.22
C GLN J 4 -68.30 62.09 -12.98
N HIS J 5 -68.07 62.86 -11.92
CA HIS J 5 -67.34 62.37 -10.75
C HIS J 5 -68.18 62.21 -9.52
N ALA J 6 -69.47 62.50 -9.62
CA ALA J 6 -70.40 62.30 -8.50
C ALA J 6 -71.75 61.87 -9.04
N PHE J 7 -72.49 61.11 -8.24
CA PHE J 7 -73.81 60.65 -8.63
C PHE J 7 -74.81 60.74 -7.49
N THR J 8 -75.96 61.34 -7.78
CA THR J 8 -77.04 61.45 -6.80
C THR J 8 -77.81 60.15 -6.71
N ARG J 9 -78.72 60.05 -5.75
CA ARG J 9 -79.58 58.87 -5.65
C ARG J 9 -80.41 58.66 -6.91
N GLU J 10 -80.91 59.74 -7.49
CA GLU J 10 -81.69 59.64 -8.74
C GLU J 10 -80.86 59.06 -9.87
N ASP J 11 -79.59 59.45 -9.94
CA ASP J 11 -78.69 58.85 -10.93
C ASP J 11 -78.57 57.35 -10.69
N LEU J 12 -78.43 56.96 -9.43
CA LEU J 12 -78.27 55.54 -9.10
C LEU J 12 -79.55 54.75 -9.37
N LEU J 13 -80.71 55.36 -9.12
CA LEU J 13 -81.98 54.76 -9.50
C LEU J 13 -82.08 54.61 -11.01
N ARG J 14 -81.68 55.66 -11.73
CA ARG J 14 -81.63 55.62 -13.19
C ARG J 14 -80.73 54.45 -13.66
N CYS J 15 -79.57 54.31 -13.02
CA CYS J 15 -78.65 53.22 -13.31
C CYS J 15 -79.33 51.87 -13.13
N SER J 16 -80.11 51.73 -12.05
CA SER J 16 -80.77 50.46 -11.75
C SER J 16 -81.85 50.09 -12.77
N ARG J 17 -82.40 51.08 -13.44
CA ARG J 17 -83.36 50.82 -14.52
C ARG J 17 -82.70 50.50 -15.87
N GLY J 18 -81.37 50.52 -15.93
CA GLY J 18 -80.63 50.33 -17.18
C GLY J 18 -80.50 51.59 -18.03
N GLU J 19 -80.79 52.75 -17.43
CA GLU J 19 -80.88 54.02 -18.17
C GLU J 19 -79.69 54.96 -17.99
N LEU J 20 -78.70 54.57 -17.20
CA LEU J 20 -77.48 55.36 -17.10
C LEU J 20 -76.46 54.87 -18.15
N PHE J 21 -76.23 53.55 -18.20
CA PHE J 21 -75.23 52.98 -19.08
C PHE J 21 -75.83 52.29 -20.30
N GLY J 22 -77.15 52.11 -20.30
CA GLY J 22 -77.87 51.65 -21.48
C GLY J 22 -78.07 50.13 -21.52
N PRO J 23 -78.78 49.63 -22.56
CA PRO J 23 -79.17 48.23 -22.69
C PRO J 23 -77.97 47.30 -22.67
N GLY J 24 -78.10 46.21 -21.92
CA GLY J 24 -77.04 45.20 -21.81
C GLY J 24 -75.83 45.63 -21.00
N ASN J 25 -75.90 46.80 -20.35
CA ASN J 25 -74.75 47.32 -19.62
C ASN J 25 -75.01 47.35 -18.11
N ALA J 26 -73.99 47.68 -17.33
CA ALA J 26 -74.06 47.54 -15.87
C ALA J 26 -75.31 48.18 -15.25
N GLN J 27 -75.92 47.45 -14.33
CA GLN J 27 -77.04 47.97 -13.53
C GLN J 27 -76.72 47.80 -12.05
N LEU J 28 -76.95 48.84 -11.27
CA LEU J 28 -77.01 48.69 -9.83
C LEU J 28 -78.30 47.94 -9.52
N PRO J 29 -78.39 47.30 -8.35
CA PRO J 29 -79.69 46.78 -7.93
C PRO J 29 -80.63 47.91 -7.60
N ALA J 30 -81.93 47.66 -7.69
CA ALA J 30 -82.94 48.61 -7.21
C ALA J 30 -83.19 48.35 -5.73
N PRO J 31 -83.92 49.26 -5.07
CA PRO J 31 -84.30 48.92 -3.71
C PRO J 31 -85.15 47.64 -3.72
N ASN J 32 -85.05 46.78 -2.72
CA ASN J 32 -84.31 47.03 -1.46
C ASN J 32 -82.91 46.43 -1.39
N MET J 33 -82.35 46.00 -2.52
CA MET J 33 -81.00 45.43 -2.53
C MET J 33 -79.97 46.52 -2.73
N LEU J 34 -80.38 47.65 -3.27
CA LEU J 34 -79.46 48.79 -3.44
C LEU J 34 -78.96 49.26 -2.09
N MET J 35 -77.64 49.24 -1.89
CA MET J 35 -77.08 49.64 -0.59
C MET J 35 -76.32 50.97 -0.63
N ILE J 36 -76.61 51.78 -1.66
CA ILE J 36 -75.93 53.06 -1.88
C ILE J 36 -76.95 54.17 -2.07
N ASP J 37 -76.78 55.29 -1.37
CA ASP J 37 -77.64 56.45 -1.56
C ASP J 37 -77.02 57.40 -2.55
N ARG J 38 -75.68 57.51 -2.53
CA ARG J 38 -75.01 58.39 -3.47
C ARG J 38 -73.52 58.03 -3.58
N ILE J 39 -72.93 58.36 -4.73
CA ILE J 39 -71.50 58.26 -4.94
C ILE J 39 -70.93 59.68 -4.86
N VAL J 40 -70.21 59.97 -3.77
CA VAL J 40 -69.71 61.32 -3.49
C VAL J 40 -68.50 61.65 -4.35
N HIS J 41 -67.73 60.62 -4.67
CA HIS J 41 -66.57 60.77 -5.53
C HIS J 41 -66.20 59.50 -6.23
N ILE J 42 -65.89 59.61 -7.51
CA ILE J 42 -65.40 58.49 -8.27
C ILE J 42 -64.33 59.02 -9.21
N SER J 43 -63.21 58.30 -9.32
CA SER J 43 -62.08 58.73 -10.13
C SER J 43 -61.30 57.51 -10.61
N ASP J 44 -60.65 57.64 -11.77
CA ASP J 44 -59.77 56.58 -12.26
C ASP J 44 -58.32 56.78 -11.86
N VAL J 45 -58.05 57.81 -11.04
CA VAL J 45 -56.73 57.97 -10.42
C VAL J 45 -56.88 57.98 -8.91
N GLY J 46 -55.74 58.00 -8.22
CA GLY J 46 -55.71 57.96 -6.76
C GLY J 46 -56.08 56.57 -6.28
N GLY J 47 -56.47 56.48 -5.01
CA GLY J 47 -56.74 55.19 -4.39
C GLY J 47 -55.45 54.55 -3.99
N LYS J 48 -55.50 53.48 -3.19
CA LYS J 48 -54.26 52.98 -2.58
C LYS J 48 -53.34 52.29 -3.57
N TYR J 49 -53.85 51.95 -4.74
CA TYR J 49 -52.98 51.41 -5.81
C TYR J 49 -52.73 52.41 -6.94
N GLY J 50 -53.26 53.62 -6.82
CA GLY J 50 -53.11 54.63 -7.87
C GLY J 50 -53.85 54.30 -9.16
N LYS J 51 -54.88 53.45 -9.07
CA LYS J 51 -55.65 53.06 -10.26
C LYS J 51 -57.13 53.37 -10.12
N GLY J 52 -57.48 54.30 -9.25
CA GLY J 52 -58.84 54.74 -9.10
C GLY J 52 -59.43 54.41 -7.73
N GLU J 53 -60.48 55.14 -7.37
CA GLU J 53 -61.17 54.94 -6.11
C GLU J 53 -62.58 55.55 -6.13
N LEU J 54 -63.43 55.06 -5.25
CA LEU J 54 -64.77 55.61 -5.05
C LEU J 54 -64.97 55.88 -3.57
N VAL J 55 -65.69 56.96 -3.27
CA VAL J 55 -66.25 57.18 -1.96
C VAL J 55 -67.76 57.28 -2.15
N ALA J 56 -68.50 56.49 -1.38
CA ALA J 56 -69.96 56.42 -1.51
C ALA J 56 -70.60 56.37 -0.12
N GLU J 57 -71.88 56.68 -0.06
CA GLU J 57 -72.58 56.83 1.21
C GLU J 57 -73.92 56.12 1.20
N LEU J 58 -74.35 55.64 2.36
CA LEU J 58 -75.72 55.19 2.61
C LEU J 58 -76.21 55.83 3.92
N ASP J 59 -77.29 56.60 3.83
CA ASP J 59 -77.87 57.19 5.03
C ASP J 59 -78.58 56.12 5.82
N ILE J 60 -78.42 56.17 7.13
CA ILE J 60 -79.06 55.23 8.04
C ILE J 60 -80.21 55.96 8.78
N ASN J 61 -81.32 55.26 8.91
CA ASN J 61 -82.38 55.64 9.83
C ASN J 61 -82.95 54.36 10.42
N PRO J 62 -83.70 54.46 11.54
CA PRO J 62 -84.18 53.24 12.20
C PRO J 62 -85.21 52.40 11.44
N ASP J 63 -85.74 52.91 10.33
CA ASP J 63 -86.81 52.22 9.61
C ASP J 63 -86.36 51.42 8.39
N LEU J 64 -85.06 51.45 8.10
CA LEU J 64 -84.53 50.62 7.04
C LEU J 64 -84.93 49.17 7.28
N TRP J 65 -85.41 48.53 6.23
CA TRP J 65 -86.11 47.25 6.33
C TRP J 65 -85.33 46.17 7.04
N PHE J 66 -84.01 46.15 6.87
CA PHE J 66 -83.19 45.04 7.42
C PHE J 66 -83.05 45.07 8.95
N PHE J 67 -83.31 46.22 9.58
CA PHE J 67 -83.23 46.27 11.05
C PHE J 67 -84.29 45.43 11.77
N ALA J 68 -85.52 45.44 11.27
CA ALA J 68 -86.61 44.70 11.92
C ALA J 68 -86.38 43.19 11.91
N CYS J 69 -85.74 42.67 10.87
CA CYS J 69 -85.63 41.20 10.71
C CYS J 69 -84.23 40.65 11.01
N HIS J 70 -83.27 41.53 11.23
CA HIS J 70 -81.90 41.13 11.43
C HIS J 70 -81.33 41.94 12.58
N PHE J 71 -81.60 41.57 13.85
CA PHE J 71 -82.44 40.44 14.25
C PHE J 71 -83.56 41.00 15.09
N GLU J 72 -84.66 40.24 15.21
CA GLU J 72 -85.74 40.65 16.06
C GLU J 72 -85.24 40.91 17.48
N GLY J 73 -85.48 42.13 17.98
CA GLY J 73 -85.06 42.51 19.34
C GLY J 73 -83.57 42.80 19.46
N ASP J 74 -82.86 42.82 18.32
CA ASP J 74 -81.41 43.02 18.31
C ASP J 74 -80.98 43.52 16.92
N PRO J 75 -81.38 44.74 16.56
CA PRO J 75 -81.17 45.23 15.19
C PRO J 75 -79.72 45.58 14.88
N VAL J 76 -79.23 45.11 13.74
CA VAL J 76 -77.90 45.43 13.27
C VAL J 76 -77.84 45.21 11.74
N MET J 77 -77.22 46.14 11.01
CA MET J 77 -77.14 45.97 9.56
C MET J 77 -76.39 44.68 9.23
N PRO J 78 -76.94 43.86 8.33
CA PRO J 78 -76.21 42.67 7.91
C PRO J 78 -74.92 43.02 7.19
N GLY J 79 -73.82 42.44 7.62
CA GLY J 79 -72.53 42.66 6.99
C GLY J 79 -72.56 42.26 5.55
N CYS J 80 -73.31 41.21 5.23
CA CYS J 80 -73.41 40.78 3.83
C CYS J 80 -73.91 41.94 2.94
N LEU J 81 -74.77 42.81 3.46
CA LEU J 81 -75.27 43.95 2.65
C LEU J 81 -74.23 45.08 2.51
N GLY J 82 -73.43 45.30 3.55
CA GLY J 82 -72.28 46.20 3.45
C GLY J 82 -71.25 45.68 2.45
N LEU J 83 -71.01 44.37 2.51
CA LEU J 83 -70.15 43.70 1.54
C LEU J 83 -70.72 43.86 0.12
N ASP J 84 -72.03 43.64 -0.05
CA ASP J 84 -72.62 43.81 -1.37
C ASP J 84 -72.51 45.23 -1.90
N ALA J 85 -72.63 46.22 -1.01
CA ALA J 85 -72.44 47.63 -1.40
C ALA J 85 -71.13 47.78 -2.14
N MET J 86 -70.10 47.13 -1.64
CA MET J 86 -68.78 47.18 -2.27
C MET J 86 -68.78 46.54 -3.66
N TRP J 87 -69.38 45.35 -3.80
CA TRP J 87 -69.54 44.74 -5.13
C TRP J 87 -70.37 45.59 -6.04
N GLN J 88 -71.42 46.22 -5.51
CA GLN J 88 -72.24 47.13 -6.31
C GLN J 88 -71.39 48.25 -6.86
N LEU J 89 -70.59 48.85 -5.99
CA LEU J 89 -69.72 49.97 -6.39
C LEU J 89 -68.67 49.56 -7.42
N VAL J 90 -68.09 48.36 -7.28
CA VAL J 90 -67.08 47.94 -8.22
C VAL J 90 -67.72 47.70 -9.59
N GLY J 91 -68.91 47.08 -9.61
CA GLY J 91 -69.65 46.91 -10.86
C GLY J 91 -69.98 48.25 -11.51
N PHE J 92 -70.41 49.21 -10.70
CA PHE J 92 -70.66 50.56 -11.21
C PHE J 92 -69.42 51.15 -11.86
N TYR J 93 -68.28 50.99 -11.20
CA TYR J 93 -67.02 51.53 -11.71
C TYR J 93 -66.72 50.97 -13.12
N LEU J 94 -66.88 49.68 -13.30
CA LEU J 94 -66.65 49.06 -14.60
C LEU J 94 -67.53 49.71 -15.68
N GLY J 95 -68.80 49.92 -15.36
CA GLY J 95 -69.72 50.57 -16.27
C GLY J 95 -69.30 52.03 -16.55
N TRP J 96 -68.92 52.73 -15.50
CA TRP J 96 -68.52 54.11 -15.59
C TRP J 96 -67.29 54.26 -16.44
N GLN J 97 -66.41 53.26 -16.42
CA GLN J 97 -65.22 53.25 -17.29
C GLN J 97 -65.56 53.11 -18.78
N GLY J 98 -66.78 52.67 -19.10
CA GLY J 98 -67.20 52.51 -20.48
C GLY J 98 -67.09 51.09 -21.00
N ASN J 99 -67.04 50.13 -20.10
CA ASN J 99 -67.11 48.71 -20.50
C ASN J 99 -68.55 48.26 -20.72
N PRO J 100 -68.80 47.45 -21.76
CA PRO J 100 -70.13 46.89 -21.98
C PRO J 100 -70.34 45.64 -21.15
N GLY J 101 -71.59 45.28 -20.92
CA GLY J 101 -71.93 44.03 -20.25
C GLY J 101 -72.62 44.22 -18.92
N ARG J 102 -73.31 43.17 -18.48
CA ARG J 102 -74.02 43.19 -17.18
C ARG J 102 -73.11 42.61 -16.08
N GLY J 103 -73.29 43.11 -14.87
CA GLY J 103 -72.46 42.77 -13.72
C GLY J 103 -72.84 41.49 -13.00
N ARG J 104 -71.81 40.75 -12.59
CA ARG J 104 -71.95 39.68 -11.64
C ARG J 104 -70.79 39.75 -10.67
N ALA J 105 -71.09 39.75 -9.38
CA ALA J 105 -70.06 39.61 -8.35
C ALA J 105 -69.37 38.24 -8.56
N LEU J 106 -68.04 38.22 -8.53
CA LEU J 106 -67.28 36.96 -8.69
C LEU J 106 -66.74 36.43 -7.36
N GLY J 107 -66.62 37.31 -6.38
CA GLY J 107 -66.28 36.90 -5.02
C GLY J 107 -65.30 37.84 -4.35
N SER J 108 -64.52 37.30 -3.45
CA SER J 108 -63.60 38.14 -2.69
C SER J 108 -62.44 37.35 -2.16
N GLY J 109 -61.37 38.06 -1.84
CA GLY J 109 -60.21 37.51 -1.16
C GLY J 109 -60.37 37.24 0.34
N GLU J 110 -60.45 38.29 1.14
CA GLU J 110 -60.72 38.15 2.58
C GLU J 110 -61.74 39.20 2.99
N VAL J 111 -62.75 38.77 3.75
CA VAL J 111 -63.75 39.68 4.27
C VAL J 111 -63.67 39.65 5.79
N LYS J 112 -63.77 40.83 6.42
CA LYS J 112 -63.76 40.96 7.88
C LYS J 112 -64.86 41.93 8.31
N PHE J 113 -65.64 41.52 9.30
CA PHE J 113 -66.60 42.38 9.97
C PHE J 113 -66.13 42.48 11.42
N PHE J 114 -65.95 43.71 11.90
CA PHE J 114 -65.42 43.95 13.22
C PHE J 114 -66.04 45.17 13.90
N GLY J 115 -67.29 45.44 13.54
CA GLY J 115 -68.02 46.59 14.06
C GLY J 115 -69.44 46.60 13.57
N GLN J 116 -70.31 47.38 14.24
CA GLN J 116 -71.77 47.32 14.03
C GLN J 116 -72.31 48.60 13.43
N VAL J 117 -73.30 48.45 12.55
CA VAL J 117 -74.17 49.56 12.21
C VAL J 117 -75.48 49.38 12.93
N LEU J 118 -75.72 50.24 13.94
CA LEU J 118 -76.96 50.21 14.70
C LEU J 118 -77.98 51.15 14.08
N PRO J 119 -79.26 50.99 14.42
CA PRO J 119 -80.29 51.89 13.86
C PRO J 119 -80.20 53.34 14.32
N THR J 120 -79.37 53.62 15.33
CA THR J 120 -79.12 54.98 15.80
C THR J 120 -78.01 55.66 15.00
N ALA J 121 -77.34 54.92 14.11
CA ALA J 121 -76.29 55.52 13.27
C ALA J 121 -76.88 56.55 12.30
N LYS J 122 -76.03 57.42 11.78
CA LYS J 122 -76.45 58.44 10.82
C LYS J 122 -76.05 58.11 9.38
N LYS J 123 -74.79 57.72 9.16
CA LYS J 123 -74.26 57.57 7.81
C LYS J 123 -73.14 56.53 7.65
N VAL J 124 -73.35 55.60 6.72
CA VAL J 124 -72.32 54.63 6.35
C VAL J 124 -71.56 55.14 5.13
N THR J 125 -70.23 55.06 5.17
CA THR J 125 -69.40 55.51 4.06
C THR J 125 -68.58 54.34 3.53
N TYR J 126 -68.59 54.17 2.22
CA TYR J 126 -67.82 53.12 1.56
C TYR J 126 -66.60 53.74 0.89
N ASN J 127 -65.45 53.12 1.06
CA ASN J 127 -64.24 53.49 0.28
C ASN J 127 -63.85 52.28 -0.55
N ILE J 128 -63.64 52.49 -1.85
CA ILE J 128 -63.23 51.41 -2.76
C ILE J 128 -61.93 51.81 -3.41
N HIS J 129 -60.96 50.89 -3.42
CA HIS J 129 -59.69 51.12 -4.09
C HIS J 129 -59.54 50.15 -5.21
N ILE J 130 -59.57 50.66 -6.43
CA ILE J 130 -59.40 49.82 -7.60
C ILE J 130 -57.96 49.30 -7.66
N LYS J 131 -57.81 47.99 -7.77
CA LYS J 131 -56.49 47.35 -7.80
C LYS J 131 -56.04 46.98 -9.21
N ARG J 132 -56.99 46.57 -10.04
CA ARG J 132 -56.68 46.10 -11.38
C ARG J 132 -57.96 45.93 -12.18
N THR J 133 -57.89 46.29 -13.47
CA THR J 133 -58.98 46.00 -14.38
C THR J 133 -58.44 45.23 -15.58
N ILE J 134 -59.21 44.25 -16.03
CA ILE J 134 -58.92 43.53 -17.26
C ILE J 134 -60.01 43.83 -18.29
N ASN J 135 -59.61 44.25 -19.48
CA ASN J 135 -60.56 44.54 -20.56
C ASN J 135 -60.44 43.58 -21.73
N LEU J 138 -62.59 38.23 -20.86
CA LEU J 138 -63.66 38.79 -20.05
C LEU J 138 -63.21 40.13 -19.45
N VAL J 139 -64.20 40.91 -19.04
CA VAL J 139 -63.99 42.16 -18.36
C VAL J 139 -64.19 41.97 -16.86
N LEU J 140 -63.19 42.33 -16.06
CA LEU J 140 -63.37 42.27 -14.62
C LEU J 140 -62.53 43.28 -13.86
N ALA J 141 -62.95 43.58 -12.63
CA ALA J 141 -62.22 44.48 -11.77
C ALA J 141 -61.91 43.79 -10.47
N ILE J 142 -60.72 44.07 -9.94
CA ILE J 142 -60.30 43.60 -8.62
C ILE J 142 -60.14 44.87 -7.80
N ALA J 143 -60.64 44.86 -6.56
CA ALA J 143 -60.55 46.02 -5.69
C ALA J 143 -60.50 45.63 -4.21
N ASP J 144 -60.09 46.58 -3.38
CA ASP J 144 -60.18 46.47 -1.94
C ASP J 144 -61.18 47.50 -1.47
N GLY J 145 -61.83 47.23 -0.34
CA GLY J 145 -62.85 48.12 0.17
C GLY J 145 -62.95 48.12 1.68
N THR J 146 -63.43 49.24 2.22
CA THR J 146 -63.73 49.36 3.62
C THR J 146 -65.09 50.02 3.78
N VAL J 147 -65.85 49.58 4.78
CA VAL J 147 -67.09 50.25 5.18
C VAL J 147 -66.85 50.92 6.52
N SER J 148 -67.37 52.12 6.67
CA SER J 148 -67.30 52.87 7.91
C SER J 148 -68.67 53.39 8.29
N VAL J 149 -68.90 53.60 9.59
CA VAL J 149 -70.12 54.21 10.06
C VAL J 149 -69.79 55.37 11.02
N ASP J 150 -70.31 56.55 10.70
CA ASP J 150 -70.05 57.78 11.47
C ASP J 150 -68.57 57.94 11.89
N GLY J 151 -67.66 57.67 10.97
CA GLY J 151 -66.23 57.83 11.21
C GLY J 151 -65.47 56.57 11.61
N ARG J 152 -66.19 55.54 12.06
CA ARG J 152 -65.55 54.34 12.56
C ARG J 152 -65.52 53.21 11.53
N GLU J 153 -64.32 52.69 11.25
CA GLU J 153 -64.16 51.57 10.34
C GLU J 153 -64.74 50.31 10.94
N ILE J 154 -65.48 49.55 10.16
CA ILE J 154 -66.14 48.36 10.70
C ILE J 154 -66.02 47.11 9.85
N TYR J 155 -66.04 47.25 8.53
CA TYR J 155 -65.87 46.10 7.63
C TYR J 155 -64.72 46.36 6.65
N SER J 156 -64.10 45.28 6.18
CA SER J 156 -63.13 45.34 5.10
C SER J 156 -63.26 44.11 4.17
N ALA J 157 -62.91 44.30 2.90
CA ALA J 157 -62.79 43.23 1.93
C ALA J 157 -61.55 43.44 1.10
N GLU J 158 -60.75 42.39 0.91
CA GLU J 158 -59.58 42.43 0.03
C GLU J 158 -59.86 41.61 -1.21
N GLY J 159 -59.53 42.14 -2.38
CA GLY J 159 -59.65 41.36 -3.60
C GLY J 159 -61.09 41.09 -4.01
N LEU J 160 -61.96 42.08 -3.82
CA LEU J 160 -63.30 42.06 -4.39
C LEU J 160 -63.16 41.89 -5.88
N ARG J 161 -63.95 40.99 -6.46
CA ARG J 161 -63.94 40.76 -7.90
C ARG J 161 -65.34 40.91 -8.46
N VAL J 162 -65.46 41.66 -9.57
CA VAL J 162 -66.72 41.82 -10.28
C VAL J 162 -66.45 41.71 -11.76
N GLY J 163 -67.31 40.98 -12.47
CA GLY J 163 -67.13 40.77 -13.91
C GLY J 163 -68.29 41.34 -14.70
N LEU J 164 -68.05 41.65 -15.97
CA LEU J 164 -69.12 42.04 -16.90
C LEU J 164 -69.30 40.97 -17.96
N PHE J 165 -70.56 40.64 -18.22
CA PHE J 165 -70.94 39.60 -19.20
C PHE J 165 -71.90 40.18 -20.23
N THR J 166 -71.57 40.00 -21.51
CA THR J 166 -72.47 40.36 -22.59
C THR J 166 -73.49 39.22 -22.83
N SER J 167 -73.26 38.08 -22.21
CA SER J 167 -74.17 36.94 -22.27
C SER J 167 -74.20 36.23 -20.90
N THR J 168 -75.40 35.97 -20.39
CA THR J 168 -75.60 35.15 -19.20
C THR J 168 -76.64 34.03 -19.41
N ASP J 169 -77.10 33.82 -20.65
CA ASP J 169 -78.21 32.89 -20.91
C ASP J 169 -77.73 31.55 -21.49
N SER J 170 -76.42 31.36 -21.56
CA SER J 170 -75.84 30.16 -22.19
C SER J 170 -74.83 29.43 -21.28
N PHE J 171 -75.06 29.45 -19.97
CA PHE J 171 -74.24 28.67 -19.03
C PHE J 171 -74.59 27.19 -19.09
N THR K 2 6.75 -40.67 17.49
CA THR K 2 7.54 -41.86 17.06
C THR K 2 6.64 -43.08 16.84
N LYS K 3 5.39 -43.01 17.31
CA LYS K 3 4.47 -44.14 17.24
C LYS K 3 3.59 -44.09 15.99
N GLN K 4 3.05 -42.92 15.65
CA GLN K 4 2.21 -42.76 14.45
C GLN K 4 3.09 -42.51 13.22
N HIS K 5 2.86 -43.27 12.16
CA HIS K 5 3.74 -43.27 10.98
C HIS K 5 3.12 -42.69 9.74
N ALA K 6 1.86 -42.25 9.81
CA ALA K 6 1.20 -41.60 8.68
C ALA K 6 0.23 -40.52 9.20
N PHE K 7 0.06 -39.46 8.43
CA PHE K 7 -0.77 -38.33 8.86
C PHE K 7 -1.65 -37.85 7.72
N THR K 8 -2.95 -37.74 7.98
CA THR K 8 -3.91 -37.23 7.00
C THR K 8 -3.83 -35.71 6.95
N ARG K 9 -4.53 -35.12 5.99
CA ARG K 9 -4.60 -33.66 5.89
C ARG K 9 -5.19 -33.04 7.16
N GLU K 10 -6.22 -33.66 7.73
CA GLU K 10 -6.80 -33.16 8.98
C GLU K 10 -5.78 -33.13 10.10
N ASP K 11 -4.92 -34.17 10.17
CA ASP K 11 -3.85 -34.17 11.17
C ASP K 11 -2.92 -32.98 10.94
N LEU K 12 -2.61 -32.69 9.68
CA LEU K 12 -1.70 -31.59 9.36
C LEU K 12 -2.34 -30.25 9.65
N LEU K 13 -3.64 -30.13 9.38
CA LEU K 13 -4.38 -28.93 9.77
C LEU K 13 -4.38 -28.77 11.29
N ARG K 14 -4.60 -29.88 12.00
CA ARG K 14 -4.55 -29.88 13.46
C ARG K 14 -3.17 -29.41 13.93
N CYS K 15 -2.13 -29.92 13.29
CA CYS K 15 -0.76 -29.50 13.57
C CYS K 15 -0.57 -28.00 13.39
N SER K 16 -1.15 -27.45 12.33
CA SER K 16 -1.03 -26.02 12.05
C SER K 16 -1.72 -25.13 13.08
N ARG K 17 -2.73 -25.68 13.76
CA ARG K 17 -3.41 -24.93 14.84
C ARG K 17 -2.69 -25.06 16.18
N GLY K 18 -1.59 -25.81 16.22
CA GLY K 18 -0.83 -26.04 17.46
C GLY K 18 -1.41 -27.16 18.31
N GLU K 19 -2.28 -27.97 17.72
CA GLU K 19 -3.05 -28.98 18.45
C GLU K 19 -2.54 -30.41 18.28
N LEU K 20 -1.50 -30.62 17.49
CA LEU K 20 -0.92 -31.95 17.36
C LEU K 20 0.22 -32.10 18.38
N PHE K 21 1.12 -31.12 18.43
CA PHE K 21 2.27 -31.18 19.33
C PHE K 21 2.15 -30.28 20.54
N GLY K 22 1.15 -29.40 20.54
CA GLY K 22 0.79 -28.63 21.73
C GLY K 22 1.37 -27.25 21.74
N PRO K 23 0.99 -26.43 22.74
CA PRO K 23 1.47 -25.06 22.90
C PRO K 23 2.99 -24.92 22.88
N GLY K 24 3.48 -23.93 22.14
CA GLY K 24 4.92 -23.65 22.07
C GLY K 24 5.72 -24.67 21.28
N ASN K 25 5.05 -25.61 20.61
CA ASN K 25 5.74 -26.66 19.88
C ASN K 25 5.50 -26.54 18.36
N ALA K 26 6.17 -27.37 17.59
CA ALA K 26 6.23 -27.21 16.15
C ALA K 26 4.85 -27.09 15.51
N GLN K 27 4.70 -26.13 14.61
CA GLN K 27 3.48 -25.97 13.82
C GLN K 27 3.84 -25.99 12.35
N LEU K 28 3.08 -26.75 11.56
CA LEU K 28 3.08 -26.56 10.13
C LEU K 28 2.38 -25.24 9.83
N PRO K 29 2.69 -24.63 8.67
CA PRO K 29 1.90 -23.47 8.27
C PRO K 29 0.48 -23.91 7.92
N ALA K 30 -0.47 -22.99 8.03
CA ALA K 30 -1.83 -23.22 7.54
C ALA K 30 -1.90 -22.86 6.07
N PRO K 31 -3.00 -23.23 5.40
CA PRO K 31 -3.13 -22.73 4.04
C PRO K 31 -3.17 -21.20 4.06
N ASN K 32 -2.63 -20.52 3.05
CA ASN K 32 -2.13 -21.13 1.81
C ASN K 32 -0.62 -21.36 1.73
N MET K 33 0.09 -21.29 2.86
CA MET K 33 1.53 -21.59 2.88
C MET K 33 1.82 -23.10 3.04
N LEU K 34 0.84 -23.84 3.55
CA LEU K 34 0.99 -25.28 3.74
C LEU K 34 1.16 -25.92 2.38
N MET K 35 2.26 -26.63 2.18
CA MET K 35 2.53 -27.25 0.89
C MET K 35 2.46 -28.78 0.93
N ILE K 36 1.79 -29.31 1.95
CA ILE K 36 1.64 -30.76 2.17
C ILE K 36 0.18 -31.10 2.34
N ASP K 37 -0.28 -32.13 1.63
CA ASP K 37 -1.64 -32.64 1.81
C ASP K 37 -1.63 -33.78 2.83
N ARG K 38 -0.59 -34.60 2.80
CA ARG K 38 -0.50 -35.73 3.71
C ARG K 38 0.93 -36.23 3.84
N ILE K 39 1.23 -36.84 4.98
CA ILE K 39 2.49 -37.55 5.18
C ILE K 39 2.17 -39.04 5.07
N VAL K 40 2.62 -39.67 3.99
CA VAL K 40 2.34 -41.08 3.71
C VAL K 40 3.17 -41.99 4.57
N HIS K 41 4.37 -41.54 4.91
CA HIS K 41 5.26 -42.32 5.75
C HIS K 41 6.28 -41.45 6.45
N ILE K 42 6.47 -41.71 7.74
CA ILE K 42 7.50 -41.03 8.53
C ILE K 42 8.09 -42.07 9.48
N SER K 43 9.42 -42.07 9.58
CA SER K 43 10.15 -43.06 10.36
C SER K 43 11.47 -42.48 10.84
N ASP K 44 11.94 -42.95 11.98
CA ASP K 44 13.26 -42.53 12.48
C ASP K 44 14.37 -43.52 12.08
N VAL K 45 14.03 -44.54 11.29
CA VAL K 45 15.03 -45.40 10.66
C VAL K 45 14.90 -45.33 9.13
N GLY K 46 15.84 -45.97 8.44
CA GLY K 46 15.90 -45.90 6.98
C GLY K 46 16.31 -44.53 6.50
N GLY K 47 16.00 -44.23 5.23
CA GLY K 47 16.52 -43.01 4.59
C GLY K 47 17.96 -43.20 4.16
N LYS K 48 18.51 -42.27 3.36
CA LYS K 48 19.83 -42.51 2.78
C LYS K 48 20.97 -42.43 3.77
N TYR K 49 20.73 -41.86 4.96
CA TYR K 49 21.75 -41.90 6.02
C TYR K 49 21.43 -42.89 7.14
N GLY K 50 20.33 -43.62 7.02
CA GLY K 50 19.89 -44.55 8.07
C GLY K 50 19.46 -43.87 9.36
N LYS K 51 19.06 -42.59 9.28
CA LYS K 51 18.64 -41.85 10.46
C LYS K 51 17.22 -41.28 10.33
N GLY K 52 16.43 -41.89 9.47
CA GLY K 52 15.03 -41.50 9.31
C GLY K 52 14.72 -40.94 7.94
N GLU K 53 13.44 -40.95 7.59
CA GLU K 53 12.96 -40.38 6.35
C GLU K 53 11.45 -40.12 6.38
N LEU K 54 11.00 -39.24 5.50
CA LEU K 54 9.59 -38.98 5.29
C LEU K 54 9.28 -39.10 3.81
N VAL K 55 8.08 -39.60 3.52
CA VAL K 55 7.49 -39.49 2.19
C VAL K 55 6.17 -38.76 2.38
N ALA K 56 5.98 -37.69 1.61
CA ALA K 56 4.81 -36.86 1.74
C ALA K 56 4.28 -36.52 0.35
N GLU K 57 3.03 -36.07 0.28
CA GLU K 57 2.39 -35.75 -0.98
C GLU K 57 1.63 -34.42 -0.95
N LEU K 58 1.56 -33.77 -2.11
CA LEU K 58 0.67 -32.64 -2.35
C LEU K 58 -0.09 -32.91 -3.65
N ASP K 59 -1.42 -32.95 -3.57
CA ASP K 59 -2.23 -33.10 -4.77
C ASP K 59 -2.22 -31.81 -5.56
N ILE K 60 -2.08 -31.92 -6.87
CA ILE K 60 -2.12 -30.77 -7.74
C ILE K 60 -3.46 -30.72 -8.49
N ASN K 61 -4.01 -29.52 -8.60
CA ASN K 61 -5.12 -29.27 -9.51
C ASN K 61 -4.92 -27.88 -10.10
N PRO K 62 -5.59 -27.57 -11.22
CA PRO K 62 -5.32 -26.28 -11.86
C PRO K 62 -5.70 -25.00 -11.09
N ASP K 63 -6.44 -25.12 -9.99
CA ASP K 63 -6.97 -23.97 -9.27
C ASP K 63 -6.15 -23.56 -8.06
N LEU K 64 -5.08 -24.29 -7.78
CA LEU K 64 -4.18 -23.92 -6.70
C LEU K 64 -3.73 -22.47 -6.94
N TRP K 65 -3.76 -21.68 -5.87
CA TRP K 65 -3.66 -20.22 -5.95
C TRP K 65 -2.43 -19.72 -6.65
N PHE K 66 -1.31 -20.42 -6.48
CA PHE K 66 -0.03 -19.95 -7.04
C PHE K 66 0.08 -20.05 -8.58
N PHE K 67 -0.76 -20.87 -9.22
CA PHE K 67 -0.74 -20.96 -10.68
C PHE K 67 -1.16 -19.67 -11.37
N ALA K 68 -2.19 -19.00 -10.87
CA ALA K 68 -2.72 -17.78 -11.52
C ALA K 68 -1.73 -16.62 -11.50
N CYS K 69 -0.92 -16.53 -10.45
CA CYS K 69 -0.01 -15.37 -10.30
C CYS K 69 1.46 -15.67 -10.62
N HIS K 70 1.79 -16.93 -10.85
CA HIS K 70 3.18 -17.35 -11.05
C HIS K 70 3.24 -18.32 -12.20
N PHE K 71 3.22 -17.85 -13.45
CA PHE K 71 3.10 -16.45 -13.83
C PHE K 71 1.85 -16.30 -14.69
N GLU K 72 1.34 -15.07 -14.78
CA GLU K 72 0.17 -14.81 -15.64
C GLU K 72 0.45 -15.28 -17.06
N GLY K 73 -0.40 -16.17 -17.56
CA GLY K 73 -0.25 -16.75 -18.91
C GLY K 73 0.82 -17.82 -19.04
N ASP K 74 1.41 -18.22 -17.93
CA ASP K 74 2.53 -19.14 -17.92
C ASP K 74 2.62 -19.79 -16.52
N PRO K 75 1.62 -20.58 -16.16
CA PRO K 75 1.56 -21.16 -14.83
C PRO K 75 2.60 -22.23 -14.54
N VAL K 76 3.26 -22.12 -13.40
CA VAL K 76 4.21 -23.13 -12.93
C VAL K 76 4.37 -23.00 -11.40
N MET K 77 4.39 -24.12 -10.69
CA MET K 77 4.53 -24.04 -9.22
C MET K 77 5.87 -23.38 -8.88
N PRO K 78 5.85 -22.42 -7.94
CA PRO K 78 7.12 -21.79 -7.53
C PRO K 78 8.00 -22.79 -6.82
N GLY K 79 9.23 -22.91 -7.29
CA GLY K 79 10.19 -23.80 -6.67
C GLY K 79 10.40 -23.46 -5.21
N CYS K 80 10.31 -22.16 -4.87
CA CYS K 80 10.46 -21.77 -3.49
C CYS K 80 9.42 -22.48 -2.58
N LEU K 81 8.22 -22.76 -3.11
CA LEU K 81 7.21 -23.43 -2.30
C LEU K 81 7.49 -24.93 -2.17
N GLY K 82 8.04 -25.54 -3.21
CA GLY K 82 8.48 -26.92 -3.14
C GLY K 82 9.61 -27.05 -2.14
N LEU K 83 10.52 -26.08 -2.18
CA LEU K 83 11.59 -26.03 -1.22
C LEU K 83 11.02 -25.86 0.18
N ASP K 84 10.05 -24.98 0.36
CA ASP K 84 9.45 -24.78 1.70
C ASP K 84 8.74 -26.02 2.23
N ALA K 85 8.09 -26.77 1.33
CA ALA K 85 7.54 -28.08 1.70
C ALA K 85 8.56 -28.91 2.46
N MET K 86 9.79 -28.92 1.95
CA MET K 86 10.86 -29.72 2.55
C MET K 86 11.23 -29.20 3.93
N TRP K 87 11.36 -27.88 4.07
CA TRP K 87 11.54 -27.29 5.40
C TRP K 87 10.37 -27.62 6.32
N GLN K 88 9.16 -27.53 5.81
CA GLN K 88 7.97 -27.82 6.61
C GLN K 88 8.07 -29.23 7.15
N LEU K 89 8.41 -30.17 6.26
CA LEU K 89 8.53 -31.57 6.65
C LEU K 89 9.66 -31.81 7.68
N VAL K 90 10.79 -31.12 7.54
CA VAL K 90 11.90 -31.30 8.49
C VAL K 90 11.50 -30.75 9.85
N GLY K 91 10.82 -29.61 9.88
CA GLY K 91 10.26 -29.08 11.14
C GLY K 91 9.28 -30.03 11.78
N PHE K 92 8.39 -30.60 10.97
CA PHE K 92 7.42 -31.57 11.48
C PHE K 92 8.14 -32.76 12.13
N TYR K 93 9.20 -33.24 11.47
CA TYR K 93 9.96 -34.37 11.99
C TYR K 93 10.52 -34.07 13.39
N LEU K 94 11.09 -32.90 13.57
CA LEU K 94 11.60 -32.49 14.88
C LEU K 94 10.50 -32.54 15.95
N GLY K 95 9.31 -32.05 15.61
CA GLY K 95 8.16 -32.11 16.53
C GLY K 95 7.70 -33.52 16.79
N TRP K 96 7.64 -34.32 15.74
CA TRP K 96 7.27 -35.71 15.83
C TRP K 96 8.21 -36.51 16.70
N GLN K 97 9.49 -36.15 16.70
CA GLN K 97 10.49 -36.78 17.56
C GLN K 97 10.28 -36.47 19.04
N GLY K 98 9.49 -35.46 19.35
CA GLY K 98 9.19 -35.07 20.74
C GLY K 98 10.00 -33.91 21.27
N ASN K 99 10.61 -33.13 20.37
CA ASN K 99 11.35 -31.95 20.77
C ASN K 99 10.39 -30.80 21.01
N PRO K 100 10.61 -30.02 22.06
CA PRO K 100 9.83 -28.80 22.27
C PRO K 100 10.35 -27.62 21.46
N GLY K 101 9.49 -26.64 21.24
CA GLY K 101 9.88 -25.41 20.56
C GLY K 101 9.19 -25.19 19.22
N ARG K 102 9.19 -23.93 18.77
CA ARG K 102 8.61 -23.56 17.49
C ARG K 102 9.68 -23.55 16.38
N GLY K 103 9.24 -23.89 15.17
CA GLY K 103 10.14 -24.05 14.03
C GLY K 103 10.51 -22.77 13.31
N ARG K 104 11.78 -22.72 12.88
CA ARG K 104 12.26 -21.72 11.94
C ARG K 104 13.20 -22.42 10.96
N ALA K 105 12.95 -22.25 9.66
CA ALA K 105 13.90 -22.69 8.65
C ALA K 105 15.22 -21.93 8.86
N LEU K 106 16.34 -22.63 8.80
CA LEU K 106 17.65 -21.99 8.98
C LEU K 106 18.38 -21.83 7.66
N GLY K 107 18.01 -22.63 6.68
CA GLY K 107 18.53 -22.48 5.32
C GLY K 107 18.82 -23.81 4.63
N SER K 108 19.79 -23.79 3.73
CA SER K 108 20.09 -24.96 2.97
C SER K 108 21.49 -24.93 2.41
N GLY K 109 21.99 -26.12 2.12
CA GLY K 109 23.26 -26.29 1.47
C GLY K 109 23.09 -25.89 0.03
N GLU K 110 22.65 -26.79 -0.84
CA GLU K 110 22.53 -26.52 -2.28
C GLU K 110 21.11 -26.84 -2.72
N VAL K 111 20.50 -25.93 -3.46
CA VAL K 111 19.14 -26.14 -3.98
C VAL K 111 19.22 -26.13 -5.50
N LYS K 112 18.53 -27.08 -6.12
CA LYS K 112 18.46 -27.19 -7.58
C LYS K 112 17.01 -27.39 -8.03
N PHE K 113 16.59 -26.59 -9.01
CA PHE K 113 15.31 -26.79 -9.68
C PHE K 113 15.66 -27.15 -11.13
N PHE K 114 15.15 -28.28 -11.60
CA PHE K 114 15.44 -28.74 -12.93
C PHE K 114 14.24 -29.42 -13.61
N GLY K 115 13.04 -28.99 -13.26
CA GLY K 115 11.81 -29.55 -13.77
C GLY K 115 10.62 -28.74 -13.27
N GLN K 116 9.49 -28.91 -13.94
CA GLN K 116 8.29 -28.09 -13.72
C GLN K 116 7.11 -28.86 -13.13
N VAL K 117 6.37 -28.20 -12.24
CA VAL K 117 5.02 -28.65 -11.89
C VAL K 117 4.03 -27.76 -12.61
N LEU K 118 3.39 -28.32 -13.63
CA LEU K 118 2.37 -27.60 -14.40
C LEU K 118 0.99 -27.86 -13.79
N PRO K 119 0.01 -27.02 -14.11
CA PRO K 119 -1.34 -27.22 -13.54
C PRO K 119 -2.06 -28.49 -14.02
N THR K 120 -1.52 -29.15 -15.04
CA THR K 120 -2.05 -30.44 -15.50
C THR K 120 -1.48 -31.63 -14.71
N ALA K 121 -0.53 -31.38 -13.81
CA ALA K 121 0.06 -32.46 -12.96
C ALA K 121 -0.98 -32.98 -11.99
N LYS K 122 -0.75 -34.19 -11.50
CA LYS K 122 -1.69 -34.83 -10.58
C LYS K 122 -1.18 -34.80 -9.14
N LYS K 123 0.09 -35.14 -8.93
CA LYS K 123 0.60 -35.33 -7.57
C LYS K 123 2.10 -35.06 -7.42
N VAL K 124 2.45 -34.18 -6.49
CA VAL K 124 3.84 -33.97 -6.10
C VAL K 124 4.16 -34.85 -4.90
N THR K 125 5.31 -35.51 -4.93
CA THR K 125 5.77 -36.33 -3.83
C THR K 125 7.08 -35.78 -3.30
N TYR K 126 7.17 -35.65 -1.98
CA TYR K 126 8.41 -35.20 -1.32
C TYR K 126 9.08 -36.41 -0.66
N ASN K 127 10.40 -36.53 -0.82
CA ASN K 127 11.21 -37.46 -0.03
C ASN K 127 12.18 -36.66 0.80
N ILE K 128 12.23 -36.94 2.10
CA ILE K 128 13.16 -36.28 3.00
C ILE K 128 14.03 -37.31 3.69
N HIS K 129 15.35 -37.08 3.69
CA HIS K 129 16.28 -37.97 4.33
C HIS K 129 16.94 -37.24 5.46
N ILE K 130 16.66 -37.67 6.69
CA ILE K 130 17.25 -37.08 7.85
C ILE K 130 18.73 -37.43 7.93
N LYS K 131 19.57 -36.40 8.04
CA LYS K 131 21.02 -36.59 8.05
C LYS K 131 21.58 -36.53 9.45
N ARG K 132 21.02 -35.67 10.29
CA ARG K 132 21.54 -35.45 11.62
C ARG K 132 20.54 -34.64 12.42
N THR K 133 20.39 -34.97 13.71
CA THR K 133 19.64 -34.12 14.64
C THR K 133 20.51 -33.78 15.83
N ILE K 134 20.41 -32.53 16.29
CA ILE K 134 21.06 -32.09 17.52
C ILE K 134 19.98 -31.77 18.54
N ASN K 135 20.08 -32.36 19.73
CA ASN K 135 19.16 -32.05 20.85
C ASN K 135 19.81 -31.27 22.03
N ARG K 136 21.03 -30.75 21.85
CA ARG K 136 21.83 -30.06 22.89
C ARG K 136 22.10 -28.55 22.66
N LEU K 138 20.93 -25.64 21.10
CA LEU K 138 19.72 -25.52 20.31
C LEU K 138 19.35 -26.88 19.73
N VAL K 139 18.08 -26.99 19.33
CA VAL K 139 17.58 -28.16 18.64
C VAL K 139 17.51 -27.88 17.12
N LEU K 140 18.15 -28.72 16.32
CA LEU K 140 18.03 -28.58 14.87
C LEU K 140 18.17 -29.89 14.12
N ALA K 141 17.65 -29.92 12.90
CA ALA K 141 17.75 -31.07 12.03
C ALA K 141 18.41 -30.66 10.73
N ILE K 142 19.26 -31.54 10.21
CA ILE K 142 19.86 -31.39 8.89
C ILE K 142 19.32 -32.53 8.06
N ALA K 143 18.94 -32.26 6.83
CA ALA K 143 18.39 -33.26 5.94
C ALA K 143 18.66 -32.95 4.47
N ASP K 144 18.48 -33.97 3.64
CA ASP K 144 18.45 -33.83 2.20
C ASP K 144 17.04 -34.13 1.73
N GLY K 145 16.65 -33.53 0.61
CA GLY K 145 15.31 -33.73 0.08
C GLY K 145 15.24 -33.68 -1.43
N THR K 146 14.22 -34.36 -1.97
CA THR K 146 13.90 -34.28 -3.37
C THR K 146 12.39 -34.10 -3.54
N VAL K 147 12.00 -33.30 -4.53
CA VAL K 147 10.60 -33.15 -4.90
C VAL K 147 10.42 -33.82 -6.25
N SER K 148 9.32 -34.56 -6.40
CA SER K 148 8.98 -35.23 -7.65
C SER K 148 7.55 -34.91 -8.03
N VAL K 149 7.26 -34.96 -9.33
CA VAL K 149 5.90 -34.79 -9.81
C VAL K 149 5.57 -35.94 -10.75
N ASP K 150 4.49 -36.66 -10.43
CA ASP K 150 4.03 -37.80 -11.21
C ASP K 150 5.19 -38.71 -11.65
N GLY K 151 6.10 -38.99 -10.72
CA GLY K 151 7.20 -39.93 -10.94
C GLY K 151 8.52 -39.28 -11.33
N ARG K 152 8.49 -38.01 -11.77
CA ARG K 152 9.67 -37.35 -12.31
C ARG K 152 10.32 -36.44 -11.29
N GLU K 153 11.60 -36.66 -11.03
CA GLU K 153 12.34 -35.83 -10.08
C GLU K 153 12.54 -34.46 -10.68
N ILE K 154 12.31 -33.41 -9.89
CA ILE K 154 12.39 -32.05 -10.42
C ILE K 154 13.18 -31.06 -9.56
N TYR K 155 13.09 -31.19 -8.24
CA TYR K 155 13.87 -30.34 -7.34
C TYR K 155 14.71 -31.18 -6.38
N SER K 156 15.81 -30.62 -5.92
CA SER K 156 16.59 -31.22 -4.85
C SER K 156 17.16 -30.13 -3.92
N ALA K 157 17.35 -30.50 -2.65
CA ALA K 157 18.01 -29.64 -1.68
C ALA K 157 18.92 -30.50 -0.80
N GLU K 158 20.18 -30.07 -0.64
CA GLU K 158 21.15 -30.76 0.24
C GLU K 158 21.35 -29.90 1.47
N GLY K 159 21.32 -30.52 2.64
CA GLY K 159 21.65 -29.81 3.87
C GLY K 159 20.59 -28.80 4.29
N LEU K 160 19.33 -29.17 4.10
CA LEU K 160 18.22 -28.43 4.67
C LEU K 160 18.42 -28.38 6.16
N ARG K 161 18.25 -27.19 6.74
CA ARG K 161 18.38 -27.01 8.19
C ARG K 161 17.11 -26.37 8.73
N VAL K 162 16.61 -26.93 9.83
CA VAL K 162 15.48 -26.36 10.55
C VAL K 162 15.79 -26.41 12.03
N GLY K 163 15.45 -25.34 12.76
CA GLY K 163 15.70 -25.29 14.20
C GLY K 163 14.41 -25.12 14.99
N LEU K 164 14.44 -25.51 16.26
CA LEU K 164 13.33 -25.26 17.18
C LEU K 164 13.77 -24.26 18.25
N PHE K 165 12.89 -23.29 18.52
CA PHE K 165 13.13 -22.24 19.50
C PHE K 165 12.02 -22.21 20.54
N THR K 166 12.41 -22.27 21.81
CA THR K 166 11.48 -22.10 22.91
C THR K 166 11.25 -20.61 23.19
N SER K 167 12.06 -19.76 22.57
CA SER K 167 11.92 -18.32 22.64
C SER K 167 12.28 -17.66 21.30
N THR K 168 11.40 -16.78 20.81
CA THR K 168 11.69 -15.99 19.62
C THR K 168 11.37 -14.51 19.82
N ASP K 169 11.08 -14.11 21.05
CA ASP K 169 10.70 -12.71 21.34
C ASP K 169 11.83 -11.82 21.90
N SER K 170 13.06 -12.36 21.96
CA SER K 170 14.17 -11.68 22.60
C SER K 170 15.43 -11.62 21.71
N PHE K 171 15.23 -11.53 20.40
CA PHE K 171 16.35 -11.32 19.45
C PHE K 171 16.90 -9.87 19.54
N THR L 2 18.52 -1.19 -19.63
CA THR L 2 19.84 -0.64 -19.21
C THR L 2 19.78 0.88 -18.99
N LYS L 3 18.69 1.51 -19.45
CA LYS L 3 18.56 2.95 -19.37
C LYS L 3 17.79 3.39 -18.10
N GLN L 4 16.68 2.72 -17.79
CA GLN L 4 15.91 3.04 -16.60
C GLN L 4 16.50 2.34 -15.37
N HIS L 5 16.72 3.09 -14.29
CA HIS L 5 17.43 2.59 -13.13
C HIS L 5 16.61 2.42 -11.90
N ALA L 6 15.32 2.73 -11.98
CA ALA L 6 14.40 2.55 -10.86
C ALA L 6 13.04 2.14 -11.40
N PHE L 7 12.29 1.37 -10.62
CA PHE L 7 10.96 0.91 -11.02
C PHE L 7 9.96 0.99 -9.87
N THR L 8 8.81 1.61 -10.15
CA THR L 8 7.74 1.73 -9.16
C THR L 8 6.97 0.42 -9.10
N ARG L 9 6.06 0.31 -8.14
CA ARG L 9 5.19 -0.85 -8.05
C ARG L 9 4.35 -1.05 -9.32
N GLU L 10 3.86 0.04 -9.91
CA GLU L 10 3.14 -0.07 -11.19
C GLU L 10 3.95 -0.72 -12.23
N ASP L 11 5.21 -0.29 -12.33
CA ASP L 11 6.09 -0.86 -13.32
C ASP L 11 6.21 -2.36 -13.09
N LEU L 12 6.34 -2.78 -11.83
CA LEU L 12 6.48 -4.19 -11.51
C LEU L 12 5.19 -4.96 -11.79
N LEU L 13 4.05 -4.35 -11.53
CA LEU L 13 2.75 -4.95 -11.90
C LEU L 13 2.65 -5.07 -13.42
N ARG L 14 3.04 -4.03 -14.13
CA ARG L 14 3.11 -4.07 -15.59
C ARG L 14 3.99 -5.25 -16.05
N CYS L 15 5.15 -5.40 -15.43
CA CYS L 15 6.07 -6.48 -15.72
C CYS L 15 5.40 -7.82 -15.54
N SER L 16 4.62 -7.96 -14.48
CA SER L 16 3.94 -9.23 -14.19
C SER L 16 2.87 -9.60 -15.21
N ARG L 17 2.30 -8.59 -15.88
CA ARG L 17 1.34 -8.84 -16.95
C ARG L 17 2.01 -9.14 -18.30
N GLY L 18 3.34 -9.10 -18.35
CA GLY L 18 4.09 -9.30 -19.60
C GLY L 18 4.24 -8.04 -20.45
N GLU L 19 3.97 -6.89 -19.85
CA GLU L 19 3.86 -5.62 -20.58
C GLU L 19 5.03 -4.69 -20.38
N LEU L 20 6.02 -5.09 -19.59
CA LEU L 20 7.24 -4.32 -19.51
C LEU L 20 8.27 -4.80 -20.54
N PHE L 21 8.50 -6.11 -20.59
CA PHE L 21 9.50 -6.68 -21.50
C PHE L 21 8.88 -7.35 -22.74
N GLY L 22 7.56 -7.53 -22.74
CA GLY L 22 6.84 -7.99 -23.91
C GLY L 22 6.62 -9.50 -23.94
N PRO L 23 5.90 -9.99 -24.96
CA PRO L 23 5.51 -11.39 -25.10
C PRO L 23 6.70 -12.33 -25.08
N GLY L 24 6.58 -13.42 -24.35
CA GLY L 24 7.62 -14.43 -24.26
C GLY L 24 8.85 -14.00 -23.47
N ASN L 25 8.78 -12.86 -22.81
CA ASN L 25 9.93 -12.35 -22.07
C ASN L 25 9.66 -12.32 -20.56
N ALA L 26 10.69 -12.00 -19.79
CA ALA L 26 10.65 -12.12 -18.35
C ALA L 26 9.41 -11.51 -17.74
N GLN L 27 8.78 -12.24 -16.81
CA GLN L 27 7.67 -11.73 -16.00
C GLN L 27 7.98 -11.90 -14.52
N LEU L 28 7.74 -10.87 -13.72
CA LEU L 28 7.70 -11.03 -12.28
C LEU L 28 6.40 -11.76 -11.97
N PRO L 29 6.32 -12.43 -10.82
CA PRO L 29 5.03 -12.97 -10.42
C PRO L 29 4.09 -11.84 -10.05
N ALA L 30 2.78 -12.08 -10.14
CA ALA L 30 1.79 -11.13 -9.64
C ALA L 30 1.55 -11.38 -8.19
N PRO L 31 0.85 -10.47 -7.52
CA PRO L 31 0.43 -10.82 -6.16
C PRO L 31 -0.43 -12.09 -6.19
N ASN L 32 -0.33 -12.97 -5.19
CA ASN L 32 0.41 -12.73 -3.94
C ASN L 32 1.81 -13.33 -3.88
N MET L 33 2.36 -13.76 -5.00
CA MET L 33 3.71 -14.33 -5.02
C MET L 33 4.76 -13.24 -5.20
N LEU L 34 4.35 -12.09 -5.73
CA LEU L 34 5.27 -10.97 -5.91
C LEU L 34 5.78 -10.50 -4.55
N MET L 35 7.10 -10.51 -4.34
CA MET L 35 7.66 -10.14 -3.06
C MET L 35 8.43 -8.83 -3.10
N ILE L 36 8.15 -8.02 -4.12
CA ILE L 36 8.83 -6.74 -4.35
C ILE L 36 7.80 -5.64 -4.52
N ASP L 37 7.98 -4.53 -3.80
CA ASP L 37 7.12 -3.36 -3.99
C ASP L 37 7.75 -2.41 -4.99
N ARG L 38 9.07 -2.28 -4.95
CA ARG L 38 9.76 -1.40 -5.87
C ARG L 38 11.23 -1.77 -6.00
N ILE L 39 11.83 -1.44 -7.15
CA ILE L 39 13.27 -1.51 -7.33
C ILE L 39 13.83 -0.07 -7.22
N VAL L 40 14.54 0.19 -6.15
CA VAL L 40 15.08 1.51 -5.84
C VAL L 40 16.28 1.82 -6.70
N HIS L 41 17.03 0.78 -7.06
CA HIS L 41 18.19 0.95 -7.90
C HIS L 41 18.57 -0.33 -8.60
N ILE L 42 18.88 -0.21 -9.89
CA ILE L 42 19.38 -1.33 -10.66
C ILE L 42 20.43 -0.79 -11.64
N SER L 43 21.54 -1.51 -11.73
CA SER L 43 22.69 -1.09 -12.53
C SER L 43 23.46 -2.30 -13.01
N ASP L 44 24.13 -2.16 -14.15
CA ASP L 44 25.00 -3.24 -14.65
C ASP L 44 26.46 -3.03 -14.26
N VAL L 45 26.72 -2.01 -13.43
CA VAL L 45 28.05 -1.88 -12.80
C VAL L 45 27.90 -1.88 -11.29
N GLY L 46 29.03 -1.87 -10.60
CA GLY L 46 29.04 -1.91 -9.13
C GLY L 46 28.66 -3.29 -8.64
N GLY L 47 28.26 -3.38 -7.38
CA GLY L 47 27.99 -4.67 -6.75
C GLY L 47 29.28 -5.31 -6.35
N LYS L 48 29.22 -6.37 -5.55
CA LYS L 48 30.46 -6.89 -4.95
C LYS L 48 31.40 -7.57 -5.95
N TYR L 49 30.89 -7.92 -7.13
CA TYR L 49 31.74 -8.45 -8.18
C TYR L 49 32.01 -7.46 -9.30
N GLY L 50 31.49 -6.23 -9.17
CA GLY L 50 31.64 -5.21 -10.21
C GLY L 50 30.89 -5.54 -11.50
N LYS L 51 29.87 -6.38 -11.43
CA LYS L 51 29.11 -6.76 -12.63
C LYS L 51 27.61 -6.43 -12.53
N GLY L 52 27.28 -5.49 -11.66
CA GLY L 52 25.91 -5.07 -11.49
C GLY L 52 25.34 -5.39 -10.11
N GLU L 53 24.28 -4.68 -9.75
CA GLU L 53 23.57 -4.90 -8.50
C GLU L 53 22.17 -4.28 -8.53
N LEU L 54 21.32 -4.77 -7.64
CA LEU L 54 19.99 -4.22 -7.43
C LEU L 54 19.82 -3.95 -5.97
N VAL L 55 19.10 -2.88 -5.67
CA VAL L 55 18.52 -2.67 -4.37
C VAL L 55 17.00 -2.58 -4.57
N ALA L 56 16.25 -3.37 -3.79
CA ALA L 56 14.79 -3.41 -3.90
C ALA L 56 14.17 -3.41 -2.52
N GLU L 57 12.89 -3.10 -2.44
CA GLU L 57 12.19 -2.98 -1.18
C GLU L 57 10.84 -3.68 -1.20
N LEU L 58 10.42 -4.17 -0.04
CA LEU L 58 9.03 -4.64 0.19
C LEU L 58 8.53 -4.03 1.49
N ASP L 59 7.45 -3.27 1.41
CA ASP L 59 6.87 -2.67 2.61
C ASP L 59 6.15 -3.75 3.40
N ILE L 60 6.32 -3.72 4.73
CA ILE L 60 5.64 -4.66 5.60
C ILE L 60 4.50 -3.94 6.34
N ASN L 61 3.39 -4.64 6.47
CA ASN L 61 2.33 -4.25 7.38
C ASN L 61 1.71 -5.53 7.96
N PRO L 62 0.96 -5.42 9.07
CA PRO L 62 0.52 -6.66 9.75
C PRO L 62 -0.49 -7.51 8.99
N ASP L 63 -1.03 -7.00 7.89
CA ASP L 63 -2.12 -7.68 7.17
C ASP L 63 -1.66 -8.45 5.95
N LEU L 64 -0.36 -8.42 5.66
CA LEU L 64 0.17 -9.24 4.58
C LEU L 64 -0.25 -10.68 4.82
N TRP L 65 -0.72 -11.32 3.76
CA TRP L 65 -1.44 -12.59 3.86
C TRP L 65 -0.67 -13.67 4.59
N PHE L 66 0.65 -13.68 4.44
CA PHE L 66 1.46 -14.79 4.95
C PHE L 66 1.61 -14.78 6.46
N PHE L 67 1.35 -13.64 7.10
CA PHE L 67 1.44 -13.59 8.56
C PHE L 67 0.38 -14.46 9.27
N ALA L 68 -0.86 -14.45 8.79
CA ALA L 68 -1.94 -15.19 9.45
C ALA L 68 -1.73 -16.70 9.42
N CYS L 69 -1.10 -17.22 8.36
CA CYS L 69 -1.00 -18.67 8.19
C CYS L 69 0.40 -19.25 8.48
N HIS L 70 1.37 -18.37 8.69
CA HIS L 70 2.73 -18.77 8.91
C HIS L 70 3.31 -17.97 10.06
N PHE L 71 3.05 -18.35 11.31
CA PHE L 71 2.19 -19.49 11.71
C PHE L 71 1.09 -18.94 12.58
N GLU L 72 0.00 -19.68 12.68
CA GLU L 72 -1.11 -19.28 13.53
C GLU L 72 -0.59 -19.02 14.95
N GLY L 73 -0.83 -17.82 15.47
CA GLY L 73 -0.40 -17.44 16.82
C GLY L 73 1.10 -17.13 16.93
N ASP L 74 1.80 -17.12 15.80
CA ASP L 74 3.26 -16.94 15.79
C ASP L 74 3.65 -16.45 14.39
N PRO L 75 3.20 -15.25 14.03
CA PRO L 75 3.48 -14.71 12.69
C PRO L 75 4.94 -14.36 12.40
N VAL L 76 5.43 -14.80 11.25
CA VAL L 76 6.78 -14.51 10.78
C VAL L 76 6.86 -14.70 9.27
N MET L 77 7.48 -13.77 8.55
CA MET L 77 7.56 -13.92 7.09
C MET L 77 8.30 -15.21 6.75
N PRO L 78 7.72 -16.02 5.85
CA PRO L 78 8.46 -17.21 5.41
C PRO L 78 9.75 -16.85 4.69
N GLY L 79 10.84 -17.44 5.13
CA GLY L 79 12.15 -17.22 4.51
C GLY L 79 12.13 -17.62 3.05
N CYS L 80 11.36 -18.67 2.71
CA CYS L 80 11.25 -19.07 1.32
C CYS L 80 10.75 -17.92 0.44
N LEU L 81 9.91 -17.03 0.96
CA LEU L 81 9.44 -15.90 0.15
C LEU L 81 10.49 -14.79 0.03
N GLY L 82 11.28 -14.58 1.06
CA GLY L 82 12.42 -13.67 0.98
C GLY L 82 13.44 -14.18 -0.02
N LEU L 83 13.68 -15.49 0.03
CA LEU L 83 14.53 -16.14 -0.94
C LEU L 83 13.96 -15.96 -2.35
N ASP L 84 12.65 -16.18 -2.52
CA ASP L 84 12.05 -16.01 -3.86
C ASP L 84 12.15 -14.57 -4.38
N ALA L 85 12.04 -13.58 -3.48
CA ALA L 85 12.26 -12.18 -3.86
C ALA L 85 13.58 -12.02 -4.60
N MET L 86 14.62 -12.69 -4.10
CA MET L 86 15.95 -12.65 -4.71
C MET L 86 15.98 -13.30 -6.10
N TRP L 87 15.36 -14.47 -6.25
CA TRP L 87 15.19 -15.06 -7.59
C TRP L 87 14.37 -14.18 -8.51
N GLN L 88 13.30 -13.58 -7.98
CA GLN L 88 12.48 -12.69 -8.79
C GLN L 88 13.34 -11.54 -9.33
N LEU L 89 14.14 -10.93 -8.45
CA LEU L 89 15.00 -9.82 -8.83
C LEU L 89 16.06 -10.23 -9.86
N VAL L 90 16.63 -11.43 -9.72
CA VAL L 90 17.65 -11.89 -10.67
C VAL L 90 17.03 -12.13 -12.05
N GLY L 91 15.83 -12.71 -12.07
CA GLY L 91 15.08 -12.84 -13.32
C GLY L 91 14.79 -11.51 -13.96
N PHE L 92 14.35 -10.55 -13.14
CA PHE L 92 14.06 -9.21 -13.66
C PHE L 92 15.32 -8.61 -14.29
N TYR L 93 16.45 -8.77 -13.62
CA TYR L 93 17.72 -8.25 -14.15
C TYR L 93 18.01 -8.79 -15.55
N LEU L 94 17.85 -10.09 -15.75
CA LEU L 94 18.07 -10.71 -17.07
C LEU L 94 17.18 -10.06 -18.15
N GLY L 95 15.92 -9.82 -17.82
CA GLY L 95 15.00 -9.13 -18.71
C GLY L 95 15.39 -7.69 -18.97
N TRP L 96 15.77 -7.01 -17.91
CA TRP L 96 16.21 -5.62 -17.99
C TRP L 96 17.44 -5.47 -18.85
N GLN L 97 18.32 -6.47 -18.83
CA GLN L 97 19.52 -6.49 -19.71
C GLN L 97 19.17 -6.62 -21.21
N GLY L 98 17.94 -7.02 -21.52
CA GLY L 98 17.52 -7.18 -22.91
C GLY L 98 17.59 -8.60 -23.44
N ASN L 99 17.65 -9.59 -22.54
CA ASN L 99 17.59 -10.98 -22.95
C ASN L 99 16.16 -11.43 -23.17
N PRO L 100 15.91 -12.24 -24.20
CA PRO L 100 14.57 -12.77 -24.42
C PRO L 100 14.35 -14.01 -23.58
N GLY L 101 13.09 -14.37 -23.38
CA GLY L 101 12.74 -15.65 -22.73
C GLY L 101 12.07 -15.48 -21.39
N ARG L 102 11.38 -16.53 -20.96
CA ARG L 102 10.67 -16.51 -19.66
C ARG L 102 11.54 -17.13 -18.56
N GLY L 103 11.36 -16.60 -17.35
CA GLY L 103 12.23 -16.93 -16.21
C GLY L 103 11.85 -18.22 -15.50
N ARG L 104 12.88 -18.95 -15.09
CA ARG L 104 12.74 -20.05 -14.14
C ARG L 104 13.91 -20.01 -13.16
N ALA L 105 13.60 -20.03 -11.86
CA ALA L 105 14.63 -20.17 -10.84
C ALA L 105 15.32 -21.52 -11.06
N LEU L 106 16.64 -21.56 -11.01
CA LEU L 106 17.40 -22.81 -11.19
C LEU L 106 17.92 -23.35 -9.88
N GLY L 107 18.05 -22.48 -8.89
CA GLY L 107 18.39 -22.92 -7.54
C GLY L 107 19.36 -21.98 -6.85
N SER L 108 20.13 -22.53 -5.94
CA SER L 108 21.05 -21.71 -5.16
C SER L 108 22.20 -22.51 -4.60
N GLY L 109 23.28 -21.80 -4.30
CA GLY L 109 24.45 -22.36 -3.64
C GLY L 109 24.31 -22.64 -2.14
N GLU L 110 24.24 -21.61 -1.34
CA GLU L 110 23.95 -21.74 0.08
C GLU L 110 22.92 -20.69 0.50
N VAL L 111 21.91 -21.11 1.25
CA VAL L 111 20.91 -20.21 1.77
C VAL L 111 20.97 -20.24 3.30
N LYS L 112 20.88 -19.06 3.93
CA LYS L 112 20.91 -18.94 5.39
C LYS L 112 19.80 -18.00 5.83
N PHE L 113 19.02 -18.43 6.82
CA PHE L 113 18.07 -17.56 7.49
C PHE L 113 18.54 -17.45 8.96
N PHE L 114 18.70 -16.22 9.44
CA PHE L 114 19.24 -16.00 10.77
C PHE L 114 18.61 -14.78 11.44
N GLY L 115 17.36 -14.52 11.09
CA GLY L 115 16.64 -13.37 11.63
C GLY L 115 15.21 -13.37 11.14
N GLN L 116 14.36 -12.59 11.81
CA GLN L 116 12.90 -12.63 11.59
C GLN L 116 12.35 -11.34 11.02
N VAL L 117 11.37 -11.48 10.13
CA VAL L 117 10.51 -10.36 9.77
C VAL L 117 9.19 -10.53 10.49
N LEU L 118 8.96 -9.71 11.51
CA LEU L 118 7.71 -9.75 12.28
C LEU L 118 6.70 -8.77 11.66
N PRO L 119 5.41 -8.94 12.00
CA PRO L 119 4.39 -8.04 11.43
C PRO L 119 4.51 -6.58 11.88
N THR L 120 5.33 -6.31 12.91
CA THR L 120 5.58 -4.95 13.38
C THR L 120 6.70 -4.28 12.59
N ALA L 121 7.36 -5.02 11.70
CA ALA L 121 8.41 -4.45 10.84
C ALA L 121 7.83 -3.43 9.85
N LYS L 122 8.68 -2.54 9.35
CA LYS L 122 8.26 -1.52 8.41
C LYS L 122 8.67 -1.83 6.98
N LYS L 123 9.93 -2.23 6.76
CA LYS L 123 10.46 -2.33 5.41
C LYS L 123 11.59 -3.37 5.25
N VAL L 124 11.38 -4.30 4.31
CA VAL L 124 12.42 -5.23 3.93
C VAL L 124 13.16 -4.70 2.72
N THR L 125 14.48 -4.77 2.75
CA THR L 125 15.32 -4.34 1.66
C THR L 125 16.12 -5.53 1.12
N TYR L 126 16.13 -5.68 -0.19
CA TYR L 126 16.91 -6.73 -0.85
C TYR L 126 18.13 -6.10 -1.52
N ASN L 127 19.29 -6.73 -1.36
CA ASN L 127 20.48 -6.38 -2.14
C ASN L 127 20.87 -7.59 -2.98
N ILE L 128 21.07 -7.37 -4.27
CA ILE L 128 21.47 -8.45 -5.17
C ILE L 128 22.79 -8.06 -5.84
N HIS L 129 23.75 -8.96 -5.84
CA HIS L 129 25.02 -8.74 -6.51
C HIS L 129 25.17 -9.71 -7.62
N ILE L 130 25.14 -9.19 -8.84
CA ILE L 130 25.33 -10.02 -10.01
C ILE L 130 26.76 -10.53 -10.06
N LYS L 131 26.91 -11.85 -10.19
CA LYS L 131 28.22 -12.49 -10.22
C LYS L 131 28.67 -12.84 -11.63
N ARG L 132 27.72 -13.25 -12.45
CA ARG L 132 28.03 -13.70 -13.80
C ARG L 132 26.74 -13.81 -14.60
N THR L 133 26.79 -13.43 -15.88
CA THR L 133 25.71 -13.74 -16.81
C THR L 133 26.26 -14.50 -18.00
N ILE L 134 25.49 -15.47 -18.48
CA ILE L 134 25.77 -16.19 -19.72
C ILE L 134 24.69 -15.87 -20.75
N ASN L 135 25.10 -15.43 -21.93
CA ASN L 135 24.16 -15.13 -23.01
C ASN L 135 24.29 -16.05 -24.23
N ARG L 136 25.12 -17.10 -24.14
CA ARG L 136 25.55 -17.84 -25.34
C ARG L 136 24.65 -19.00 -25.76
N SER L 137 24.49 -20.00 -24.90
CA SER L 137 23.68 -21.17 -25.24
C SER L 137 22.30 -21.06 -24.60
N LEU L 138 22.16 -21.42 -23.33
CA LEU L 138 21.05 -20.92 -22.53
C LEU L 138 21.48 -19.58 -21.94
N VAL L 139 20.50 -18.80 -21.54
CA VAL L 139 20.71 -17.55 -20.86
C VAL L 139 20.48 -17.75 -19.35
N LEU L 140 21.48 -17.40 -18.54
CA LEU L 140 21.32 -17.47 -17.10
C LEU L 140 22.15 -16.45 -16.34
N ALA L 141 21.74 -16.17 -15.11
CA ALA L 141 22.49 -15.29 -14.23
C ALA L 141 22.82 -16.02 -12.93
N ILE L 142 24.01 -15.75 -12.41
CA ILE L 142 24.41 -16.21 -11.10
C ILE L 142 24.59 -14.96 -10.25
N ALA L 143 24.11 -14.99 -9.02
CA ALA L 143 24.18 -13.85 -8.13
C ALA L 143 24.25 -14.25 -6.65
N ASP L 144 24.66 -13.30 -5.81
CA ASP L 144 24.54 -13.42 -4.38
C ASP L 144 23.53 -12.39 -3.92
N GLY L 145 22.88 -12.67 -2.78
CA GLY L 145 21.88 -11.75 -2.25
C GLY L 145 21.78 -11.76 -0.74
N THR L 146 21.28 -10.63 -0.21
CA THR L 146 20.97 -10.52 1.20
C THR L 146 19.61 -9.85 1.36
N VAL L 147 18.86 -10.30 2.36
CA VAL L 147 17.60 -9.67 2.73
C VAL L 147 17.82 -9.01 4.10
N SER L 148 17.32 -7.79 4.25
CA SER L 148 17.40 -7.04 5.49
C SER L 148 16.03 -6.50 5.88
N VAL L 149 15.80 -6.33 7.18
CA VAL L 149 14.56 -5.71 7.65
C VAL L 149 14.90 -4.56 8.60
N ASP L 150 14.39 -3.39 8.29
CA ASP L 150 14.67 -2.16 9.06
C ASP L 150 16.14 -2.02 9.49
N GLY L 151 17.06 -2.27 8.56
CA GLY L 151 18.49 -2.11 8.80
C GLY L 151 19.24 -3.35 9.22
N ARG L 152 18.53 -4.39 9.67
CA ARG L 152 19.15 -5.61 10.17
C ARG L 152 19.19 -6.74 9.13
N GLU L 153 20.38 -7.26 8.87
CA GLU L 153 20.53 -8.37 7.92
C GLU L 153 19.94 -9.63 8.53
N ILE L 154 19.17 -10.36 7.74
CA ILE L 154 18.50 -11.55 8.26
C ILE L 154 18.60 -12.82 7.39
N TYR L 155 18.60 -12.68 6.08
CA TYR L 155 18.81 -13.81 5.18
C TYR L 155 19.99 -13.55 4.23
N SER L 156 20.60 -14.63 3.77
CA SER L 156 21.57 -14.55 2.69
C SER L 156 21.49 -15.77 1.77
N ALA L 157 21.86 -15.57 0.51
CA ALA L 157 21.90 -16.62 -0.48
C ALA L 157 23.13 -16.43 -1.38
N GLU L 158 23.94 -17.48 -1.54
CA GLU L 158 25.12 -17.44 -2.42
C GLU L 158 24.83 -18.28 -3.68
N GLY L 159 25.14 -17.75 -4.85
CA GLY L 159 25.03 -18.51 -6.08
C GLY L 159 23.60 -18.76 -6.52
N LEU L 160 22.73 -17.77 -6.33
CA LEU L 160 21.40 -17.80 -6.88
C LEU L 160 21.55 -17.94 -8.36
N ARG L 161 20.74 -18.81 -8.95
CA ARG L 161 20.75 -19.02 -10.39
C ARG L 161 19.35 -18.86 -10.94
N VAL L 162 19.25 -18.14 -12.06
CA VAL L 162 17.98 -17.98 -12.78
C VAL L 162 18.26 -18.07 -14.26
N GLY L 163 17.39 -18.76 -14.97
CA GLY L 163 17.56 -18.95 -16.41
C GLY L 163 16.40 -18.39 -17.19
N LEU L 164 16.64 -18.08 -18.47
CA LEU L 164 15.56 -17.67 -19.38
C LEU L 164 15.37 -18.72 -20.46
N PHE L 165 14.11 -19.06 -20.72
CA PHE L 165 13.73 -20.07 -21.69
C PHE L 165 12.80 -19.48 -22.73
N THR L 166 13.13 -19.64 -24.01
CA THR L 166 12.23 -19.29 -25.10
C THR L 166 11.20 -20.42 -25.32
N SER L 167 11.44 -21.57 -24.72
CA SER L 167 10.52 -22.72 -24.79
C SER L 167 10.50 -23.45 -23.44
N THR L 168 9.30 -23.71 -22.93
CA THR L 168 9.13 -24.53 -21.73
C THR L 168 8.07 -25.62 -21.92
N ASP L 169 7.59 -25.82 -23.14
CA ASP L 169 6.50 -26.78 -23.42
C ASP L 169 6.99 -28.12 -24.00
N SER L 170 8.31 -28.31 -24.06
CA SER L 170 8.90 -29.50 -24.70
C SER L 170 9.92 -30.23 -23.81
N PHE L 171 9.69 -30.21 -22.50
CA PHE L 171 10.51 -30.99 -21.54
C PHE L 171 10.16 -32.48 -21.61
N THR M 2 -69.44 20.21 -28.51
CA THR M 2 -69.65 21.59 -27.98
C THR M 2 -71.11 22.05 -28.19
N LYS M 3 -71.85 21.31 -29.03
CA LYS M 3 -73.22 21.71 -29.37
C LYS M 3 -74.26 21.03 -28.47
N GLN M 4 -74.11 19.73 -28.23
CA GLN M 4 -75.03 19.00 -27.34
C GLN M 4 -74.60 19.15 -25.86
N HIS M 5 -75.56 19.52 -25.00
CA HIS M 5 -75.25 19.90 -23.62
C HIS M 5 -75.79 18.95 -22.59
N ALA M 6 -76.47 17.90 -23.01
CA ALA M 6 -76.96 16.86 -22.09
C ALA M 6 -76.90 15.50 -22.79
N PHE M 7 -76.66 14.45 -22.01
CA PHE M 7 -76.51 13.09 -22.56
C PHE M 7 -77.25 12.06 -21.72
N THR M 8 -78.07 11.27 -22.38
CA THR M 8 -78.86 10.21 -21.73
C THR M 8 -77.95 9.00 -21.51
N ARG M 9 -78.45 8.02 -20.77
CA ARG M 9 -77.69 6.79 -20.55
C ARG M 9 -77.37 6.09 -21.86
N GLU M 10 -78.31 6.09 -22.78
CA GLU M 10 -78.07 5.48 -24.10
C GLU M 10 -76.93 6.17 -24.84
N ASP M 11 -76.84 7.49 -24.73
CA ASP M 11 -75.73 8.21 -25.32
C ASP M 11 -74.42 7.74 -24.68
N LEU M 12 -74.42 7.55 -23.37
CA LEU M 12 -73.21 7.14 -22.68
C LEU M 12 -72.83 5.71 -23.02
N LEU M 13 -73.83 4.85 -23.19
CA LEU M 13 -73.57 3.49 -23.65
C LEU M 13 -73.00 3.52 -25.06
N ARG M 14 -73.58 4.38 -25.92
CA ARG M 14 -73.06 4.57 -27.26
C ARG M 14 -71.60 5.02 -27.21
N CYS M 15 -71.30 5.97 -26.32
CA CYS M 15 -69.94 6.44 -26.11
C CYS M 15 -69.00 5.30 -25.74
N SER M 16 -69.47 4.40 -24.87
CA SER M 16 -68.64 3.28 -24.41
C SER M 16 -68.33 2.29 -25.52
N ARG M 17 -69.18 2.23 -26.55
CA ARG M 17 -68.92 1.37 -27.70
C ARG M 17 -68.02 2.03 -28.74
N GLY M 18 -67.61 3.29 -28.51
CA GLY M 18 -66.78 4.03 -29.45
C GLY M 18 -67.58 4.74 -30.53
N GLU M 19 -68.89 4.83 -30.33
CA GLU M 19 -69.81 5.28 -31.38
C GLU M 19 -70.30 6.71 -31.20
N LEU M 20 -69.90 7.38 -30.13
CA LEU M 20 -70.26 8.79 -29.94
C LEU M 20 -69.18 9.69 -30.54
N PHE M 21 -67.92 9.42 -30.20
CA PHE M 21 -66.80 10.22 -30.72
C PHE M 21 -66.02 9.56 -31.84
N GLY M 22 -66.29 8.29 -32.10
CA GLY M 22 -65.71 7.59 -33.24
C GLY M 22 -64.42 6.84 -32.95
N PRO M 23 -63.90 6.11 -33.96
CA PRO M 23 -62.74 5.22 -33.80
C PRO M 23 -61.52 5.96 -33.25
N GLY M 24 -60.83 5.33 -32.30
CA GLY M 24 -59.62 5.90 -31.73
C GLY M 24 -59.85 7.11 -30.84
N ASN M 25 -61.10 7.42 -30.53
CA ASN M 25 -61.41 8.57 -29.70
C ASN M 25 -62.03 8.15 -28.34
N ALA M 26 -62.22 9.13 -27.47
CA ALA M 26 -62.54 8.87 -26.05
C ALA M 26 -63.73 7.91 -25.89
N GLN M 27 -63.58 6.96 -24.98
CA GLN M 27 -64.65 6.03 -24.61
C GLN M 27 -64.86 6.12 -23.11
N LEU M 28 -66.12 6.18 -22.69
CA LEU M 28 -66.45 5.87 -21.32
C LEU M 28 -66.29 4.36 -21.13
N PRO M 29 -66.10 3.91 -19.89
CA PRO M 29 -66.21 2.48 -19.64
C PRO M 29 -67.64 1.99 -19.81
N ALA M 30 -67.81 0.71 -20.09
CA ALA M 30 -69.14 0.08 -20.11
C ALA M 30 -69.45 -0.43 -18.70
N PRO M 31 -70.69 -0.86 -18.46
CA PRO M 31 -70.96 -1.47 -17.17
C PRO M 31 -70.11 -2.74 -17.04
N ASN M 32 -69.64 -3.08 -15.85
CA ASN M 32 -69.99 -2.43 -14.59
C ASN M 32 -69.00 -1.38 -14.07
N MET M 33 -68.07 -0.92 -14.91
CA MET M 33 -67.13 0.15 -14.49
C MET M 33 -67.70 1.55 -14.72
N LEU M 34 -68.69 1.66 -15.61
CA LEU M 34 -69.35 2.93 -15.86
C LEU M 34 -70.04 3.43 -14.59
N MET M 35 -69.66 4.61 -14.10
CA MET M 35 -70.22 5.15 -12.87
C MET M 35 -71.14 6.35 -13.07
N ILE M 36 -71.65 6.48 -14.30
CA ILE M 36 -72.50 7.59 -14.71
C ILE M 36 -73.75 7.06 -15.37
N ASP M 37 -74.91 7.57 -14.96
CA ASP M 37 -76.17 7.22 -15.63
C ASP M 37 -76.50 8.27 -16.70
N ARG M 38 -76.20 9.52 -16.40
CA ARG M 38 -76.50 10.60 -17.37
C ARG M 38 -75.67 11.84 -17.08
N ILE M 39 -75.42 12.62 -18.11
CA ILE M 39 -74.78 13.94 -17.97
C ILE M 39 -75.89 14.96 -18.12
N VAL M 40 -76.25 15.61 -17.02
CA VAL M 40 -77.36 16.56 -16.98
C VAL M 40 -76.99 17.89 -17.64
N HIS M 41 -75.71 18.24 -17.53
CA HIS M 41 -75.21 19.48 -18.13
C HIS M 41 -73.74 19.41 -18.36
N ILE M 42 -73.33 19.87 -19.53
CA ILE M 42 -71.92 19.99 -19.87
C ILE M 42 -71.76 21.26 -20.69
N SER M 43 -70.73 22.04 -20.35
CA SER M 43 -70.48 23.33 -20.98
C SER M 43 -69.00 23.65 -20.96
N ASP M 44 -68.55 24.42 -21.93
CA ASP M 44 -67.17 24.89 -21.93
C ASP M 44 -67.03 26.30 -21.33
N VAL M 45 -68.12 26.84 -20.78
CA VAL M 45 -68.05 28.05 -19.94
C VAL M 45 -68.59 27.77 -18.55
N GLY M 46 -68.46 28.74 -17.66
CA GLY M 46 -68.84 28.56 -16.25
C GLY M 46 -67.88 27.63 -15.52
N GLY M 47 -68.34 27.08 -14.40
CA GLY M 47 -67.48 26.32 -13.50
C GLY M 47 -66.61 27.24 -12.67
N LYS M 48 -65.92 26.72 -11.66
CA LYS M 48 -65.26 27.60 -10.70
C LYS M 48 -64.04 28.31 -11.27
N TYR M 49 -63.52 27.85 -12.40
CA TYR M 49 -62.43 28.54 -13.09
C TYR M 49 -62.86 29.24 -14.35
N GLY M 50 -64.16 29.20 -14.67
CA GLY M 50 -64.70 29.84 -15.86
C GLY M 50 -64.21 29.20 -17.14
N LYS M 51 -63.81 27.93 -17.07
CA LYS M 51 -63.34 27.20 -18.25
C LYS M 51 -64.14 25.93 -18.53
N GLY M 52 -65.36 25.88 -18.03
CA GLY M 52 -66.25 24.75 -18.27
C GLY M 52 -66.57 23.96 -17.02
N GLU M 53 -67.66 23.19 -17.09
CA GLU M 53 -68.09 22.33 -16.01
C GLU M 53 -69.06 21.26 -16.50
N LEU M 54 -69.18 20.20 -15.72
CA LEU M 54 -70.19 19.17 -15.96
C LEU M 54 -70.97 18.95 -14.66
N VAL M 55 -72.26 18.63 -14.82
CA VAL M 55 -73.06 18.06 -13.75
C VAL M 55 -73.57 16.75 -14.29
N ALA M 56 -73.36 15.69 -13.52
CA ALA M 56 -73.69 14.34 -13.96
C ALA M 56 -74.29 13.56 -12.75
N GLU M 57 -75.04 12.49 -13.03
CA GLU M 57 -75.77 11.76 -12.01
C GLU M 57 -75.55 10.25 -12.14
N LEU M 58 -75.60 9.56 -11.00
CA LEU M 58 -75.73 8.10 -10.95
C LEU M 58 -76.89 7.75 -10.00
N ASP M 59 -77.90 7.04 -10.51
CA ASP M 59 -79.00 6.58 -9.64
C ASP M 59 -78.51 5.44 -8.77
N ILE M 60 -78.91 5.46 -7.51
CA ILE M 60 -78.54 4.42 -6.55
C ILE M 60 -79.77 3.56 -6.27
N ASN M 61 -79.55 2.26 -6.23
CA ASN M 61 -80.55 1.33 -5.70
C ASN M 61 -79.79 0.25 -4.93
N PRO M 62 -80.47 -0.50 -4.05
CA PRO M 62 -79.75 -1.48 -3.22
C PRO M 62 -79.07 -2.66 -3.93
N ASP M 63 -79.35 -2.85 -5.23
CA ASP M 63 -78.85 -4.02 -5.96
C ASP M 63 -77.62 -3.77 -6.80
N LEU M 64 -77.13 -2.52 -6.81
CA LEU M 64 -75.89 -2.21 -7.49
C LEU M 64 -74.79 -3.16 -6.99
N TRP M 65 -74.03 -3.72 -7.92
CA TRP M 65 -73.16 -4.87 -7.66
C TRP M 65 -72.17 -4.65 -6.56
N PHE M 66 -71.68 -3.41 -6.44
CA PHE M 66 -70.61 -3.13 -5.45
C PHE M 66 -71.07 -3.17 -3.98
N PHE M 67 -72.36 -3.04 -3.72
CA PHE M 67 -72.86 -3.09 -2.34
C PHE M 67 -72.70 -4.46 -1.68
N ALA M 68 -72.95 -5.54 -2.42
CA ALA M 68 -72.85 -6.89 -1.85
C ALA M 68 -71.42 -7.28 -1.46
N CYS M 69 -70.42 -6.80 -2.18
CA CYS M 69 -69.03 -7.18 -1.92
C CYS M 69 -68.15 -6.12 -1.21
N HIS M 70 -68.69 -4.92 -0.99
CA HIS M 70 -67.95 -3.82 -0.39
C HIS M 70 -68.79 -3.11 0.61
N PHE M 71 -68.94 -3.63 1.84
CA PHE M 71 -68.37 -4.89 2.31
C PHE M 71 -69.50 -5.81 2.73
N GLU M 72 -69.24 -7.12 2.78
CA GLU M 72 -70.23 -8.07 3.24
C GLU M 72 -70.74 -7.66 4.64
N GLY M 73 -72.06 -7.48 4.77
CA GLY M 73 -72.67 -7.08 6.01
C GLY M 73 -72.50 -5.62 6.37
N ASP M 74 -71.92 -4.85 5.45
CA ASP M 74 -71.61 -3.43 5.71
C ASP M 74 -71.48 -2.71 4.36
N PRO M 75 -72.60 -2.59 3.62
CA PRO M 75 -72.56 -2.04 2.27
C PRO M 75 -72.30 -0.52 2.21
N VAL M 76 -71.35 -0.11 1.35
CA VAL M 76 -71.03 1.31 1.14
C VAL M 76 -70.33 1.46 -0.23
N MET M 77 -70.75 2.43 -1.04
CA MET M 77 -70.14 2.58 -2.37
C MET M 77 -68.66 2.84 -2.19
N PRO M 78 -67.82 2.11 -2.96
CA PRO M 78 -66.39 2.38 -2.89
C PRO M 78 -66.05 3.77 -3.38
N GLY M 79 -65.33 4.53 -2.56
CA GLY M 79 -64.91 5.87 -2.94
C GLY M 79 -64.10 5.85 -4.22
N CYS M 80 -63.31 4.79 -4.42
CA CYS M 80 -62.54 4.69 -5.65
C CYS M 80 -63.42 4.76 -6.90
N LEU M 81 -64.65 4.26 -6.83
CA LEU M 81 -65.54 4.33 -7.97
C LEU M 81 -66.14 5.73 -8.16
N GLY M 82 -66.43 6.42 -7.07
CA GLY M 82 -66.87 7.81 -7.14
C GLY M 82 -65.75 8.65 -7.75
N LEU M 83 -64.51 8.35 -7.31
CA LEU M 83 -63.35 9.04 -7.86
C LEU M 83 -63.23 8.73 -9.34
N ASP M 84 -63.42 7.47 -9.73
CA ASP M 84 -63.33 7.12 -11.15
C ASP M 84 -64.40 7.80 -11.99
N ALA M 85 -65.60 7.94 -11.44
CA ALA M 85 -66.67 8.67 -12.11
C ALA M 85 -66.16 10.07 -12.55
N MET M 86 -65.39 10.71 -11.69
CA MET M 86 -64.82 12.01 -12.01
C MET M 86 -63.80 11.94 -13.14
N TRP M 87 -62.89 10.97 -13.11
CA TRP M 87 -61.98 10.74 -14.24
C TRP M 87 -62.74 10.41 -15.52
N GLN M 88 -63.80 9.61 -15.41
CA GLN M 88 -64.61 9.28 -16.56
C GLN M 88 -65.16 10.55 -17.19
N LEU M 89 -65.71 11.42 -16.35
CA LEU M 89 -66.32 12.67 -16.81
C LEU M 89 -65.28 13.62 -17.43
N VAL M 90 -64.08 13.69 -16.85
CA VAL M 90 -63.04 14.54 -17.41
C VAL M 90 -62.59 14.00 -18.79
N GLY M 91 -62.45 12.68 -18.92
CA GLY M 91 -62.15 12.06 -20.22
C GLY M 91 -63.24 12.35 -21.25
N PHE M 92 -64.49 12.22 -20.83
CA PHE M 92 -65.61 12.54 -21.72
C PHE M 92 -65.53 13.97 -22.20
N TYR M 93 -65.23 14.90 -21.29
CA TYR M 93 -65.13 16.31 -21.66
C TYR M 93 -64.11 16.51 -22.77
N LEU M 94 -62.94 15.90 -22.64
CA LEU M 94 -61.89 16.03 -23.65
C LEU M 94 -62.40 15.57 -25.02
N GLY M 95 -63.14 14.46 -25.04
CA GLY M 95 -63.75 13.95 -26.28
C GLY M 95 -64.83 14.85 -26.83
N TRP M 96 -65.67 15.34 -25.93
CA TRP M 96 -66.72 16.31 -26.27
C TRP M 96 -66.20 17.61 -26.85
N GLN M 97 -65.03 18.03 -26.39
CA GLN M 97 -64.34 19.19 -26.97
C GLN M 97 -63.86 18.99 -28.40
N GLY M 98 -63.75 17.74 -28.84
CA GLY M 98 -63.29 17.43 -30.20
C GLY M 98 -61.81 17.07 -30.29
N ASN M 99 -61.20 16.67 -29.18
CA ASN M 99 -59.83 16.14 -29.19
C ASN M 99 -59.82 14.68 -29.59
N PRO M 100 -58.83 14.28 -30.39
CA PRO M 100 -58.70 12.88 -30.77
C PRO M 100 -57.92 12.11 -29.73
N GLY M 101 -58.09 10.79 -29.70
CA GLY M 101 -57.32 9.92 -28.84
C GLY M 101 -58.16 9.22 -27.78
N ARG M 102 -57.59 8.15 -27.24
CA ARG M 102 -58.24 7.37 -26.18
C ARG M 102 -57.76 7.83 -24.78
N GLY M 103 -58.67 7.75 -23.82
CA GLY M 103 -58.46 8.26 -22.47
C GLY M 103 -57.70 7.36 -21.52
N ARG M 104 -56.86 7.99 -20.71
CA ARG M 104 -56.22 7.33 -19.58
C ARG M 104 -56.18 8.34 -18.43
N ALA M 105 -56.68 7.93 -17.27
CA ALA M 105 -56.55 8.70 -16.05
C ALA M 105 -55.05 8.86 -15.73
N LEU M 106 -54.61 10.07 -15.40
CA LEU M 106 -53.19 10.33 -15.10
C LEU M 106 -52.97 10.51 -13.59
N GLY M 107 -54.04 10.85 -12.87
CA GLY M 107 -53.99 10.85 -11.44
C GLY M 107 -54.73 12.03 -10.83
N SER M 108 -54.28 12.47 -9.66
CA SER M 108 -54.97 13.51 -8.95
C SER M 108 -54.07 14.21 -7.98
N GLY M 109 -54.46 15.43 -7.64
CA GLY M 109 -53.79 16.24 -6.64
C GLY M 109 -54.05 15.85 -5.18
N GLU M 110 -55.28 16.08 -4.71
CA GLU M 110 -55.70 15.62 -3.40
C GLU M 110 -57.08 15.00 -3.50
N VAL M 111 -57.27 13.83 -2.90
CA VAL M 111 -58.57 13.19 -2.86
C VAL M 111 -59.00 13.05 -1.41
N LYS M 112 -60.27 13.33 -1.14
CA LYS M 112 -60.85 13.24 0.20
C LYS M 112 -62.20 12.51 0.13
N PHE M 113 -62.39 11.55 1.03
CA PHE M 113 -63.69 10.91 1.22
C PHE M 113 -64.09 11.24 2.65
N PHE M 114 -65.28 11.82 2.82
CA PHE M 114 -65.74 12.24 4.14
C PHE M 114 -67.26 12.03 4.32
N GLY M 115 -67.79 11.03 3.64
CA GLY M 115 -69.21 10.73 3.69
C GLY M 115 -69.50 9.45 2.92
N GLN M 116 -70.66 8.87 3.18
CA GLN M 116 -71.02 7.53 2.66
C GLN M 116 -72.15 7.58 1.64
N VAL M 117 -72.06 6.73 0.64
CA VAL M 117 -73.23 6.38 -0.16
C VAL M 117 -73.71 5.02 0.32
N LEU M 118 -74.84 5.00 1.02
CA LEU M 118 -75.47 3.74 1.47
C LEU M 118 -76.47 3.21 0.43
N PRO M 119 -76.83 1.94 0.51
CA PRO M 119 -77.79 1.40 -0.48
C PRO M 119 -79.21 1.97 -0.39
N THR M 120 -79.50 2.73 0.66
CA THR M 120 -80.78 3.42 0.80
C THR M 120 -80.79 4.77 0.11
N ALA M 121 -79.64 5.22 -0.40
CA ALA M 121 -79.54 6.50 -1.11
C ALA M 121 -80.31 6.46 -2.41
N LYS M 122 -80.67 7.63 -2.94
CA LYS M 122 -81.44 7.71 -4.20
C LYS M 122 -80.59 8.14 -5.39
N LYS M 123 -79.77 9.17 -5.23
CA LYS M 123 -79.03 9.74 -6.34
C LYS M 123 -77.70 10.41 -5.97
N VAL M 124 -76.64 9.97 -6.64
CA VAL M 124 -75.34 10.62 -6.55
C VAL M 124 -75.17 11.63 -7.67
N THR M 125 -74.69 12.84 -7.35
CA THR M 125 -74.49 13.88 -8.33
C THR M 125 -73.00 14.24 -8.36
N TYR M 126 -72.43 14.32 -9.57
CA TYR M 126 -71.04 14.71 -9.74
C TYR M 126 -70.99 16.14 -10.28
N ASN M 127 -70.10 16.95 -9.71
CA ASN M 127 -69.77 18.27 -10.28
C ASN M 127 -68.31 18.26 -10.66
N ILE M 128 -68.03 18.66 -11.90
CA ILE M 128 -66.66 18.74 -12.39
C ILE M 128 -66.38 20.17 -12.86
N HIS M 129 -65.25 20.74 -12.42
CA HIS M 129 -64.85 22.08 -12.83
C HIS M 129 -63.57 22.00 -13.59
N ILE M 130 -63.64 22.31 -14.89
CA ILE M 130 -62.48 22.24 -15.74
C ILE M 130 -61.54 23.39 -15.38
N LYS M 131 -60.28 23.04 -15.11
CA LYS M 131 -59.28 24.03 -14.68
C LYS M 131 -58.38 24.45 -15.80
N ARG M 132 -58.04 23.51 -16.66
CA ARG M 132 -57.10 23.77 -17.75
C ARG M 132 -57.13 22.62 -18.74
N THR M 133 -57.01 22.93 -20.02
CA THR M 133 -56.78 21.93 -21.04
C THR M 133 -55.54 22.27 -21.83
N ILE M 134 -54.76 21.25 -22.17
CA ILE M 134 -53.63 21.39 -23.08
C ILE M 134 -53.92 20.61 -24.37
N ASN M 135 -53.75 21.27 -25.52
CA ASN M 135 -53.90 20.63 -26.84
C ASN M 135 -52.61 20.58 -27.74
N LEU M 138 -48.88 16.42 -25.85
CA LEU M 138 -50.01 15.55 -25.47
C LEU M 138 -51.25 16.38 -25.17
N VAL M 139 -52.41 15.72 -25.23
CA VAL M 139 -53.66 16.32 -24.83
C VAL M 139 -54.02 15.89 -23.42
N LEU M 140 -54.30 16.85 -22.55
CA LEU M 140 -54.76 16.51 -21.21
C LEU M 140 -55.64 17.59 -20.59
N ALA M 141 -56.42 17.18 -19.60
CA ALA M 141 -57.28 18.10 -18.87
C ALA M 141 -56.96 18.00 -17.39
N ILE M 142 -57.01 19.15 -16.73
CA ILE M 142 -56.89 19.22 -15.27
C ILE M 142 -58.22 19.77 -14.78
N ALA M 143 -58.74 19.18 -13.71
CA ALA M 143 -60.05 19.56 -13.16
C ALA M 143 -60.14 19.33 -11.67
N ASP M 144 -61.13 19.97 -11.05
CA ASP M 144 -61.53 19.68 -9.69
C ASP M 144 -62.91 19.07 -9.72
N GLY M 145 -63.22 18.26 -8.73
CA GLY M 145 -64.50 17.58 -8.69
C GLY M 145 -65.02 17.31 -7.29
N THR M 146 -66.34 17.24 -7.18
CA THR M 146 -67.00 16.85 -5.94
C THR M 146 -68.08 15.83 -6.25
N VAL M 147 -68.23 14.85 -5.37
CA VAL M 147 -69.35 13.91 -5.43
C VAL M 147 -70.30 14.25 -4.29
N SER M 148 -71.59 14.22 -4.59
CA SER M 148 -72.64 14.43 -3.59
C SER M 148 -73.69 13.33 -3.65
N VAL M 149 -74.35 13.08 -2.53
CA VAL M 149 -75.43 12.08 -2.49
C VAL M 149 -76.65 12.73 -1.82
N ASP M 150 -77.76 12.75 -2.54
CA ASP M 150 -79.00 13.33 -2.07
C ASP M 150 -78.80 14.70 -1.41
N GLY M 151 -77.97 15.54 -2.03
CA GLY M 151 -77.71 16.90 -1.54
C GLY M 151 -76.47 17.08 -0.69
N ARG M 152 -75.93 16.00 -0.14
CA ARG M 152 -74.81 16.08 0.81
C ARG M 152 -73.48 15.81 0.12
N GLU M 153 -72.55 16.75 0.25
CA GLU M 153 -71.21 16.56 -0.29
C GLU M 153 -70.46 15.49 0.49
N ILE M 154 -69.79 14.58 -0.22
CA ILE M 154 -69.13 13.48 0.45
C ILE M 154 -67.69 13.20 -0.02
N TYR M 155 -67.41 13.39 -1.30
CA TYR M 155 -66.04 13.22 -1.82
C TYR M 155 -65.59 14.48 -2.52
N SER M 156 -64.28 14.71 -2.53
CA SER M 156 -63.68 15.74 -3.37
C SER M 156 -62.34 15.28 -3.95
N ALA M 157 -61.99 15.81 -5.12
CA ALA M 157 -60.68 15.60 -5.73
C ALA M 157 -60.20 16.92 -6.36
N GLU M 158 -58.97 17.32 -6.06
CA GLU M 158 -58.35 18.54 -6.63
C GLU M 158 -57.31 18.10 -7.67
N GLY M 159 -57.32 18.70 -8.85
CA GLY M 159 -56.27 18.43 -9.81
C GLY M 159 -56.36 17.04 -10.43
N LEU M 160 -57.57 16.60 -10.70
CA LEU M 160 -57.82 15.44 -11.53
C LEU M 160 -57.17 15.66 -12.88
N ARG M 161 -56.43 14.67 -13.36
CA ARG M 161 -55.75 14.74 -14.64
C ARG M 161 -56.16 13.56 -15.51
N VAL M 162 -56.51 13.84 -16.77
CA VAL M 162 -56.83 12.79 -17.74
C VAL M 162 -56.16 13.17 -19.07
N GLY M 163 -55.56 12.18 -19.73
CA GLY M 163 -54.85 12.41 -20.98
C GLY M 163 -55.44 11.61 -22.13
N LEU M 164 -55.23 12.09 -23.34
CA LEU M 164 -55.67 11.36 -24.51
C LEU M 164 -54.44 10.90 -25.26
N PHE M 165 -54.48 9.63 -25.72
CA PHE M 165 -53.40 9.00 -26.47
C PHE M 165 -53.89 8.47 -27.80
N THR M 166 -53.20 8.84 -28.88
CA THR M 166 -53.50 8.29 -30.21
C THR M 166 -52.77 6.96 -30.39
N SER M 167 -51.86 6.67 -29.46
CA SER M 167 -51.15 5.40 -29.44
C SER M 167 -50.94 4.95 -27.99
N THR M 168 -51.27 3.67 -27.72
CA THR M 168 -50.98 3.04 -26.44
C THR M 168 -50.33 1.67 -26.59
N ASP M 169 -49.92 1.30 -27.81
CA ASP M 169 -49.35 -0.03 -28.07
C ASP M 169 -47.83 -0.04 -28.18
N SER M 170 -47.19 1.10 -27.90
CA SER M 170 -45.74 1.25 -28.08
C SER M 170 -45.03 1.80 -26.84
N PHE M 171 -45.53 1.46 -25.66
CA PHE M 171 -44.84 1.79 -24.40
C PHE M 171 -43.62 0.90 -24.20
N THR N 2 -49.80 -9.11 14.25
CA THR N 2 -48.34 -8.79 14.28
C THR N 2 -47.49 -10.07 14.20
N LYS N 3 -48.11 -11.23 14.36
CA LYS N 3 -47.38 -12.50 14.39
C LYS N 3 -47.31 -13.17 13.02
N GLN N 4 -48.43 -13.21 12.29
CA GLN N 4 -48.45 -13.79 10.94
C GLN N 4 -48.02 -12.76 9.89
N HIS N 5 -47.08 -13.14 9.03
CA HIS N 5 -46.44 -12.18 8.11
C HIS N 5 -46.77 -12.40 6.67
N ALA N 6 -47.59 -13.39 6.38
CA ALA N 6 -48.02 -13.64 5.00
C ALA N 6 -49.45 -14.19 5.02
N PHE N 7 -50.21 -13.90 3.97
CA PHE N 7 -51.61 -14.30 3.88
C PHE N 7 -51.97 -14.81 2.49
N THR N 8 -52.56 -15.99 2.45
CA THR N 8 -53.01 -16.59 1.20
C THR N 8 -54.32 -15.96 0.75
N ARG N 9 -54.76 -16.30 -0.45
CA ARG N 9 -56.06 -15.82 -0.93
C ARG N 9 -57.21 -16.25 -0.02
N GLU N 10 -57.17 -17.49 0.45
CA GLU N 10 -58.20 -17.97 1.37
C GLU N 10 -58.25 -17.13 2.65
N ASP N 11 -57.09 -16.72 3.17
CA ASP N 11 -57.05 -15.85 4.31
C ASP N 11 -57.75 -14.53 4.00
N LEU N 12 -57.48 -13.98 2.81
CA LEU N 12 -58.08 -12.71 2.41
C LEU N 12 -59.58 -12.84 2.19
N LEU N 13 -60.02 -13.96 1.62
CA LEU N 13 -61.45 -14.25 1.52
C LEU N 13 -62.10 -14.35 2.91
N ARG N 14 -61.42 -15.03 3.82
CA ARG N 14 -61.86 -15.13 5.18
C ARG N 14 -61.99 -13.74 5.78
N CYS N 15 -60.98 -12.90 5.55
CA CYS N 15 -61.01 -11.51 6.01
C CYS N 15 -62.23 -10.79 5.49
N SER N 16 -62.56 -11.00 4.22
CA SER N 16 -63.71 -10.31 3.59
C SER N 16 -65.06 -10.75 4.17
N ARG N 17 -65.12 -11.95 4.73
CA ARG N 17 -66.32 -12.39 5.42
C ARG N 17 -66.41 -11.90 6.89
N GLY N 18 -65.40 -11.18 7.36
CA GLY N 18 -65.35 -10.72 8.76
C GLY N 18 -64.80 -11.76 9.73
N GLU N 19 -64.18 -12.81 9.19
CA GLU N 19 -63.77 -13.97 9.97
C GLU N 19 -62.26 -14.02 10.28
N LEU N 20 -61.49 -13.06 9.80
CA LEU N 20 -60.10 -12.99 10.17
C LEU N 20 -59.91 -12.13 11.42
N PHE N 21 -60.48 -10.93 11.40
CA PHE N 21 -60.33 -9.98 12.51
C PHE N 21 -61.56 -9.90 13.41
N GLY N 22 -62.66 -10.51 12.98
CA GLY N 22 -63.85 -10.67 13.82
C GLY N 22 -64.90 -9.60 13.63
N PRO N 23 -66.05 -9.73 14.30
CA PRO N 23 -67.16 -8.80 14.18
C PRO N 23 -66.77 -7.36 14.42
N GLY N 24 -67.27 -6.46 13.58
CA GLY N 24 -67.04 -5.03 13.75
C GLY N 24 -65.61 -4.61 13.45
N ASN N 25 -64.80 -5.52 12.92
CA ASN N 25 -63.42 -5.19 12.61
C ASN N 25 -63.13 -5.20 11.12
N ALA N 26 -61.92 -4.79 10.74
CA ALA N 26 -61.59 -4.53 9.34
C ALA N 26 -61.97 -5.70 8.42
N GLN N 27 -62.55 -5.37 7.26
CA GLN N 27 -62.87 -6.33 6.22
C GLN N 27 -62.27 -5.86 4.91
N LEU N 28 -61.59 -6.77 4.21
CA LEU N 28 -61.26 -6.52 2.83
C LEU N 28 -62.58 -6.62 2.05
N PRO N 29 -62.65 -6.01 0.86
CA PRO N 29 -63.81 -6.26 0.02
C PRO N 29 -63.76 -7.69 -0.49
N ALA N 30 -64.91 -8.25 -0.85
CA ALA N 30 -64.97 -9.56 -1.53
C ALA N 30 -64.85 -9.31 -3.06
N PRO N 31 -64.67 -10.38 -3.83
CA PRO N 31 -64.74 -10.19 -5.27
C PRO N 31 -66.11 -9.67 -5.66
N ASN N 32 -66.23 -8.81 -6.67
CA ASN N 32 -65.15 -8.42 -7.57
C ASN N 32 -64.42 -7.11 -7.24
N MET N 33 -64.60 -6.56 -6.04
CA MET N 33 -63.89 -5.34 -5.64
C MET N 33 -62.51 -5.65 -5.03
N LEU N 34 -62.33 -6.88 -4.54
CA LEU N 34 -61.06 -7.29 -3.96
C LEU N 34 -59.96 -7.24 -5.03
N MET N 35 -58.92 -6.46 -4.80
CA MET N 35 -57.87 -6.31 -5.81
C MET N 35 -56.55 -6.94 -5.39
N ILE N 36 -56.64 -7.86 -4.44
CA ILE N 36 -55.47 -8.56 -3.89
C ILE N 36 -55.68 -10.06 -3.95
N ASP N 37 -54.69 -10.79 -4.43
CA ASP N 37 -54.73 -12.25 -4.40
C ASP N 37 -54.03 -12.76 -3.16
N ARG N 38 -52.95 -12.11 -2.76
CA ARG N 38 -52.21 -12.55 -1.59
C ARG N 38 -51.33 -11.42 -1.04
N ILE N 39 -51.06 -11.48 0.26
CA ILE N 39 -50.08 -10.60 0.90
C ILE N 39 -48.82 -11.44 1.12
N VAL N 40 -47.78 -11.15 0.35
CA VAL N 40 -46.53 -11.91 0.37
C VAL N 40 -45.71 -11.58 1.61
N HIS N 41 -45.82 -10.34 2.08
CA HIS N 41 -45.10 -9.89 3.26
C HIS N 41 -45.78 -8.71 3.92
N ILE N 42 -45.89 -8.77 5.24
CA ILE N 42 -46.39 -7.65 6.01
C ILE N 42 -45.58 -7.58 7.30
N SER N 43 -45.18 -6.38 7.69
CA SER N 43 -44.31 -6.15 8.84
C SER N 43 -44.56 -4.77 9.42
N ASP N 44 -44.37 -4.62 10.73
CA ASP N 44 -44.47 -3.31 11.37
C ASP N 44 -43.10 -2.61 11.49
N VAL N 45 -42.06 -3.22 10.91
CA VAL N 45 -40.77 -2.53 10.75
C VAL N 45 -40.39 -2.46 9.28
N GLY N 46 -39.31 -1.73 8.97
CA GLY N 46 -38.87 -1.53 7.58
C GLY N 46 -39.79 -0.55 6.87
N GLY N 47 -39.75 -0.59 5.53
CA GLY N 47 -40.48 0.36 4.71
C GLY N 47 -39.72 1.68 4.67
N LYS N 48 -40.12 2.60 3.80
CA LYS N 48 -39.29 3.77 3.58
C LYS N 48 -39.29 4.74 4.75
N TYR N 49 -40.25 4.62 5.66
CA TYR N 49 -40.24 5.44 6.88
C TYR N 49 -39.83 4.66 8.12
N GLY N 50 -39.49 3.38 7.96
CA GLY N 50 -39.12 2.54 9.09
C GLY N 50 -40.29 2.25 10.06
N LYS N 51 -41.52 2.37 9.57
CA LYS N 51 -42.69 2.13 10.41
C LYS N 51 -43.61 1.04 9.85
N GLY N 52 -43.04 0.16 9.03
CA GLY N 52 -43.79 -0.97 8.47
C GLY N 52 -43.97 -0.89 6.97
N GLU N 53 -44.25 -2.04 6.37
CA GLU N 53 -44.54 -2.13 4.94
C GLU N 53 -45.26 -3.42 4.59
N LEU N 54 -45.93 -3.41 3.44
CA LEU N 54 -46.55 -4.60 2.89
C LEU N 54 -46.07 -4.79 1.46
N VAL N 55 -45.91 -6.05 1.04
CA VAL N 55 -45.78 -6.40 -0.36
C VAL N 55 -46.91 -7.37 -0.67
N ALA N 56 -47.67 -7.08 -1.72
CA ALA N 56 -48.88 -7.83 -2.05
C ALA N 56 -48.96 -8.04 -3.54
N GLU N 57 -49.74 -9.02 -3.97
CA GLU N 57 -49.79 -9.39 -5.39
C GLU N 57 -51.22 -9.59 -5.87
N LEU N 58 -51.45 -9.29 -7.15
CA LEU N 58 -52.68 -9.67 -7.86
C LEU N 58 -52.29 -10.33 -9.18
N ASP N 59 -52.69 -11.58 -9.37
CA ASP N 59 -52.43 -12.27 -10.62
C ASP N 59 -53.33 -11.70 -11.71
N ILE N 60 -52.76 -11.50 -12.90
CA ILE N 60 -53.51 -11.02 -14.04
C ILE N 60 -53.75 -12.17 -15.02
N ASN N 61 -54.96 -12.23 -15.56
CA ASN N 61 -55.27 -13.06 -16.71
C ASN N 61 -56.27 -12.30 -17.59
N PRO N 62 -56.41 -12.69 -18.86
CA PRO N 62 -57.23 -11.86 -19.78
C PRO N 62 -58.74 -11.81 -19.48
N ASP N 63 -59.22 -12.66 -18.57
CA ASP N 63 -60.65 -12.78 -18.30
C ASP N 63 -61.14 -11.99 -17.08
N LEU N 64 -60.22 -11.30 -16.40
CA LEU N 64 -60.61 -10.45 -15.28
C LEU N 64 -61.68 -9.47 -15.78
N TRP N 65 -62.74 -9.33 -15.00
CA TRP N 65 -63.98 -8.68 -15.43
C TRP N 65 -63.78 -7.29 -15.98
N PHE N 66 -62.83 -6.55 -15.42
CA PHE N 66 -62.67 -5.12 -15.78
C PHE N 66 -62.08 -4.90 -17.17
N PHE N 67 -61.42 -5.90 -17.73
CA PHE N 67 -60.85 -5.76 -19.07
C PHE N 67 -61.90 -5.62 -20.17
N ALA N 68 -62.99 -6.36 -20.09
CA ALA N 68 -64.03 -6.32 -21.14
C ALA N 68 -64.76 -4.95 -21.20
N CYS N 69 -64.92 -4.29 -20.06
CA CYS N 69 -65.69 -3.04 -20.01
C CYS N 69 -64.85 -1.75 -19.91
N HIS N 70 -63.55 -1.90 -19.74
CA HIS N 70 -62.66 -0.74 -19.52
C HIS N 70 -61.40 -0.91 -20.33
N PHE N 71 -61.42 -0.63 -21.64
CA PHE N 71 -62.59 -0.19 -22.40
C PHE N 71 -62.86 -1.19 -23.51
N GLU N 72 -64.08 -1.19 -24.04
CA GLU N 72 -64.44 -2.07 -25.15
C GLU N 72 -63.46 -1.85 -26.31
N GLY N 73 -62.79 -2.92 -26.73
CA GLY N 73 -61.82 -2.86 -27.80
C GLY N 73 -60.47 -2.29 -27.41
N ASP N 74 -60.28 -2.02 -26.12
CA ASP N 74 -59.07 -1.31 -25.64
C ASP N 74 -58.90 -1.61 -24.16
N PRO N 75 -58.61 -2.87 -23.84
CA PRO N 75 -58.59 -3.27 -22.44
C PRO N 75 -57.37 -2.74 -21.65
N VAL N 76 -57.61 -2.22 -20.46
CA VAL N 76 -56.58 -1.75 -19.56
C VAL N 76 -57.12 -1.69 -18.13
N MET N 77 -56.36 -2.18 -17.15
CA MET N 77 -56.85 -2.19 -15.76
C MET N 77 -57.12 -0.76 -15.33
N PRO N 78 -58.31 -0.49 -14.77
CA PRO N 78 -58.57 0.83 -14.22
C PRO N 78 -57.59 1.19 -13.10
N GLY N 79 -56.96 2.34 -13.23
CA GLY N 79 -56.05 2.83 -12.19
C GLY N 79 -56.75 3.00 -10.88
N CYS N 80 -58.03 3.38 -10.91
CA CYS N 80 -58.79 3.50 -9.67
C CYS N 80 -58.82 2.18 -8.87
N LEU N 81 -58.81 1.03 -9.54
CA LEU N 81 -58.78 -0.25 -8.84
C LEU N 81 -57.37 -0.58 -8.28
N GLY N 82 -56.31 -0.21 -8.99
CA GLY N 82 -54.97 -0.31 -8.43
C GLY N 82 -54.82 0.58 -7.22
N LEU N 83 -55.35 1.80 -7.32
CA LEU N 83 -55.37 2.74 -6.19
C LEU N 83 -56.16 2.14 -5.02
N ASP N 84 -57.32 1.56 -5.30
CA ASP N 84 -58.10 0.92 -4.23
C ASP N 84 -57.37 -0.26 -3.55
N ALA N 85 -56.63 -1.04 -4.34
CA ALA N 85 -55.80 -2.12 -3.78
C ALA N 85 -54.95 -1.56 -2.64
N MET N 86 -54.38 -0.38 -2.86
CA MET N 86 -53.55 0.26 -1.85
C MET N 86 -54.35 0.61 -0.59
N TRP N 87 -55.53 1.20 -0.75
CA TRP N 87 -56.40 1.49 0.39
C TRP N 87 -56.82 0.23 1.07
N GLN N 88 -57.12 -0.81 0.29
CA GLN N 88 -57.46 -2.11 0.88
C GLN N 88 -56.34 -2.61 1.78
N LEU N 89 -55.11 -2.55 1.28
CA LEU N 89 -53.95 -2.99 2.03
C LEU N 89 -53.71 -2.17 3.29
N VAL N 90 -53.91 -0.85 3.22
CA VAL N 90 -53.68 -0.01 4.38
C VAL N 90 -54.73 -0.32 5.45
N GLY N 91 -55.98 -0.52 5.04
CA GLY N 91 -57.01 -0.94 5.95
C GLY N 91 -56.69 -2.28 6.60
N PHE N 92 -56.22 -3.24 5.80
CA PHE N 92 -55.83 -4.53 6.33
C PHE N 92 -54.74 -4.39 7.39
N TYR N 93 -53.75 -3.53 7.12
CA TYR N 93 -52.68 -3.29 8.06
C TYR N 93 -53.21 -2.83 9.43
N LEU N 94 -54.15 -1.89 9.43
CA LEU N 94 -54.73 -1.40 10.67
C LEU N 94 -55.39 -2.52 11.46
N GLY N 95 -56.11 -3.38 10.77
CA GLY N 95 -56.69 -4.57 11.40
C GLY N 95 -55.64 -5.54 11.93
N TRP N 96 -54.62 -5.77 11.13
CA TRP N 96 -53.55 -6.69 11.47
C TRP N 96 -52.81 -6.21 12.69
N GLN N 97 -52.71 -4.89 12.85
CA GLN N 97 -52.09 -4.30 14.04
C GLN N 97 -52.90 -4.56 15.33
N GLY N 98 -54.17 -4.94 15.20
CA GLY N 98 -55.03 -5.21 16.35
C GLY N 98 -55.94 -4.06 16.74
N ASN N 99 -56.15 -3.12 15.82
CA ASN N 99 -57.13 -2.05 16.04
C ASN N 99 -58.53 -2.54 15.74
N PRO N 100 -59.49 -2.16 16.59
CA PRO N 100 -60.89 -2.46 16.30
C PRO N 100 -61.50 -1.46 15.32
N GLY N 101 -62.58 -1.87 14.67
CA GLY N 101 -63.36 -0.95 13.81
C GLY N 101 -63.34 -1.34 12.34
N ARG N 102 -64.31 -0.81 11.59
CA ARG N 102 -64.44 -1.10 10.16
C ARG N 102 -63.73 0.00 9.38
N GLY N 103 -63.17 -0.39 8.25
CA GLY N 103 -62.41 0.49 7.39
C GLY N 103 -63.19 1.38 6.44
N ARG N 104 -62.69 2.61 6.30
CA ARG N 104 -63.15 3.52 5.27
C ARG N 104 -61.91 4.22 4.73
N ALA N 105 -61.74 4.20 3.41
CA ALA N 105 -60.75 5.02 2.77
C ALA N 105 -61.06 6.49 3.09
N LEU N 106 -60.05 7.26 3.44
CA LEU N 106 -60.25 8.72 3.72
C LEU N 106 -59.73 9.60 2.58
N GLY N 107 -58.83 9.05 1.78
CA GLY N 107 -58.38 9.72 0.56
C GLY N 107 -56.89 9.57 0.32
N SER N 108 -56.32 10.56 -0.34
CA SER N 108 -54.93 10.50 -0.72
C SER N 108 -54.33 11.86 -0.97
N GLY N 109 -53.01 11.92 -0.84
CA GLY N 109 -52.24 13.10 -1.13
C GLY N 109 -52.20 13.25 -2.63
N GLU N 110 -51.27 12.61 -3.31
CA GLU N 110 -51.08 12.73 -4.76
C GLU N 110 -51.11 11.33 -5.39
N VAL N 111 -51.87 11.18 -6.47
CA VAL N 111 -51.94 9.92 -7.16
C VAL N 111 -51.43 10.16 -8.58
N LYS N 112 -50.63 9.21 -9.07
CA LYS N 112 -50.09 9.26 -10.43
C LYS N 112 -50.26 7.90 -11.11
N PHE N 113 -50.78 7.92 -12.33
CA PHE N 113 -50.81 6.73 -13.20
C PHE N 113 -49.93 7.08 -14.39
N PHE N 114 -48.93 6.23 -14.65
CA PHE N 114 -47.97 6.48 -15.73
C PHE N 114 -47.55 5.19 -16.44
N GLY N 115 -48.45 4.21 -16.48
CA GLY N 115 -48.17 2.93 -17.09
C GLY N 115 -49.41 2.06 -17.07
N GLN N 116 -49.42 1.02 -17.91
CA GLN N 116 -50.63 0.22 -18.18
C GLN N 116 -50.50 -1.21 -17.69
N VAL N 117 -51.60 -1.75 -17.18
CA VAL N 117 -51.74 -3.19 -16.98
C VAL N 117 -52.62 -3.72 -18.09
N LEU N 118 -52.01 -4.42 -19.03
CA LEU N 118 -52.74 -5.00 -20.16
C LEU N 118 -53.16 -6.42 -19.81
N PRO N 119 -54.14 -6.96 -20.54
CA PRO N 119 -54.55 -8.35 -20.25
C PRO N 119 -53.50 -9.44 -20.49
N THR N 120 -52.41 -9.09 -21.16
CA THR N 120 -51.30 -10.03 -21.39
C THR N 120 -50.31 -10.05 -20.22
N ALA N 121 -50.50 -9.16 -19.24
CA ALA N 121 -49.64 -9.11 -18.07
C ALA N 121 -49.82 -10.36 -17.21
N LYS N 122 -48.82 -10.64 -16.38
CA LYS N 122 -48.86 -11.83 -15.52
C LYS N 122 -49.18 -11.50 -14.07
N LYS N 123 -48.51 -10.49 -13.52
CA LYS N 123 -48.62 -10.22 -12.10
C LYS N 123 -48.40 -8.75 -11.70
N VAL N 124 -49.39 -8.19 -10.99
CA VAL N 124 -49.26 -6.87 -10.37
C VAL N 124 -48.79 -6.99 -8.93
N THR N 125 -47.78 -6.20 -8.56
CA THR N 125 -47.22 -6.22 -7.20
C THR N 125 -47.42 -4.85 -6.56
N TYR N 126 -47.93 -4.86 -5.33
CA TYR N 126 -48.16 -3.62 -4.59
C TYR N 126 -47.09 -3.52 -3.49
N ASN N 127 -46.51 -2.34 -3.33
CA ASN N 127 -45.67 -2.02 -2.18
C ASN N 127 -46.34 -0.90 -1.40
N ILE N 128 -46.48 -1.08 -0.09
CA ILE N 128 -47.05 -0.07 0.77
C ILE N 128 -46.04 0.28 1.84
N HIS N 129 -45.82 1.56 2.05
CA HIS N 129 -44.95 2.03 3.11
C HIS N 129 -45.75 2.80 4.13
N ILE N 130 -45.85 2.24 5.32
CA ILE N 130 -46.56 2.90 6.41
C ILE N 130 -45.78 4.13 6.86
N LYS N 131 -46.47 5.28 6.87
CA LYS N 131 -45.85 6.56 7.26
C LYS N 131 -46.17 6.96 8.70
N ARG N 132 -47.38 6.65 9.14
CA ARG N 132 -47.82 7.04 10.45
C ARG N 132 -49.12 6.33 10.78
N THR N 133 -49.26 5.93 12.04
CA THR N 133 -50.56 5.46 12.55
C THR N 133 -50.97 6.26 13.77
N ILE N 134 -52.26 6.58 13.86
CA ILE N 134 -52.83 7.21 15.05
C ILE N 134 -53.79 6.22 15.70
N ASN N 135 -53.60 5.99 17.00
CA ASN N 135 -54.49 5.08 17.74
C ASN N 135 -55.41 5.78 18.78
N ARG N 136 -55.53 7.12 18.71
CA ARG N 136 -56.51 7.93 19.47
C ARG N 136 -57.59 8.55 18.59
N VAL N 139 -58.90 6.23 14.76
CA VAL N 139 -57.81 5.35 14.36
C VAL N 139 -57.60 5.48 12.87
N LEU N 140 -56.38 5.84 12.45
CA LEU N 140 -56.08 5.97 11.03
C LEU N 140 -54.65 5.72 10.69
N ALA N 141 -54.40 5.41 9.42
CA ALA N 141 -53.08 5.16 8.92
C ALA N 141 -52.82 6.09 7.74
N ILE N 142 -51.60 6.59 7.64
CA ILE N 142 -51.13 7.33 6.49
C ILE N 142 -50.01 6.48 5.89
N ALA N 143 -50.01 6.37 4.56
CA ALA N 143 -49.02 5.56 3.88
C ALA N 143 -48.75 6.04 2.45
N ASP N 144 -47.64 5.58 1.89
CA ASP N 144 -47.31 5.79 0.48
C ASP N 144 -47.33 4.43 -0.17
N GLY N 145 -47.60 4.41 -1.47
CA GLY N 145 -47.72 3.15 -2.19
C GLY N 145 -47.33 3.24 -3.65
N THR N 146 -46.90 2.11 -4.19
CA THR N 146 -46.59 1.98 -5.61
C THR N 146 -47.16 0.69 -6.13
N VAL N 147 -47.67 0.73 -7.35
CA VAL N 147 -48.15 -0.46 -8.01
C VAL N 147 -47.17 -0.73 -9.16
N SER N 148 -46.81 -2.00 -9.34
CA SER N 148 -45.93 -2.44 -10.43
C SER N 148 -46.55 -3.63 -11.18
N VAL N 149 -46.20 -3.78 -12.44
CA VAL N 149 -46.66 -4.91 -13.23
C VAL N 149 -45.47 -5.55 -13.92
N ASP N 150 -45.29 -6.84 -13.67
CA ASP N 150 -44.17 -7.61 -14.19
C ASP N 150 -42.82 -6.84 -14.12
N GLY N 151 -42.55 -6.23 -12.97
CA GLY N 151 -41.31 -5.50 -12.74
C GLY N 151 -41.32 -4.00 -13.01
N ARG N 152 -42.32 -3.50 -13.74
CA ARG N 152 -42.37 -2.10 -14.16
C ARG N 152 -43.30 -1.28 -13.27
N GLU N 153 -42.76 -0.22 -12.69
CA GLU N 153 -43.57 0.69 -11.85
C GLU N 153 -44.53 1.45 -12.73
N ILE N 154 -45.80 1.52 -12.30
CA ILE N 154 -46.82 2.16 -13.15
C ILE N 154 -47.73 3.17 -12.43
N TYR N 155 -48.06 2.91 -11.17
CA TYR N 155 -48.86 3.85 -10.37
C TYR N 155 -48.15 4.19 -9.05
N SER N 156 -48.43 5.37 -8.53
CA SER N 156 -47.99 5.76 -7.21
C SER N 156 -49.05 6.60 -6.50
N ALA N 157 -49.07 6.51 -5.17
CA ALA N 157 -49.94 7.32 -4.33
C ALA N 157 -49.17 7.77 -3.09
N GLU N 158 -49.19 9.07 -2.78
CA GLU N 158 -48.55 9.62 -1.58
C GLU N 158 -49.64 10.00 -0.59
N GLY N 159 -49.47 9.62 0.68
CA GLY N 159 -50.37 10.05 1.73
C GLY N 159 -51.74 9.39 1.67
N LEU N 160 -51.77 8.11 1.31
CA LEU N 160 -52.99 7.30 1.40
C LEU N 160 -53.42 7.34 2.83
N ARG N 161 -54.71 7.57 3.05
CA ARG N 161 -55.30 7.62 4.38
C ARG N 161 -56.45 6.64 4.48
N VAL N 162 -56.46 5.86 5.56
CA VAL N 162 -57.55 4.94 5.85
C VAL N 162 -57.86 5.02 7.34
N GLY N 163 -59.15 5.02 7.67
CA GLY N 163 -59.59 5.14 9.05
C GLY N 163 -60.41 3.92 9.48
N LEU N 164 -60.45 3.67 10.80
CA LEU N 164 -61.32 2.64 11.35
C LEU N 164 -62.40 3.28 12.21
N PHE N 165 -63.63 2.81 12.03
CA PHE N 165 -64.80 3.33 12.71
C PHE N 165 -65.51 2.20 13.44
N THR N 166 -65.77 2.39 14.73
CA THR N 166 -66.59 1.46 15.49
C THR N 166 -68.07 1.76 15.26
N SER N 167 -68.35 2.92 14.66
CA SER N 167 -69.73 3.34 14.33
C SER N 167 -69.74 4.05 12.99
N THR N 168 -70.64 3.63 12.11
CA THR N 168 -70.86 4.32 10.84
C THR N 168 -72.37 4.58 10.57
N ASP N 169 -73.22 4.36 11.57
CA ASP N 169 -74.67 4.48 11.38
C ASP N 169 -75.26 5.78 11.92
N SER N 170 -74.39 6.69 12.38
CA SER N 170 -74.83 7.91 13.06
C SER N 170 -74.24 9.20 12.46
N PHE N 171 -73.99 9.18 11.16
CA PHE N 171 -73.50 10.37 10.45
C PHE N 171 -74.64 11.37 10.26
N THR O 2 15.40 -39.47 -31.01
CA THR O 2 15.15 -38.10 -30.49
C THR O 2 13.69 -37.65 -30.71
N LYS O 3 12.96 -38.38 -31.54
CA LYS O 3 11.58 -37.98 -31.90
C LYS O 3 10.54 -38.66 -31.00
N GLN O 4 10.70 -39.97 -30.75
CA GLN O 4 9.77 -40.69 -29.89
C GLN O 4 10.18 -40.53 -28.42
N HIS O 5 9.22 -40.16 -27.57
CA HIS O 5 9.51 -39.80 -26.17
C HIS O 5 8.98 -40.77 -25.15
N ALA O 6 8.32 -41.83 -25.59
CA ALA O 6 7.82 -42.85 -24.68
C ALA O 6 7.87 -44.21 -25.37
N PHE O 7 8.10 -45.26 -24.59
CA PHE O 7 8.25 -46.62 -25.14
C PHE O 7 7.48 -47.64 -24.31
N THR O 8 6.65 -48.44 -24.97
CA THR O 8 5.89 -49.50 -24.32
C THR O 8 6.79 -50.72 -24.09
N ARG O 9 6.30 -51.69 -23.35
CA ARG O 9 7.05 -52.93 -23.14
C ARG O 9 7.37 -53.63 -24.44
N GLU O 10 6.44 -53.65 -25.38
CA GLU O 10 6.68 -54.25 -26.70
C GLU O 10 7.83 -53.55 -27.44
N ASP O 11 7.91 -52.23 -27.31
CA ASP O 11 9.05 -51.50 -27.89
C ASP O 11 10.35 -51.96 -27.25
N LEU O 12 10.34 -52.15 -25.95
CA LEU O 12 11.55 -52.56 -25.24
C LEU O 12 11.93 -54.00 -25.58
N LEU O 13 10.94 -54.87 -25.74
CA LEU O 13 11.19 -56.22 -26.22
C LEU O 13 11.77 -56.19 -27.63
N ARG O 14 11.19 -55.35 -28.49
CA ARG O 14 11.72 -55.15 -29.83
C ARG O 14 13.18 -54.70 -29.78
N CYS O 15 13.47 -53.76 -28.88
CA CYS O 15 14.83 -53.27 -28.66
C CYS O 15 15.77 -54.40 -28.27
N SER O 16 15.30 -55.30 -27.41
CA SER O 16 16.13 -56.44 -26.95
C SER O 16 16.44 -57.42 -28.07
N ARG O 17 15.59 -57.49 -29.09
CA ARG O 17 15.85 -58.34 -30.25
C ARG O 17 16.75 -57.68 -31.30
N GLY O 18 17.15 -56.43 -31.07
CA GLY O 18 18.00 -55.69 -32.00
C GLY O 18 17.21 -55.00 -33.09
N GLU O 19 15.90 -54.91 -32.90
CA GLU O 19 14.97 -54.45 -33.94
C GLU O 19 14.47 -53.02 -33.74
N LEU O 20 14.87 -52.35 -32.67
CA LEU O 20 14.51 -50.94 -32.49
C LEU O 20 15.61 -50.03 -33.10
N PHE O 21 16.86 -50.30 -32.76
CA PHE O 21 17.98 -49.50 -33.26
C PHE O 21 18.77 -50.17 -34.39
N GLY O 22 18.51 -51.44 -34.63
CA GLY O 22 19.09 -52.15 -35.76
C GLY O 22 20.36 -52.92 -35.45
N PRO O 23 20.87 -53.66 -36.44
CA PRO O 23 22.05 -54.51 -36.29
C PRO O 23 23.27 -53.77 -35.73
N GLY O 24 23.95 -54.39 -34.77
CA GLY O 24 25.17 -53.83 -34.22
C GLY O 24 24.95 -52.63 -33.31
N ASN O 25 23.68 -52.33 -33.01
CA ASN O 25 23.36 -51.17 -32.19
C ASN O 25 22.75 -51.57 -30.84
N ALA O 26 22.55 -50.60 -29.96
CA ALA O 26 22.19 -50.85 -28.57
C ALA O 26 21.04 -51.83 -28.43
N GLN O 27 21.18 -52.78 -27.51
CA GLN O 27 20.10 -53.69 -27.15
C GLN O 27 19.88 -53.62 -25.65
N LEU O 28 18.62 -53.53 -25.23
CA LEU O 28 18.28 -53.84 -23.85
C LEU O 28 18.44 -55.36 -23.66
N PRO O 29 18.62 -55.82 -22.42
CA PRO O 29 18.55 -57.25 -22.18
C PRO O 29 17.12 -57.73 -22.37
N ALA O 30 16.95 -59.01 -22.68
CA ALA O 30 15.62 -59.63 -22.68
C ALA O 30 15.31 -60.12 -21.26
N PRO O 31 14.07 -60.52 -21.01
CA PRO O 31 13.81 -61.17 -19.74
C PRO O 31 14.67 -62.44 -19.60
N ASN O 32 15.15 -62.78 -18.40
CA ASN O 32 14.77 -62.14 -17.14
C ASN O 32 15.74 -61.10 -16.62
N MET O 33 16.67 -60.63 -17.45
CA MET O 33 17.59 -59.57 -17.03
C MET O 33 17.01 -58.17 -17.26
N LEU O 34 16.03 -58.06 -18.14
CA LEU O 34 15.37 -56.78 -18.40
C LEU O 34 14.69 -56.30 -17.14
N MET O 35 15.05 -55.13 -16.66
CA MET O 35 14.48 -54.61 -15.42
C MET O 35 13.57 -53.41 -15.63
N ILE O 36 13.08 -53.26 -16.86
CA ILE O 36 12.22 -52.15 -17.26
C ILE O 36 10.97 -52.66 -17.94
N ASP O 37 9.81 -52.17 -17.54
CA ASP O 37 8.55 -52.50 -18.21
C ASP O 37 8.22 -51.46 -19.28
N ARG O 38 8.51 -50.20 -19.00
CA ARG O 38 8.24 -49.14 -19.95
C ARG O 38 9.08 -47.90 -19.64
N ILE O 39 9.34 -47.12 -20.68
CA ILE O 39 9.94 -45.80 -20.52
C ILE O 39 8.82 -44.79 -20.68
N VAL O 40 8.45 -44.15 -19.57
CA VAL O 40 7.34 -43.20 -19.52
C VAL O 40 7.73 -41.85 -20.16
N HIS O 41 9.01 -41.48 -20.05
CA HIS O 41 9.50 -40.26 -20.66
C HIS O 41 10.98 -40.34 -20.90
N ILE O 42 11.39 -39.86 -22.06
CA ILE O 42 12.81 -39.72 -22.39
C ILE O 42 12.97 -38.44 -23.19
N SER O 43 13.99 -37.66 -22.84
CA SER O 43 14.25 -36.36 -23.48
C SER O 43 15.74 -36.04 -23.44
N ASP O 44 16.20 -35.26 -24.42
CA ASP O 44 17.58 -34.79 -24.42
C ASP O 44 17.72 -33.39 -23.81
N VAL O 45 16.63 -32.87 -23.26
CA VAL O 45 16.68 -31.65 -22.42
C VAL O 45 16.13 -31.95 -21.02
N GLY O 46 16.26 -30.97 -20.12
CA GLY O 46 15.88 -31.15 -18.72
C GLY O 46 16.83 -32.05 -17.98
N GLY O 47 16.36 -32.61 -16.86
CA GLY O 47 17.23 -33.40 -15.98
C GLY O 47 18.09 -32.49 -15.14
N LYS O 48 18.75 -33.02 -14.12
CA LYS O 48 19.42 -32.13 -13.15
C LYS O 48 20.65 -31.43 -13.71
N TYR O 49 21.18 -31.90 -14.84
CA TYR O 49 22.27 -31.19 -15.52
C TYR O 49 21.83 -30.47 -16.78
N GLY O 50 20.54 -30.51 -17.10
CA GLY O 50 20.01 -29.87 -18.30
C GLY O 50 20.48 -30.53 -19.60
N LYS O 51 20.87 -31.81 -19.52
CA LYS O 51 21.37 -32.52 -20.69
C LYS O 51 20.59 -33.79 -20.98
N GLY O 52 19.36 -33.85 -20.49
CA GLY O 52 18.47 -34.98 -20.74
C GLY O 52 18.15 -35.77 -19.50
N GLU O 53 17.06 -36.54 -19.58
CA GLU O 53 16.61 -37.40 -18.50
C GLU O 53 15.64 -38.46 -18.99
N LEU O 54 15.51 -39.53 -18.22
CA LEU O 54 14.51 -40.56 -18.47
C LEU O 54 13.73 -40.79 -17.18
N VAL O 55 12.46 -41.10 -17.35
CA VAL O 55 11.66 -41.69 -16.30
C VAL O 55 11.16 -43.02 -16.84
N ALA O 56 11.38 -44.08 -16.07
CA ALA O 56 10.98 -45.44 -16.50
C ALA O 56 10.36 -46.18 -15.30
N GLU O 57 9.65 -47.26 -15.60
CA GLU O 57 8.91 -48.00 -14.59
C GLU O 57 9.12 -49.52 -14.73
N LEU O 58 9.07 -50.22 -13.59
CA LEU O 58 8.95 -51.67 -13.55
C LEU O 58 7.80 -52.04 -12.59
N ASP O 59 6.80 -52.73 -13.11
CA ASP O 59 5.69 -53.20 -12.27
C ASP O 59 6.17 -54.34 -11.39
N ILE O 60 5.77 -54.32 -10.12
CA ILE O 60 6.11 -55.36 -9.17
C ILE O 60 4.89 -56.23 -8.90
N ASN O 61 5.11 -57.53 -8.84
CA ASN O 61 4.13 -58.47 -8.33
C ASN O 61 4.90 -59.56 -7.56
N PRO O 62 4.20 -60.33 -6.71
CA PRO O 62 4.92 -61.27 -5.84
C PRO O 62 5.61 -62.45 -6.56
N ASP O 63 5.34 -62.65 -7.85
CA ASP O 63 5.85 -63.82 -8.58
C ASP O 63 7.09 -63.54 -9.42
N LEU O 64 7.58 -62.30 -9.42
CA LEU O 64 8.82 -61.98 -10.10
C LEU O 64 9.91 -62.91 -9.57
N TRP O 65 10.68 -63.46 -10.50
CA TRP O 65 11.56 -64.63 -10.24
C TRP O 65 12.53 -64.40 -9.12
N PHE O 66 13.02 -63.16 -8.99
CA PHE O 66 14.08 -62.87 -8.01
C PHE O 66 13.62 -62.90 -6.54
N PHE O 67 12.30 -62.79 -6.29
CA PHE O 67 11.80 -62.85 -4.92
C PHE O 67 11.96 -64.21 -4.26
N ALA O 68 11.70 -65.29 -4.99
CA ALA O 68 11.81 -66.64 -4.42
C ALA O 68 13.24 -67.02 -3.99
N CYS O 69 14.26 -66.53 -4.70
CA CYS O 69 15.64 -66.95 -4.45
C CYS O 69 16.51 -65.89 -3.72
N HIS O 70 15.97 -64.68 -3.53
CA HIS O 70 16.71 -63.58 -2.93
C HIS O 70 15.86 -62.85 -1.92
N PHE O 71 15.71 -63.37 -0.69
CA PHE O 71 16.26 -64.65 -0.22
C PHE O 71 15.14 -65.57 0.20
N GLU O 72 15.40 -66.88 0.24
CA GLU O 72 14.40 -67.84 0.69
C GLU O 72 13.88 -67.42 2.08
N GLY O 73 12.57 -67.23 2.19
CA GLY O 73 11.94 -66.84 3.44
C GLY O 73 12.10 -65.37 3.79
N ASP O 74 12.68 -64.59 2.88
CA ASP O 74 13.00 -63.19 3.15
C ASP O 74 13.14 -62.46 1.81
N PRO O 75 12.02 -62.34 1.07
CA PRO O 75 12.09 -61.81 -0.29
C PRO O 75 12.35 -60.30 -0.34
N VAL O 76 13.29 -59.89 -1.20
CA VAL O 76 13.61 -58.48 -1.43
C VAL O 76 14.31 -58.33 -2.79
N MET O 77 13.91 -57.34 -3.59
CA MET O 77 14.53 -57.18 -4.91
C MET O 77 16.01 -56.93 -4.72
N PRO O 78 16.85 -57.65 -5.49
CA PRO O 78 18.28 -57.37 -5.42
C PRO O 78 18.60 -55.96 -5.89
N GLY O 79 19.32 -55.22 -5.08
CA GLY O 79 19.74 -53.87 -5.45
C GLY O 79 20.57 -53.88 -6.73
N CYS O 80 21.36 -54.93 -6.94
CA CYS O 80 22.15 -55.03 -8.16
C CYS O 80 21.27 -54.98 -9.41
N LEU O 81 20.03 -55.48 -9.32
CA LEU O 81 19.14 -55.43 -10.48
C LEU O 81 18.55 -54.02 -10.67
N GLY O 82 18.29 -53.34 -9.57
CA GLY O 82 17.83 -51.93 -9.64
C GLY O 82 18.94 -51.07 -10.23
N LEU O 83 20.16 -51.34 -9.79
CA LEU O 83 21.34 -50.69 -10.36
C LEU O 83 21.45 -50.99 -11.84
N ASP O 84 21.27 -52.25 -12.23
CA ASP O 84 21.36 -52.61 -13.66
C ASP O 84 20.29 -51.94 -14.51
N ALA O 85 19.10 -51.78 -13.95
CA ALA O 85 18.04 -51.02 -14.62
C ALA O 85 18.55 -49.65 -15.07
N MET O 86 19.32 -49.01 -14.21
CA MET O 86 19.88 -47.70 -14.51
C MET O 86 20.90 -47.78 -15.64
N TRP O 87 21.81 -48.76 -15.61
CA TRP O 87 22.73 -48.99 -16.74
C TRP O 87 21.99 -49.33 -18.01
N GLN O 88 20.95 -50.13 -17.91
CA GLN O 88 20.13 -50.46 -19.07
C GLN O 88 19.55 -49.20 -19.69
N LEU O 89 18.99 -48.33 -18.85
CA LEU O 89 18.42 -47.07 -19.33
C LEU O 89 19.46 -46.14 -19.95
N VAL O 90 20.67 -46.08 -19.38
CA VAL O 90 21.71 -45.19 -19.91
C VAL O 90 22.19 -45.71 -21.27
N GLY O 91 22.33 -47.02 -21.41
CA GLY O 91 22.60 -47.63 -22.70
C GLY O 91 21.51 -47.36 -23.73
N PHE O 92 20.26 -47.50 -23.33
CA PHE O 92 19.14 -47.18 -24.22
C PHE O 92 19.22 -45.74 -24.70
N TYR O 93 19.52 -44.81 -23.79
CA TYR O 93 19.63 -43.39 -24.14
C TYR O 93 20.66 -43.17 -25.26
N LEU O 94 21.83 -43.77 -25.11
CA LEU O 94 22.87 -43.65 -26.12
C LEU O 94 22.36 -44.12 -27.49
N GLY O 95 21.63 -45.24 -27.52
CA GLY O 95 21.05 -45.73 -28.76
C GLY O 95 19.98 -44.80 -29.31
N TRP O 96 19.13 -44.31 -28.42
CA TRP O 96 18.05 -43.38 -28.78
C TRP O 96 18.59 -42.10 -29.36
N GLN O 97 19.76 -41.68 -28.90
CA GLN O 97 20.44 -40.50 -29.47
C GLN O 97 20.95 -40.71 -30.89
N GLY O 98 21.04 -41.96 -31.33
CA GLY O 98 21.49 -42.27 -32.69
C GLY O 98 22.95 -42.67 -32.79
N ASN O 99 23.56 -43.04 -31.66
CA ASN O 99 24.93 -43.56 -31.68
C ASN O 99 24.94 -45.02 -32.08
N PRO O 100 25.92 -45.42 -32.89
CA PRO O 100 26.07 -46.82 -33.27
C PRO O 100 26.84 -47.59 -32.22
N GLY O 101 26.68 -48.91 -32.19
CA GLY O 101 27.44 -49.77 -31.31
C GLY O 101 26.61 -50.49 -30.26
N ARG O 102 27.18 -51.57 -29.73
CA ARG O 102 26.52 -52.35 -28.67
C ARG O 102 26.99 -51.87 -27.27
N GLY O 103 26.08 -51.97 -26.30
CA GLY O 103 26.28 -51.46 -24.95
C GLY O 103 27.06 -52.38 -24.02
N ARG O 104 27.91 -51.76 -23.21
CA ARG O 104 28.53 -52.39 -22.07
C ARG O 104 28.58 -51.41 -20.91
N ALA O 105 28.06 -51.83 -19.76
CA ALA O 105 28.17 -51.06 -18.54
C ALA O 105 29.66 -50.89 -18.23
N LEU O 106 30.09 -49.67 -17.88
CA LEU O 106 31.50 -49.42 -17.54
C LEU O 106 31.71 -49.27 -16.04
N GLY O 107 30.65 -48.92 -15.33
CA GLY O 107 30.69 -48.89 -13.88
C GLY O 107 29.94 -47.71 -13.28
N SER O 108 30.39 -47.28 -12.11
CA SER O 108 29.71 -46.24 -11.41
C SER O 108 30.59 -45.54 -10.43
N GLY O 109 30.20 -44.29 -10.12
CA GLY O 109 30.86 -43.50 -9.12
C GLY O 109 30.49 -44.07 -7.77
N GLU O 110 29.36 -43.69 -7.19
CA GLU O 110 28.94 -44.12 -5.84
C GLU O 110 27.55 -44.74 -5.94
N VAL O 111 27.35 -45.90 -5.33
CA VAL O 111 26.07 -46.54 -5.31
C VAL O 111 25.63 -46.68 -3.87
N LYS O 112 24.35 -46.40 -3.61
CA LYS O 112 23.78 -46.52 -2.27
C LYS O 112 22.43 -47.25 -2.37
N PHE O 113 22.24 -48.24 -1.49
CA PHE O 113 20.94 -48.86 -1.28
C PHE O 113 20.52 -48.53 0.15
N PHE O 114 19.34 -47.98 0.31
CA PHE O 114 18.87 -47.53 1.62
C PHE O 114 17.35 -47.73 1.79
N GLY O 115 16.83 -48.75 1.11
CA GLY O 115 15.41 -49.05 1.16
C GLY O 115 15.12 -50.33 0.39
N GLN O 116 13.96 -50.93 0.63
CA GLN O 116 13.60 -52.25 0.12
C GLN O 116 12.47 -52.20 -0.90
N VAL O 117 12.56 -53.05 -1.92
CA VAL O 117 11.40 -53.39 -2.73
C VAL O 117 10.93 -54.76 -2.27
N LEU O 118 9.78 -54.77 -1.59
CA LEU O 118 9.17 -56.02 -1.14
C LEU O 118 8.19 -56.55 -2.18
N PRO O 119 7.82 -57.85 -2.10
CA PRO O 119 6.86 -58.39 -3.08
C PRO O 119 5.44 -57.81 -3.01
N THR O 120 5.14 -57.05 -1.96
CA THR O 120 3.86 -56.37 -1.82
C THR O 120 3.85 -55.00 -2.51
N ALA O 121 5.01 -54.56 -3.00
CA ALA O 121 5.11 -53.29 -3.71
C ALA O 121 4.34 -53.34 -5.05
N LYS O 122 3.97 -52.17 -5.56
CA LYS O 122 3.23 -52.10 -6.81
C LYS O 122 4.09 -51.68 -8.00
N LYS O 123 4.91 -50.64 -7.83
CA LYS O 123 5.64 -50.06 -8.95
C LYS O 123 6.97 -49.39 -8.58
N VAL O 124 8.03 -49.81 -9.25
CA VAL O 124 9.34 -49.16 -9.14
C VAL O 124 9.48 -48.13 -10.24
N THR O 125 9.96 -46.95 -9.89
CA THR O 125 10.18 -45.90 -10.87
C THR O 125 11.67 -45.53 -10.89
N TYR O 126 12.24 -45.43 -12.10
CA TYR O 126 13.63 -45.03 -12.26
C TYR O 126 13.69 -43.61 -12.80
N ASN O 127 14.56 -42.78 -12.24
CA ASN O 127 14.89 -41.47 -12.80
C ASN O 127 16.36 -41.48 -13.17
N ILE O 128 16.65 -41.08 -14.40
CA ILE O 128 18.03 -40.99 -14.87
C ILE O 128 18.31 -39.56 -15.34
N HIS O 129 19.42 -38.99 -14.89
CA HIS O 129 19.84 -37.64 -15.30
C HIS O 129 21.12 -37.73 -16.05
N ILE O 130 21.06 -37.41 -17.35
CA ILE O 130 22.23 -37.47 -18.21
C ILE O 130 23.17 -36.34 -17.84
N LYS O 131 24.43 -36.67 -17.55
CA LYS O 131 25.42 -35.70 -17.09
C LYS O 131 26.35 -35.26 -18.23
N ARG O 132 26.67 -36.20 -19.10
CA ARG O 132 27.61 -35.95 -20.17
C ARG O 132 27.58 -37.10 -21.15
N THR O 133 27.70 -36.79 -22.43
CA THR O 133 27.92 -37.79 -23.46
C THR O 133 29.19 -37.45 -24.25
N ILE O 134 29.97 -38.47 -24.59
CA ILE O 134 31.11 -38.32 -25.47
C ILE O 134 30.82 -39.09 -26.75
N ASN O 135 30.97 -38.42 -27.90
CA ASN O 135 30.79 -39.06 -29.21
C ASN O 135 32.07 -39.13 -30.06
N ARG O 136 33.23 -38.78 -29.47
CA ARG O 136 34.44 -38.51 -30.26
C ARG O 136 35.31 -39.74 -30.56
N SER O 137 35.84 -40.37 -29.53
CA SER O 137 36.72 -41.53 -29.72
C SER O 137 35.96 -42.81 -29.48
N LEU O 138 35.80 -43.22 -28.21
CA LEU O 138 34.73 -44.16 -27.87
C LEU O 138 33.49 -43.31 -27.59
N VAL O 139 32.33 -43.97 -27.65
CA VAL O 139 31.07 -43.38 -27.28
C VAL O 139 30.69 -43.82 -25.86
N LEU O 140 30.42 -42.87 -24.98
CA LEU O 140 29.94 -43.20 -23.65
C LEU O 140 29.07 -42.13 -23.04
N ALA O 141 28.29 -42.53 -22.04
CA ALA O 141 27.43 -41.62 -21.32
C ALA O 141 27.73 -41.71 -19.84
N ILE O 142 27.69 -40.58 -19.17
CA ILE O 142 27.79 -40.51 -17.73
C ILE O 142 26.43 -39.98 -17.25
N ALA O 143 25.90 -40.56 -16.18
CA ALA O 143 24.62 -40.16 -15.64
C ALA O 143 24.53 -40.42 -14.13
N ASP O 144 23.54 -39.78 -13.51
CA ASP O 144 23.13 -40.06 -12.14
C ASP O 144 21.76 -40.66 -12.20
N GLY O 145 21.46 -41.49 -11.21
CA GLY O 145 20.15 -42.15 -11.17
C GLY O 145 19.63 -42.41 -9.77
N THR O 146 18.31 -42.50 -9.66
CA THR O 146 17.65 -42.90 -8.45
C THR O 146 16.58 -43.94 -8.78
N VAL O 147 16.41 -44.90 -7.89
CA VAL O 147 15.31 -45.86 -7.96
C VAL O 147 14.35 -45.55 -6.82
N SER O 148 13.06 -45.58 -7.12
CA SER O 148 12.00 -45.38 -6.12
C SER O 148 10.98 -46.50 -6.19
N VAL O 149 10.31 -46.77 -5.08
CA VAL O 149 9.23 -47.76 -5.03
C VAL O 149 8.00 -47.15 -4.37
N ASP O 150 6.88 -47.13 -5.10
CA ASP O 150 5.63 -46.51 -4.64
C ASP O 150 5.84 -45.15 -3.97
N GLY O 151 6.67 -44.31 -4.57
CA GLY O 151 6.91 -42.94 -4.09
C GLY O 151 8.12 -42.75 -3.20
N ARG O 152 8.67 -43.84 -2.67
CA ARG O 152 9.80 -43.76 -1.73
C ARG O 152 11.13 -44.01 -2.42
N GLU O 153 12.05 -43.07 -2.28
CA GLU O 153 13.40 -43.24 -2.82
C GLU O 153 14.13 -44.32 -2.04
N ILE O 154 14.79 -45.23 -2.76
CA ILE O 154 15.47 -46.35 -2.08
C ILE O 154 16.91 -46.62 -2.54
N TYR O 155 17.21 -46.42 -3.82
CA TYR O 155 18.58 -46.54 -4.31
C TYR O 155 19.04 -45.27 -5.03
N SER O 156 20.35 -45.04 -5.03
CA SER O 156 20.94 -43.99 -5.86
C SER O 156 22.30 -44.45 -6.43
N ALA O 157 22.65 -43.90 -7.60
CA ALA O 157 23.95 -44.12 -8.22
C ALA O 157 24.44 -42.80 -8.81
N GLU O 158 25.67 -42.42 -8.52
CA GLU O 158 26.30 -41.22 -9.09
C GLU O 158 27.35 -41.66 -10.11
N GLY O 159 27.36 -41.03 -11.29
CA GLY O 159 28.41 -41.31 -12.26
C GLY O 159 28.31 -42.68 -12.89
N LEU O 160 27.09 -43.15 -13.15
CA LEU O 160 26.84 -44.31 -13.97
C LEU O 160 27.52 -44.08 -15.31
N ARG O 161 28.25 -45.08 -15.79
CA ARG O 161 28.93 -45.00 -17.07
C ARG O 161 28.53 -46.18 -17.96
N VAL O 162 28.20 -45.90 -19.22
CA VAL O 162 27.89 -46.93 -20.21
C VAL O 162 28.58 -46.55 -21.51
N GLY O 163 29.15 -47.54 -22.18
CA GLY O 163 29.85 -47.30 -23.43
C GLY O 163 29.26 -48.09 -24.57
N LEU O 164 29.49 -47.62 -25.80
CA LEU O 164 29.07 -48.33 -26.99
C LEU O 164 30.29 -48.78 -27.75
N PHE O 165 30.26 -50.03 -28.20
CA PHE O 165 31.36 -50.65 -28.93
C PHE O 165 30.87 -51.18 -30.28
N THR O 166 31.56 -50.79 -31.35
CA THR O 166 31.29 -51.35 -32.67
C THR O 166 32.03 -52.68 -32.85
N SER O 167 32.93 -52.97 -31.93
CA SER O 167 33.67 -54.22 -31.90
C SER O 167 33.88 -54.69 -30.46
N THR O 168 33.55 -55.95 -30.19
CA THR O 168 33.83 -56.56 -28.89
C THR O 168 34.50 -57.93 -29.03
N ASP O 169 34.91 -58.30 -30.24
CA ASP O 169 35.48 -59.63 -30.49
C ASP O 169 37.02 -59.63 -30.57
N SER O 170 37.64 -58.49 -30.30
CA SER O 170 39.10 -58.33 -30.48
C SER O 170 39.80 -57.79 -29.24
N PHE O 171 39.29 -58.12 -28.06
CA PHE O 171 39.97 -57.77 -26.80
C PHE O 171 41.23 -58.62 -26.57
N THR P 2 34.71 -68.96 11.80
CA THR P 2 36.17 -68.62 11.87
C THR P 2 37.03 -69.87 11.80
N LYS P 3 36.40 -71.05 11.95
CA LYS P 3 37.13 -72.31 11.98
C LYS P 3 37.22 -72.98 10.60
N GLN P 4 36.11 -73.02 9.87
CA GLN P 4 36.10 -73.60 8.52
C GLN P 4 36.55 -72.55 7.48
N HIS P 5 37.50 -72.93 6.64
CA HIS P 5 38.15 -71.97 5.72
C HIS P 5 37.83 -72.17 4.26
N ALA P 6 36.99 -73.16 3.96
CA ALA P 6 36.58 -73.41 2.58
C ALA P 6 35.15 -73.96 2.59
N PHE P 7 34.41 -73.65 1.53
CA PHE P 7 33.02 -74.05 1.43
C PHE P 7 32.67 -74.55 0.04
N THR P 8 32.05 -75.74 -0.01
CA THR P 8 31.63 -76.33 -1.28
C THR P 8 30.32 -75.68 -1.74
N ARG P 9 29.89 -76.00 -2.95
CA ARG P 9 28.59 -75.54 -3.43
C ARG P 9 27.44 -75.98 -2.53
N GLU P 10 27.48 -77.23 -2.06
CA GLU P 10 26.43 -77.72 -1.15
C GLU P 10 26.38 -76.89 0.13
N ASP P 11 27.54 -76.50 0.65
CA ASP P 11 27.57 -75.61 1.82
C ASP P 11 26.88 -74.28 1.49
N LEU P 12 27.15 -73.73 0.32
CA LEU P 12 26.56 -72.45 -0.09
C LEU P 12 25.05 -72.57 -0.33
N LEU P 13 24.62 -73.69 -0.90
CA LEU P 13 23.19 -73.98 -1.01
C LEU P 13 22.54 -74.10 0.38
N ARG P 14 23.21 -74.79 1.28
CA ARG P 14 22.76 -74.89 2.66
C ARG P 14 22.63 -73.50 3.27
N CYS P 15 23.63 -72.66 3.05
CA CYS P 15 23.60 -71.27 3.51
C CYS P 15 22.39 -70.52 2.98
N SER P 16 22.05 -70.74 1.71
CA SER P 16 20.92 -70.05 1.08
C SER P 16 19.57 -70.47 1.67
N ARG P 17 19.50 -71.67 2.22
CA ARG P 17 18.28 -72.14 2.88
C ARG P 17 18.19 -71.66 4.33
N GLY P 18 19.19 -70.94 4.82
CA GLY P 18 19.23 -70.49 6.21
C GLY P 18 19.78 -71.51 7.19
N GLU P 19 20.42 -72.55 6.66
CA GLU P 19 20.82 -73.73 7.44
C GLU P 19 22.30 -73.79 7.76
N LEU P 20 23.08 -72.83 7.29
CA LEU P 20 24.47 -72.77 7.68
C LEU P 20 24.63 -71.91 8.93
N PHE P 21 24.04 -70.71 8.92
CA PHE P 21 24.19 -69.77 10.04
C PHE P 21 22.95 -69.69 10.92
N GLY P 22 21.87 -70.30 10.47
CA GLY P 22 20.66 -70.44 11.28
C GLY P 22 19.61 -69.37 11.07
N PRO P 23 18.45 -69.51 11.74
CA PRO P 23 17.32 -68.58 11.62
C PRO P 23 17.70 -67.13 11.89
N GLY P 24 17.22 -66.23 11.04
CA GLY P 24 17.48 -64.80 11.20
C GLY P 24 18.89 -64.35 10.88
N ASN P 25 19.71 -65.26 10.35
CA ASN P 25 21.11 -64.94 10.10
C ASN P 25 21.43 -64.96 8.60
N ALA P 26 22.64 -64.56 8.25
CA ALA P 26 22.99 -64.31 6.85
C ALA P 26 22.62 -65.46 5.93
N GLN P 27 22.04 -65.13 4.77
CA GLN P 27 21.75 -66.09 3.72
C GLN P 27 22.38 -65.60 2.44
N LEU P 28 23.06 -66.49 1.74
CA LEU P 28 23.36 -66.23 0.34
C LEU P 28 22.04 -66.32 -0.43
N PRO P 29 21.97 -65.70 -1.60
CA PRO P 29 20.85 -66.00 -2.49
C PRO P 29 20.91 -67.42 -3.02
N ALA P 30 19.75 -67.97 -3.39
CA ALA P 30 19.68 -69.26 -4.07
C ALA P 30 19.83 -69.03 -5.57
N PRO P 31 19.99 -70.12 -6.33
CA PRO P 31 19.96 -69.92 -7.77
C PRO P 31 18.58 -69.38 -8.16
N ASN P 32 18.49 -68.52 -9.17
CA ASN P 32 19.59 -68.16 -10.07
C ASN P 32 20.32 -66.85 -9.74
N MET P 33 20.12 -66.29 -8.54
CA MET P 33 20.82 -65.07 -8.13
C MET P 33 22.18 -65.38 -7.49
N LEU P 34 22.36 -66.61 -7.01
CA LEU P 34 23.64 -67.03 -6.43
C LEU P 34 24.74 -66.98 -7.51
N MET P 35 25.77 -66.20 -7.28
CA MET P 35 26.83 -66.04 -8.28
C MET P 35 28.16 -66.67 -7.84
N ILE P 36 28.07 -67.59 -6.87
CA ILE P 36 29.24 -68.28 -6.32
C ILE P 36 29.03 -69.79 -6.39
N ASP P 37 30.02 -70.52 -6.89
CA ASP P 37 29.98 -71.98 -6.87
C ASP P 37 30.67 -72.51 -5.63
N ARG P 38 31.76 -71.86 -5.22
CA ARG P 38 32.49 -72.29 -4.04
C ARG P 38 33.37 -71.18 -3.47
N ILE P 39 33.63 -71.25 -2.16
CA ILE P 39 34.59 -70.38 -1.51
C ILE P 39 35.84 -71.20 -1.28
N VAL P 40 36.90 -70.90 -2.04
CA VAL P 40 38.15 -71.67 -2.01
C VAL P 40 38.97 -71.33 -0.78
N HIS P 41 38.85 -70.08 -0.33
CA HIS P 41 39.53 -69.65 0.87
C HIS P 41 38.84 -68.47 1.52
N ILE P 42 38.71 -68.54 2.84
CA ILE P 42 38.19 -67.43 3.62
C ILE P 42 39.00 -67.36 4.92
N SER P 43 39.41 -66.15 5.29
CA SER P 43 40.25 -65.93 6.46
C SER P 43 40.00 -64.55 7.05
N ASP P 44 40.20 -64.40 8.36
CA ASP P 44 40.09 -63.09 8.99
C ASP P 44 41.45 -62.40 9.13
N VAL P 45 42.50 -63.01 8.57
CA VAL P 45 43.80 -62.33 8.42
C VAL P 45 44.21 -62.29 6.94
N GLY P 46 45.28 -61.56 6.66
CA GLY P 46 45.72 -61.33 5.28
C GLY P 46 44.81 -60.37 4.55
N GLY P 47 44.87 -60.40 3.23
CA GLY P 47 44.14 -59.42 2.40
C GLY P 47 44.91 -58.11 2.36
N LYS P 48 44.50 -57.19 1.48
CA LYS P 48 45.34 -56.01 1.27
C LYS P 48 45.33 -55.02 2.45
N TYR P 49 44.37 -55.16 3.36
CA TYR P 49 44.37 -54.34 4.58
C TYR P 49 44.76 -55.13 5.83
N GLY P 50 45.09 -56.41 5.67
CA GLY P 50 45.45 -57.26 6.80
C GLY P 50 44.30 -57.55 7.74
N LYS P 51 43.07 -57.43 7.25
CA LYS P 51 41.88 -57.67 8.07
C LYS P 51 40.96 -58.76 7.52
N GLY P 52 41.53 -59.63 6.68
CA GLY P 52 40.78 -60.75 6.12
C GLY P 52 40.61 -60.66 4.62
N GLU P 53 40.31 -61.81 4.02
CA GLU P 53 40.06 -61.90 2.59
C GLU P 53 39.33 -63.18 2.22
N LEU P 54 38.69 -63.17 1.07
CA LEU P 54 38.09 -64.36 0.50
C LEU P 54 38.59 -64.54 -0.93
N VAL P 55 38.75 -65.79 -1.33
CA VAL P 55 38.89 -66.16 -2.74
C VAL P 55 37.76 -67.13 -3.05
N ALA P 56 37.01 -66.83 -4.10
CA ALA P 56 35.82 -67.61 -4.45
C ALA P 56 35.79 -67.80 -5.96
N GLU P 57 35.01 -68.79 -6.41
CA GLU P 57 34.95 -69.14 -7.81
C GLU P 57 33.51 -69.32 -8.30
N LEU P 58 33.29 -69.01 -9.57
CA LEU P 58 32.06 -69.38 -10.30
C LEU P 58 32.48 -70.04 -11.62
N ASP P 59 32.08 -71.29 -11.81
CA ASP P 59 32.34 -71.96 -13.07
C ASP P 59 31.45 -71.39 -14.16
N ILE P 60 32.02 -71.17 -15.33
CA ILE P 60 31.28 -70.69 -16.49
C ILE P 60 31.05 -71.83 -17.49
N ASN P 61 29.85 -71.89 -18.03
CA ASN P 61 29.55 -72.74 -19.17
C ASN P 61 28.56 -71.99 -20.05
N PRO P 62 28.40 -72.39 -21.32
CA PRO P 62 27.59 -71.56 -22.24
C PRO P 62 26.09 -71.53 -21.93
N ASP P 63 25.62 -72.38 -21.02
CA ASP P 63 24.18 -72.52 -20.75
C ASP P 63 23.68 -71.75 -19.54
N LEU P 64 24.59 -71.05 -18.86
CA LEU P 64 24.19 -70.19 -17.75
C LEU P 64 23.12 -69.24 -18.26
N TRP P 65 22.05 -69.09 -17.48
CA TRP P 65 20.82 -68.43 -17.92
C TRP P 65 21.01 -67.03 -18.46
N PHE P 66 21.96 -66.28 -17.89
CA PHE P 66 22.11 -64.86 -18.25
C PHE P 66 22.70 -64.64 -19.64
N PHE P 67 23.38 -65.63 -20.20
CA PHE P 67 23.96 -65.48 -21.54
C PHE P 67 22.90 -65.35 -22.65
N ALA P 68 21.82 -66.10 -22.57
CA ALA P 68 20.79 -66.05 -23.61
C ALA P 68 20.05 -64.70 -23.68
N CYS P 69 19.90 -64.03 -22.55
CA CYS P 69 19.10 -62.79 -22.50
C CYS P 69 19.93 -61.49 -22.39
N HIS P 70 21.24 -61.62 -22.20
CA HIS P 70 22.12 -60.47 -21.97
C HIS P 70 23.39 -60.64 -22.78
N PHE P 71 23.37 -60.37 -24.10
CA PHE P 71 22.20 -59.94 -24.88
C PHE P 71 21.95 -60.94 -25.99
N GLU P 72 20.73 -60.95 -26.52
CA GLU P 72 20.40 -61.83 -27.64
C GLU P 72 21.37 -61.59 -28.79
N GLY P 73 22.06 -62.65 -29.22
CA GLY P 73 23.04 -62.57 -30.29
C GLY P 73 24.37 -61.97 -29.89
N ASP P 74 24.55 -61.69 -28.60
CA ASP P 74 25.74 -61.00 -28.09
C ASP P 74 25.87 -61.31 -26.61
N PRO P 75 26.14 -62.58 -26.30
CA PRO P 75 26.20 -62.99 -24.88
C PRO P 75 27.42 -62.47 -24.09
N VAL P 76 27.16 -61.93 -22.91
CA VAL P 76 28.21 -61.48 -22.00
C VAL P 76 27.66 -61.41 -20.56
N MET P 77 28.41 -61.90 -19.58
CA MET P 77 27.90 -61.92 -18.20
C MET P 77 27.63 -60.48 -17.78
N PRO P 78 26.44 -60.23 -17.20
CA PRO P 78 26.19 -58.89 -16.67
C PRO P 78 27.15 -58.53 -15.54
N GLY P 79 27.80 -57.39 -15.67
CA GLY P 79 28.69 -56.90 -14.63
C GLY P 79 27.97 -56.74 -13.32
N CYS P 80 26.69 -56.36 -13.36
CA CYS P 80 25.94 -56.24 -12.12
C CYS P 80 25.91 -57.56 -11.32
N LEU P 81 25.95 -58.70 -11.99
CA LEU P 81 25.97 -59.97 -11.29
C LEU P 81 27.35 -60.31 -10.71
N GLY P 82 28.40 -59.92 -11.42
CA GLY P 82 29.76 -60.02 -10.87
C GLY P 82 29.90 -59.14 -9.65
N LEU P 83 29.36 -57.92 -9.75
CA LEU P 83 29.34 -57.00 -8.62
C LEU P 83 28.54 -57.61 -7.46
N ASP P 84 27.37 -58.19 -7.76
CA ASP P 84 26.59 -58.82 -6.68
C ASP P 84 27.33 -60.00 -6.00
N ALA P 85 28.09 -60.77 -6.78
CA ALA P 85 28.93 -61.84 -6.22
C ALA P 85 29.77 -61.31 -5.08
N MET P 86 30.33 -60.12 -5.29
CA MET P 86 31.15 -59.48 -4.27
C MET P 86 30.34 -59.10 -3.02
N TRP P 87 29.16 -58.51 -3.19
CA TRP P 87 28.26 -58.24 -2.06
C TRP P 87 27.82 -59.52 -1.38
N GLN P 88 27.53 -60.55 -2.15
CA GLN P 88 27.19 -61.86 -1.59
C GLN P 88 28.31 -62.38 -0.67
N LEU P 89 29.54 -62.31 -1.17
CA LEU P 89 30.70 -62.76 -0.40
C LEU P 89 30.94 -61.92 0.86
N VAL P 90 30.75 -60.61 0.78
CA VAL P 90 30.94 -59.76 1.96
C VAL P 90 29.88 -60.08 3.02
N GLY P 91 28.64 -60.31 2.60
CA GLY P 91 27.58 -60.73 3.50
C GLY P 91 27.87 -62.07 4.14
N PHE P 92 28.36 -63.00 3.34
CA PHE P 92 28.76 -64.30 3.88
C PHE P 92 29.85 -64.15 4.95
N TYR P 93 30.83 -63.31 4.69
CA TYR P 93 31.92 -63.08 5.64
C TYR P 93 31.36 -62.61 7.01
N LEU P 94 30.44 -61.66 7.00
CA LEU P 94 29.83 -61.18 8.23
C LEU P 94 29.17 -62.31 9.01
N GLY P 95 28.46 -63.18 8.31
CA GLY P 95 27.86 -64.35 8.94
C GLY P 95 28.89 -65.32 9.48
N TRP P 96 29.92 -65.57 8.68
CA TRP P 96 31.01 -66.47 9.03
C TRP P 96 31.76 -65.99 10.25
N GLN P 97 31.83 -64.67 10.42
CA GLN P 97 32.43 -64.08 11.63
C GLN P 97 31.62 -64.33 12.91
N GLY P 98 30.35 -64.72 12.77
CA GLY P 98 29.49 -65.00 13.92
C GLY P 98 28.55 -63.87 14.28
N ASN P 99 28.35 -62.92 13.37
CA ASN P 99 27.39 -61.85 13.60
C ASN P 99 25.98 -62.36 13.30
N PRO P 100 25.00 -62.00 14.13
CA PRO P 100 23.61 -62.25 13.81
C PRO P 100 23.00 -61.24 12.83
N GLY P 101 21.92 -61.63 12.16
CA GLY P 101 21.14 -60.73 11.31
C GLY P 101 21.16 -61.13 9.85
N ARG P 102 20.19 -60.61 9.10
CA ARG P 102 20.09 -60.87 7.67
C ARG P 102 20.79 -59.77 6.87
N GLY P 103 21.35 -60.16 5.74
CA GLY P 103 22.16 -59.29 4.89
C GLY P 103 21.38 -58.39 3.94
N ARG P 104 21.89 -57.16 3.80
CA ARG P 104 21.46 -56.25 2.77
C ARG P 104 22.70 -55.53 2.25
N ALA P 105 22.89 -55.55 0.93
CA ALA P 105 23.89 -54.72 0.30
C ALA P 105 23.57 -53.26 0.62
N LEU P 106 24.57 -52.47 1.00
CA LEU P 106 24.37 -51.04 1.27
C LEU P 106 24.88 -50.17 0.13
N GLY P 107 25.80 -50.70 -0.67
CA GLY P 107 26.27 -50.02 -1.87
C GLY P 107 27.76 -50.17 -2.08
N SER P 108 28.34 -49.16 -2.72
CA SER P 108 29.73 -49.23 -3.10
C SER P 108 30.33 -47.86 -3.32
N GLY P 109 31.65 -47.80 -3.19
CA GLY P 109 32.42 -46.62 -3.50
C GLY P 109 32.62 -46.32 -4.98
N GLU P 110 33.41 -47.13 -5.66
CA GLU P 110 33.59 -47.02 -7.10
C GLU P 110 33.55 -48.41 -7.73
N VAL P 111 32.79 -48.54 -8.81
CA VAL P 111 32.73 -49.80 -9.54
C VAL P 111 33.25 -49.56 -10.95
N LYS P 112 34.05 -50.50 -11.45
CA LYS P 112 34.59 -50.45 -12.80
C LYS P 112 34.45 -51.80 -13.48
N PHE P 113 33.94 -51.78 -14.71
CA PHE P 113 33.95 -52.96 -15.57
C PHE P 113 34.83 -52.62 -16.76
N PHE P 114 35.81 -53.46 -17.03
CA PHE P 114 36.77 -53.20 -18.09
C PHE P 114 37.20 -54.48 -18.81
N GLY P 115 36.30 -55.47 -18.86
CA GLY P 115 36.58 -56.75 -19.48
C GLY P 115 35.33 -57.59 -19.50
N GLN P 116 35.33 -58.62 -20.33
CA GLN P 116 34.15 -59.46 -20.57
C GLN P 116 34.28 -60.88 -20.06
N VAL P 117 33.19 -61.43 -19.55
CA VAL P 117 33.06 -62.87 -19.37
C VAL P 117 32.18 -63.41 -20.48
N LEU P 118 32.80 -64.11 -21.43
CA LEU P 118 32.08 -64.68 -22.56
C LEU P 118 31.67 -66.11 -22.23
N PRO P 119 30.71 -66.67 -23.00
CA PRO P 119 30.28 -68.05 -22.69
C PRO P 119 31.32 -69.15 -22.96
N THR P 120 32.42 -68.80 -23.63
CA THR P 120 33.53 -69.71 -23.83
C THR P 120 34.51 -69.72 -22.66
N ALA P 121 34.32 -68.84 -21.69
CA ALA P 121 35.19 -68.81 -20.52
C ALA P 121 35.01 -70.06 -19.67
N LYS P 122 36.00 -70.35 -18.82
CA LYS P 122 35.94 -71.53 -17.97
C LYS P 122 35.61 -71.20 -16.51
N LYS P 123 36.27 -70.19 -15.94
CA LYS P 123 36.16 -69.93 -14.50
C LYS P 123 36.37 -68.46 -14.11
N VAL P 124 35.37 -67.90 -13.41
CA VAL P 124 35.50 -66.59 -12.80
C VAL P 124 35.98 -66.74 -11.35
N THR P 125 36.97 -65.92 -10.96
CA THR P 125 37.50 -65.94 -9.61
C THR P 125 37.29 -64.57 -8.96
N TYR P 126 36.79 -64.58 -7.73
CA TYR P 126 36.55 -63.36 -6.99
C TYR P 126 37.61 -63.26 -5.89
N ASN P 127 38.18 -62.07 -5.71
CA ASN P 127 39.00 -61.75 -4.55
C ASN P 127 38.32 -60.65 -3.78
N ILE P 128 38.17 -60.85 -2.46
CA ILE P 128 37.57 -59.84 -1.60
C ILE P 128 38.57 -59.49 -0.51
N HIS P 129 38.77 -58.19 -0.28
CA HIS P 129 39.68 -57.73 0.77
C HIS P 129 38.89 -56.95 1.79
N ILE P 130 38.78 -57.52 3.00
CA ILE P 130 38.05 -56.88 4.07
C ILE P 130 38.81 -55.65 4.54
N LYS P 131 38.13 -54.50 4.55
CA LYS P 131 38.75 -53.23 4.92
C LYS P 131 38.42 -52.83 6.34
N ARG P 132 37.20 -53.12 6.77
CA ARG P 132 36.75 -52.74 8.09
C ARG P 132 35.44 -53.45 8.42
N THR P 133 35.29 -53.85 9.67
CA THR P 133 33.99 -54.33 10.15
C THR P 133 33.58 -53.53 11.38
N ILE P 134 32.29 -53.22 11.47
CA ILE P 134 31.71 -52.60 12.66
C ILE P 134 30.75 -53.59 13.30
N ASN P 135 30.94 -53.84 14.59
CA ASN P 135 30.08 -54.76 15.36
C ASN P 135 29.22 -54.06 16.44
N ARG P 136 29.28 -52.72 16.51
CA ARG P 136 28.82 -52.01 17.72
C ARG P 136 27.31 -51.59 17.70
N SER P 137 26.89 -50.75 16.74
CA SER P 137 25.48 -50.26 16.68
C SER P 137 24.73 -51.12 15.63
N LEU P 138 24.85 -50.75 14.35
CA LEU P 138 24.54 -51.72 13.29
C LEU P 138 25.82 -52.51 13.02
N VAL P 139 25.64 -53.67 12.39
CA VAL P 139 26.74 -54.49 11.94
C VAL P 139 26.94 -54.29 10.42
N LEU P 140 28.15 -53.91 10.02
CA LEU P 140 28.47 -53.78 8.61
C LEU P 140 29.93 -54.05 8.27
N ALA P 141 30.18 -54.40 7.01
CA ALA P 141 31.52 -54.62 6.53
C ALA P 141 31.77 -53.74 5.33
N ILE P 142 33.00 -53.23 5.24
CA ILE P 142 33.46 -52.47 4.09
C ILE P 142 34.58 -53.32 3.50
N ALA P 143 34.61 -53.45 2.19
CA ALA P 143 35.60 -54.25 1.50
C ALA P 143 35.89 -53.73 0.07
N ASP P 144 37.02 -54.16 -0.47
CA ASP P 144 37.35 -53.97 -1.87
C ASP P 144 37.32 -55.33 -2.53
N GLY P 145 37.05 -55.35 -3.82
CA GLY P 145 36.96 -56.60 -4.56
C GLY P 145 37.38 -56.49 -6.01
N THR P 146 37.83 -57.61 -6.55
CA THR P 146 38.13 -57.73 -7.97
C THR P 146 37.54 -59.03 -8.50
N VAL P 147 37.03 -58.98 -9.71
CA VAL P 147 36.57 -60.19 -10.41
C VAL P 147 37.53 -60.46 -11.57
N SER P 148 37.90 -61.72 -11.74
CA SER P 148 38.80 -62.16 -12.81
C SER P 148 38.23 -63.35 -13.54
N VAL P 149 38.58 -63.49 -14.81
CA VAL P 149 38.12 -64.61 -15.62
C VAL P 149 39.33 -65.25 -16.29
N ASP P 150 39.50 -66.54 -16.05
CA ASP P 150 40.62 -67.30 -16.56
C ASP P 150 41.96 -66.52 -16.47
N GLY P 151 42.21 -65.90 -15.32
CA GLY P 151 43.46 -65.19 -15.07
C GLY P 151 43.43 -63.67 -15.32
N ARG P 152 42.44 -63.20 -16.06
CA ARG P 152 42.41 -61.80 -16.49
C ARG P 152 41.48 -60.99 -15.60
N GLU P 153 42.00 -59.91 -15.04
CA GLU P 153 41.17 -59.01 -14.22
C GLU P 153 40.21 -58.25 -15.09
N ILE P 154 38.96 -58.18 -14.68
CA ILE P 154 37.92 -57.53 -15.51
C ILE P 154 37.00 -56.54 -14.80
N TYR P 155 36.66 -56.80 -13.55
CA TYR P 155 35.87 -55.86 -12.74
C TYR P 155 36.58 -55.50 -11.44
N SER P 156 36.29 -54.32 -10.92
CA SER P 156 36.73 -53.95 -9.58
C SER P 156 35.67 -53.10 -8.88
N ALA P 157 35.64 -53.20 -7.56
CA ALA P 157 34.76 -52.40 -6.73
C ALA P 157 35.53 -51.97 -5.47
N GLU P 158 35.50 -50.68 -5.17
CA GLU P 158 36.13 -50.11 -4.02
C GLU P 158 35.04 -49.74 -2.96
N GLY P 159 35.21 -50.14 -1.70
CA GLY P 159 34.28 -49.72 -0.65
C GLY P 159 32.89 -50.37 -0.73
N LEU P 160 32.86 -51.64 -1.10
CA LEU P 160 31.65 -52.45 -0.99
C LEU P 160 31.19 -52.41 0.44
N ARG P 161 29.90 -52.19 0.65
CA ARG P 161 29.31 -52.14 1.98
C ARG P 161 28.16 -53.11 2.07
N VAL P 162 28.14 -53.90 3.15
CA VAL P 162 27.05 -54.82 3.40
C VAL P 162 26.71 -54.75 4.89
N GLY P 163 25.42 -54.76 5.22
CA GLY P 163 24.98 -54.63 6.60
C GLY P 163 24.16 -55.85 7.01
N LEU P 164 24.11 -56.10 8.32
CA LEU P 164 23.23 -57.13 8.86
C LEU P 164 22.15 -56.48 9.70
N PHE P 165 20.92 -56.97 9.52
CA PHE P 165 19.73 -56.44 10.20
C PHE P 165 19.01 -57.57 10.93
N THR P 166 18.76 -57.36 12.21
CA THR P 166 17.94 -58.27 12.98
C THR P 166 16.45 -57.96 12.77
N SER P 167 16.18 -56.80 12.16
CA SER P 167 14.81 -56.41 11.81
C SER P 167 14.81 -55.70 10.45
N THR P 168 13.92 -56.13 9.55
CA THR P 168 13.70 -55.42 8.29
C THR P 168 12.19 -55.16 8.02
N ASP P 169 11.33 -55.39 9.01
CA ASP P 169 9.87 -55.30 8.80
C ASP P 169 9.27 -54.01 9.36
N SER P 170 10.13 -53.09 9.83
CA SER P 170 9.68 -51.88 10.51
C SER P 170 10.28 -50.59 9.94
N PHE P 171 10.56 -50.59 8.64
CA PHE P 171 11.06 -49.38 7.96
C PHE P 171 9.95 -48.34 7.78
N THR Q 2 -32.63 3.97 -30.13
CA THR Q 2 -34.11 4.19 -30.05
C THR Q 2 -34.91 3.04 -30.65
N LYS Q 3 -34.24 2.15 -31.41
CA LYS Q 3 -34.93 1.06 -32.09
C LYS Q 3 -34.94 -0.23 -31.26
N GLN Q 4 -33.80 -0.58 -30.66
CA GLN Q 4 -33.71 -1.78 -29.84
C GLN Q 4 -34.19 -1.47 -28.40
N HIS Q 5 -35.08 -2.30 -27.90
CA HIS Q 5 -35.76 -2.04 -26.62
C HIS Q 5 -35.39 -2.97 -25.50
N ALA Q 6 -34.50 -3.93 -25.77
CA ALA Q 6 -34.00 -4.84 -24.72
C ALA Q 6 -32.55 -5.19 -25.00
N PHE Q 7 -31.80 -5.43 -23.94
CA PHE Q 7 -30.37 -5.73 -24.07
C PHE Q 7 -29.97 -6.87 -23.15
N THR Q 8 -29.28 -7.86 -23.72
CA THR Q 8 -28.77 -9.00 -22.96
C THR Q 8 -27.49 -8.61 -22.24
N ARG Q 9 -26.99 -9.51 -21.38
CA ARG Q 9 -25.73 -9.25 -20.70
C ARG Q 9 -24.58 -9.08 -21.69
N GLU Q 10 -24.56 -9.88 -22.75
CA GLU Q 10 -23.52 -9.75 -23.77
C GLU Q 10 -23.55 -8.36 -24.42
N ASP Q 11 -24.74 -7.83 -24.66
CA ASP Q 11 -24.85 -6.48 -25.18
C ASP Q 11 -24.24 -5.48 -24.20
N LEU Q 12 -24.50 -5.66 -22.91
CA LEU Q 12 -23.97 -4.76 -21.90
C LEU Q 12 -22.45 -4.89 -21.78
N LEU Q 13 -21.94 -6.11 -21.88
CA LEU Q 13 -20.49 -6.31 -21.90
C LEU Q 13 -19.88 -5.64 -23.13
N ARG Q 14 -20.54 -5.78 -24.27
CA ARG Q 14 -20.11 -5.11 -25.50
C ARG Q 14 -20.08 -3.60 -25.26
N CYS Q 15 -21.12 -3.08 -24.62
CA CYS Q 15 -21.20 -1.65 -24.29
C CYS Q 15 -20.01 -1.22 -23.46
N SER Q 16 -19.64 -2.06 -22.49
CA SER Q 16 -18.52 -1.74 -21.59
C SER Q 16 -17.16 -1.71 -22.29
N ARG Q 17 -17.04 -2.42 -23.41
CA ARG Q 17 -15.82 -2.38 -24.22
C ARG Q 17 -15.79 -1.20 -25.20
N GLY Q 18 -16.86 -0.40 -25.23
CA GLY Q 18 -16.97 0.73 -26.16
C GLY Q 18 -17.49 0.34 -27.54
N GLU Q 19 -18.05 -0.87 -27.64
CA GLU Q 19 -18.40 -1.48 -28.92
C GLU Q 19 -19.90 -1.46 -29.23
N LEU Q 20 -20.72 -0.94 -28.32
CA LEU Q 20 -22.15 -0.78 -28.61
C LEU Q 20 -22.42 0.61 -29.21
N PHE Q 21 -21.89 1.65 -28.57
CA PHE Q 21 -22.10 3.02 -29.04
C PHE Q 21 -20.90 3.62 -29.76
N GLY Q 22 -19.76 2.94 -29.71
CA GLY Q 22 -18.58 3.33 -30.47
C GLY Q 22 -17.58 4.19 -29.71
N PRO Q 23 -16.42 4.49 -30.34
CA PRO Q 23 -15.36 5.30 -29.74
C PRO Q 23 -15.83 6.65 -29.21
N GLY Q 24 -15.37 6.99 -28.00
CA GLY Q 24 -15.68 8.28 -27.39
C GLY Q 24 -17.13 8.43 -26.91
N ASN Q 25 -17.89 7.33 -26.95
CA ASN Q 25 -19.29 7.36 -26.55
C ASN Q 25 -19.54 6.54 -25.28
N ALA Q 26 -20.76 6.62 -24.77
CA ALA Q 26 -21.08 6.07 -23.45
C ALA Q 26 -20.61 4.62 -23.29
N GLN Q 27 -20.01 4.33 -22.13
CA GLN Q 27 -19.65 2.99 -21.75
C GLN Q 27 -20.25 2.67 -20.39
N LEU Q 28 -20.84 1.49 -20.26
CA LEU Q 28 -21.14 0.95 -18.96
C LEU Q 28 -19.80 0.56 -18.35
N PRO Q 29 -19.73 0.50 -17.02
CA PRO Q 29 -18.56 -0.14 -16.43
C PRO Q 29 -18.52 -1.64 -16.77
N ALA Q 30 -17.33 -2.23 -16.71
CA ALA Q 30 -17.17 -3.67 -16.83
C ALA Q 30 -17.26 -4.29 -15.42
N PRO Q 31 -17.34 -5.64 -15.34
CA PRO Q 31 -17.29 -6.20 -14.01
C PRO Q 31 -15.95 -5.84 -13.38
N ASN Q 32 -15.88 -5.63 -12.07
CA ASN Q 32 -16.96 -5.89 -11.11
C ASN Q 32 -17.77 -4.67 -10.70
N MET Q 33 -17.65 -3.56 -11.43
CA MET Q 33 -18.43 -2.38 -11.13
C MET Q 33 -19.79 -2.41 -11.82
N LEU Q 34 -19.91 -3.20 -12.88
CA LEU Q 34 -21.17 -3.31 -13.60
C LEU Q 34 -22.22 -3.89 -12.67
N MET Q 35 -23.32 -3.16 -12.46
CA MET Q 35 -24.36 -3.64 -11.56
C MET Q 35 -25.65 -4.04 -12.27
N ILE Q 36 -25.54 -4.35 -13.57
CA ILE Q 36 -26.69 -4.70 -14.42
C ILE Q 36 -26.39 -5.98 -15.17
N ASP Q 37 -27.33 -6.93 -15.14
CA ASP Q 37 -27.20 -8.16 -15.91
C ASP Q 37 -27.90 -8.01 -17.24
N ARG Q 38 -29.03 -7.29 -17.24
CA ARG Q 38 -29.76 -7.09 -18.49
C ARG Q 38 -30.71 -5.90 -18.38
N ILE Q 39 -31.01 -5.28 -19.52
CA ILE Q 39 -32.04 -4.28 -19.61
C ILE Q 39 -33.25 -4.94 -20.25
N VAL Q 40 -34.30 -5.14 -19.47
CA VAL Q 40 -35.49 -5.84 -19.89
C VAL Q 40 -36.36 -4.95 -20.78
N HIS Q 41 -36.32 -3.65 -20.52
CA HIS Q 41 -37.09 -2.69 -21.31
C HIS Q 41 -36.51 -1.31 -21.22
N ILE Q 42 -36.43 -0.66 -22.37
CA ILE Q 42 -36.00 0.73 -22.44
C ILE Q 42 -36.84 1.41 -23.51
N SER Q 43 -37.33 2.62 -23.21
CA SER Q 43 -38.20 3.36 -24.10
C SER Q 43 -38.03 4.84 -23.86
N ASP Q 44 -38.28 5.64 -24.90
CA ASP Q 44 -38.26 7.11 -24.75
C ASP Q 44 -39.65 7.69 -24.49
N VAL Q 45 -40.64 6.81 -24.31
CA VAL Q 45 -41.97 7.23 -23.85
C VAL Q 45 -42.33 6.50 -22.56
N GLY Q 46 -43.46 6.89 -21.96
CA GLY Q 46 -43.88 6.33 -20.68
C GLY Q 46 -43.01 6.83 -19.55
N GLY Q 47 -43.03 6.11 -18.44
CA GLY Q 47 -42.32 6.53 -17.23
C GLY Q 47 -43.14 7.57 -16.52
N LYS Q 48 -42.77 7.92 -15.27
CA LYS Q 48 -43.66 8.77 -14.47
C LYS Q 48 -43.72 10.21 -14.95
N TYR Q 49 -42.78 10.63 -15.79
CA TYR Q 49 -42.85 11.96 -16.41
C TYR Q 49 -43.24 11.93 -17.89
N GLY Q 50 -43.50 10.74 -18.42
CA GLY Q 50 -43.85 10.59 -19.83
C GLY Q 50 -42.70 10.93 -20.78
N LYS Q 51 -41.47 10.83 -20.29
CA LYS Q 51 -40.30 11.13 -21.11
C LYS Q 51 -39.32 9.97 -21.20
N GLY Q 52 -39.81 8.75 -20.95
CA GLY Q 52 -38.99 7.56 -21.07
C GLY Q 52 -38.77 6.85 -19.75
N GLU Q 53 -38.40 5.56 -19.84
CA GLU Q 53 -38.13 4.74 -18.67
C GLU Q 53 -37.35 3.50 -19.03
N LEU Q 54 -36.65 2.94 -18.04
CA LEU Q 54 -35.96 1.67 -18.18
C LEU Q 54 -36.41 0.74 -17.06
N VAL Q 55 -36.48 -0.54 -17.39
CA VAL Q 55 -36.58 -1.59 -16.39
C VAL Q 55 -35.36 -2.48 -16.62
N ALA Q 56 -34.59 -2.74 -15.58
CA ALA Q 56 -33.34 -3.51 -15.68
C ALA Q 56 -33.24 -4.47 -14.49
N GLU Q 57 -32.41 -5.50 -14.63
CA GLU Q 57 -32.30 -6.53 -13.62
C GLU Q 57 -30.85 -6.86 -13.30
N LEU Q 58 -30.60 -7.27 -12.05
CA LEU Q 58 -29.34 -7.89 -11.63
C LEU Q 58 -29.68 -9.18 -10.86
N ASP Q 59 -29.18 -10.31 -11.34
CA ASP Q 59 -29.38 -11.57 -10.63
C ASP Q 59 -28.49 -11.61 -9.42
N ILE Q 60 -29.04 -12.08 -8.30
CA ILE Q 60 -28.31 -12.22 -7.06
C ILE Q 60 -27.98 -13.71 -6.80
N ASN Q 61 -26.75 -13.97 -6.37
CA ASN Q 61 -26.37 -15.26 -5.84
C ASN Q 61 -25.40 -15.00 -4.68
N PRO Q 62 -25.20 -15.99 -3.80
CA PRO Q 62 -24.40 -15.72 -2.60
C PRO Q 62 -22.90 -15.43 -2.82
N ASP Q 63 -22.40 -15.64 -4.04
CA ASP Q 63 -20.97 -15.53 -4.32
C ASP Q 63 -20.57 -14.21 -4.95
N LEU Q 64 -21.52 -13.33 -5.20
CA LEU Q 64 -21.20 -12.00 -5.66
C LEU Q 64 -20.17 -11.37 -4.71
N TRP Q 65 -19.14 -10.76 -5.29
CA TRP Q 65 -17.94 -10.36 -4.55
C TRP Q 65 -18.19 -9.46 -3.37
N PHE Q 66 -19.18 -8.58 -3.47
CA PHE Q 66 -19.41 -7.60 -2.42
C PHE Q 66 -19.98 -8.18 -1.11
N PHE Q 67 -20.57 -9.36 -1.17
CA PHE Q 67 -21.13 -9.96 0.04
C PHE Q 67 -20.07 -10.36 1.06
N ALA Q 68 -18.95 -10.89 0.62
CA ALA Q 68 -17.90 -11.32 1.55
C ALA Q 68 -17.27 -10.16 2.32
N CYS Q 69 -17.16 -8.99 1.71
CA CYS Q 69 -16.44 -7.88 2.32
C CYS Q 69 -17.34 -6.77 2.90
N HIS Q 70 -18.64 -6.86 2.64
CA HIS Q 70 -19.59 -5.84 3.05
C HIS Q 70 -20.84 -6.49 3.64
N PHE Q 71 -20.80 -6.92 4.90
CA PHE Q 71 -19.64 -6.90 5.81
C PHE Q 71 -19.29 -8.32 6.24
N GLU Q 72 -18.06 -8.53 6.70
CA GLU Q 72 -17.65 -9.81 7.18
C GLU Q 72 -18.60 -10.29 8.28
N GLY Q 73 -19.20 -11.47 8.08
CA GLY Q 73 -20.16 -12.03 9.02
C GLY Q 73 -21.54 -11.40 8.98
N ASP Q 74 -21.76 -10.49 8.03
CA ASP Q 74 -23.02 -9.73 7.96
C ASP Q 74 -23.22 -9.22 6.53
N PRO Q 75 -23.46 -10.13 5.59
CA PRO Q 75 -23.47 -9.75 4.17
C PRO Q 75 -24.71 -8.97 3.77
N VAL Q 76 -24.52 -7.88 3.03
CA VAL Q 76 -25.62 -7.09 2.49
C VAL Q 76 -25.10 -6.27 1.30
N MET Q 77 -25.84 -6.22 0.19
CA MET Q 77 -25.38 -5.46 -0.97
C MET Q 77 -25.19 -4.00 -0.57
N PRO Q 78 -24.04 -3.41 -0.91
CA PRO Q 78 -23.89 -1.99 -0.65
C PRO Q 78 -24.92 -1.15 -1.42
N GLY Q 79 -25.62 -0.27 -0.72
CA GLY Q 79 -26.56 0.63 -1.35
C GLY Q 79 -25.89 1.50 -2.38
N CYS Q 80 -24.63 1.87 -2.14
CA CYS Q 80 -23.92 2.69 -3.13
C CYS Q 80 -23.84 2.00 -4.49
N LEU Q 81 -23.78 0.67 -4.51
CA LEU Q 81 -23.75 -0.04 -5.79
C LEU Q 81 -25.14 -0.11 -6.46
N GLY Q 82 -26.20 -0.21 -5.67
CA GLY Q 82 -27.55 -0.10 -6.20
C GLY Q 82 -27.77 1.28 -6.77
N LEU Q 83 -27.30 2.29 -6.05
CA LEU Q 83 -27.36 3.66 -6.51
C LEU Q 83 -26.56 3.81 -7.80
N ASP Q 84 -25.35 3.26 -7.87
CA ASP Q 84 -24.56 3.32 -9.10
C ASP Q 84 -25.25 2.63 -10.29
N ALA Q 85 -25.95 1.53 -10.04
CA ALA Q 85 -26.73 0.85 -11.09
C ALA Q 85 -27.66 1.84 -11.78
N MET Q 86 -28.26 2.71 -10.98
CA MET Q 86 -29.16 3.73 -11.52
C MET Q 86 -28.41 4.77 -12.37
N TRP Q 87 -27.27 5.26 -11.89
CA TRP Q 87 -26.42 6.13 -12.72
C TRP Q 87 -25.96 5.43 -13.98
N GLN Q 88 -25.58 4.16 -13.87
CA GLN Q 88 -25.16 3.40 -15.03
C GLN Q 88 -26.27 3.34 -16.08
N LEU Q 89 -27.49 3.04 -15.63
CA LEU Q 89 -28.65 3.01 -16.52
C LEU Q 89 -28.97 4.39 -17.14
N VAL Q 90 -28.84 5.48 -16.39
CA VAL Q 90 -29.10 6.79 -16.96
C VAL Q 90 -28.07 7.15 -18.02
N GLY Q 91 -26.80 6.83 -17.77
CA GLY Q 91 -25.74 7.03 -18.75
C GLY Q 91 -26.00 6.21 -20.00
N PHE Q 92 -26.42 4.96 -19.82
CA PHE Q 92 -26.75 4.10 -20.96
C PHE Q 92 -27.87 4.73 -21.80
N TYR Q 93 -28.90 5.26 -21.13
CA TYR Q 93 -30.01 5.89 -21.81
C TYR Q 93 -29.53 7.03 -22.72
N LEU Q 94 -28.66 7.89 -22.20
CA LEU Q 94 -28.12 8.98 -23.00
C LEU Q 94 -27.44 8.47 -24.27
N GLY Q 95 -26.64 7.41 -24.13
CA GLY Q 95 -25.99 6.79 -25.28
C GLY Q 95 -26.98 6.16 -26.25
N TRP Q 96 -27.97 5.48 -25.70
CA TRP Q 96 -29.01 4.86 -26.49
C TRP Q 96 -29.80 5.86 -27.30
N GLN Q 97 -29.97 7.06 -26.75
CA GLN Q 97 -30.65 8.16 -27.45
C GLN Q 97 -29.87 8.68 -28.65
N GLY Q 98 -28.57 8.36 -28.71
CA GLY Q 98 -27.72 8.76 -29.83
C GLY Q 98 -26.83 9.96 -29.54
N ASN Q 99 -26.66 10.30 -28.26
CA ASN Q 99 -25.78 11.40 -27.87
C ASN Q 99 -24.35 10.95 -27.86
N PRO Q 100 -23.41 11.78 -28.34
CA PRO Q 100 -22.00 11.47 -28.26
C PRO Q 100 -21.42 11.83 -26.91
N GLY Q 101 -20.30 11.22 -26.56
CA GLY Q 101 -19.57 11.57 -25.35
C GLY Q 101 -19.51 10.45 -24.31
N ARG Q 102 -18.55 10.57 -23.40
CA ARG Q 102 -18.38 9.59 -22.31
C ARG Q 102 -19.10 10.07 -21.05
N GLY Q 103 -19.61 9.11 -20.28
CA GLY Q 103 -20.45 9.36 -19.12
C GLY Q 103 -19.68 9.68 -17.84
N ARG Q 104 -20.24 10.61 -17.08
CA ARG Q 104 -19.84 10.85 -15.72
C ARG Q 104 -21.12 11.10 -14.92
N ALA Q 105 -21.26 10.36 -13.82
CA ALA Q 105 -22.29 10.63 -12.84
C ALA Q 105 -22.08 12.05 -12.27
N LEU Q 106 -23.13 12.85 -12.19
CA LEU Q 106 -23.01 14.23 -11.67
C LEU Q 106 -23.56 14.35 -10.25
N GLY Q 107 -24.43 13.41 -9.87
CA GLY Q 107 -24.90 13.32 -8.50
C GLY Q 107 -26.37 12.97 -8.38
N SER Q 108 -26.98 13.43 -7.30
CA SER Q 108 -28.37 13.10 -7.06
C SER Q 108 -29.03 14.09 -6.13
N GLY Q 109 -30.34 14.13 -6.23
CA GLY Q 109 -31.18 14.96 -5.37
C GLY Q 109 -31.37 14.43 -3.96
N GLU Q 110 -32.09 13.32 -3.82
CA GLU Q 110 -32.23 12.65 -2.54
C GLU Q 110 -32.08 11.14 -2.76
N VAL Q 111 -31.28 10.50 -1.92
CA VAL Q 111 -31.11 9.05 -1.96
C VAL Q 111 -31.61 8.48 -0.64
N LYS Q 112 -32.37 7.37 -0.72
CA LYS Q 112 -32.89 6.68 0.46
C LYS Q 112 -32.64 5.18 0.31
N PHE Q 113 -32.11 4.57 1.38
CA PHE Q 113 -32.02 3.13 1.48
C PHE Q 113 -32.90 2.73 2.66
N PHE Q 114 -33.84 1.82 2.44
CA PHE Q 114 -34.79 1.42 3.45
C PHE Q 114 -35.13 -0.07 3.38
N GLY Q 115 -34.15 -0.85 2.94
CA GLY Q 115 -34.34 -2.30 2.78
C GLY Q 115 -33.05 -2.94 2.33
N GLN Q 116 -32.96 -4.26 2.48
CA GLN Q 116 -31.73 -5.01 2.27
C GLN Q 116 -31.79 -5.92 1.05
N VAL Q 117 -30.67 -6.05 0.35
CA VAL Q 117 -30.44 -7.20 -0.51
C VAL Q 117 -29.51 -8.17 0.19
N LEU Q 118 -30.07 -9.31 0.62
CA LEU Q 118 -29.29 -10.36 1.28
C LEU Q 118 -28.79 -11.37 0.24
N PRO Q 119 -27.77 -12.17 0.60
CA PRO Q 119 -27.27 -13.15 -0.38
C PRO Q 119 -28.25 -14.28 -0.74
N THR Q 120 -29.35 -14.40 0.00
CA THR Q 120 -30.39 -15.37 -0.30
C THR Q 120 -31.40 -14.83 -1.31
N ALA Q 121 -31.29 -13.56 -1.69
CA ALA Q 121 -32.19 -12.96 -2.67
C ALA Q 121 -31.95 -13.54 -4.06
N LYS Q 122 -32.96 -13.42 -4.93
CA LYS Q 122 -32.87 -13.98 -6.28
C LYS Q 122 -32.59 -12.92 -7.35
N LYS Q 123 -33.32 -11.80 -7.30
CA LYS Q 123 -33.26 -10.82 -8.38
C LYS Q 123 -33.57 -9.37 -7.95
N VAL Q 124 -32.64 -8.47 -8.25
CA VAL Q 124 -32.85 -7.06 -8.08
C VAL Q 124 -33.39 -6.48 -9.38
N THR Q 125 -34.43 -5.64 -9.29
CA THR Q 125 -34.98 -4.95 -10.46
C THR Q 125 -34.85 -3.43 -10.28
N TYR Q 126 -34.36 -2.76 -11.31
CA TYR Q 126 -34.22 -1.31 -11.30
C TYR Q 126 -35.31 -0.70 -12.18
N ASN Q 127 -35.94 0.37 -11.71
CA ASN Q 127 -36.84 1.19 -12.53
C ASN Q 127 -36.27 2.56 -12.60
N ILE Q 128 -36.14 3.08 -13.82
CA ILE Q 128 -35.64 4.43 -14.01
C ILE Q 128 -36.68 5.26 -14.77
N HIS Q 129 -36.95 6.47 -14.28
CA HIS Q 129 -37.88 7.36 -14.94
C HIS Q 129 -37.16 8.60 -15.39
N ILE Q 130 -37.06 8.77 -16.71
CA ILE Q 130 -36.38 9.91 -17.28
C ILE Q 130 -37.24 11.15 -17.03
N LYS Q 131 -36.63 12.16 -16.41
CA LYS Q 131 -37.33 13.40 -16.07
C LYS Q 131 -37.08 14.52 -17.08
N ARG Q 132 -35.86 14.58 -17.58
CA ARG Q 132 -35.46 15.65 -18.48
C ARG Q 132 -34.13 15.32 -19.13
N THR Q 133 -33.99 15.65 -20.40
CA THR Q 133 -32.68 15.58 -21.06
C THR Q 133 -32.35 16.93 -21.66
N ILE Q 134 -31.08 17.33 -21.55
CA ILE Q 134 -30.57 18.51 -22.23
C ILE Q 134 -29.57 18.08 -23.29
N ASN Q 135 -29.77 18.56 -24.52
CA ASN Q 135 -28.86 18.29 -25.64
C ASN Q 135 -28.11 19.55 -26.09
N LEU Q 138 -23.73 21.43 -22.59
CA LEU Q 138 -23.47 20.03 -22.23
C LEU Q 138 -24.70 19.15 -22.42
N VAL Q 139 -24.45 17.85 -22.51
CA VAL Q 139 -25.49 16.84 -22.57
C VAL Q 139 -25.67 16.18 -21.20
N LEU Q 140 -26.88 16.21 -20.68
CA LEU Q 140 -27.16 15.55 -19.41
C LEU Q 140 -28.59 15.06 -19.28
N ALA Q 141 -28.76 14.08 -18.40
CA ALA Q 141 -30.08 13.52 -18.13
C ALA Q 141 -30.37 13.66 -16.63
N ILE Q 142 -31.61 14.00 -16.29
CA ILE Q 142 -32.09 14.00 -14.93
C ILE Q 142 -33.14 12.87 -14.88
N ALA Q 143 -33.13 12.07 -13.82
CA ALA Q 143 -34.06 10.95 -13.68
C ALA Q 143 -34.33 10.64 -12.20
N ASP Q 144 -35.41 9.90 -11.98
CA ASP Q 144 -35.71 9.29 -10.67
C ASP Q 144 -35.57 7.81 -10.84
N GLY Q 145 -35.25 7.11 -9.75
CA GLY Q 145 -35.08 5.68 -9.79
C GLY Q 145 -35.45 4.98 -8.52
N THR Q 146 -35.81 3.69 -8.65
CA THR Q 146 -36.09 2.82 -7.52
C THR Q 146 -35.45 1.48 -7.74
N VAL Q 147 -34.93 0.89 -6.68
CA VAL Q 147 -34.36 -0.43 -6.73
C VAL Q 147 -35.29 -1.31 -5.91
N SER Q 148 -35.55 -2.52 -6.42
CA SER Q 148 -36.40 -3.51 -5.74
C SER Q 148 -35.73 -4.86 -5.72
N VAL Q 149 -36.05 -5.68 -4.72
CA VAL Q 149 -35.49 -7.03 -4.63
C VAL Q 149 -36.63 -8.01 -4.41
N ASP Q 150 -36.76 -8.98 -5.31
CA ASP Q 150 -37.82 -9.96 -5.28
C ASP Q 150 -39.21 -9.37 -4.97
N GLY Q 151 -39.53 -8.26 -5.63
CA GLY Q 151 -40.83 -7.60 -5.47
C GLY Q 151 -40.90 -6.47 -4.46
N ARG Q 152 -39.91 -6.37 -3.56
CA ARG Q 152 -39.94 -5.39 -2.48
C ARG Q 152 -39.08 -4.18 -2.79
N GLU Q 153 -39.67 -3.00 -2.72
CA GLU Q 153 -38.93 -1.76 -2.93
C GLU Q 153 -37.98 -1.52 -1.77
N ILE Q 154 -36.75 -1.15 -2.07
CA ILE Q 154 -35.75 -0.96 -1.00
C ILE Q 154 -34.92 0.34 -1.08
N TYR Q 155 -34.58 0.80 -2.29
CA TYR Q 155 -33.86 2.05 -2.46
C TYR Q 155 -34.61 2.98 -3.40
N SER Q 156 -34.39 4.28 -3.21
CA SER Q 156 -34.88 5.28 -4.15
C SER Q 156 -33.89 6.41 -4.30
N ALA Q 157 -33.90 7.04 -5.47
CA ALA Q 157 -33.10 8.27 -5.74
C ALA Q 157 -33.92 9.24 -6.57
N GLU Q 158 -33.98 10.49 -6.15
CA GLU Q 158 -34.66 11.55 -6.90
C GLU Q 158 -33.62 12.47 -7.53
N GLY Q 159 -33.80 12.80 -8.80
CA GLY Q 159 -32.92 13.76 -9.45
C GLY Q 159 -31.52 13.23 -9.69
N LEU Q 160 -31.40 11.95 -10.07
CA LEU Q 160 -30.15 11.41 -10.56
C LEU Q 160 -29.73 12.25 -11.75
N ARG Q 161 -28.46 12.61 -11.81
CA ARG Q 161 -27.91 13.37 -12.91
C ARG Q 161 -26.71 12.64 -13.50
N VAL Q 162 -26.68 12.55 -14.82
CA VAL Q 162 -25.54 11.99 -15.53
C VAL Q 162 -25.25 12.87 -16.75
N GLY Q 163 -23.98 13.16 -17.01
CA GLY Q 163 -23.58 14.01 -18.12
C GLY Q 163 -22.69 13.26 -19.10
N LEU Q 164 -22.65 13.74 -20.35
CA LEU Q 164 -21.76 13.20 -21.37
C LEU Q 164 -20.74 14.26 -21.73
N PHE Q 165 -19.49 13.83 -21.83
CA PHE Q 165 -18.35 14.71 -22.13
C PHE Q 165 -17.59 14.19 -23.33
N THR Q 166 -17.37 15.05 -24.32
CA THR Q 166 -16.52 14.72 -25.45
C THR Q 166 -15.06 14.99 -25.12
N SER Q 167 -14.84 15.66 -23.98
CA SER Q 167 -13.49 15.93 -23.48
C SER Q 167 -13.48 15.83 -21.95
N THR Q 168 -12.52 15.08 -21.42
CA THR Q 168 -12.30 15.00 -19.97
C THR Q 168 -10.82 15.15 -19.60
N ASP Q 169 -9.99 15.52 -20.55
CA ASP Q 169 -8.54 15.61 -20.32
C ASP Q 169 -8.03 17.05 -20.11
N SER Q 170 -8.95 18.01 -20.04
CA SER Q 170 -8.58 19.43 -19.97
C SER Q 170 -9.23 20.19 -18.80
N PHE Q 171 -9.47 19.49 -17.69
CA PHE Q 171 -10.05 20.13 -16.48
C PHE Q 171 -8.99 20.99 -15.76
N THR R 2 -13.99 7.71 21.83
CA THR R 2 -13.87 9.16 22.12
C THR R 2 -12.46 9.54 22.56
N LYS R 3 -11.64 8.53 22.90
CA LYS R 3 -10.30 8.78 23.42
C LYS R 3 -9.23 8.75 22.32
N GLN R 4 -9.30 7.77 21.42
CA GLN R 4 -8.36 7.68 20.30
C GLN R 4 -8.82 8.56 19.13
N HIS R 5 -7.91 9.39 18.62
CA HIS R 5 -8.25 10.42 17.62
C HIS R 5 -7.68 10.19 16.26
N ALA R 6 -6.95 9.09 16.08
CA ALA R 6 -6.41 8.71 14.77
C ALA R 6 -6.39 7.20 14.63
N PHE R 7 -6.55 6.72 13.41
CA PHE R 7 -6.61 5.27 13.15
C PHE R 7 -5.82 4.89 11.91
N THR R 8 -4.92 3.92 12.07
CA THR R 8 -4.10 3.44 10.96
C THR R 8 -4.92 2.48 10.11
N ARG R 9 -4.36 2.06 8.97
CA ARG R 9 -5.02 1.07 8.13
C ARG R 9 -5.27 -0.23 8.85
N GLU R 10 -4.31 -0.67 9.65
CA GLU R 10 -4.49 -1.88 10.45
C GLU R 10 -5.67 -1.76 11.41
N ASP R 11 -5.84 -0.58 12.01
CA ASP R 11 -6.98 -0.36 12.89
C ASP R 11 -8.28 -0.52 12.07
N LEU R 12 -8.28 0.02 10.86
CA LEU R 12 -9.49 -0.04 10.02
C LEU R 12 -9.76 -1.45 9.53
N LEU R 13 -8.71 -2.20 9.23
CA LEU R 13 -8.87 -3.62 8.93
C LEU R 13 -9.42 -4.38 10.13
N ARG R 14 -8.87 -4.07 11.32
CA ARG R 14 -9.36 -4.66 12.55
C ARG R 14 -10.87 -4.37 12.72
N CYS R 15 -11.24 -3.12 12.47
CA CYS R 15 -12.64 -2.68 12.53
C CYS R 15 -13.50 -3.50 11.59
N SER R 16 -12.99 -3.77 10.38
CA SER R 16 -13.74 -4.54 9.38
C SER R 16 -13.96 -6.02 9.79
N ARG R 17 -13.09 -6.55 10.63
CA ARG R 17 -13.26 -7.90 11.16
C ARG R 17 -14.19 -7.95 12.38
N GLY R 18 -14.68 -6.81 12.83
CA GLY R 18 -15.54 -6.73 14.02
C GLY R 18 -14.75 -6.67 15.32
N GLU R 19 -13.45 -6.40 15.23
CA GLU R 19 -12.54 -6.50 16.36
C GLU R 19 -12.12 -5.16 16.96
N LEU R 20 -12.60 -4.05 16.41
CA LEU R 20 -12.35 -2.75 17.02
C LEU R 20 -13.48 -2.38 17.99
N PHE R 21 -14.73 -2.52 17.53
CA PHE R 21 -15.90 -2.18 18.37
C PHE R 21 -16.60 -3.39 18.97
N GLY R 22 -16.24 -4.59 18.50
CA GLY R 22 -16.75 -5.83 19.07
C GLY R 22 -17.96 -6.42 18.37
N PRO R 23 -18.38 -7.62 18.79
CA PRO R 23 -19.54 -8.32 18.22
C PRO R 23 -20.81 -7.49 18.15
N GLY R 24 -21.50 -7.55 17.01
CA GLY R 24 -22.76 -6.85 16.83
C GLY R 24 -22.64 -5.34 16.72
N ASN R 25 -21.41 -4.83 16.63
CA ASN R 25 -21.19 -3.39 16.55
C ASN R 25 -20.61 -2.98 15.18
N ALA R 26 -20.50 -1.66 14.96
CA ALA R 26 -20.18 -1.11 13.64
C ALA R 26 -18.93 -1.76 13.02
N GLN R 27 -19.05 -2.11 11.74
CA GLN R 27 -17.92 -2.62 10.97
C GLN R 27 -17.75 -1.75 9.75
N LEU R 28 -16.50 -1.38 9.45
CA LEU R 28 -16.17 -0.89 8.13
C LEU R 28 -16.22 -2.06 7.16
N PRO R 29 -16.42 -1.79 5.86
CA PRO R 29 -16.27 -2.89 4.90
C PRO R 29 -14.80 -3.31 4.82
N ALA R 30 -14.55 -4.55 4.41
CA ALA R 30 -13.17 -4.97 4.09
C ALA R 30 -12.87 -4.62 2.64
N PRO R 31 -11.60 -4.74 2.23
CA PRO R 31 -11.33 -4.60 0.82
C PRO R 31 -12.11 -5.67 0.03
N ASN R 32 -12.60 -5.36 -1.18
CA ASN R 32 -12.31 -4.13 -1.90
C ASN R 32 -13.36 -3.02 -1.80
N MET R 33 -14.28 -3.11 -0.85
CA MET R 33 -15.30 -2.07 -0.68
C MET R 33 -14.80 -0.98 0.25
N LEU R 34 -13.79 -1.28 1.07
CA LEU R 34 -13.21 -0.29 1.98
C LEU R 34 -12.58 0.84 1.20
N MET R 35 -13.04 2.07 1.41
CA MET R 35 -12.54 3.19 0.63
C MET R 35 -11.71 4.16 1.47
N ILE R 36 -11.22 3.67 2.61
CA ILE R 36 -10.42 4.47 3.53
C ILE R 36 -9.11 3.75 3.84
N ASP R 37 -8.00 4.47 3.76
CA ASP R 37 -6.70 3.91 4.17
C ASP R 37 -6.42 4.26 5.63
N ARG R 38 -6.82 5.46 6.05
CA ARG R 38 -6.57 5.88 7.43
C ARG R 38 -7.47 7.05 7.82
N ILE R 39 -7.75 7.15 9.10
CA ILE R 39 -8.45 8.30 9.66
C ILE R 39 -7.40 9.16 10.35
N VAL R 40 -7.12 10.31 9.77
CA VAL R 40 -6.07 11.22 10.25
C VAL R 40 -6.51 11.99 11.49
N HIS R 41 -7.82 12.27 11.57
CA HIS R 41 -8.38 12.95 12.71
C HIS R 41 -9.85 12.69 12.87
N ILE R 42 -10.27 12.43 14.11
CA ILE R 42 -11.67 12.24 14.43
C ILE R 42 -11.91 12.87 15.80
N SER R 43 -12.98 13.64 15.90
CA SER R 43 -13.29 14.40 17.11
C SER R 43 -14.80 14.58 17.23
N ASP R 44 -15.29 14.71 18.46
CA ASP R 44 -16.71 15.01 18.69
C ASP R 44 -16.97 16.50 18.88
N VAL R 45 -15.94 17.32 18.70
CA VAL R 45 -16.11 18.78 18.62
C VAL R 45 -15.59 19.30 17.28
N GLY R 46 -15.79 20.59 17.04
CA GLY R 46 -15.39 21.20 15.78
C GLY R 46 -16.29 20.74 14.66
N GLY R 47 -15.85 20.93 13.43
CA GLY R 47 -16.66 20.67 12.25
C GLY R 47 -17.60 21.84 12.02
N LYS R 48 -18.26 21.87 10.86
CA LYS R 48 -19.01 23.09 10.50
C LYS R 48 -20.25 23.31 11.33
N TYR R 49 -20.73 22.28 12.04
CA TYR R 49 -21.84 22.46 12.97
C TYR R 49 -21.42 22.44 14.44
N GLY R 50 -20.12 22.30 14.70
CA GLY R 50 -19.60 22.24 16.06
C GLY R 50 -19.99 20.97 16.80
N LYS R 51 -20.30 19.90 16.07
CA LYS R 51 -20.73 18.64 16.69
C LYS R 51 -19.87 17.47 16.27
N GLY R 52 -18.66 17.76 15.81
CA GLY R 52 -17.69 16.73 15.46
C GLY R 52 -17.33 16.74 14.00
N GLU R 53 -16.19 16.11 13.69
CA GLU R 53 -15.73 15.97 12.31
C GLU R 53 -14.67 14.88 12.19
N LEU R 54 -14.51 14.39 10.96
CA LEU R 54 -13.44 13.46 10.63
C LEU R 54 -12.68 13.99 9.42
N VAL R 55 -11.37 13.75 9.41
CA VAL R 55 -10.55 13.87 8.22
C VAL R 55 -9.95 12.50 7.98
N ALA R 56 -10.12 11.98 6.76
CA ALA R 56 -9.62 10.65 6.40
C ALA R 56 -8.98 10.70 5.02
N GLU R 57 -8.20 9.67 4.71
CA GLU R 57 -7.45 9.62 3.47
C GLU R 57 -7.56 8.27 2.79
N LEU R 58 -7.48 8.28 1.46
CA LEU R 58 -7.27 7.09 0.65
C LEU R 58 -6.13 7.37 -0.32
N ASP R 59 -5.08 6.56 -0.26
CA ASP R 59 -3.98 6.69 -1.21
C ASP R 59 -4.41 6.15 -2.57
N ILE R 60 -4.04 6.87 -3.62
CA ILE R 60 -4.33 6.46 -4.98
C ILE R 60 -3.07 5.94 -5.66
N ASN R 61 -3.22 4.85 -6.39
CA ASN R 61 -2.19 4.39 -7.32
C ASN R 61 -2.89 3.82 -8.54
N PRO R 62 -2.19 3.71 -9.67
CA PRO R 62 -2.87 3.27 -10.90
C PRO R 62 -3.45 1.84 -10.93
N ASP R 63 -3.12 1.02 -9.93
CA ASP R 63 -3.52 -0.39 -9.93
C ASP R 63 -4.75 -0.70 -9.07
N LEU R 64 -5.31 0.31 -8.42
CA LEU R 64 -6.56 0.14 -7.70
C LEU R 64 -7.61 -0.46 -8.64
N TRP R 65 -8.31 -1.46 -8.16
CA TRP R 65 -9.11 -2.36 -9.00
C TRP R 65 -10.13 -1.65 -9.85
N PHE R 66 -10.71 -0.57 -9.33
CA PHE R 66 -11.81 0.10 -10.01
C PHE R 66 -11.39 0.85 -11.28
N PHE R 67 -10.11 1.18 -11.41
CA PHE R 67 -9.64 1.91 -12.59
C PHE R 67 -9.73 1.09 -13.88
N ALA R 68 -9.41 -0.20 -13.81
CA ALA R 68 -9.45 -1.05 -15.01
C ALA R 68 -10.86 -1.22 -15.59
N CYS R 69 -11.87 -1.24 -14.73
CA CYS R 69 -13.24 -1.58 -15.17
C CYS R 69 -14.18 -0.38 -15.25
N HIS R 70 -13.73 0.78 -14.78
CA HIS R 70 -14.55 1.97 -14.70
C HIS R 70 -13.75 3.15 -15.17
N PHE R 71 -13.60 3.36 -16.48
CA PHE R 71 -14.10 2.49 -17.56
C PHE R 71 -12.92 2.01 -18.37
N GLU R 72 -13.12 0.92 -19.10
CA GLU R 72 -12.08 0.41 -20.01
C GLU R 72 -11.62 1.52 -20.97
N GLY R 73 -10.33 1.83 -20.97
CA GLY R 73 -9.76 2.88 -21.81
C GLY R 73 -10.01 4.29 -21.33
N ASP R 74 -10.62 4.43 -20.15
CA ASP R 74 -11.04 5.74 -19.64
C ASP R 74 -11.20 5.62 -18.12
N PRO R 75 -10.07 5.39 -17.42
CA PRO R 75 -10.12 5.18 -15.98
C PRO R 75 -10.49 6.43 -15.15
N VAL R 76 -11.43 6.27 -14.23
CA VAL R 76 -11.79 7.31 -13.28
C VAL R 76 -12.47 6.68 -12.05
N MET R 77 -12.11 7.12 -10.84
CA MET R 77 -12.70 6.54 -9.65
C MET R 77 -14.22 6.74 -9.69
N PRO R 78 -14.99 5.68 -9.44
CA PRO R 78 -16.43 5.86 -9.36
C PRO R 78 -16.84 6.78 -8.23
N GLY R 79 -17.62 7.79 -8.54
CA GLY R 79 -18.12 8.70 -7.52
C GLY R 79 -18.89 7.96 -6.45
N CYS R 80 -19.59 6.89 -6.83
CA CYS R 80 -20.37 6.12 -5.85
C CYS R 80 -19.45 5.56 -4.75
N LEU R 81 -18.19 5.26 -5.08
CA LEU R 81 -17.26 4.78 -4.06
C LEU R 81 -16.73 5.91 -3.15
N GLY R 82 -16.53 7.10 -3.71
CA GLY R 82 -16.20 8.26 -2.90
C GLY R 82 -17.34 8.57 -1.95
N LEU R 83 -18.56 8.49 -2.49
CA LEU R 83 -19.74 8.72 -1.68
C LEU R 83 -19.81 7.67 -0.57
N ASP R 84 -19.56 6.41 -0.92
CA ASP R 84 -19.60 5.36 0.11
C ASP R 84 -18.55 5.58 1.21
N ALA R 85 -17.37 6.08 0.83
CA ALA R 85 -16.33 6.42 1.81
C ALA R 85 -16.93 7.30 2.91
N MET R 86 -17.76 8.25 2.49
CA MET R 86 -18.41 9.15 3.43
C MET R 86 -19.41 8.43 4.35
N TRP R 87 -20.25 7.55 3.79
CA TRP R 87 -21.11 6.68 4.62
C TRP R 87 -20.32 5.77 5.53
N GLN R 88 -19.23 5.20 5.02
CA GLN R 88 -18.35 4.39 5.85
C GLN R 88 -17.83 5.18 7.06
N LEU R 89 -17.35 6.40 6.81
CA LEU R 89 -16.85 7.25 7.88
C LEU R 89 -17.92 7.66 8.89
N VAL R 90 -19.14 7.92 8.42
CA VAL R 90 -20.22 8.27 9.35
C VAL R 90 -20.59 7.07 10.23
N GLY R 91 -20.64 5.89 9.64
CA GLY R 91 -20.88 4.66 10.41
C GLY R 91 -19.79 4.42 11.45
N PHE R 92 -18.55 4.63 11.05
CA PHE R 92 -17.44 4.51 11.97
C PHE R 92 -17.60 5.47 13.14
N TYR R 93 -17.98 6.72 12.86
CA TYR R 93 -18.16 7.72 13.90
C TYR R 93 -19.17 7.25 14.94
N LEU R 94 -20.31 6.72 14.49
CA LEU R 94 -21.31 6.19 15.41
C LEU R 94 -20.73 5.12 16.33
N GLY R 95 -19.94 4.21 15.76
CA GLY R 95 -19.28 3.17 16.56
C GLY R 95 -18.25 3.74 17.53
N TRP R 96 -17.48 4.70 17.04
CA TRP R 96 -16.47 5.38 17.84
C TRP R 96 -17.08 6.10 19.00
N GLN R 97 -18.29 6.62 18.83
CA GLN R 97 -19.02 7.29 19.92
C GLN R 97 -19.48 6.33 21.02
N GLY R 98 -19.46 5.03 20.74
CA GLY R 98 -19.83 4.01 21.72
C GLY R 98 -21.25 3.47 21.57
N ASN R 99 -21.86 3.71 20.42
CA ASN R 99 -23.20 3.19 20.15
C ASN R 99 -23.10 1.73 19.73
N PRO R 100 -24.02 0.89 20.21
CA PRO R 100 -24.08 -0.50 19.76
C PRO R 100 -24.84 -0.63 18.44
N GLY R 101 -24.61 -1.73 17.73
CA GLY R 101 -25.35 -2.04 16.51
C GLY R 101 -24.51 -2.04 15.26
N ARG R 102 -25.03 -2.69 14.22
CA ARG R 102 -24.37 -2.73 12.92
C ARG R 102 -24.89 -1.61 12.00
N GLY R 103 -24.00 -1.11 11.15
CA GLY R 103 -24.29 0.01 10.25
C GLY R 103 -25.04 -0.33 8.96
N ARG R 104 -25.95 0.57 8.59
CA ARG R 104 -26.57 0.58 7.28
C ARG R 104 -26.67 2.03 6.82
N ALA R 105 -26.17 2.32 5.62
CA ALA R 105 -26.38 3.62 5.02
C ALA R 105 -27.88 3.82 4.84
N LEU R 106 -28.40 4.99 5.19
CA LEU R 106 -29.83 5.29 5.02
C LEU R 106 -30.09 6.21 3.82
N GLY R 107 -29.06 6.94 3.39
CA GLY R 107 -29.14 7.70 2.16
C GLY R 107 -28.47 9.07 2.26
N SER R 108 -28.97 10.02 1.49
CA SER R 108 -28.38 11.32 1.47
C SER R 108 -29.33 12.37 1.00
N GLY R 109 -29.01 13.60 1.37
CA GLY R 109 -29.75 14.76 0.94
C GLY R 109 -29.38 15.02 -0.50
N GLU R 110 -28.31 15.74 -0.78
CA GLU R 110 -27.90 16.10 -2.14
C GLU R 110 -26.46 15.61 -2.37
N VAL R 111 -26.21 14.94 -3.49
CA VAL R 111 -24.88 14.51 -3.83
C VAL R 111 -24.46 15.21 -5.13
N LYS R 112 -23.22 15.70 -5.18
CA LYS R 112 -22.66 16.36 -6.36
C LYS R 112 -21.27 15.81 -6.65
N PHE R 113 -21.04 15.46 -7.90
CA PHE R 113 -19.72 15.12 -8.40
C PHE R 113 -19.37 16.20 -9.44
N PHE R 114 -18.22 16.84 -9.27
CA PHE R 114 -17.82 17.90 -10.14
C PHE R 114 -16.31 17.91 -10.38
N GLY R 115 -15.70 16.73 -10.34
CA GLY R 115 -14.27 16.60 -10.53
C GLY R 115 -13.90 15.12 -10.55
N GLN R 116 -12.69 14.83 -11.05
CA GLN R 116 -12.24 13.47 -11.29
C GLN R 116 -11.09 13.03 -10.40
N VAL R 117 -11.10 11.77 -9.98
CA VAL R 117 -9.92 11.12 -9.46
C VAL R 117 -9.35 10.22 -10.57
N LEU R 118 -8.23 10.65 -11.16
CA LEU R 118 -7.57 9.88 -12.21
C LEU R 118 -6.51 8.95 -11.58
N PRO R 119 -6.07 7.91 -12.31
CA PRO R 119 -5.06 7.01 -11.75
C PRO R 119 -3.69 7.65 -11.49
N THR R 120 -3.46 8.86 -12.00
CA THR R 120 -2.23 9.62 -11.74
C THR R 120 -2.29 10.42 -10.45
N ALA R 121 -3.45 10.44 -9.80
CA ALA R 121 -3.61 11.14 -8.51
C ALA R 121 -2.82 10.45 -7.40
N LYS R 122 -2.53 11.19 -6.34
CA LYS R 122 -1.73 10.65 -5.23
C LYS R 122 -2.60 10.33 -4.03
N LYS R 123 -3.48 11.25 -3.64
CA LYS R 123 -4.21 11.10 -2.38
C LYS R 123 -5.60 11.77 -2.36
N VAL R 124 -6.62 10.99 -2.02
CA VAL R 124 -7.96 11.50 -1.78
C VAL R 124 -8.14 11.77 -0.30
N THR R 125 -8.70 12.92 0.05
CA THR R 125 -8.95 13.28 1.43
C THR R 125 -10.45 13.47 1.60
N TYR R 126 -11.00 12.87 2.65
CA TYR R 126 -12.41 13.05 3.00
C TYR R 126 -12.54 13.97 4.21
N ASN R 127 -13.49 14.91 4.16
CA ASN R 127 -13.90 15.67 5.34
C ASN R 127 -15.32 15.38 5.64
N ILE R 128 -15.61 15.04 6.90
CA ILE R 128 -16.99 14.76 7.33
C ILE R 128 -17.35 15.73 8.46
N HIS R 129 -18.51 16.37 8.35
CA HIS R 129 -19.00 17.25 9.40
C HIS R 129 -20.26 16.68 9.99
N ILE R 130 -20.18 16.25 11.24
CA ILE R 130 -21.32 15.70 11.94
C ILE R 130 -22.35 16.81 12.20
N LYS R 131 -23.59 16.58 11.77
CA LYS R 131 -24.65 17.56 11.91
C LYS R 131 -25.56 17.27 13.08
N ARG R 132 -25.79 15.99 13.34
CA ARG R 132 -26.73 15.59 14.37
C ARG R 132 -26.59 14.09 14.61
N THR R 133 -26.69 13.67 15.88
CA THR R 133 -26.84 12.25 16.20
C THR R 133 -28.08 12.04 17.04
N ILE R 134 -28.79 10.94 16.79
CA ILE R 134 -29.91 10.50 17.61
C ILE R 134 -29.58 9.18 18.29
N LEU R 138 -34.29 4.41 17.29
CA LEU R 138 -33.10 4.02 16.54
C LEU R 138 -31.91 4.99 16.75
N VAL R 139 -30.73 4.48 16.43
CA VAL R 139 -29.49 5.27 16.46
C VAL R 139 -29.10 5.67 15.04
N LEU R 140 -28.93 6.97 14.80
CA LEU R 140 -28.49 7.43 13.49
C LEU R 140 -27.70 8.72 13.55
N ALA R 141 -26.91 8.95 12.51
CA ALA R 141 -26.15 10.18 12.37
C ALA R 141 -26.51 10.85 11.05
N ILE R 142 -26.56 12.19 11.08
CA ILE R 142 -26.72 13.02 9.88
C ILE R 142 -25.43 13.83 9.76
N ALA R 143 -24.89 13.93 8.55
CA ALA R 143 -23.61 14.62 8.32
C ALA R 143 -23.53 15.18 6.90
N ASP R 144 -22.62 16.12 6.73
CA ASP R 144 -22.24 16.63 5.42
C ASP R 144 -20.82 16.14 5.17
N GLY R 145 -20.48 16.00 3.90
CA GLY R 145 -19.13 15.58 3.53
C GLY R 145 -18.63 16.16 2.21
N THR R 146 -17.30 16.26 2.10
CA THR R 146 -16.64 16.63 0.85
C THR R 146 -15.47 15.69 0.61
N VAL R 147 -15.27 15.34 -0.65
CA VAL R 147 -14.14 14.53 -1.08
C VAL R 147 -13.22 15.43 -1.90
N SER R 148 -11.92 15.33 -1.64
CA SER R 148 -10.91 16.13 -2.36
C SER R 148 -9.81 15.23 -2.88
N VAL R 149 -9.16 15.64 -3.96
CA VAL R 149 -8.03 14.90 -4.48
C VAL R 149 -6.86 15.85 -4.71
N ASP R 150 -5.73 15.55 -4.08
CA ASP R 150 -4.53 16.37 -4.13
C ASP R 150 -4.82 17.88 -3.97
N GLY R 151 -5.67 18.22 -3.01
CA GLY R 151 -6.01 19.62 -2.70
C GLY R 151 -7.28 20.16 -3.36
N ARG R 152 -7.77 19.48 -4.41
CA ARG R 152 -8.91 20.00 -5.18
C ARG R 152 -10.21 19.32 -4.77
N GLU R 153 -11.20 20.12 -4.41
CA GLU R 153 -12.52 19.60 -4.05
C GLU R 153 -13.22 19.06 -5.28
N ILE R 154 -13.83 17.88 -5.16
CA ILE R 154 -14.45 17.25 -6.32
C ILE R 154 -15.86 16.70 -6.09
N TYR R 155 -16.13 16.15 -4.90
CA TYR R 155 -17.47 15.65 -4.57
C TYR R 155 -17.98 16.32 -3.31
N SER R 156 -19.31 16.42 -3.20
CA SER R 156 -19.94 16.82 -1.96
C SER R 156 -21.24 16.05 -1.73
N ALA R 157 -21.59 15.87 -0.47
CA ALA R 157 -22.85 15.24 -0.06
C ALA R 157 -23.42 16.01 1.14
N GLU R 158 -24.69 16.41 1.06
CA GLU R 158 -25.39 17.06 2.20
C GLU R 158 -26.38 16.08 2.83
N GLY R 159 -26.39 15.98 4.15
CA GLY R 159 -27.37 15.16 4.83
C GLY R 159 -27.18 13.66 4.64
N LEU R 160 -25.92 13.21 4.64
CA LEU R 160 -25.60 11.80 4.72
C LEU R 160 -26.23 11.25 5.96
N ARG R 161 -26.89 10.11 5.84
CA ARG R 161 -27.54 9.46 6.97
C ARG R 161 -27.03 8.02 7.09
N VAL R 162 -26.66 7.62 8.31
CA VAL R 162 -26.29 6.25 8.60
C VAL R 162 -26.97 5.83 9.90
N GLY R 163 -27.46 4.59 9.95
CA GLY R 163 -28.16 4.08 11.14
C GLY R 163 -27.49 2.84 11.69
N LEU R 164 -27.69 2.59 12.98
CA LEU R 164 -27.19 1.38 13.61
C LEU R 164 -28.38 0.51 14.01
N PHE R 165 -28.26 -0.80 13.73
CA PHE R 165 -29.30 -1.78 14.02
C PHE R 165 -28.73 -2.90 14.87
N THR R 166 -29.39 -3.19 15.97
CA THR R 166 -29.06 -4.34 16.80
C THR R 166 -29.70 -5.61 16.22
N SER R 167 -30.61 -5.43 15.27
CA SER R 167 -31.28 -6.53 14.59
C SER R 167 -31.49 -6.18 13.11
N THR R 168 -31.09 -7.08 12.21
CA THR R 168 -31.38 -6.95 10.79
C THR R 168 -31.96 -8.25 10.19
N ASP R 169 -32.30 -9.23 11.03
CA ASP R 169 -32.77 -10.54 10.55
C ASP R 169 -34.30 -10.71 10.63
N SER R 170 -35.03 -9.65 11.01
CA SER R 170 -36.48 -9.72 11.23
C SER R 170 -37.29 -8.68 10.45
N PHE R 171 -36.81 -8.29 9.27
CA PHE R 171 -37.55 -7.36 8.41
C PHE R 171 -38.77 -8.03 7.75
N THR S 2 52.13 -55.42 -32.45
CA THR S 2 50.68 -55.18 -32.38
C THR S 2 49.88 -56.33 -33.01
N LYS S 3 50.57 -57.19 -33.76
CA LYS S 3 49.89 -58.29 -34.46
C LYS S 3 49.89 -59.59 -33.66
N GLN S 4 51.02 -59.95 -33.06
CA GLN S 4 51.11 -61.17 -32.24
C GLN S 4 50.63 -60.89 -30.81
N HIS S 5 49.73 -61.72 -30.30
CA HIS S 5 49.05 -61.46 -29.03
C HIS S 5 49.40 -62.41 -27.92
N ALA S 6 50.28 -63.36 -28.19
CA ALA S 6 50.76 -64.29 -27.17
C ALA S 6 52.22 -64.64 -27.44
N PHE S 7 52.99 -64.89 -26.39
CA PHE S 7 54.44 -65.18 -26.51
C PHE S 7 54.84 -66.34 -25.61
N THR S 8 55.51 -67.33 -26.19
CA THR S 8 56.02 -68.48 -25.45
C THR S 8 57.29 -68.10 -24.72
N ARG S 9 57.77 -68.99 -23.87
CA ARG S 9 59.06 -68.78 -23.18
C ARG S 9 60.21 -68.59 -24.17
N GLU S 10 60.22 -69.38 -25.24
CA GLU S 10 61.28 -69.24 -26.27
C GLU S 10 61.24 -67.85 -26.91
N ASP S 11 60.05 -67.31 -27.14
CA ASP S 11 59.94 -65.94 -27.64
C ASP S 11 60.57 -64.97 -26.63
N LEU S 12 60.31 -65.17 -25.34
CA LEU S 12 60.83 -64.27 -24.32
C LEU S 12 62.33 -64.40 -24.17
N LEU S 13 62.85 -65.62 -24.30
CA LEU S 13 64.30 -65.83 -24.34
C LEU S 13 64.91 -65.12 -25.57
N ARG S 14 64.25 -65.26 -26.71
CA ARG S 14 64.68 -64.58 -27.92
C ARG S 14 64.72 -63.06 -27.68
N CYS S 15 63.67 -62.54 -27.05
CA CYS S 15 63.59 -61.13 -26.68
C CYS S 15 64.77 -60.71 -25.83
N SER S 16 65.15 -61.56 -24.89
CA SER S 16 66.28 -61.25 -23.98
C SER S 16 67.64 -61.21 -24.70
N ARG S 17 67.75 -61.90 -25.82
CA ARG S 17 68.97 -61.86 -26.63
C ARG S 17 69.00 -60.68 -27.59
N GLY S 18 67.94 -59.87 -27.61
CA GLY S 18 67.84 -58.73 -28.53
C GLY S 18 67.31 -59.12 -29.91
N GLU S 19 66.76 -60.32 -30.02
CA GLU S 19 66.40 -60.90 -31.31
C GLU S 19 64.90 -60.88 -31.62
N LEU S 20 64.08 -60.37 -30.70
CA LEU S 20 62.66 -60.20 -30.99
C LEU S 20 62.39 -58.81 -31.57
N PHE S 21 62.92 -57.77 -30.93
CA PHE S 21 62.72 -56.40 -31.37
C PHE S 21 63.91 -55.78 -32.08
N GLY S 22 65.05 -56.47 -32.03
CA GLY S 22 66.23 -56.07 -32.80
C GLY S 22 67.22 -55.21 -32.04
N PRO S 23 68.36 -54.89 -32.67
CA PRO S 23 69.45 -54.11 -32.06
C PRO S 23 68.99 -52.77 -31.51
N GLY S 24 69.46 -52.45 -30.30
CA GLY S 24 69.14 -51.17 -29.67
C GLY S 24 67.70 -51.05 -29.20
N ASN S 25 66.94 -52.14 -29.24
CA ASN S 25 65.54 -52.10 -28.83
C ASN S 25 65.28 -52.92 -27.57
N ALA S 26 64.06 -52.86 -27.06
CA ALA S 26 63.73 -53.42 -25.75
C ALA S 26 64.18 -54.88 -25.59
N GLN S 27 64.78 -55.18 -24.44
CA GLN S 27 65.16 -56.54 -24.09
C GLN S 27 64.56 -56.87 -22.74
N LEU S 28 63.96 -58.05 -22.63
CA LEU S 28 63.67 -58.61 -21.33
C LEU S 28 65.00 -59.01 -20.71
N PRO S 29 65.06 -59.12 -19.37
CA PRO S 29 66.23 -59.76 -18.78
C PRO S 29 66.28 -61.24 -19.12
N ALA S 30 67.47 -61.82 -19.13
CA ALA S 30 67.62 -63.26 -19.24
C ALA S 30 67.53 -63.89 -17.85
N PRO S 31 67.42 -65.23 -17.78
CA PRO S 31 67.49 -65.82 -16.45
C PRO S 31 68.83 -65.48 -15.81
N ASN S 32 68.90 -65.28 -14.48
CA ASN S 32 67.82 -65.56 -13.55
C ASN S 32 67.00 -64.33 -13.14
N MET S 33 67.13 -63.22 -13.84
CA MET S 33 66.34 -62.02 -13.52
C MET S 33 64.99 -62.04 -14.22
N LEU S 34 64.88 -62.83 -15.28
CA LEU S 34 63.62 -62.93 -16.01
C LEU S 34 62.55 -63.53 -15.10
N MET S 35 61.45 -62.81 -14.89
CA MET S 35 60.43 -63.28 -13.99
C MET S 35 59.13 -63.68 -14.69
N ILE S 36 59.24 -63.93 -15.99
CA ILE S 36 58.11 -64.28 -16.84
C ILE S 36 58.40 -65.58 -17.60
N ASP S 37 57.45 -66.52 -17.58
CA ASP S 37 57.57 -67.74 -18.38
C ASP S 37 56.87 -67.57 -19.72
N ARG S 38 55.74 -66.87 -19.71
CA ARG S 38 55.01 -66.64 -20.96
C ARG S 38 54.06 -65.45 -20.83
N ILE S 39 53.77 -64.82 -21.98
CA ILE S 39 52.74 -63.80 -22.05
C ILE S 39 51.53 -64.44 -22.69
N VAL S 40 50.48 -64.66 -21.89
CA VAL S 40 49.27 -65.36 -22.34
C VAL S 40 48.42 -64.45 -23.22
N HIS S 41 48.45 -63.13 -22.93
CA HIS S 41 47.70 -62.17 -23.71
C HIS S 41 48.28 -60.79 -23.61
N ILE S 42 48.37 -60.12 -24.76
CA ILE S 42 48.81 -58.74 -24.81
C ILE S 42 47.97 -58.05 -25.88
N SER S 43 47.49 -56.84 -25.55
CA SER S 43 46.61 -56.08 -26.43
C SER S 43 46.78 -54.60 -26.18
N ASP S 44 46.54 -53.78 -27.20
CA ASP S 44 46.56 -52.32 -27.03
C ASP S 44 45.16 -51.74 -26.76
N VAL S 45 44.17 -52.62 -26.58
CA VAL S 45 42.83 -52.20 -26.11
C VAL S 45 42.48 -52.96 -24.85
N GLY S 46 41.35 -52.59 -24.24
CA GLY S 46 40.94 -53.17 -22.97
C GLY S 46 41.83 -52.70 -21.84
N GLY S 47 41.80 -53.44 -20.73
CA GLY S 47 42.48 -53.02 -19.51
C GLY S 47 41.67 -51.98 -18.79
N LYS S 48 42.05 -51.65 -17.55
CA LYS S 48 41.16 -50.81 -16.73
C LYS S 48 41.08 -49.36 -17.20
N TYR S 49 42.03 -48.93 -18.03
CA TYR S 49 41.95 -47.59 -18.62
C TYR S 49 41.57 -47.61 -20.09
N GLY S 50 41.30 -48.79 -20.65
CA GLY S 50 40.95 -48.92 -22.07
C GLY S 50 42.10 -48.57 -23.01
N LYS S 51 43.34 -48.68 -22.52
CA LYS S 51 44.51 -48.36 -23.34
C LYS S 51 45.48 -49.52 -23.45
N GLY S 52 44.99 -50.73 -23.21
CA GLY S 52 45.81 -51.92 -23.35
C GLY S 52 46.03 -52.66 -22.04
N GLU S 53 46.40 -53.94 -22.14
CA GLU S 53 46.69 -54.77 -20.98
C GLU S 53 47.50 -56.00 -21.38
N LEU S 54 48.19 -56.56 -20.39
CA LEU S 54 48.88 -57.84 -20.54
C LEU S 54 48.43 -58.79 -19.42
N VAL S 55 48.35 -60.07 -19.76
CA VAL S 55 48.25 -61.12 -18.79
C VAL S 55 49.46 -62.03 -19.04
N ALA S 56 50.23 -62.31 -17.99
CA ALA S 56 51.46 -63.12 -18.10
C ALA S 56 51.53 -64.08 -16.94
N GLU S 57 52.37 -65.10 -17.07
CA GLU S 57 52.48 -66.13 -16.07
C GLU S 57 53.94 -66.47 -15.75
N LEU S 58 54.17 -66.89 -14.51
CA LEU S 58 55.42 -67.53 -14.10
C LEU S 58 55.09 -68.82 -13.36
N ASP S 59 55.58 -69.94 -13.86
CA ASP S 59 55.38 -71.21 -13.16
C ASP S 59 56.27 -71.27 -11.94
N ILE S 60 55.72 -71.77 -10.84
CA ILE S 60 56.45 -71.92 -9.60
C ILE S 60 56.76 -73.41 -9.37
N ASN S 61 57.98 -73.68 -8.93
CA ASN S 61 58.36 -74.98 -8.42
C ASN S 61 59.34 -74.75 -7.27
N PRO S 62 59.54 -75.75 -6.41
CA PRO S 62 60.34 -75.50 -5.20
C PRO S 62 61.83 -75.21 -5.42
N ASP S 63 62.32 -75.40 -6.65
CA ASP S 63 63.75 -75.29 -6.92
C ASP S 63 64.17 -73.96 -7.53
N LEU S 64 63.21 -73.07 -7.75
CA LEU S 64 63.54 -71.72 -8.22
C LEU S 64 64.56 -71.12 -7.27
N TRP S 65 65.60 -70.52 -7.86
CA TRP S 65 66.81 -70.12 -7.11
C TRP S 65 66.57 -69.25 -5.91
N PHE S 66 65.57 -68.36 -6.00
CA PHE S 66 65.34 -67.38 -4.92
C PHE S 66 64.77 -67.97 -3.64
N PHE S 67 64.18 -69.16 -3.71
CA PHE S 67 63.63 -69.79 -2.50
C PHE S 67 64.70 -70.20 -1.48
N ALA S 68 65.82 -70.72 -1.95
CA ALA S 68 66.88 -71.16 -1.03
C ALA S 68 67.51 -70.01 -0.24
N CYS S 69 67.60 -68.83 -0.82
CA CYS S 69 68.34 -67.72 -0.20
C CYS S 69 67.45 -66.62 0.38
N HIS S 70 66.14 -66.71 0.13
CA HIS S 70 65.20 -65.69 0.56
C HIS S 70 63.97 -66.34 1.15
N PHE S 71 64.01 -66.80 2.40
CA PHE S 71 65.16 -66.77 3.30
C PHE S 71 65.50 -68.20 3.70
N GLU S 72 66.74 -68.42 4.15
CA GLU S 72 67.15 -69.73 4.64
C GLU S 72 66.19 -70.21 5.73
N GLY S 73 65.58 -71.38 5.51
CA GLY S 73 64.62 -71.95 6.45
C GLY S 73 63.24 -71.31 6.43
N ASP S 74 63.01 -70.40 5.49
CA ASP S 74 61.77 -69.63 5.43
C ASP S 74 61.60 -69.11 4.01
N PRO S 75 61.37 -70.02 3.05
CA PRO S 75 61.32 -69.63 1.64
C PRO S 75 60.07 -68.84 1.25
N VAL S 76 60.28 -67.73 0.52
CA VAL S 76 59.18 -66.91 0.00
C VAL S 76 59.68 -66.07 -1.17
N MET S 77 58.93 -66.00 -2.26
CA MET S 77 59.39 -65.23 -3.42
C MET S 77 59.56 -63.78 -3.01
N PRO S 78 60.71 -63.19 -3.35
CA PRO S 78 60.88 -61.78 -3.04
C PRO S 78 59.86 -60.94 -3.81
N GLY S 79 59.15 -60.08 -3.08
CA GLY S 79 58.23 -59.15 -3.69
C GLY S 79 58.91 -58.25 -4.72
N CYS S 80 60.16 -57.88 -4.48
CA CYS S 80 60.88 -57.05 -5.45
C CYS S 80 60.96 -57.72 -6.82
N LEU S 81 60.98 -59.06 -6.88
CA LEU S 81 61.02 -59.76 -8.16
C LEU S 81 59.66 -59.82 -8.84
N GLY S 82 58.60 -59.93 -8.04
CA GLY S 82 57.24 -59.80 -8.57
C GLY S 82 57.03 -58.41 -9.12
N LEU S 83 57.50 -57.42 -8.38
CA LEU S 83 57.44 -56.04 -8.83
C LEU S 83 58.22 -55.90 -10.14
N ASP S 84 59.43 -56.47 -10.21
CA ASP S 84 60.24 -56.37 -11.43
C ASP S 84 59.58 -57.04 -12.64
N ALA S 85 58.89 -58.15 -12.40
CA ALA S 85 58.08 -58.78 -13.45
C ALA S 85 57.17 -57.77 -14.13
N MET S 86 56.55 -56.91 -13.33
CA MET S 86 55.66 -55.88 -13.84
C MET S 86 56.40 -54.84 -14.68
N TRP S 87 57.56 -54.35 -14.20
CA TRP S 87 58.42 -53.47 -15.01
C TRP S 87 58.90 -54.14 -16.27
N GLN S 88 59.27 -55.41 -16.17
CA GLN S 88 59.66 -56.19 -17.35
C GLN S 88 58.54 -56.18 -18.40
N LEU S 89 57.32 -56.47 -17.95
CA LEU S 89 56.17 -56.52 -18.84
C LEU S 89 55.84 -55.16 -19.47
N VAL S 90 55.97 -54.07 -18.70
CA VAL S 90 55.69 -52.76 -19.25
C VAL S 90 56.74 -52.40 -20.32
N GLY S 91 58.00 -52.72 -20.05
CA GLY S 91 59.05 -52.51 -21.03
C GLY S 91 58.78 -53.31 -22.30
N PHE S 92 58.38 -54.57 -22.12
CA PHE S 92 58.05 -55.41 -23.28
C PHE S 92 56.93 -54.77 -24.11
N TYR S 93 55.90 -54.25 -23.44
CA TYR S 93 54.78 -53.60 -24.13
C TYR S 93 55.26 -52.45 -25.01
N LEU S 94 56.13 -51.60 -24.47
CA LEU S 94 56.70 -50.50 -25.26
C LEU S 94 57.39 -50.99 -26.53
N GLY S 95 58.18 -52.06 -26.40
CA GLY S 95 58.82 -52.67 -27.55
C GLY S 95 57.85 -53.29 -28.54
N TRP S 96 56.86 -53.98 -28.01
CA TRP S 96 55.80 -54.59 -28.81
C TRP S 96 55.02 -53.57 -29.60
N GLN S 97 54.84 -52.37 -29.02
CA GLN S 97 54.17 -51.26 -29.72
C GLN S 97 54.97 -50.72 -30.91
N GLY S 98 56.25 -51.05 -30.98
CA GLY S 98 57.10 -50.62 -32.11
C GLY S 98 57.99 -49.43 -31.79
N ASN S 99 58.16 -49.11 -30.52
CA ASN S 99 59.05 -48.02 -30.12
C ASN S 99 60.49 -48.49 -30.09
N PRO S 100 61.42 -47.66 -30.57
CA PRO S 100 62.83 -47.98 -30.50
C PRO S 100 63.40 -47.63 -29.14
N GLY S 101 64.52 -48.26 -28.78
CA GLY S 101 65.25 -47.92 -27.57
C GLY S 101 65.30 -49.03 -26.55
N ARG S 102 66.26 -48.94 -25.63
CA ARG S 102 66.44 -49.92 -24.57
C ARG S 102 65.72 -49.48 -23.31
N GLY S 103 65.21 -50.45 -22.56
CA GLY S 103 64.38 -50.21 -21.38
C GLY S 103 65.13 -49.92 -20.09
N ARG S 104 64.57 -48.99 -19.33
CA ARG S 104 64.97 -48.76 -17.96
C ARG S 104 63.71 -48.52 -17.13
N ALA S 105 63.55 -49.27 -16.05
CA ALA S 105 62.52 -48.99 -15.06
C ALA S 105 62.74 -47.59 -14.51
N LEU S 106 61.69 -46.79 -14.42
CA LEU S 106 61.81 -45.41 -13.87
C LEU S 106 61.28 -45.31 -12.46
N GLY S 107 60.41 -46.26 -12.09
CA GLY S 107 59.94 -46.36 -10.71
C GLY S 107 58.46 -46.70 -10.61
N SER S 108 57.85 -46.24 -9.54
CA SER S 108 56.46 -46.57 -9.29
C SER S 108 55.80 -45.59 -8.37
N GLY S 109 54.47 -45.56 -8.44
CA GLY S 109 53.64 -44.76 -7.55
C GLY S 109 53.45 -45.31 -6.15
N GLU S 110 52.72 -46.40 -6.02
CA GLU S 110 52.57 -47.10 -4.74
C GLU S 110 52.71 -48.60 -4.97
N VAL S 111 53.50 -49.26 -4.13
CA VAL S 111 53.67 -50.71 -4.21
C VAL S 111 53.15 -51.30 -2.89
N LYS S 112 52.40 -52.40 -2.99
CA LYS S 112 51.88 -53.11 -1.83
C LYS S 112 52.13 -54.60 -1.98
N PHE S 113 52.66 -55.22 -0.93
CA PHE S 113 52.75 -56.67 -0.83
C PHE S 113 51.87 -57.08 0.34
N PHE S 114 50.95 -57.99 0.10
CA PHE S 114 49.99 -58.41 1.13
C PHE S 114 49.66 -59.90 1.03
N GLY S 115 50.62 -60.67 0.56
CA GLY S 115 50.43 -62.12 0.37
C GLY S 115 51.74 -62.76 -0.08
N GLN S 116 51.83 -64.06 0.06
CA GLN S 116 53.07 -64.82 -0.16
C GLN S 116 53.00 -65.74 -1.39
N VAL S 117 54.11 -65.85 -2.10
CA VAL S 117 54.34 -66.97 -3.02
C VAL S 117 55.28 -67.98 -2.34
N LEU S 118 54.72 -69.11 -1.90
CA LEU S 118 55.50 -70.16 -1.24
C LEU S 118 55.97 -71.17 -2.29
N PRO S 119 56.98 -71.99 -1.95
CA PRO S 119 57.47 -72.94 -2.94
C PRO S 119 56.49 -74.06 -3.32
N THR S 120 55.40 -74.18 -2.58
CA THR S 120 54.34 -75.14 -2.90
C THR S 120 53.32 -74.58 -3.89
N ALA S 121 53.45 -73.31 -4.25
CA ALA S 121 52.55 -72.68 -5.22
C ALA S 121 52.77 -73.27 -6.62
N LYS S 122 51.79 -73.13 -7.48
CA LYS S 122 51.88 -73.66 -8.83
C LYS S 122 52.16 -72.60 -9.89
N LYS S 123 51.42 -71.48 -9.84
CA LYS S 123 51.48 -70.48 -10.91
C LYS S 123 51.18 -69.04 -10.46
N VAL S 124 52.12 -68.13 -10.73
CA VAL S 124 51.90 -66.71 -10.53
C VAL S 124 51.40 -66.09 -11.82
N THR S 125 50.37 -65.24 -11.73
CA THR S 125 49.82 -64.57 -12.89
C THR S 125 49.95 -63.06 -12.69
N TYR S 126 50.44 -62.37 -13.72
CA TYR S 126 50.57 -60.93 -13.69
C TYR S 126 49.49 -60.30 -14.57
N ASN S 127 48.86 -59.25 -14.08
CA ASN S 127 47.97 -58.42 -14.90
C ASN S 127 48.53 -57.02 -14.94
N ILE S 128 48.66 -56.48 -16.14
CA ILE S 128 49.17 -55.14 -16.32
C ILE S 128 48.12 -54.31 -17.06
N HIS S 129 47.84 -53.12 -16.56
CA HIS S 129 46.91 -52.21 -17.20
C HIS S 129 47.63 -50.98 -17.64
N ILE S 130 47.76 -50.80 -18.96
CA ILE S 130 48.42 -49.63 -19.52
C ILE S 130 47.57 -48.39 -19.24
N LYS S 131 48.18 -47.38 -18.63
CA LYS S 131 47.49 -46.15 -18.27
C LYS S 131 47.74 -45.03 -19.28
N ARG S 132 48.96 -44.97 -19.80
CA ARG S 132 49.36 -43.89 -20.68
C ARG S 132 50.70 -44.22 -21.32
N THR S 133 50.85 -43.86 -22.59
CA THR S 133 52.16 -43.92 -23.24
C THR S 133 52.48 -42.56 -23.81
N ILE S 134 53.76 -42.18 -23.71
CA ILE S 134 54.28 -40.97 -24.36
C ILE S 134 55.29 -41.38 -25.43
N LEU S 138 61.17 -38.06 -24.69
CA LEU S 138 61.40 -39.47 -24.35
C LEU S 138 60.16 -40.35 -24.54
N VAL S 139 60.41 -41.65 -24.64
CA VAL S 139 59.37 -42.65 -24.73
C VAL S 139 59.18 -43.33 -23.37
N LEU S 140 57.95 -43.32 -22.85
CA LEU S 140 57.69 -44.00 -21.60
C LEU S 140 56.25 -44.46 -21.47
N ALA S 141 56.06 -45.44 -20.60
CA ALA S 141 54.75 -45.98 -20.34
C ALA S 141 54.46 -45.90 -18.84
N ILE S 142 53.21 -45.60 -18.50
CA ILE S 142 52.73 -45.61 -17.15
C ILE S 142 51.66 -46.70 -17.10
N ALA S 143 51.68 -47.51 -16.04
CA ALA S 143 50.74 -48.62 -15.91
C ALA S 143 50.49 -48.99 -14.44
N ASP S 144 49.41 -49.72 -14.21
CA ASP S 144 49.10 -50.33 -12.93
C ASP S 144 49.21 -51.83 -13.11
N GLY S 145 49.54 -52.54 -12.02
CA GLY S 145 49.71 -53.96 -12.08
C GLY S 145 49.36 -54.69 -10.81
N THR S 146 48.97 -55.95 -10.97
CA THR S 146 48.68 -56.83 -9.84
C THR S 146 49.32 -58.19 -10.09
N VAL S 147 49.86 -58.78 -9.04
CA VAL S 147 50.42 -60.11 -9.10
C VAL S 147 49.47 -61.01 -8.29
N SER S 148 49.20 -62.20 -8.83
CA SER S 148 48.36 -63.19 -8.17
C SER S 148 49.04 -64.54 -8.17
N VAL S 149 48.72 -65.37 -7.18
CA VAL S 149 49.26 -66.73 -7.10
C VAL S 149 48.12 -67.71 -6.90
N ASP S 150 47.98 -68.66 -7.83
CA ASP S 150 46.91 -69.66 -7.81
C ASP S 150 45.54 -69.06 -7.49
N GLY S 151 45.22 -67.93 -8.13
CA GLY S 151 43.93 -67.27 -7.98
C GLY S 151 43.86 -66.15 -6.94
N ARG S 152 44.84 -66.07 -6.04
CA ARG S 152 44.81 -65.11 -4.95
C ARG S 152 45.68 -63.90 -5.25
N GLU S 153 45.07 -62.71 -5.17
CA GLU S 153 45.83 -61.46 -5.34
C GLU S 153 46.77 -61.23 -4.17
N ILE S 154 48.02 -60.85 -4.45
CA ILE S 154 49.01 -60.71 -3.39
C ILE S 154 49.86 -59.42 -3.45
N TYR S 155 50.17 -58.94 -4.65
CA TYR S 155 50.90 -57.68 -4.79
C TYR S 155 50.13 -56.74 -5.69
N SER S 156 50.36 -55.44 -5.50
CA SER S 156 49.89 -54.42 -6.43
C SER S 156 50.86 -53.26 -6.56
N ALA S 157 50.86 -52.63 -7.72
CA ALA S 157 51.68 -51.44 -8.01
C ALA S 157 50.86 -50.46 -8.81
N GLU S 158 50.83 -49.21 -8.38
CA GLU S 158 50.16 -48.14 -9.11
C GLU S 158 51.21 -47.23 -9.75
N GLY S 159 51.03 -46.89 -11.01
CA GLY S 159 51.89 -45.91 -11.65
C GLY S 159 53.30 -46.42 -11.90
N LEU S 160 53.41 -47.69 -12.29
CA LEU S 160 54.66 -48.26 -12.79
C LEU S 160 55.07 -47.39 -13.97
N ARG S 161 56.34 -47.03 -14.01
CA ARG S 161 56.89 -46.26 -15.12
C ARG S 161 58.09 -46.99 -15.71
N VAL S 162 58.13 -47.06 -17.05
CA VAL S 162 59.28 -47.59 -17.77
C VAL S 162 59.58 -46.69 -18.96
N GLY S 163 60.86 -46.44 -19.22
CA GLY S 163 61.26 -45.57 -20.33
C GLY S 163 62.14 -46.30 -21.32
N LEU S 164 62.16 -45.81 -22.56
CA LEU S 164 63.07 -46.33 -23.57
C LEU S 164 64.10 -45.27 -23.92
N PHE S 165 65.37 -45.69 -24.02
CA PHE S 165 66.49 -44.82 -24.31
C PHE S 165 67.25 -45.33 -25.53
N THR S 166 67.46 -44.45 -26.51
CA THR S 166 68.30 -44.76 -27.65
C THR S 166 69.77 -44.53 -27.30
N SER S 167 70.01 -43.89 -26.17
CA SER S 167 71.35 -43.64 -25.65
C SER S 167 71.37 -43.76 -24.13
N THR S 168 72.31 -44.53 -23.61
CA THR S 168 72.53 -44.62 -22.16
C THR S 168 74.02 -44.46 -21.79
N ASP S 169 74.86 -44.07 -22.75
CA ASP S 169 76.32 -43.98 -22.52
C ASP S 169 76.82 -42.56 -22.29
N SER S 170 75.90 -41.60 -22.21
CA SER S 170 76.26 -40.17 -22.13
C SER S 170 75.59 -39.44 -20.97
N PHE S 171 75.35 -40.13 -19.87
CA PHE S 171 74.81 -39.52 -18.63
C PHE S 171 75.90 -38.70 -17.94
N THR T 2 70.93 -52.32 19.48
CA THR T 2 71.04 -50.87 19.77
C THR T 2 72.46 -50.50 20.23
N LYS T 3 73.27 -51.50 20.55
CA LYS T 3 74.62 -51.26 21.06
C LYS T 3 75.68 -51.27 19.96
N GLN T 4 75.60 -52.25 19.04
CA GLN T 4 76.56 -52.33 17.93
C GLN T 4 76.09 -51.44 16.76
N HIS T 5 77.00 -50.61 16.26
CA HIS T 5 76.65 -49.58 15.28
C HIS T 5 77.22 -49.80 13.91
N ALA T 6 77.96 -50.88 13.72
CA ALA T 6 78.50 -51.23 12.40
C ALA T 6 78.54 -52.75 12.26
N PHE T 7 78.37 -53.24 11.03
CA PHE T 7 78.32 -54.68 10.77
C PHE T 7 79.12 -55.04 9.52
N THR T 8 80.01 -56.01 9.66
CA THR T 8 80.82 -56.49 8.54
C THR T 8 79.99 -57.44 7.69
N ARG T 9 80.54 -57.84 6.55
CA ARG T 9 79.87 -58.82 5.70
C ARG T 9 79.62 -60.14 6.43
N GLU T 10 80.60 -60.58 7.23
CA GLU T 10 80.42 -61.81 7.98
C GLU T 10 79.26 -61.71 8.95
N ASP T 11 79.09 -60.54 9.56
CA ASP T 11 77.94 -60.32 10.44
C ASP T 11 76.65 -60.47 9.64
N LEU T 12 76.63 -59.92 8.43
CA LEU T 12 75.42 -59.97 7.58
C LEU T 12 75.15 -61.37 7.08
N LEU T 13 76.20 -62.12 6.78
CA LEU T 13 76.06 -63.56 6.45
C LEU T 13 75.53 -64.33 7.65
N ARG T 14 76.08 -64.04 8.84
CA ARG T 14 75.58 -64.64 10.08
C ARG T 14 74.08 -64.33 10.25
N CYS T 15 73.70 -63.08 10.00
CA CYS T 15 72.30 -62.66 10.07
C CYS T 15 71.44 -63.49 9.13
N SER T 16 71.94 -63.74 7.93
CA SER T 16 71.18 -64.49 6.91
C SER T 16 70.97 -65.96 7.30
N ARG T 17 71.84 -66.49 8.14
CA ARG T 17 71.67 -67.86 8.65
C ARG T 17 70.74 -67.92 9.87
N GLY T 18 70.25 -66.78 10.33
CA GLY T 18 69.40 -66.73 11.52
C GLY T 18 70.19 -66.67 12.83
N GLU T 19 71.48 -66.39 12.73
CA GLU T 19 72.41 -66.50 13.86
C GLU T 19 72.82 -65.17 14.47
N LEU T 20 72.32 -64.06 13.94
CA LEU T 20 72.57 -62.77 14.57
C LEU T 20 71.44 -62.42 15.54
N PHE T 21 70.20 -62.54 15.09
CA PHE T 21 69.03 -62.21 15.92
C PHE T 21 68.31 -63.42 16.48
N GLY T 22 68.67 -64.62 16.01
CA GLY T 22 68.18 -65.87 16.59
C GLY T 22 66.97 -66.44 15.89
N PRO T 23 66.53 -67.65 16.32
CA PRO T 23 65.39 -68.36 15.73
C PRO T 23 64.12 -67.54 15.67
N GLY T 24 63.43 -67.58 14.52
CA GLY T 24 62.17 -66.87 14.36
C GLY T 24 62.29 -65.36 14.25
N ASN T 25 63.52 -64.86 14.16
CA ASN T 25 63.74 -63.42 14.09
C ASN T 25 64.31 -62.98 12.73
N ALA T 26 64.44 -61.67 12.53
CA ALA T 26 64.75 -61.10 11.22
C ALA T 26 66.00 -61.74 10.58
N GLN T 27 65.88 -62.06 9.30
CA GLN T 27 67.00 -62.58 8.52
C GLN T 27 67.18 -61.72 7.29
N LEU T 28 68.41 -61.34 7.00
CA LEU T 28 68.75 -60.81 5.69
C LEU T 28 68.69 -61.99 4.71
N PRO T 29 68.47 -61.71 3.43
CA PRO T 29 68.63 -62.79 2.45
C PRO T 29 70.09 -63.19 2.35
N ALA T 30 70.35 -64.42 1.94
CA ALA T 30 71.71 -64.85 1.63
C ALA T 30 72.03 -64.48 0.18
N PRO T 31 73.29 -64.61 -0.20
CA PRO T 31 73.56 -64.45 -1.63
C PRO T 31 72.76 -65.50 -2.42
N ASN T 32 72.27 -65.20 -3.63
CA ASN T 32 72.58 -63.97 -4.36
C ASN T 32 71.54 -62.86 -4.26
N MET T 33 70.60 -62.95 -3.31
CA MET T 33 69.59 -61.91 -3.11
C MET T 33 70.09 -60.83 -2.16
N LEU T 34 71.09 -61.14 -1.35
CA LEU T 34 71.69 -60.15 -0.43
C LEU T 34 72.31 -59.00 -1.22
N MET T 35 71.86 -57.78 -0.99
CA MET T 35 72.35 -56.64 -1.74
C MET T 35 73.15 -55.67 -0.89
N ILE T 36 73.67 -56.18 0.24
CA ILE T 36 74.48 -55.39 1.18
C ILE T 36 75.79 -56.12 1.46
N ASP T 37 76.91 -55.40 1.39
CA ASP T 37 78.21 -55.96 1.78
C ASP T 37 78.49 -55.62 3.23
N ARG T 38 78.10 -54.42 3.67
CA ARG T 38 78.34 -54.01 5.05
C ARG T 38 77.41 -52.86 5.44
N ILE T 39 77.14 -52.77 6.74
CA ILE T 39 76.44 -51.62 7.29
C ILE T 39 77.50 -50.77 8.00
N VAL T 40 77.79 -49.62 7.43
CA VAL T 40 78.84 -48.71 7.93
C VAL T 40 78.38 -47.97 9.17
N HIS T 41 77.08 -47.68 9.25
CA HIS T 41 76.51 -47.00 10.39
C HIS T 41 75.04 -47.27 10.54
N ILE T 42 74.62 -47.54 11.78
CA ILE T 42 73.23 -47.71 12.11
C ILE T 42 73.01 -47.07 13.47
N SER T 43 71.92 -46.32 13.59
CA SER T 43 71.60 -45.59 14.81
C SER T 43 70.11 -45.39 14.94
N ASP T 44 69.61 -45.30 16.17
CA ASP T 44 68.20 -45.01 16.40
C ASP T 44 67.93 -43.52 16.62
N VAL T 45 68.96 -42.70 16.45
CA VAL T 45 68.79 -41.24 16.40
C VAL T 45 69.31 -40.70 15.06
N GLY T 46 69.10 -39.41 14.84
CA GLY T 46 69.48 -38.78 13.57
C GLY T 46 68.56 -39.21 12.45
N GLY T 47 69.02 -39.03 11.21
CA GLY T 47 68.20 -39.30 10.03
C GLY T 47 67.26 -38.14 9.82
N LYS T 48 66.59 -38.09 8.68
CA LYS T 48 65.85 -36.88 8.32
C LYS T 48 64.60 -36.66 9.16
N TYR T 49 64.14 -37.70 9.85
CA TYR T 49 63.01 -37.55 10.79
C TYR T 49 63.44 -37.59 12.26
N GLY T 50 64.74 -37.71 12.52
CA GLY T 50 65.27 -37.78 13.88
C GLY T 50 64.89 -39.07 14.61
N LYS T 51 64.58 -40.12 13.86
CA LYS T 51 64.16 -41.38 14.46
C LYS T 51 65.03 -42.55 14.03
N GLY T 52 66.24 -42.24 13.60
CA GLY T 52 67.20 -43.26 13.21
C GLY T 52 67.56 -43.23 11.74
N GLU T 53 68.71 -43.84 11.43
CA GLU T 53 69.16 -43.97 10.05
C GLU T 53 70.21 -45.07 9.90
N LEU T 54 70.37 -45.56 8.68
CA LEU T 54 71.45 -46.49 8.33
C LEU T 54 72.21 -45.94 7.13
N VAL T 55 73.51 -46.18 7.12
CA VAL T 55 74.32 -46.04 5.93
C VAL T 55 74.94 -47.39 5.66
N ALA T 56 74.79 -47.89 4.43
CA ALA T 56 75.26 -49.20 4.06
C ALA T 56 75.89 -49.18 2.70
N GLU T 57 76.68 -50.20 2.38
CA GLU T 57 77.44 -50.22 1.13
C GLU T 57 77.35 -51.58 0.44
N LEU T 58 77.44 -51.55 -0.89
CA LEU T 58 77.63 -52.73 -1.70
C LEU T 58 78.77 -52.44 -2.68
N ASP T 59 79.82 -53.25 -2.63
CA ASP T 59 80.91 -53.11 -3.58
C ASP T 59 80.49 -53.64 -4.93
N ILE T 60 80.87 -52.92 -5.98
CA ILE T 60 80.58 -53.31 -7.35
C ILE T 60 81.86 -53.83 -8.02
N ASN T 61 81.73 -54.93 -8.75
CA ASN T 61 82.74 -55.36 -9.67
C ASN T 61 82.03 -55.92 -10.91
N PRO T 62 82.74 -56.05 -12.03
CA PRO T 62 82.05 -56.46 -13.27
C PRO T 62 81.50 -57.90 -13.29
N ASP T 63 81.81 -58.71 -12.29
CA ASP T 63 81.41 -60.11 -12.28
C ASP T 63 80.19 -60.45 -11.43
N LEU T 64 79.61 -59.43 -10.79
CA LEU T 64 78.35 -59.62 -10.09
C LEU T 64 77.33 -60.22 -11.04
N TRP T 65 76.64 -61.24 -10.56
CA TRP T 65 75.81 -62.12 -11.41
C TRP T 65 74.77 -61.40 -12.23
N PHE T 66 74.20 -60.32 -11.70
CA PHE T 66 73.10 -59.63 -12.40
C PHE T 66 73.53 -58.86 -13.66
N PHE T 67 74.81 -58.54 -13.79
CA PHE T 67 75.28 -57.80 -14.97
C PHE T 67 75.18 -58.62 -16.26
N ALA T 68 75.51 -59.91 -16.21
CA ALA T 68 75.47 -60.77 -17.38
C ALA T 68 74.06 -60.95 -17.98
N CYS T 69 73.03 -60.98 -17.13
CA CYS T 69 71.67 -61.28 -17.57
C CYS T 69 70.74 -60.07 -17.64
N HIS T 70 71.19 -58.93 -17.16
CA HIS T 70 70.37 -57.72 -17.09
C HIS T 70 71.17 -56.53 -17.54
N PHE T 71 71.32 -56.31 -18.86
CA PHE T 71 70.82 -57.15 -19.94
C PHE T 71 72.00 -57.64 -20.77
N GLU T 72 71.81 -58.73 -21.51
CA GLU T 72 72.85 -59.21 -22.39
C GLU T 72 73.30 -58.07 -23.33
N GLY T 73 74.60 -57.76 -23.31
CA GLY T 73 75.16 -56.73 -24.17
C GLY T 73 74.88 -55.32 -23.70
N ASP T 74 74.27 -55.19 -22.53
CA ASP T 74 73.88 -53.89 -22.00
C ASP T 74 73.73 -54.02 -20.46
N PRO T 75 74.85 -54.27 -19.76
CA PRO T 75 74.79 -54.49 -18.32
C PRO T 75 74.43 -53.25 -17.47
N VAL T 76 73.49 -53.42 -16.55
CA VAL T 76 73.12 -52.40 -15.59
C VAL T 76 72.45 -53.05 -14.37
N MET T 77 72.79 -52.62 -13.17
CA MET T 77 72.20 -53.22 -11.97
C MET T 77 70.68 -53.01 -11.99
N PRO T 78 69.90 -54.06 -11.75
CA PRO T 78 68.46 -53.90 -11.71
C PRO T 78 68.06 -52.98 -10.55
N GLY T 79 67.27 -51.96 -10.85
CA GLY T 79 66.76 -51.07 -9.83
C GLY T 79 65.98 -51.82 -8.77
N CYS T 80 65.27 -52.88 -9.17
CA CYS T 80 64.52 -53.67 -8.20
C CYS T 80 65.44 -54.21 -7.09
N LEU T 81 66.71 -54.50 -7.42
CA LEU T 81 67.63 -55.01 -6.39
C LEU T 81 68.15 -53.90 -5.48
N GLY T 82 68.32 -52.70 -6.03
CA GLY T 82 68.66 -51.54 -5.21
C GLY T 82 67.53 -51.24 -4.27
N LEU T 83 66.31 -51.33 -4.80
CA LEU T 83 65.12 -51.12 -4.00
C LEU T 83 65.07 -52.19 -2.91
N ASP T 84 65.33 -53.45 -3.26
CA ASP T 84 65.31 -54.53 -2.24
C ASP T 84 66.35 -54.36 -1.15
N ALA T 85 67.52 -53.84 -1.52
CA ALA T 85 68.54 -53.46 -0.53
C ALA T 85 67.94 -52.59 0.57
N MET T 86 67.11 -51.63 0.16
CA MET T 86 66.48 -50.73 1.12
C MET T 86 65.50 -51.48 2.03
N TRP T 87 64.66 -52.36 1.46
CA TRP T 87 63.79 -53.23 2.28
C TRP T 87 64.58 -54.13 3.18
N GLN T 88 65.68 -54.68 2.67
CA GLN T 88 66.55 -55.52 3.49
C GLN T 88 67.06 -54.74 4.70
N LEU T 89 67.53 -53.54 4.46
CA LEU T 89 68.04 -52.68 5.53
C LEU T 89 66.96 -52.30 6.56
N VAL T 90 65.74 -52.04 6.09
CA VAL T 90 64.66 -51.69 7.02
C VAL T 90 64.28 -52.88 7.89
N GLY T 91 64.24 -54.07 7.29
CA GLY T 91 64.03 -55.30 8.04
C GLY T 91 65.11 -55.56 9.07
N PHE T 92 66.36 -55.36 8.67
CA PHE T 92 67.47 -55.48 9.58
C PHE T 92 67.33 -54.52 10.77
N TYR T 93 66.94 -53.26 10.49
CA TYR T 93 66.75 -52.27 11.56
C TYR T 93 65.74 -52.75 12.60
N LEU T 94 64.61 -53.28 12.16
CA LEU T 94 63.59 -53.81 13.06
C LEU T 94 64.17 -54.91 13.97
N GLY T 95 64.96 -55.82 13.41
CA GLY T 95 65.64 -56.84 14.18
C GLY T 95 66.68 -56.28 15.15
N TRP T 96 67.45 -55.32 14.67
CA TRP T 96 68.46 -54.64 15.47
C TRP T 96 67.86 -53.92 16.65
N GLN T 97 66.64 -53.39 16.48
CA GLN T 97 65.91 -52.75 17.58
C GLN T 97 65.46 -53.71 18.67
N GLY T 98 65.47 -55.01 18.38
CA GLY T 98 65.11 -56.04 19.36
C GLY T 98 63.69 -56.57 19.21
N ASN T 99 63.07 -56.35 18.05
CA ASN T 99 61.74 -56.87 17.78
C ASN T 99 61.83 -58.30 17.33
N PRO T 100 60.90 -59.15 17.80
CA PRO T 100 60.86 -60.54 17.35
C PRO T 100 60.09 -60.66 16.04
N GLY T 101 60.33 -61.74 15.31
CA GLY T 101 59.59 -62.04 14.10
C GLY T 101 60.41 -62.03 12.84
N ARG T 102 59.89 -62.68 11.80
CA ARG T 102 60.54 -62.72 10.49
C ARG T 102 60.01 -61.61 9.57
N GLY T 103 60.90 -61.12 8.71
CA GLY T 103 60.63 -59.97 7.85
C GLY T 103 59.88 -60.27 6.57
N ARG T 104 58.98 -59.37 6.21
CA ARG T 104 58.35 -59.34 4.91
C ARG T 104 58.27 -57.88 4.49
N ALA T 105 58.77 -57.58 3.29
CA ALA T 105 58.54 -56.29 2.67
C ALA T 105 57.02 -56.09 2.49
N LEU T 106 56.51 -54.93 2.85
CA LEU T 106 55.07 -54.64 2.68
C LEU T 106 54.81 -53.74 1.49
N GLY T 107 55.83 -53.00 1.06
CA GLY T 107 55.75 -52.20 -0.15
C GLY T 107 56.39 -50.83 -0.02
N SER T 108 55.88 -49.87 -0.78
CA SER T 108 56.48 -48.56 -0.80
C SER T 108 55.51 -47.52 -1.24
N GLY T 109 55.83 -46.28 -0.87
CA GLY T 109 55.11 -45.12 -1.31
C GLY T 109 55.48 -44.87 -2.75
N GLU T 110 56.56 -44.14 -3.01
CA GLU T 110 56.96 -43.77 -4.38
C GLU T 110 58.39 -44.23 -4.61
N VAL T 111 58.64 -44.88 -5.74
CA VAL T 111 59.98 -45.33 -6.08
C VAL T 111 60.38 -44.61 -7.38
N LYS T 112 61.62 -44.13 -7.43
CA LYS T 112 62.17 -43.46 -8.61
C LYS T 112 63.56 -44.00 -8.91
N PHE T 113 63.79 -44.34 -10.18
CA PHE T 113 65.12 -44.67 -10.66
C PHE T 113 65.48 -43.62 -11.70
N PHE T 114 66.63 -42.98 -11.53
CA PHE T 114 67.02 -41.89 -12.40
C PHE T 114 68.54 -41.86 -12.63
N GLY T 115 69.15 -43.03 -12.59
CA GLY T 115 70.59 -43.17 -12.76
C GLY T 115 70.98 -44.63 -12.79
N GLN T 116 72.17 -44.93 -13.31
CA GLN T 116 72.63 -46.28 -13.58
C GLN T 116 73.78 -46.72 -12.68
N VAL T 117 73.76 -47.98 -12.28
CA VAL T 117 74.97 -48.63 -11.78
C VAL T 117 75.56 -49.52 -12.88
N LEU T 118 76.67 -49.08 -13.46
CA LEU T 118 77.34 -49.84 -14.51
C LEU T 118 78.40 -50.77 -13.90
N PRO T 119 78.86 -51.77 -14.65
CA PRO T 119 79.86 -52.70 -14.09
C PRO T 119 81.23 -52.07 -13.83
N THR T 120 81.44 -50.85 -14.32
CA THR T 120 82.68 -50.10 -14.06
C THR T 120 82.61 -49.30 -12.76
N ALA T 121 81.45 -49.28 -12.11
CA ALA T 121 81.30 -48.58 -10.84
C ALA T 121 82.10 -49.27 -9.73
N LYS T 122 82.39 -48.55 -8.66
CA LYS T 122 83.17 -49.10 -7.56
C LYS T 122 82.31 -49.43 -6.36
N LYS T 123 81.42 -48.51 -5.96
CA LYS T 123 80.68 -48.69 -4.70
C LYS T 123 79.30 -48.03 -4.67
N VAL T 124 78.28 -48.82 -4.34
CA VAL T 124 76.94 -48.30 -4.10
C VAL T 124 76.75 -48.05 -2.61
N THR T 125 76.19 -46.90 -2.26
CA THR T 125 75.92 -46.57 -0.88
C THR T 125 74.41 -46.38 -0.69
N TYR T 126 73.87 -46.98 0.35
CA TYR T 126 72.46 -46.81 0.69
C TYR T 126 72.35 -45.88 1.90
N ASN T 127 71.41 -44.94 1.86
CA ASN T 127 71.00 -44.19 3.04
C ASN T 127 69.54 -44.53 3.34
N ILE T 128 69.26 -44.88 4.60
CA ILE T 128 67.88 -45.15 5.04
C ILE T 128 67.52 -44.22 6.19
N HIS T 129 66.35 -43.59 6.11
CA HIS T 129 65.87 -42.70 7.16
C HIS T 129 64.61 -43.27 7.75
N ILE T 130 64.69 -43.69 9.01
CA ILE T 130 63.56 -44.28 9.68
C ILE T 130 62.53 -43.17 9.95
N LYS T 131 61.30 -43.41 9.52
CA LYS T 131 60.23 -42.42 9.67
C LYS T 131 59.33 -42.72 10.85
N ARG T 132 59.07 -44.01 11.08
CA ARG T 132 58.15 -44.42 12.11
C ARG T 132 58.28 -45.93 12.35
N THR T 133 58.20 -46.34 13.61
CA THR T 133 58.07 -47.76 13.92
C THR T 133 56.82 -47.99 14.78
N ILE T 134 56.12 -49.08 14.51
CA ILE T 134 55.01 -49.53 15.34
C ILE T 134 55.42 -50.84 16.01
N LEU T 138 50.63 -55.53 14.88
CA LEU T 138 51.82 -55.95 14.15
C LEU T 138 53.01 -55.00 14.39
N VAL T 139 54.20 -55.52 14.08
CA VAL T 139 55.43 -54.74 14.12
C VAL T 139 55.80 -54.32 12.71
N LEU T 140 55.97 -53.02 12.49
CA LEU T 140 56.41 -52.56 11.18
C LEU T 140 57.20 -51.26 11.23
N ALA T 141 57.98 -51.02 10.19
CA ALA T 141 58.75 -49.79 10.06
C ALA T 141 58.38 -49.12 8.75
N ILE T 142 58.33 -47.78 8.79
CA ILE T 142 58.18 -46.95 7.61
C ILE T 142 59.48 -46.17 7.49
N ALA T 143 60.02 -46.05 6.28
CA ALA T 143 61.27 -45.33 6.04
C ALA T 143 61.35 -44.74 4.66
N ASP T 144 62.27 -43.80 4.48
CA ASP T 144 62.65 -43.29 3.18
C ASP T 144 64.06 -43.72 2.91
N GLY T 145 64.40 -43.85 1.64
CA GLY T 145 65.74 -44.29 1.27
C GLY T 145 66.23 -43.72 -0.03
N THR T 146 67.56 -43.65 -0.16
CA THR T 146 68.22 -43.27 -1.40
C THR T 146 69.39 -44.20 -1.66
N VAL T 147 69.60 -44.53 -2.92
CA VAL T 147 70.75 -45.30 -3.36
C VAL T 147 71.63 -44.34 -4.13
N SER T 148 72.94 -44.44 -3.90
CA SER T 148 73.94 -43.69 -4.63
C SER T 148 75.04 -44.60 -5.17
N VAL T 149 75.67 -44.19 -6.26
CA VAL T 149 76.85 -44.90 -6.78
C VAL T 149 78.01 -43.93 -7.00
N ASP T 150 79.14 -44.24 -6.37
CA ASP T 150 80.34 -43.39 -6.42
C ASP T 150 80.02 -41.89 -6.25
N GLY T 151 79.17 -41.56 -5.29
CA GLY T 151 78.82 -40.17 -4.96
C GLY T 151 77.56 -39.63 -5.61
N ARG T 152 77.07 -40.31 -6.67
CA ARG T 152 75.93 -39.81 -7.44
C ARG T 152 74.63 -40.48 -7.02
N GLU T 153 73.63 -39.69 -6.65
CA GLU T 153 72.31 -40.21 -6.29
C GLU T 153 71.62 -40.75 -7.52
N ILE T 154 71.04 -41.94 -7.41
CA ILE T 154 70.42 -42.57 -8.58
C ILE T 154 69.01 -43.13 -8.35
N TYR T 155 68.73 -43.67 -7.17
CA TYR T 155 67.39 -44.18 -6.84
C TYR T 155 66.88 -43.52 -5.56
N SER T 156 65.57 -43.42 -5.45
CA SER T 156 64.92 -43.03 -4.20
C SER T 156 63.61 -43.80 -3.97
N ALA T 157 63.26 -43.99 -2.70
CA ALA T 157 62.00 -44.61 -2.32
C ALA T 157 61.44 -43.85 -1.12
N GLU T 158 60.17 -43.47 -1.17
CA GLU T 158 59.47 -42.83 -0.03
C GLU T 158 58.47 -43.82 0.57
N GLY T 159 58.46 -43.93 1.89
CA GLY T 159 57.47 -44.76 2.56
C GLY T 159 57.68 -46.25 2.35
N LEU T 160 58.94 -46.69 2.35
CA LEU T 160 59.27 -48.10 2.41
C LEU T 160 58.64 -48.68 3.66
N ARG T 161 58.00 -49.82 3.53
CA ARG T 161 57.35 -50.49 4.66
C ARG T 161 57.87 -51.91 4.78
N VAL T 162 58.23 -52.32 5.99
CA VAL T 162 58.61 -53.70 6.28
C VAL T 162 57.94 -54.13 7.58
N GLY T 163 57.45 -55.37 7.62
CA GLY T 163 56.76 -55.89 8.80
C GLY T 163 57.44 -57.12 9.34
N LEU T 164 57.23 -57.39 10.63
CA LEU T 164 57.74 -58.60 11.25
C LEU T 164 56.56 -59.47 11.65
N PHE T 165 56.69 -60.77 11.36
CA PHE T 165 55.65 -61.75 11.63
C PHE T 165 56.20 -62.89 12.47
N THR T 166 55.54 -63.18 13.59
CA THR T 166 55.87 -64.35 14.40
C THR T 166 55.20 -65.59 13.82
N SER T 167 54.29 -65.39 12.88
CA SER T 167 53.61 -66.47 12.17
C SER T 167 53.39 -66.09 10.70
N THR T 168 53.77 -66.98 9.78
CA THR T 168 53.46 -66.83 8.37
C THR T 168 52.87 -68.09 7.75
N ASP T 169 52.51 -69.08 8.58
CA ASP T 169 52.04 -70.39 8.08
C ASP T 169 50.51 -70.54 8.15
N SER T 170 49.81 -69.47 8.54
CA SER T 170 48.37 -69.53 8.77
C SER T 170 47.58 -68.45 8.03
N PHE T 171 48.07 -68.07 6.85
CA PHE T 171 47.34 -67.12 5.99
C PHE T 171 46.14 -67.81 5.33
#